data_4R1Q
#
_entry.id   4R1Q
#
_cell.length_a   118.514
_cell.length_b   146.263
_cell.length_c   215.677
_cell.angle_alpha   90.00
_cell.angle_beta   90.00
_cell.angle_gamma   90.00
#
_symmetry.space_group_name_H-M   'P 21 21 21'
#
loop_
_entity.id
_entity.type
_entity.pdbx_description
1 polymer 'L-arabinose isomerase'
2 non-polymer L-arabinitol
3 non-polymer 'MANGANESE (II) ION'
4 water water
#
_entity_poly.entity_id   1
_entity_poly.type   'polypeptide(L)'
_entity_poly.pdbx_seq_one_letter_code
;MMLSLRPYEFWFVTGSQHLYGEEALKQVEEHSRIMVNEWNRDSVFPFPFVFKSVVTTPEEIRRVCLEANASEQCAGVVTW
MHTFSPAKMWIGGLLELRKPLLHLHTQFNRDIPWDSIDMDFMNLNQSAHGDREYGFIGARMGVARKVVVGHWEDPEVRER
LAKWMRTAVAFAESRNLKVARFGDNMREVAVTEGDKVGAQIQFGWSVNGYGIGDLVQYIRDVSEQKVNELLDEYEELYDI
VPAGRQEGPVRESIREQARIELGLKAFLQDGNFTAFTTTFEDLHGMKQLPGLAVQRLMAEGYGFGGEGDWKTAALVRLMK
VMADGKGTSFMEDYTYHFEPGNELILGAHMLEVCPTIAATRPRVEVHPLSIGGKEDPARLVFDGGEGAAVNASLIDLGHR
FRLIVNEVDAVKPEHDMPKLPVARILWKPRPSLRDSAEAWILAGGAHHTCFSFAVTTEQLQDFAEMAGIECVVINEHTSV
SSFKNELKWNEVFWRGR
;
_entity_poly.pdbx_strand_id   A,B,C,D,E,F
#
# COMPACT_ATOMS: atom_id res chain seq x y z
N MET A 2 31.38 -23.16 -30.31
CA MET A 2 30.49 -22.52 -29.34
C MET A 2 31.21 -21.51 -28.42
N LEU A 3 30.50 -20.42 -28.12
CA LEU A 3 30.91 -19.39 -27.15
C LEU A 3 31.10 -20.03 -25.78
N SER A 4 32.35 -20.34 -25.44
CA SER A 4 32.65 -21.11 -24.24
C SER A 4 32.51 -20.31 -22.94
N LEU A 5 32.26 -21.02 -21.84
CA LEU A 5 32.09 -20.39 -20.55
C LEU A 5 33.40 -20.35 -19.77
N ARG A 6 33.60 -19.29 -18.99
CA ARG A 6 34.69 -19.29 -18.01
C ARG A 6 34.46 -20.47 -17.04
N PRO A 7 35.50 -20.88 -16.30
CA PRO A 7 35.24 -21.96 -15.34
C PRO A 7 34.32 -21.51 -14.19
N TYR A 8 33.32 -22.32 -13.89
CA TYR A 8 32.41 -22.03 -12.77
C TYR A 8 32.41 -23.16 -11.77
N GLU A 9 32.07 -22.85 -10.53
CA GLU A 9 32.07 -23.85 -9.47
C GLU A 9 31.05 -23.46 -8.39
N PHE A 10 30.71 -24.42 -7.54
CA PHE A 10 29.72 -24.23 -6.49
C PHE A 10 30.30 -24.53 -5.12
N TRP A 11 30.18 -23.56 -4.23
CA TRP A 11 30.75 -23.69 -2.90
C TRP A 11 29.76 -24.41 -1.99
N PHE A 12 30.24 -25.47 -1.35
CA PHE A 12 29.44 -26.20 -0.39
C PHE A 12 29.80 -25.73 1.03
N VAL A 13 28.91 -25.00 1.67
CA VAL A 13 29.17 -24.43 2.98
C VAL A 13 28.35 -25.13 4.03
N THR A 14 29.04 -25.66 5.03
CA THR A 14 28.37 -26.43 6.08
C THR A 14 28.35 -25.66 7.39
N GLY A 15 27.18 -25.57 8.00
CA GLY A 15 27.04 -24.86 9.26
C GLY A 15 27.05 -25.78 10.45
N SER A 16 27.65 -25.31 11.53
CA SER A 16 27.59 -26.01 12.80
C SER A 16 27.81 -25.01 13.92
N GLN A 17 28.19 -25.48 15.10
CA GLN A 17 28.44 -24.63 16.26
C GLN A 17 29.47 -25.33 17.14
N HIS A 18 29.99 -24.62 18.14
CA HIS A 18 31.03 -25.17 19.01
C HIS A 18 30.53 -25.99 20.19
N LEU A 19 29.22 -25.96 20.43
CA LEU A 19 28.62 -26.58 21.62
C LEU A 19 29.02 -28.03 21.91
N TYR A 20 29.21 -28.84 20.88
CA TYR A 20 29.49 -30.27 21.08
C TYR A 20 30.98 -30.59 21.06
N GLY A 21 31.83 -29.56 21.08
CA GLY A 21 33.26 -29.74 21.14
C GLY A 21 33.93 -29.84 19.78
N GLU A 22 35.26 -29.95 19.78
CA GLU A 22 36.06 -29.90 18.57
C GLU A 22 36.12 -31.19 17.75
N GLU A 23 36.13 -32.34 18.41
CA GLU A 23 36.17 -33.60 17.69
C GLU A 23 34.93 -33.77 16.84
N ALA A 24 33.79 -33.31 17.36
CA ALA A 24 32.53 -33.35 16.62
C ALA A 24 32.65 -32.53 15.32
N LEU A 25 33.32 -31.39 15.42
CA LEU A 25 33.49 -30.53 14.27
C LEU A 25 34.39 -31.20 13.24
N LYS A 26 35.31 -32.03 13.71
CA LYS A 26 36.13 -32.80 12.77
C LYS A 26 35.28 -33.81 12.00
N GLN A 27 34.24 -34.33 12.64
CA GLN A 27 33.37 -35.30 12.01
C GLN A 27 32.40 -34.63 11.05
N VAL A 28 31.90 -33.45 11.44
CA VAL A 28 31.10 -32.63 10.53
C VAL A 28 31.91 -32.41 9.23
N GLU A 29 33.16 -31.96 9.37
CA GLU A 29 34.03 -31.72 8.21
C GLU A 29 34.25 -32.95 7.32
N GLU A 30 34.57 -34.08 7.94
CA GLU A 30 34.79 -35.32 7.21
C GLU A 30 33.53 -35.72 6.41
N HIS A 31 32.36 -35.57 7.02
CA HIS A 31 31.13 -35.82 6.29
C HIS A 31 31.03 -34.95 5.05
N SER A 32 31.26 -33.65 5.20
CA SER A 32 31.11 -32.72 4.08
C SER A 32 32.13 -33.00 2.96
N ARG A 33 33.37 -33.30 3.34
CA ARG A 33 34.41 -33.60 2.35
C ARG A 33 34.06 -34.86 1.56
N ILE A 34 33.52 -35.84 2.27
CA ILE A 34 33.06 -37.04 1.61
C ILE A 34 31.95 -36.70 0.62
N MET A 35 31.03 -35.82 1.03
CA MET A 35 29.88 -35.49 0.18
C MET A 35 30.32 -34.76 -1.10
N VAL A 36 31.22 -33.80 -0.95
CA VAL A 36 31.78 -33.13 -2.11
C VAL A 36 32.53 -34.07 -3.06
N ASN A 37 33.48 -34.85 -2.52
CA ASN A 37 34.27 -35.76 -3.34
C ASN A 37 33.42 -36.77 -4.13
N GLU A 38 32.37 -37.28 -3.51
CA GLU A 38 31.51 -38.28 -4.15
C GLU A 38 30.60 -37.66 -5.20
N TRP A 39 29.99 -36.52 -4.86
CA TRP A 39 29.22 -35.74 -5.81
C TRP A 39 30.05 -35.48 -7.06
N ASN A 40 31.32 -35.11 -6.86
CA ASN A 40 32.18 -34.77 -7.98
C ASN A 40 32.56 -35.98 -8.84
N ARG A 41 32.16 -37.17 -8.40
CA ARG A 41 32.35 -38.37 -9.16
C ARG A 41 31.12 -38.68 -10.00
N ASP A 42 30.03 -37.99 -9.72
CA ASP A 42 28.77 -38.20 -10.42
C ASP A 42 28.67 -37.29 -11.64
N SER A 43 28.50 -37.89 -12.81
CA SER A 43 28.53 -37.15 -14.05
C SER A 43 27.27 -36.30 -14.25
N VAL A 44 26.27 -36.47 -13.39
CA VAL A 44 25.06 -35.66 -13.51
C VAL A 44 25.34 -34.15 -13.28
N PHE A 45 26.41 -33.83 -12.55
CA PHE A 45 26.69 -32.42 -12.28
C PHE A 45 27.57 -31.83 -13.37
N PRO A 46 27.10 -30.75 -13.99
CA PRO A 46 27.84 -30.10 -15.08
C PRO A 46 29.00 -29.22 -14.59
N PHE A 47 29.06 -28.94 -13.29
CA PHE A 47 30.09 -28.09 -12.69
C PHE A 47 30.50 -28.68 -11.34
N PRO A 48 31.75 -28.41 -10.89
CA PRO A 48 32.27 -29.00 -9.65
C PRO A 48 31.73 -28.36 -8.35
N PHE A 49 31.54 -29.17 -7.30
CA PHE A 49 31.40 -28.62 -5.94
C PHE A 49 32.80 -28.37 -5.40
N VAL A 50 32.94 -27.38 -4.54
CA VAL A 50 34.19 -27.11 -3.82
C VAL A 50 33.90 -27.15 -2.32
N PHE A 51 34.69 -27.92 -1.56
CA PHE A 51 34.51 -27.93 -0.11
C PHE A 51 35.01 -26.61 0.50
N LYS A 52 34.20 -26.01 1.36
CA LYS A 52 34.67 -24.90 2.19
C LYS A 52 34.67 -25.33 3.66
N SER A 53 35.61 -24.79 4.43
CA SER A 53 35.72 -25.12 5.85
C SER A 53 34.39 -24.88 6.56
N VAL A 54 34.00 -25.82 7.41
CA VAL A 54 32.82 -25.70 8.27
C VAL A 54 32.80 -24.35 9.00
N VAL A 55 31.65 -23.68 8.98
CA VAL A 55 31.55 -22.34 9.58
C VAL A 55 30.75 -22.43 10.86
N THR A 56 31.24 -21.78 11.93
CA THR A 56 30.66 -21.96 13.26
C THR A 56 30.53 -20.66 14.04
N THR A 57 30.99 -19.57 13.46
CA THR A 57 30.89 -18.26 14.12
C THR A 57 30.39 -17.22 13.12
N PRO A 58 29.91 -16.06 13.61
CA PRO A 58 29.54 -14.98 12.69
C PRO A 58 30.68 -14.63 11.74
N GLU A 59 31.88 -14.50 12.28
CA GLU A 59 33.03 -14.07 11.51
C GLU A 59 33.34 -15.05 10.38
N GLU A 60 33.30 -16.34 10.68
CA GLU A 60 33.55 -17.36 9.68
C GLU A 60 32.49 -17.31 8.57
N ILE A 61 31.24 -17.11 8.98
CA ILE A 61 30.14 -17.08 8.04
C ILE A 61 30.25 -15.86 7.13
N ARG A 62 30.50 -14.69 7.71
CA ARG A 62 30.66 -13.49 6.90
C ARG A 62 31.87 -13.58 5.96
N ARG A 63 32.94 -14.24 6.39
CA ARG A 63 34.12 -14.34 5.54
C ARG A 63 33.86 -15.18 4.29
N VAL A 64 33.27 -16.36 4.44
CA VAL A 64 33.06 -17.22 3.29
C VAL A 64 32.10 -16.55 2.30
N CYS A 65 31.13 -15.81 2.82
CA CYS A 65 30.19 -15.05 2.00
C CYS A 65 30.88 -13.90 1.25
N LEU A 66 31.72 -13.13 1.94
CA LEU A 66 32.53 -12.11 1.28
C LEU A 66 33.39 -12.74 0.17
N GLU A 67 34.12 -13.80 0.50
CA GLU A 67 34.94 -14.49 -0.50
C GLU A 67 34.11 -14.96 -1.70
N ALA A 68 32.88 -15.42 -1.45
CA ALA A 68 32.00 -15.87 -2.52
C ALA A 68 31.67 -14.72 -3.48
N ASN A 69 31.33 -13.55 -2.95
CA ASN A 69 31.11 -12.37 -3.76
C ASN A 69 32.31 -12.02 -4.63
N ALA A 70 33.50 -12.12 -4.04
CA ALA A 70 34.69 -11.65 -4.71
C ALA A 70 35.16 -12.68 -5.73
N SER A 71 34.66 -13.90 -5.61
CA SER A 71 35.11 -14.98 -6.50
C SER A 71 34.33 -15.06 -7.82
N GLU A 72 35.02 -14.81 -8.93
CA GLU A 72 34.36 -14.77 -10.23
C GLU A 72 33.91 -16.16 -10.65
N GLN A 73 34.69 -17.17 -10.27
CA GLN A 73 34.38 -18.55 -10.63
C GLN A 73 33.23 -19.15 -9.78
N CYS A 74 32.91 -18.51 -8.67
CA CYS A 74 31.83 -18.98 -7.81
C CYS A 74 30.48 -18.55 -8.37
N ALA A 75 29.76 -19.50 -8.95
CA ALA A 75 28.48 -19.22 -9.57
C ALA A 75 27.34 -19.38 -8.58
N GLY A 76 27.62 -19.97 -7.42
CA GLY A 76 26.57 -20.23 -6.45
C GLY A 76 27.04 -20.87 -5.15
N VAL A 77 26.28 -20.65 -4.08
CA VAL A 77 26.61 -21.20 -2.76
C VAL A 77 25.51 -22.12 -2.27
N VAL A 78 25.90 -23.33 -1.86
CA VAL A 78 24.99 -24.34 -1.34
C VAL A 78 25.23 -24.48 0.16
N THR A 79 24.21 -24.17 0.97
CA THR A 79 24.38 -24.16 2.43
C THR A 79 23.58 -25.26 3.10
N TRP A 80 24.22 -25.93 4.06
CA TRP A 80 23.60 -27.04 4.78
C TRP A 80 24.02 -26.96 6.23
N MET A 81 23.06 -27.09 7.14
CA MET A 81 23.38 -27.09 8.56
C MET A 81 23.47 -28.54 9.01
N HIS A 82 24.69 -29.03 9.19
CA HIS A 82 24.93 -30.38 9.67
C HIS A 82 24.38 -30.55 11.08
N THR A 83 24.67 -29.57 11.94
CA THR A 83 24.09 -29.49 13.29
C THR A 83 23.34 -28.15 13.43
N PHE A 84 22.72 -27.95 14.59
CA PHE A 84 22.17 -26.66 14.95
C PHE A 84 23.30 -25.66 14.77
N SER A 85 22.98 -24.50 14.19
CA SER A 85 23.98 -23.49 13.92
C SER A 85 23.27 -22.14 14.08
N PRO A 86 23.13 -21.68 15.33
CA PRO A 86 22.29 -20.54 15.72
C PRO A 86 22.24 -19.44 14.67
N ALA A 87 21.04 -19.15 14.18
CA ALA A 87 20.86 -18.39 12.93
C ALA A 87 21.23 -16.91 12.97
N LYS A 88 21.27 -16.30 14.15
CA LYS A 88 21.73 -14.91 14.21
C LYS A 88 23.18 -14.79 13.74
N MET A 89 23.97 -15.86 13.90
CA MET A 89 25.34 -15.90 13.39
C MET A 89 25.35 -15.73 11.87
N TRP A 90 24.26 -16.14 11.22
CA TRP A 90 24.16 -16.10 9.78
C TRP A 90 23.71 -14.77 9.19
N ILE A 91 23.22 -13.86 10.03
CA ILE A 91 22.70 -12.57 9.52
C ILE A 91 23.72 -11.73 8.73
N GLY A 92 24.92 -11.57 9.26
CA GLY A 92 25.92 -10.75 8.58
C GLY A 92 26.32 -11.31 7.22
N GLY A 93 26.50 -12.61 7.14
CA GLY A 93 26.86 -13.27 5.90
C GLY A 93 25.73 -13.19 4.88
N LEU A 94 24.52 -13.50 5.29
CA LEU A 94 23.39 -13.45 4.35
C LEU A 94 23.14 -12.02 3.82
N LEU A 95 23.39 -11.00 4.64
CA LEU A 95 23.29 -9.61 4.16
C LEU A 95 24.33 -9.28 3.08
N GLU A 96 25.49 -9.91 3.19
CA GLU A 96 26.63 -9.63 2.34
C GLU A 96 26.57 -10.43 1.01
N LEU A 97 25.99 -11.62 1.06
CA LEU A 97 26.03 -12.58 -0.06
C LEU A 97 25.23 -12.14 -1.29
N ARG A 98 25.89 -12.03 -2.44
CA ARG A 98 25.23 -11.61 -3.67
C ARG A 98 25.22 -12.71 -4.74
N LYS A 99 25.65 -13.91 -4.37
CA LYS A 99 25.63 -15.04 -5.28
C LYS A 99 24.40 -15.87 -4.99
N PRO A 100 23.81 -16.50 -6.03
CA PRO A 100 22.62 -17.34 -5.80
C PRO A 100 22.81 -18.36 -4.68
N LEU A 101 21.76 -18.52 -3.89
CA LEU A 101 21.81 -19.36 -2.71
C LEU A 101 20.85 -20.54 -2.84
N LEU A 102 21.38 -21.73 -2.55
CA LEU A 102 20.58 -22.95 -2.46
C LEU A 102 20.75 -23.53 -1.05
N HIS A 103 19.62 -23.75 -0.41
CA HIS A 103 19.60 -24.37 0.90
C HIS A 103 19.30 -25.87 0.70
N LEU A 104 20.32 -26.69 0.96
CA LEU A 104 20.18 -28.13 0.86
C LEU A 104 19.88 -28.67 2.25
N HIS A 105 18.67 -29.21 2.40
CA HIS A 105 18.24 -29.84 3.63
C HIS A 105 18.48 -31.34 3.51
N THR A 106 19.59 -31.81 4.04
CA THR A 106 19.98 -33.19 3.85
C THR A 106 20.56 -33.78 5.14
N GLN A 107 21.10 -34.99 5.05
CA GLN A 107 21.58 -35.71 6.23
C GLN A 107 22.62 -36.67 5.71
N PHE A 108 23.73 -36.83 6.42
CA PHE A 108 24.83 -37.66 5.93
C PHE A 108 24.42 -39.13 5.80
N ASN A 109 23.86 -39.68 6.88
CA ASN A 109 23.31 -41.04 6.85
C ASN A 109 21.88 -41.05 6.32
N ARG A 110 21.52 -42.10 5.60
CA ARG A 110 20.15 -42.26 5.15
C ARG A 110 19.20 -42.64 6.29
N ASP A 111 19.59 -43.65 7.07
CA ASP A 111 18.68 -44.31 8.00
C ASP A 111 19.08 -44.14 9.47
N ILE A 112 18.09 -44.16 10.35
CA ILE A 112 18.35 -44.17 11.78
C ILE A 112 18.94 -45.52 12.17
N PRO A 113 20.13 -45.52 12.79
CA PRO A 113 20.75 -46.75 13.31
C PRO A 113 20.12 -47.13 14.65
N TRP A 114 18.97 -47.80 14.60
CA TRP A 114 18.14 -48.02 15.76
C TRP A 114 18.88 -48.60 16.96
N ASP A 115 19.70 -49.63 16.73
CA ASP A 115 20.29 -50.37 17.84
C ASP A 115 21.44 -49.63 18.54
N SER A 116 21.99 -48.60 17.88
CA SER A 116 23.12 -47.85 18.44
C SER A 116 22.90 -46.35 18.64
N ILE A 117 21.79 -45.80 18.14
CA ILE A 117 21.59 -44.36 18.24
C ILE A 117 21.55 -43.89 19.70
N ASP A 118 22.31 -42.83 19.96
CA ASP A 118 22.49 -42.30 21.30
C ASP A 118 22.56 -40.78 21.28
N MET A 119 22.90 -40.18 22.41
CA MET A 119 22.96 -38.72 22.48
C MET A 119 24.03 -38.08 21.57
N ASP A 120 25.20 -38.71 21.44
CA ASP A 120 26.21 -38.19 20.51
C ASP A 120 25.72 -38.20 19.07
N PHE A 121 25.00 -39.26 18.67
CA PHE A 121 24.39 -39.32 17.34
C PHE A 121 23.40 -38.17 17.17
N MET A 122 22.57 -37.96 18.19
CA MET A 122 21.55 -36.91 18.17
C MET A 122 22.17 -35.52 18.08
N ASN A 123 23.29 -35.30 18.76
CA ASN A 123 23.96 -34.00 18.71
C ASN A 123 24.55 -33.74 17.33
N LEU A 124 24.99 -34.81 16.70
CA LEU A 124 25.74 -34.69 15.45
C LEU A 124 24.85 -34.60 14.20
N ASN A 125 23.89 -35.52 14.08
CA ASN A 125 23.10 -35.62 12.86
C ASN A 125 21.74 -34.97 13.03
N GLN A 126 21.76 -33.67 13.33
CA GLN A 126 20.52 -33.00 13.72
C GLN A 126 20.12 -31.87 12.76
N SER A 127 20.42 -32.06 11.47
CA SER A 127 19.91 -31.22 10.38
C SER A 127 18.40 -31.07 10.44
N ALA A 128 17.72 -32.11 10.93
CA ALA A 128 16.28 -32.06 11.14
C ALA A 128 15.88 -30.76 11.84
N HIS A 129 16.67 -30.29 12.81
CA HIS A 129 16.35 -28.99 13.39
C HIS A 129 17.28 -27.84 13.00
N GLY A 130 18.57 -28.12 12.80
CA GLY A 130 19.51 -27.09 12.37
C GLY A 130 19.03 -26.35 11.11
N ASP A 131 18.58 -27.12 10.12
CA ASP A 131 18.06 -26.57 8.86
C ASP A 131 16.74 -25.81 8.98
N ARG A 132 15.98 -26.07 10.04
CA ARG A 132 14.73 -25.35 10.27
C ARG A 132 14.98 -23.96 10.92
N GLU A 133 15.92 -23.88 11.88
CA GLU A 133 16.30 -22.58 12.43
C GLU A 133 16.88 -21.71 11.31
N TYR A 134 17.67 -22.33 10.42
CA TYR A 134 18.26 -21.62 9.29
C TYR A 134 17.18 -21.16 8.31
N GLY A 135 16.19 -22.01 8.07
CA GLY A 135 15.08 -21.67 7.19
C GLY A 135 14.32 -20.46 7.74
N PHE A 136 14.26 -20.36 9.07
CA PHE A 136 13.59 -19.22 9.65
C PHE A 136 14.31 -17.92 9.32
N ILE A 137 15.63 -17.88 9.50
CA ILE A 137 16.32 -16.62 9.26
C ILE A 137 16.21 -16.23 7.79
N GLY A 138 16.16 -17.23 6.91
CA GLY A 138 15.95 -16.98 5.50
C GLY A 138 14.59 -16.35 5.22
N ALA A 139 13.54 -16.91 5.80
CA ALA A 139 12.21 -16.35 5.67
C ALA A 139 12.16 -14.96 6.31
N ARG A 140 12.81 -14.83 7.46
CA ARG A 140 12.76 -13.61 8.24
C ARG A 140 13.45 -12.48 7.48
N MET A 141 14.53 -12.80 6.78
CA MET A 141 15.28 -11.79 6.05
C MET A 141 14.82 -11.57 4.59
N GLY A 142 13.80 -12.32 4.15
CA GLY A 142 13.24 -12.17 2.81
C GLY A 142 14.19 -12.53 1.69
N VAL A 143 15.04 -13.52 1.94
CA VAL A 143 16.14 -13.90 1.07
C VAL A 143 15.69 -14.76 -0.12
N ALA A 144 16.31 -14.57 -1.27
CA ALA A 144 16.00 -15.41 -2.44
C ALA A 144 16.74 -16.72 -2.27
N ARG A 145 16.02 -17.83 -2.34
CA ARG A 145 16.64 -19.11 -2.09
C ARG A 145 15.90 -20.22 -2.79
N LYS A 146 16.65 -21.22 -3.22
CA LYS A 146 16.08 -22.47 -3.65
C LYS A 146 16.21 -23.41 -2.45
N VAL A 147 15.17 -24.18 -2.17
CA VAL A 147 15.20 -25.16 -1.10
C VAL A 147 15.07 -26.59 -1.66
N VAL A 148 16.02 -27.44 -1.29
CA VAL A 148 16.06 -28.83 -1.75
C VAL A 148 16.14 -29.79 -0.55
N VAL A 149 15.19 -30.70 -0.44
CA VAL A 149 15.11 -31.61 0.70
C VAL A 149 15.35 -33.05 0.27
N GLY A 150 16.13 -33.80 1.04
CA GLY A 150 16.36 -35.21 0.77
C GLY A 150 17.79 -35.68 1.04
N HIS A 151 18.02 -36.98 1.02
CA HIS A 151 19.34 -37.54 1.27
C HIS A 151 20.29 -37.27 0.12
N TRP A 152 21.56 -37.03 0.44
CA TRP A 152 22.51 -36.56 -0.57
C TRP A 152 22.94 -37.62 -1.58
N GLU A 153 22.55 -38.88 -1.39
CA GLU A 153 22.81 -39.89 -2.42
C GLU A 153 21.57 -40.23 -3.28
N ASP A 154 20.46 -39.57 -3.00
CA ASP A 154 19.22 -39.74 -3.76
C ASP A 154 19.39 -39.07 -5.13
N PRO A 155 19.23 -39.84 -6.23
CA PRO A 155 19.41 -39.32 -7.59
C PRO A 155 18.49 -38.14 -7.91
N GLU A 156 17.32 -38.12 -7.29
CA GLU A 156 16.39 -37.03 -7.51
C GLU A 156 16.92 -35.74 -6.87
N VAL A 157 17.54 -35.89 -5.70
CA VAL A 157 18.14 -34.77 -5.00
C VAL A 157 19.30 -34.21 -5.82
N ARG A 158 20.12 -35.10 -6.38
CA ARG A 158 21.25 -34.69 -7.20
C ARG A 158 20.79 -34.06 -8.51
N GLU A 159 19.66 -34.53 -9.03
CA GLU A 159 19.07 -33.96 -10.24
C GLU A 159 18.63 -32.51 -9.99
N ARG A 160 17.98 -32.25 -8.86
CA ARG A 160 17.60 -30.88 -8.50
C ARG A 160 18.83 -29.96 -8.46
N LEU A 161 19.87 -30.40 -7.76
CA LEU A 161 21.11 -29.62 -7.64
C LEU A 161 21.74 -29.30 -8.99
N ALA A 162 21.77 -30.31 -9.86
CA ALA A 162 22.42 -30.19 -11.16
C ALA A 162 21.69 -29.21 -12.10
N LYS A 163 20.36 -29.24 -12.11
CA LYS A 163 19.57 -28.34 -12.94
C LYS A 163 19.69 -26.91 -12.42
N TRP A 164 19.81 -26.79 -11.11
CA TRP A 164 19.96 -25.50 -10.48
C TRP A 164 21.34 -24.92 -10.77
N MET A 165 22.36 -25.79 -10.86
CA MET A 165 23.69 -25.35 -11.31
C MET A 165 23.63 -24.65 -12.67
N ARG A 166 22.95 -25.27 -13.63
CA ARG A 166 22.79 -24.63 -14.94
C ARG A 166 22.05 -23.28 -14.82
N THR A 167 20.99 -23.23 -14.02
CA THR A 167 20.27 -21.98 -13.82
C THR A 167 21.18 -20.87 -13.24
N ALA A 168 21.97 -21.25 -12.23
CA ALA A 168 22.89 -20.34 -11.56
C ALA A 168 24.00 -19.85 -12.49
N VAL A 169 24.53 -20.73 -13.32
CA VAL A 169 25.53 -20.30 -14.30
C VAL A 169 24.90 -19.35 -15.35
N ALA A 170 23.66 -19.62 -15.74
CA ALA A 170 22.94 -18.71 -16.62
C ALA A 170 22.73 -17.33 -15.96
N PHE A 171 22.53 -17.32 -14.64
CA PHE A 171 22.36 -16.08 -13.91
C PHE A 171 23.68 -15.29 -13.87
N ALA A 172 24.78 -16.01 -13.65
CA ALA A 172 26.11 -15.39 -13.65
C ALA A 172 26.39 -14.77 -15.02
N GLU A 173 26.05 -15.49 -16.08
CA GLU A 173 26.21 -14.97 -17.43
C GLU A 173 25.30 -13.78 -17.68
N SER A 174 24.08 -13.84 -17.13
CA SER A 174 23.11 -12.75 -17.26
C SER A 174 23.64 -11.46 -16.62
N ARG A 175 24.31 -11.61 -15.47
CA ARG A 175 24.84 -10.47 -14.74
C ARG A 175 25.94 -9.75 -15.49
N ASN A 176 26.63 -10.45 -16.38
CA ASN A 176 27.72 -9.82 -17.11
C ASN A 176 27.43 -9.69 -18.60
N LEU A 177 26.14 -9.83 -18.93
CA LEU A 177 25.69 -9.89 -20.31
C LEU A 177 25.76 -8.52 -20.96
N LYS A 178 26.41 -8.43 -22.12
CA LYS A 178 26.44 -7.20 -22.91
C LYS A 178 25.70 -7.41 -24.24
N VAL A 179 24.77 -6.50 -24.54
CA VAL A 179 24.05 -6.55 -25.80
C VAL A 179 24.44 -5.37 -26.68
N ALA A 180 24.71 -5.64 -27.95
CA ALA A 180 24.93 -4.57 -28.92
C ALA A 180 23.73 -4.46 -29.84
N ARG A 181 23.17 -3.26 -29.94
CA ARG A 181 22.06 -3.04 -30.85
C ARG A 181 22.54 -2.28 -32.07
N PHE A 182 22.30 -2.85 -33.24
CA PHE A 182 22.59 -2.16 -34.47
C PHE A 182 21.29 -1.56 -34.95
N GLY A 183 21.11 -0.28 -34.64
CA GLY A 183 19.84 0.41 -34.86
C GLY A 183 18.84 0.28 -33.72
N ASP A 184 17.77 1.06 -33.79
CA ASP A 184 16.77 1.20 -32.74
C ASP A 184 15.60 0.21 -32.97
N ASN A 185 14.64 0.20 -32.06
CA ASN A 185 13.41 -0.59 -32.21
C ASN A 185 12.71 -0.29 -33.50
N MET A 186 11.98 -1.28 -34.02
CA MET A 186 11.03 -1.04 -35.10
C MET A 186 10.10 0.08 -34.64
N ARG A 187 9.87 1.05 -35.53
CA ARG A 187 9.07 2.21 -35.18
C ARG A 187 7.63 1.82 -34.78
N GLU A 188 7.11 2.47 -33.75
CA GLU A 188 5.73 2.31 -33.29
C GLU A 188 5.43 0.98 -32.55
N VAL A 189 6.43 0.12 -32.44
CA VAL A 189 6.26 -1.16 -31.75
C VAL A 189 6.37 -1.00 -30.23
N ALA A 190 5.42 -1.56 -29.47
CA ALA A 190 5.40 -1.40 -28.02
C ALA A 190 6.13 -2.50 -27.23
N VAL A 191 5.90 -3.76 -27.56
CA VAL A 191 6.36 -4.82 -26.66
C VAL A 191 7.90 -4.94 -26.56
N THR A 192 8.61 -4.58 -27.62
CA THR A 192 10.07 -4.66 -27.61
C THR A 192 10.73 -3.43 -26.98
N GLU A 193 9.90 -2.47 -26.58
CA GLU A 193 10.37 -1.27 -25.94
C GLU A 193 10.48 -1.57 -24.45
N GLY A 194 11.10 -0.67 -23.69
CA GLY A 194 11.25 -0.87 -22.26
C GLY A 194 12.38 -0.06 -21.64
N ASP A 195 12.63 -0.32 -20.36
CA ASP A 195 13.55 0.45 -19.56
C ASP A 195 14.94 -0.22 -19.44
N LYS A 196 15.91 0.25 -20.21
CA LYS A 196 17.23 -0.36 -20.16
C LYS A 196 17.94 -0.16 -18.83
N VAL A 197 17.74 0.98 -18.19
CA VAL A 197 18.31 1.22 -16.85
C VAL A 197 17.73 0.26 -15.81
N GLY A 198 16.41 0.07 -15.84
CA GLY A 198 15.76 -0.89 -14.94
C GLY A 198 16.22 -2.33 -15.17
N ALA A 199 16.44 -2.71 -16.43
CA ALA A 199 16.92 -4.06 -16.73
C ALA A 199 18.37 -4.28 -16.28
N GLN A 200 19.20 -3.25 -16.41
CA GLN A 200 20.56 -3.35 -15.89
C GLN A 200 20.58 -3.44 -14.34
N ILE A 201 19.76 -2.65 -13.68
CA ILE A 201 19.60 -2.82 -12.24
C ILE A 201 19.07 -4.22 -11.91
N GLN A 202 17.99 -4.64 -12.56
CA GLN A 202 17.31 -5.88 -12.17
C GLN A 202 18.08 -7.16 -12.55
N PHE A 203 18.66 -7.18 -13.75
CA PHE A 203 19.29 -8.39 -14.28
C PHE A 203 20.81 -8.25 -14.44
N GLY A 204 21.29 -7.02 -14.54
CA GLY A 204 22.70 -6.78 -14.85
C GLY A 204 23.02 -6.57 -16.32
N TRP A 205 22.02 -6.72 -17.20
CA TRP A 205 22.24 -6.60 -18.64
C TRP A 205 22.72 -5.22 -19.04
N SER A 206 23.75 -5.17 -19.86
CA SER A 206 24.19 -3.90 -20.41
C SER A 206 23.76 -3.82 -21.86
N VAL A 207 22.94 -2.83 -22.19
CA VAL A 207 22.36 -2.76 -23.52
C VAL A 207 22.70 -1.41 -24.13
N ASN A 208 23.41 -1.42 -25.25
CA ASN A 208 23.85 -0.14 -25.82
C ASN A 208 23.81 -0.13 -27.33
N GLY A 209 23.66 1.08 -27.89
CA GLY A 209 23.37 1.22 -29.31
C GLY A 209 24.55 1.59 -30.19
N TYR A 210 24.55 1.02 -31.38
CA TYR A 210 25.58 1.33 -32.38
C TYR A 210 24.93 1.61 -33.73
N GLY A 211 25.41 2.62 -34.43
CA GLY A 211 24.95 2.84 -35.79
C GLY A 211 25.29 1.64 -36.65
N ILE A 212 24.36 1.28 -37.54
CA ILE A 212 24.59 0.23 -38.54
C ILE A 212 25.93 0.46 -39.31
N GLY A 213 26.29 1.73 -39.49
CA GLY A 213 27.56 2.09 -40.11
C GLY A 213 28.78 1.50 -39.43
N ASP A 214 28.71 1.32 -38.10
CA ASP A 214 29.82 0.73 -37.38
C ASP A 214 29.98 -0.73 -37.80
N LEU A 215 28.86 -1.43 -37.95
CA LEU A 215 28.89 -2.82 -38.38
C LEU A 215 29.32 -2.92 -39.85
N VAL A 216 28.82 -2.00 -40.68
CA VAL A 216 29.16 -1.99 -42.10
C VAL A 216 30.68 -1.84 -42.29
N GLN A 217 31.32 -1.05 -41.45
CA GLN A 217 32.77 -0.91 -41.53
C GLN A 217 33.48 -2.24 -41.27
N TYR A 218 33.01 -3.00 -40.27
CA TYR A 218 33.58 -4.33 -39.98
C TYR A 218 33.36 -5.30 -41.12
N ILE A 219 32.17 -5.25 -41.71
CA ILE A 219 31.84 -6.16 -42.81
C ILE A 219 32.75 -5.89 -43.99
N ARG A 220 32.94 -4.60 -44.32
CA ARG A 220 33.81 -4.21 -45.43
C ARG A 220 35.27 -4.64 -45.24
N ASP A 221 35.71 -4.72 -43.99
CA ASP A 221 37.10 -5.06 -43.68
C ASP A 221 37.37 -6.57 -43.59
N VAL A 222 36.35 -7.37 -43.87
CA VAL A 222 36.48 -8.81 -43.81
C VAL A 222 37.30 -9.33 -45.00
N SER A 223 38.35 -10.11 -44.71
CA SER A 223 39.22 -10.66 -45.74
C SER A 223 38.53 -11.76 -46.54
N GLU A 224 38.61 -11.67 -47.87
CA GLU A 224 38.04 -12.69 -48.76
C GLU A 224 38.58 -14.12 -48.53
N GLN A 225 39.81 -14.23 -48.05
CA GLN A 225 40.37 -15.53 -47.70
C GLN A 225 39.59 -16.16 -46.55
N LYS A 226 39.20 -15.34 -45.57
CA LYS A 226 38.35 -15.81 -44.48
C LYS A 226 36.95 -16.14 -44.98
N VAL A 227 36.45 -15.35 -45.92
CA VAL A 227 35.15 -15.61 -46.54
C VAL A 227 35.15 -17.00 -47.21
N ASN A 228 36.25 -17.33 -47.88
CA ASN A 228 36.39 -18.60 -48.58
C ASN A 228 36.42 -19.77 -47.61
N GLU A 229 37.22 -19.62 -46.56
CA GLU A 229 37.31 -20.63 -45.51
C GLU A 229 35.92 -20.94 -44.93
N LEU A 230 35.09 -19.90 -44.77
CA LEU A 230 33.75 -20.06 -44.18
C LEU A 230 32.76 -20.70 -45.13
N LEU A 231 32.95 -20.47 -46.43
CA LEU A 231 32.12 -21.10 -47.45
C LEU A 231 32.35 -22.61 -47.49
N ASP A 232 33.60 -23.02 -47.26
CA ASP A 232 33.93 -24.44 -47.13
C ASP A 232 33.15 -25.06 -45.98
N GLU A 233 33.05 -24.36 -44.85
CA GLU A 233 32.26 -24.89 -43.75
C GLU A 233 30.76 -24.96 -44.10
N TYR A 234 30.24 -23.97 -44.81
CA TYR A 234 28.84 -24.02 -45.27
C TYR A 234 28.56 -25.30 -46.06
N GLU A 235 29.42 -25.57 -47.04
CA GLU A 235 29.23 -26.70 -47.94
C GLU A 235 29.37 -28.02 -47.18
N GLU A 236 30.20 -28.00 -46.14
CA GLU A 236 30.39 -29.17 -45.28
C GLU A 236 29.18 -29.46 -44.38
N LEU A 237 28.52 -28.42 -43.88
CA LEU A 237 27.48 -28.58 -42.88
C LEU A 237 26.07 -28.67 -43.45
N TYR A 238 25.84 -28.01 -44.58
CA TYR A 238 24.48 -27.86 -45.06
C TYR A 238 24.35 -28.35 -46.48
N ASP A 239 23.13 -28.54 -46.92
CA ASP A 239 22.84 -28.70 -48.35
C ASP A 239 22.77 -27.31 -48.96
N ILE A 240 23.38 -27.15 -50.13
CA ILE A 240 23.28 -25.88 -50.82
C ILE A 240 22.32 -26.01 -51.98
N VAL A 241 21.37 -25.08 -52.06
CA VAL A 241 20.49 -24.97 -53.22
C VAL A 241 21.38 -25.04 -54.47
N PRO A 242 21.04 -25.94 -55.42
CA PRO A 242 21.87 -26.24 -56.61
C PRO A 242 22.44 -25.02 -57.34
N ALA A 243 21.63 -23.98 -57.54
CA ALA A 243 22.12 -22.77 -58.19
C ALA A 243 23.27 -22.09 -57.42
N GLY A 244 23.43 -22.45 -56.15
CA GLY A 244 24.44 -21.84 -55.29
C GLY A 244 25.72 -22.63 -55.21
N ARG A 245 25.78 -23.78 -55.88
CA ARG A 245 26.96 -24.64 -55.88
C ARG A 245 27.95 -24.17 -56.95
N GLN A 246 27.46 -23.41 -57.91
CA GLN A 246 28.30 -22.87 -58.98
C GLN A 246 28.49 -21.37 -58.77
N GLU A 247 29.52 -20.83 -59.38
CA GLU A 247 29.76 -19.40 -59.33
C GLU A 247 28.62 -18.69 -60.06
N GLY A 248 28.25 -17.51 -59.57
CA GLY A 248 27.10 -16.78 -60.07
C GLY A 248 26.44 -15.96 -58.97
N PRO A 249 25.33 -15.30 -59.28
CA PRO A 249 24.68 -14.39 -58.32
C PRO A 249 24.22 -15.09 -57.05
N VAL A 250 23.62 -16.28 -57.18
CA VAL A 250 23.10 -16.99 -56.02
C VAL A 250 24.22 -17.36 -55.03
N ARG A 251 25.34 -17.86 -55.53
CA ARG A 251 26.49 -18.14 -54.66
C ARG A 251 27.09 -16.86 -54.09
N GLU A 252 26.99 -15.77 -54.86
CA GLU A 252 27.42 -14.46 -54.39
C GLU A 252 26.53 -13.95 -53.25
N SER A 253 25.24 -14.28 -53.29
CA SER A 253 24.33 -13.93 -52.21
C SER A 253 24.72 -14.68 -50.94
N ILE A 254 25.14 -15.94 -51.09
CA ILE A 254 25.60 -16.73 -49.96
C ILE A 254 26.91 -16.15 -49.40
N ARG A 255 27.79 -15.74 -50.30
CA ARG A 255 29.07 -15.17 -49.95
C ARG A 255 28.88 -13.90 -49.10
N GLU A 256 27.88 -13.10 -49.45
CA GLU A 256 27.60 -11.85 -48.72
C GLU A 256 27.21 -12.12 -47.26
N GLN A 257 26.38 -13.13 -47.03
CA GLN A 257 26.02 -13.48 -45.65
C GLN A 257 27.24 -13.94 -44.87
N ALA A 258 28.16 -14.64 -45.53
CA ALA A 258 29.40 -15.04 -44.86
C ALA A 258 30.22 -13.81 -44.43
N ARG A 259 30.28 -12.79 -45.30
CA ARG A 259 30.92 -11.51 -44.96
C ARG A 259 30.26 -10.87 -43.75
N ILE A 260 28.93 -10.81 -43.78
CA ILE A 260 28.14 -10.31 -42.66
C ILE A 260 28.43 -11.11 -41.38
N GLU A 261 28.49 -12.43 -41.49
CA GLU A 261 28.79 -13.28 -40.35
C GLU A 261 30.14 -12.94 -39.75
N LEU A 262 31.15 -12.79 -40.60
CA LEU A 262 32.49 -12.51 -40.11
C LEU A 262 32.57 -11.07 -39.59
N GLY A 263 31.82 -10.16 -40.21
CA GLY A 263 31.74 -8.79 -39.74
C GLY A 263 31.21 -8.77 -38.31
N LEU A 264 30.09 -9.45 -38.12
CA LEU A 264 29.43 -9.50 -36.82
C LEU A 264 30.33 -10.11 -35.77
N LYS A 265 30.89 -11.27 -36.09
CA LYS A 265 31.78 -12.00 -35.19
C LYS A 265 32.90 -11.10 -34.71
N ALA A 266 33.53 -10.40 -35.65
CA ALA A 266 34.61 -9.49 -35.32
C ALA A 266 34.13 -8.36 -34.38
N PHE A 267 33.01 -7.72 -34.71
CA PHE A 267 32.51 -6.63 -33.90
C PHE A 267 32.18 -7.12 -32.49
N LEU A 268 31.49 -8.26 -32.42
CA LEU A 268 30.97 -8.76 -31.15
C LEU A 268 32.10 -9.21 -30.23
N GLN A 269 33.07 -9.91 -30.80
CA GLN A 269 34.24 -10.33 -30.03
C GLN A 269 35.01 -9.13 -29.51
N ASP A 270 35.15 -8.10 -30.34
CA ASP A 270 35.88 -6.90 -29.91
C ASP A 270 35.27 -6.26 -28.66
N GLY A 271 33.94 -6.31 -28.54
CA GLY A 271 33.28 -5.70 -27.41
C GLY A 271 32.93 -6.69 -26.32
N ASN A 272 33.35 -7.95 -26.48
CA ASN A 272 32.93 -9.03 -25.59
C ASN A 272 31.40 -9.11 -25.43
N PHE A 273 30.69 -8.80 -26.51
CA PHE A 273 29.25 -8.91 -26.56
C PHE A 273 28.85 -10.38 -26.69
N THR A 274 27.76 -10.77 -26.02
CA THR A 274 27.22 -12.11 -26.16
C THR A 274 25.79 -12.13 -26.71
N ALA A 275 25.24 -10.96 -27.04
CA ALA A 275 23.93 -10.87 -27.67
C ALA A 275 23.82 -9.59 -28.50
N PHE A 276 22.92 -9.60 -29.49
CA PHE A 276 22.74 -8.45 -30.34
C PHE A 276 21.36 -8.40 -30.98
N THR A 277 21.03 -7.23 -31.55
CA THR A 277 19.81 -7.01 -32.30
C THR A 277 20.12 -6.29 -33.62
N THR A 278 19.32 -6.56 -34.64
CA THR A 278 19.31 -5.77 -35.86
C THR A 278 17.91 -5.19 -36.05
N THR A 279 17.78 -4.27 -36.99
CA THR A 279 16.46 -3.78 -37.39
C THR A 279 16.42 -3.57 -38.89
N PHE A 280 15.40 -4.16 -39.53
CA PHE A 280 15.25 -4.10 -40.98
C PHE A 280 14.97 -2.68 -41.45
N GLU A 281 14.60 -1.81 -40.52
CA GLU A 281 14.33 -0.41 -40.86
C GLU A 281 15.59 0.43 -40.96
N ASP A 282 16.74 -0.15 -40.61
CA ASP A 282 18.00 0.59 -40.68
C ASP A 282 19.12 -0.28 -41.23
N LEU A 283 19.22 -0.33 -42.55
CA LEU A 283 20.18 -1.18 -43.21
C LEU A 283 21.10 -0.42 -44.18
N HIS A 284 21.30 0.86 -43.93
CA HIS A 284 22.19 1.67 -44.78
C HIS A 284 23.61 1.11 -44.85
N GLY A 285 24.07 0.90 -46.08
CA GLY A 285 25.39 0.33 -46.30
C GLY A 285 25.38 -1.19 -46.32
N MET A 286 24.26 -1.79 -45.94
CA MET A 286 24.14 -3.26 -45.93
C MET A 286 23.58 -3.75 -47.27
N LYS A 287 24.05 -4.91 -47.74
CA LYS A 287 23.51 -5.49 -48.96
C LYS A 287 22.27 -6.33 -48.69
N GLN A 288 22.27 -7.07 -47.60
CA GLN A 288 21.12 -7.86 -47.18
C GLN A 288 20.86 -7.68 -45.69
N LEU A 289 19.60 -7.87 -45.30
CA LEU A 289 19.29 -8.07 -43.90
C LEU A 289 20.08 -9.29 -43.45
N PRO A 290 20.77 -9.20 -42.32
CA PRO A 290 21.47 -10.39 -41.80
C PRO A 290 20.50 -11.56 -41.59
N GLY A 291 20.81 -12.71 -42.18
CA GLY A 291 19.94 -13.88 -42.13
C GLY A 291 20.68 -15.14 -41.76
N LEU A 292 21.24 -15.80 -42.76
CA LEU A 292 22.11 -16.95 -42.52
C LEU A 292 23.19 -16.64 -41.46
N ALA A 293 23.72 -15.43 -41.47
CA ALA A 293 24.75 -15.03 -40.52
C ALA A 293 24.23 -15.03 -39.07
N VAL A 294 23.01 -14.55 -38.87
CA VAL A 294 22.40 -14.53 -37.54
C VAL A 294 22.08 -15.95 -37.06
N GLN A 295 21.61 -16.79 -37.96
CA GLN A 295 21.29 -18.17 -37.64
C GLN A 295 22.53 -18.89 -37.11
N ARG A 296 23.66 -18.70 -37.79
CA ARG A 296 24.94 -19.29 -37.37
C ARG A 296 25.44 -18.77 -36.01
N LEU A 297 25.30 -17.47 -35.79
CA LEU A 297 25.77 -16.88 -34.55
C LEU A 297 24.95 -17.40 -33.37
N MET A 298 23.64 -17.49 -33.55
CA MET A 298 22.77 -18.11 -32.56
C MET A 298 23.23 -19.54 -32.19
N ALA A 299 23.62 -20.31 -33.21
CA ALA A 299 24.10 -21.67 -33.03
C ALA A 299 25.43 -21.76 -32.28
N GLU A 300 26.18 -20.65 -32.24
CA GLU A 300 27.40 -20.61 -31.43
C GLU A 300 27.11 -20.09 -30.01
N GLY A 301 25.85 -19.87 -29.67
CA GLY A 301 25.51 -19.41 -28.33
C GLY A 301 25.13 -17.93 -28.18
N TYR A 302 25.23 -17.16 -29.26
CA TYR A 302 24.84 -15.75 -29.22
C TYR A 302 23.35 -15.54 -28.99
N GLY A 303 22.99 -14.57 -28.16
CA GLY A 303 21.61 -14.17 -28.05
C GLY A 303 21.22 -13.28 -29.23
N PHE A 304 19.99 -13.41 -29.70
CA PHE A 304 19.50 -12.52 -30.77
C PHE A 304 18.04 -12.15 -30.63
N GLY A 305 17.75 -10.90 -30.93
CA GLY A 305 16.36 -10.43 -31.02
C GLY A 305 16.18 -9.61 -32.29
N GLY A 306 15.14 -9.94 -33.06
CA GLY A 306 14.80 -9.15 -34.22
C GLY A 306 14.24 -7.77 -33.86
N GLU A 307 14.35 -6.84 -34.80
CA GLU A 307 13.70 -5.54 -34.69
C GLU A 307 14.05 -4.78 -33.41
N GLY A 308 15.33 -4.74 -33.07
CA GLY A 308 15.79 -3.96 -31.93
C GLY A 308 15.47 -4.55 -30.57
N ASP A 309 15.02 -5.81 -30.54
CA ASP A 309 14.45 -6.43 -29.33
C ASP A 309 15.51 -6.98 -28.37
N TRP A 310 15.97 -6.11 -27.47
CA TRP A 310 17.06 -6.47 -26.56
C TRP A 310 16.63 -7.39 -25.43
N LYS A 311 15.39 -7.27 -24.96
CA LYS A 311 14.90 -8.18 -23.91
C LYS A 311 14.96 -9.64 -24.36
N THR A 312 14.47 -9.93 -25.56
CA THR A 312 14.52 -11.30 -26.08
C THR A 312 15.95 -11.74 -26.41
N ALA A 313 16.78 -10.83 -26.90
CA ALA A 313 18.16 -11.19 -27.20
C ALA A 313 18.85 -11.69 -25.92
N ALA A 314 18.66 -10.97 -24.83
CA ALA A 314 19.20 -11.36 -23.51
C ALA A 314 18.62 -12.69 -23.03
N LEU A 315 17.33 -12.87 -23.22
CA LEU A 315 16.66 -14.09 -22.78
C LEU A 315 17.17 -15.30 -23.54
N VAL A 316 17.36 -15.12 -24.85
CA VAL A 316 17.92 -16.17 -25.68
C VAL A 316 19.31 -16.59 -25.20
N ARG A 317 20.22 -15.62 -25.03
CA ARG A 317 21.57 -15.97 -24.55
C ARG A 317 21.53 -16.73 -23.21
N LEU A 318 20.79 -16.16 -22.28
CA LEU A 318 20.59 -16.71 -20.96
C LEU A 318 20.05 -18.16 -20.99
N MET A 319 19.04 -18.38 -21.84
CA MET A 319 18.48 -19.71 -21.99
C MET A 319 19.43 -20.64 -22.75
N LYS A 320 20.21 -20.08 -23.68
CA LYS A 320 21.27 -20.85 -24.31
C LYS A 320 22.25 -21.37 -23.27
N VAL A 321 22.62 -20.54 -22.30
CA VAL A 321 23.52 -21.01 -21.24
C VAL A 321 22.83 -22.09 -20.40
N MET A 322 21.58 -21.85 -20.05
CA MET A 322 20.78 -22.84 -19.33
C MET A 322 20.72 -24.18 -20.04
N ALA A 323 20.62 -24.13 -21.36
CA ALA A 323 20.44 -25.32 -22.18
C ALA A 323 21.77 -25.95 -22.62
N ASP A 324 22.88 -25.29 -22.31
CA ASP A 324 24.20 -25.74 -22.73
C ASP A 324 24.24 -25.75 -24.27
N GLY A 325 23.62 -24.75 -24.88
CA GLY A 325 23.64 -24.57 -26.33
C GLY A 325 22.81 -25.55 -27.14
N LYS A 326 21.98 -26.36 -26.48
CA LYS A 326 21.15 -27.37 -27.16
C LYS A 326 19.75 -26.84 -27.48
N GLY A 327 19.27 -27.16 -28.68
CA GLY A 327 17.89 -26.94 -29.10
C GLY A 327 17.14 -25.71 -28.62
N THR A 328 17.74 -24.54 -28.83
CA THR A 328 17.18 -23.28 -28.32
C THR A 328 17.25 -22.24 -29.43
N SER A 329 16.20 -21.43 -29.56
CA SER A 329 16.19 -20.43 -30.62
C SER A 329 15.28 -19.23 -30.31
N PHE A 330 15.68 -18.06 -30.82
CA PHE A 330 14.77 -16.96 -31.05
C PHE A 330 13.59 -17.48 -31.88
N MET A 331 12.38 -17.06 -31.53
CA MET A 331 11.18 -17.57 -32.21
C MET A 331 10.08 -16.49 -32.24
N GLU A 332 9.17 -16.63 -33.21
CA GLU A 332 7.98 -15.80 -33.28
C GLU A 332 6.80 -16.61 -33.83
N ASP A 333 5.65 -16.53 -33.16
CA ASP A 333 4.44 -17.19 -33.67
C ASP A 333 4.03 -16.50 -34.98
N TYR A 334 3.92 -17.27 -36.06
CA TYR A 334 3.62 -16.66 -37.36
C TYR A 334 2.18 -16.84 -37.86
N THR A 335 1.69 -18.07 -37.82
CA THR A 335 0.33 -18.33 -38.29
C THR A 335 -0.24 -19.58 -37.61
N TYR A 336 -1.57 -19.74 -37.64
CA TYR A 336 -2.21 -20.82 -36.92
C TYR A 336 -2.86 -21.85 -37.85
N HIS A 337 -2.94 -23.08 -37.36
CA HIS A 337 -3.73 -24.14 -38.01
C HIS A 337 -4.85 -24.46 -37.03
N PHE A 338 -6.07 -24.08 -37.37
CA PHE A 338 -7.20 -24.22 -36.44
C PHE A 338 -8.04 -25.48 -36.73
N GLU A 339 -7.50 -26.43 -37.50
CA GLU A 339 -8.20 -27.68 -37.78
C GLU A 339 -8.55 -28.41 -36.49
N PRO A 340 -9.86 -28.61 -36.24
CA PRO A 340 -10.34 -29.21 -34.99
C PRO A 340 -9.67 -30.57 -34.73
N GLY A 341 -9.14 -30.78 -33.53
CA GLY A 341 -8.40 -31.99 -33.25
C GLY A 341 -6.93 -31.94 -33.67
N ASN A 342 -6.53 -30.93 -34.45
CA ASN A 342 -5.15 -30.81 -34.87
C ASN A 342 -4.67 -29.36 -34.84
N GLU A 343 -5.10 -28.61 -33.83
CA GLU A 343 -4.72 -27.20 -33.70
C GLU A 343 -3.24 -27.07 -33.38
N LEU A 344 -2.56 -26.19 -34.11
CA LEU A 344 -1.15 -25.96 -33.85
C LEU A 344 -0.72 -24.57 -34.30
N ILE A 345 0.51 -24.22 -33.91
CA ILE A 345 1.11 -22.95 -34.26
C ILE A 345 2.34 -23.19 -35.10
N LEU A 346 2.48 -22.40 -36.16
CA LEU A 346 3.68 -22.40 -36.98
C LEU A 346 4.51 -21.19 -36.55
N GLY A 347 5.70 -21.47 -36.05
CA GLY A 347 6.60 -20.43 -35.59
C GLY A 347 7.75 -20.28 -36.55
N ALA A 348 8.15 -19.03 -36.78
CA ALA A 348 9.35 -18.73 -37.55
C ALA A 348 9.79 -17.29 -37.31
N HIS A 349 10.59 -16.78 -38.24
CA HIS A 349 10.87 -15.37 -38.33
C HIS A 349 11.29 -15.11 -39.77
N MET A 350 11.28 -13.83 -40.12
CA MET A 350 11.73 -13.32 -41.42
C MET A 350 12.86 -14.15 -42.02
N LEU A 351 13.88 -14.43 -41.20
CA LEU A 351 15.03 -15.23 -41.63
C LEU A 351 15.65 -15.97 -40.44
N GLU A 352 15.55 -15.36 -39.25
CA GLU A 352 16.44 -15.69 -38.14
C GLU A 352 15.93 -16.79 -37.22
N VAL A 353 16.07 -18.04 -37.66
CA VAL A 353 15.72 -19.19 -36.83
C VAL A 353 16.95 -20.10 -36.67
N CYS A 354 17.28 -20.43 -35.43
CA CYS A 354 18.49 -21.18 -35.14
C CYS A 354 18.36 -22.64 -35.56
N PRO A 355 19.33 -23.14 -36.34
CA PRO A 355 19.36 -24.51 -36.90
C PRO A 355 19.59 -25.57 -35.83
N THR A 356 19.75 -25.10 -34.61
CA THR A 356 19.93 -25.98 -33.47
C THR A 356 18.62 -26.70 -33.09
N ILE A 357 17.48 -26.21 -33.56
CA ILE A 357 16.21 -26.91 -33.32
C ILE A 357 15.78 -27.74 -34.52
N ALA A 358 16.65 -27.82 -35.53
CA ALA A 358 16.30 -28.50 -36.79
C ALA A 358 16.24 -30.03 -36.67
N ALA A 359 15.22 -30.63 -37.29
CA ALA A 359 15.14 -32.09 -37.38
C ALA A 359 15.66 -32.59 -38.73
N THR A 360 15.78 -31.67 -39.69
CA THR A 360 16.27 -31.99 -41.02
C THR A 360 17.54 -31.18 -41.27
N ARG A 361 18.45 -31.72 -42.08
CA ARG A 361 19.64 -30.98 -42.49
C ARG A 361 19.24 -29.64 -43.09
N PRO A 362 19.81 -28.54 -42.54
CA PRO A 362 19.48 -27.22 -43.10
C PRO A 362 19.99 -27.10 -44.53
N ARG A 363 19.18 -26.47 -45.39
CA ARG A 363 19.60 -26.16 -46.74
C ARG A 363 19.81 -24.65 -46.85
N VAL A 364 20.92 -24.23 -47.46
CA VAL A 364 21.15 -22.82 -47.70
C VAL A 364 20.30 -22.38 -48.91
N GLU A 365 19.40 -21.41 -48.70
CA GLU A 365 18.56 -20.95 -49.79
C GLU A 365 18.63 -19.41 -49.95
N VAL A 366 18.37 -18.92 -51.15
CA VAL A 366 18.27 -17.50 -51.43
C VAL A 366 16.90 -17.22 -52.02
N HIS A 367 16.17 -16.28 -51.41
CA HIS A 367 14.84 -15.90 -51.85
C HIS A 367 14.61 -14.41 -51.61
N PRO A 368 13.70 -13.80 -52.39
CA PRO A 368 13.42 -12.37 -52.20
C PRO A 368 12.84 -12.07 -50.82
N LEU A 369 13.23 -10.93 -50.25
CA LEU A 369 12.59 -10.43 -49.05
C LEU A 369 12.33 -8.94 -49.23
N SER A 370 11.05 -8.58 -49.35
CA SER A 370 10.69 -7.20 -49.59
C SER A 370 11.02 -6.37 -48.35
N ILE A 371 10.72 -6.94 -47.18
CA ILE A 371 10.87 -6.25 -45.90
C ILE A 371 12.31 -5.77 -45.72
N GLY A 372 12.48 -4.46 -45.60
CA GLY A 372 13.80 -3.87 -45.48
C GLY A 372 14.31 -3.28 -46.79
N GLY A 373 13.75 -3.76 -47.90
CA GLY A 373 14.01 -3.17 -49.20
C GLY A 373 15.42 -3.43 -49.72
N LYS A 374 15.98 -4.58 -49.37
CA LYS A 374 17.36 -4.90 -49.71
C LYS A 374 17.44 -6.15 -50.58
N GLU A 375 18.64 -6.65 -50.80
CA GLU A 375 18.82 -7.74 -51.76
C GLU A 375 18.43 -9.11 -51.19
N ASP A 376 18.10 -10.04 -52.09
CA ASP A 376 17.66 -11.38 -51.72
C ASP A 376 18.66 -12.02 -50.78
N PRO A 377 18.24 -12.26 -49.52
CA PRO A 377 19.18 -12.77 -48.52
C PRO A 377 19.27 -14.30 -48.51
N ALA A 378 20.48 -14.80 -48.30
CA ALA A 378 20.74 -16.23 -48.06
C ALA A 378 20.30 -16.56 -46.64
N ARG A 379 19.79 -17.77 -46.45
CA ARG A 379 19.33 -18.21 -45.12
C ARG A 379 19.22 -19.72 -45.06
N LEU A 380 19.24 -20.27 -43.85
CA LEU A 380 19.05 -21.71 -43.68
C LEU A 380 17.57 -22.05 -43.56
N VAL A 381 17.16 -23.09 -44.27
CA VAL A 381 15.77 -23.55 -44.26
C VAL A 381 15.76 -24.99 -43.76
N PHE A 382 14.84 -25.27 -42.83
CA PHE A 382 14.73 -26.59 -42.23
C PHE A 382 13.38 -26.68 -41.53
N ASP A 383 13.00 -27.89 -41.13
CA ASP A 383 11.86 -28.11 -40.25
C ASP A 383 12.37 -28.33 -38.84
N GLY A 384 11.71 -27.73 -37.86
CA GLY A 384 12.10 -27.90 -36.48
C GLY A 384 11.67 -29.27 -35.99
N GLY A 385 12.36 -29.77 -34.97
CA GLY A 385 12.09 -31.09 -34.45
C GLY A 385 10.82 -31.20 -33.63
N GLU A 386 10.65 -32.34 -32.97
CA GLU A 386 9.47 -32.57 -32.16
C GLU A 386 9.86 -32.88 -30.71
N GLY A 387 8.91 -32.78 -29.81
CA GLY A 387 9.15 -33.12 -28.42
C GLY A 387 8.71 -32.00 -27.50
N ALA A 388 8.79 -32.27 -26.20
CA ALA A 388 8.43 -31.30 -25.17
C ALA A 388 9.38 -30.10 -25.21
N ALA A 389 8.83 -28.90 -25.02
CA ALA A 389 9.63 -27.69 -25.07
C ALA A 389 8.98 -26.56 -24.28
N VAL A 390 9.73 -25.48 -24.09
CA VAL A 390 9.15 -24.27 -23.50
C VAL A 390 9.30 -23.12 -24.49
N ASN A 391 8.40 -22.16 -24.36
CA ASN A 391 8.42 -20.94 -25.15
C ASN A 391 8.26 -19.80 -24.16
N ALA A 392 9.27 -18.96 -24.05
CA ALA A 392 9.31 -17.99 -22.97
C ALA A 392 9.39 -16.56 -23.48
N SER A 393 8.78 -15.65 -22.74
CA SER A 393 8.80 -14.25 -23.08
C SER A 393 9.06 -13.46 -21.82
N LEU A 394 9.89 -12.43 -21.93
CA LEU A 394 10.13 -11.56 -20.80
C LEU A 394 9.70 -10.14 -21.19
N ILE A 395 8.71 -9.57 -20.50
CA ILE A 395 8.18 -8.26 -20.90
C ILE A 395 8.33 -7.21 -19.81
N ASP A 396 8.21 -5.96 -20.21
CA ASP A 396 8.32 -4.86 -19.27
C ASP A 396 6.93 -4.27 -19.05
N LEU A 397 6.41 -4.40 -17.85
CA LEU A 397 5.09 -3.87 -17.53
C LEU A 397 5.15 -2.38 -17.17
N GLY A 398 6.33 -1.81 -17.30
CA GLY A 398 6.55 -0.42 -16.95
C GLY A 398 7.24 -0.24 -15.61
N HIS A 399 6.63 -0.79 -14.56
CA HIS A 399 7.21 -0.66 -13.23
C HIS A 399 8.01 -1.91 -12.82
N ARG A 400 7.83 -3.01 -13.55
CA ARG A 400 8.59 -4.22 -13.26
C ARG A 400 8.56 -5.11 -14.48
N PHE A 401 9.35 -6.19 -14.44
CA PHE A 401 9.40 -7.17 -15.51
C PHE A 401 8.60 -8.43 -15.15
N ARG A 402 8.21 -9.18 -16.17
CA ARG A 402 7.44 -10.40 -15.97
C ARG A 402 7.91 -11.43 -16.96
N LEU A 403 8.21 -12.63 -16.48
CA LEU A 403 8.61 -13.74 -17.34
C LEU A 403 7.41 -14.69 -17.55
N ILE A 404 7.08 -14.95 -18.80
CA ILE A 404 5.92 -15.77 -19.12
C ILE A 404 6.39 -16.99 -19.88
N VAL A 405 6.03 -18.15 -19.37
CA VAL A 405 6.51 -19.41 -19.91
C VAL A 405 5.35 -20.33 -20.25
N ASN A 406 5.31 -20.78 -21.49
CA ASN A 406 4.30 -21.74 -21.94
C ASN A 406 5.00 -23.07 -22.31
N GLU A 407 4.53 -24.15 -21.70
CA GLU A 407 5.00 -25.49 -22.05
C GLU A 407 4.23 -25.96 -23.28
N VAL A 408 4.96 -26.45 -24.27
CA VAL A 408 4.38 -26.83 -25.54
C VAL A 408 4.92 -28.19 -25.97
N ASP A 409 4.26 -28.79 -26.96
CA ASP A 409 4.76 -30.00 -27.59
C ASP A 409 4.96 -29.73 -29.07
N ALA A 410 6.22 -29.69 -29.48
CA ALA A 410 6.54 -29.49 -30.90
C ALA A 410 6.24 -30.80 -31.62
N VAL A 411 5.80 -30.70 -32.86
CA VAL A 411 5.33 -31.86 -33.64
C VAL A 411 5.92 -31.85 -35.05
N LYS A 412 6.07 -33.03 -35.63
CA LYS A 412 6.61 -33.19 -36.97
C LYS A 412 5.56 -32.77 -38.00
N PRO A 413 5.96 -32.01 -39.03
CA PRO A 413 4.99 -31.66 -40.06
C PRO A 413 4.54 -32.93 -40.78
N GLU A 414 3.26 -33.04 -41.11
CA GLU A 414 2.78 -34.16 -41.92
C GLU A 414 2.79 -33.81 -43.41
N HIS A 415 3.00 -32.54 -43.72
CA HIS A 415 2.91 -32.06 -45.10
C HIS A 415 4.11 -31.22 -45.43
N ASP A 416 4.47 -31.20 -46.71
CA ASP A 416 5.57 -30.35 -47.15
C ASP A 416 5.08 -28.93 -47.28
N MET A 417 6.02 -28.00 -47.22
CA MET A 417 5.74 -26.59 -47.42
C MET A 417 6.73 -26.05 -48.45
N PRO A 418 6.55 -26.43 -49.72
CA PRO A 418 7.49 -26.14 -50.80
C PRO A 418 7.63 -24.66 -51.16
N LYS A 419 6.66 -23.83 -50.76
CA LYS A 419 6.70 -22.42 -51.14
C LYS A 419 7.15 -21.52 -49.99
N LEU A 420 7.47 -22.12 -48.84
CA LEU A 420 7.85 -21.34 -47.66
C LEU A 420 9.38 -21.18 -47.62
N PRO A 421 9.85 -19.94 -47.69
CA PRO A 421 11.29 -19.71 -47.86
C PRO A 421 12.07 -19.59 -46.53
N VAL A 422 11.38 -19.79 -45.41
CA VAL A 422 12.01 -19.64 -44.11
C VAL A 422 11.95 -20.94 -43.34
N ALA A 423 12.94 -21.17 -42.48
CA ALA A 423 12.89 -22.27 -41.52
C ALA A 423 11.69 -22.07 -40.61
N ARG A 424 11.17 -23.16 -40.06
CA ARG A 424 9.99 -23.04 -39.20
C ARG A 424 9.85 -24.24 -38.28
N ILE A 425 8.96 -24.11 -37.29
CA ILE A 425 8.66 -25.22 -36.39
C ILE A 425 7.18 -25.21 -36.03
N LEU A 426 6.61 -26.39 -35.82
CA LEU A 426 5.21 -26.54 -35.47
C LEU A 426 5.09 -27.04 -34.04
N TRP A 427 4.21 -26.44 -33.26
CA TRP A 427 4.01 -26.93 -31.89
C TRP A 427 2.57 -26.84 -31.45
N LYS A 428 2.21 -27.73 -30.54
CA LYS A 428 0.91 -27.69 -29.88
C LYS A 428 1.08 -27.20 -28.45
N PRO A 429 0.59 -25.98 -28.18
CA PRO A 429 0.78 -25.38 -26.86
C PRO A 429 -0.19 -25.97 -25.84
N ARG A 430 0.27 -26.17 -24.60
CA ARG A 430 -0.58 -26.69 -23.54
C ARG A 430 -1.28 -25.55 -22.83
N PRO A 431 -2.49 -25.80 -22.33
CA PRO A 431 -3.24 -27.07 -22.41
C PRO A 431 -4.00 -27.20 -23.74
N SER A 432 -4.08 -26.10 -24.49
CA SER A 432 -4.74 -26.07 -25.79
C SER A 432 -4.38 -24.74 -26.44
N LEU A 433 -4.56 -24.62 -27.76
CA LEU A 433 -4.31 -23.37 -28.46
C LEU A 433 -5.24 -22.28 -27.92
N ARG A 434 -6.52 -22.57 -27.85
CA ARG A 434 -7.51 -21.63 -27.33
C ARG A 434 -7.09 -21.07 -25.97
N ASP A 435 -6.77 -21.95 -25.03
CA ASP A 435 -6.50 -21.54 -23.66
C ASP A 435 -5.12 -20.91 -23.47
N SER A 436 -4.11 -21.45 -24.12
CA SER A 436 -2.76 -20.90 -23.94
C SER A 436 -2.66 -19.53 -24.56
N ALA A 437 -3.25 -19.36 -25.74
CA ALA A 437 -3.19 -18.05 -26.39
C ALA A 437 -3.96 -17.01 -25.59
N GLU A 438 -5.13 -17.40 -25.06
CA GLU A 438 -5.88 -16.48 -24.22
C GLU A 438 -5.07 -16.10 -22.97
N ALA A 439 -4.50 -17.08 -22.28
CA ALA A 439 -3.74 -16.82 -21.06
C ALA A 439 -2.54 -15.91 -21.37
N TRP A 440 -1.84 -16.22 -22.46
CA TRP A 440 -0.68 -15.45 -22.92
C TRP A 440 -1.03 -13.97 -23.16
N ILE A 441 -2.12 -13.72 -23.88
CA ILE A 441 -2.62 -12.36 -24.12
C ILE A 441 -2.99 -11.64 -22.81
N LEU A 442 -3.63 -12.37 -21.90
CA LEU A 442 -3.97 -11.80 -20.59
C LEU A 442 -2.72 -11.40 -19.83
N ALA A 443 -1.66 -12.20 -19.98
CA ALA A 443 -0.35 -11.91 -19.39
C ALA A 443 0.45 -10.87 -20.16
N GLY A 444 -0.02 -10.47 -21.34
CA GLY A 444 0.68 -9.49 -22.14
C GLY A 444 1.91 -10.06 -22.80
N GLY A 445 1.97 -11.37 -22.95
CA GLY A 445 3.15 -12.03 -23.52
C GLY A 445 3.50 -11.56 -24.92
N ALA A 446 4.80 -11.43 -25.18
CA ALA A 446 5.27 -10.91 -26.46
C ALA A 446 5.04 -11.87 -27.61
N HIS A 447 5.21 -11.35 -28.82
CA HIS A 447 5.18 -12.18 -30.01
C HIS A 447 6.56 -12.78 -30.25
N HIS A 448 7.58 -12.12 -29.70
CA HIS A 448 8.94 -12.60 -29.75
C HIS A 448 9.19 -13.46 -28.52
N THR A 449 9.79 -14.63 -28.71
CA THR A 449 10.06 -15.52 -27.58
C THR A 449 11.41 -16.20 -27.74
N CYS A 450 11.80 -16.90 -26.68
CA CYS A 450 12.86 -17.88 -26.79
C CYS A 450 12.25 -19.28 -26.63
N PHE A 451 12.39 -20.08 -27.67
CA PHE A 451 11.85 -21.43 -27.72
C PHE A 451 13.00 -22.35 -27.37
N SER A 452 12.77 -23.31 -26.45
CA SER A 452 13.81 -24.27 -26.10
C SER A 452 13.34 -25.70 -25.81
N PHE A 453 14.06 -26.66 -26.38
CA PHE A 453 13.80 -28.08 -26.12
C PHE A 453 14.50 -28.51 -24.82
N ALA A 454 15.46 -27.72 -24.35
CA ALA A 454 16.29 -28.18 -23.24
C ALA A 454 15.96 -27.52 -21.90
N VAL A 455 15.79 -26.21 -21.90
CA VAL A 455 15.44 -25.49 -20.67
C VAL A 455 14.09 -25.95 -20.10
N THR A 456 14.05 -26.24 -18.80
CA THR A 456 12.80 -26.64 -18.15
C THR A 456 12.16 -25.47 -17.42
N THR A 457 10.89 -25.61 -17.09
CA THR A 457 10.13 -24.60 -16.38
C THR A 457 10.70 -24.30 -14.98
N GLU A 458 11.21 -25.34 -14.31
CA GLU A 458 11.78 -25.17 -12.99
C GLU A 458 12.97 -24.22 -13.06
N GLN A 459 13.78 -24.37 -14.09
CA GLN A 459 14.93 -23.51 -14.29
C GLN A 459 14.53 -22.05 -14.50
N LEU A 460 13.51 -21.81 -15.31
CA LEU A 460 13.09 -20.43 -15.57
C LEU A 460 12.47 -19.82 -14.30
N GLN A 461 11.77 -20.63 -13.50
CA GLN A 461 11.27 -20.19 -12.21
C GLN A 461 12.39 -19.91 -11.19
N ASP A 462 13.39 -20.78 -11.16
CA ASP A 462 14.53 -20.55 -10.27
C ASP A 462 15.32 -19.32 -10.67
N PHE A 463 15.41 -19.06 -11.97
CA PHE A 463 16.09 -17.86 -12.46
C PHE A 463 15.32 -16.61 -12.05
N ALA A 464 14.00 -16.67 -12.13
CA ALA A 464 13.17 -15.52 -11.77
C ALA A 464 13.28 -15.24 -10.28
N GLU A 465 13.35 -16.31 -9.48
CA GLU A 465 13.60 -16.17 -8.04
C GLU A 465 14.91 -15.41 -7.76
N MET A 466 16.00 -15.80 -8.43
CA MET A 466 17.30 -15.12 -8.28
C MET A 466 17.25 -13.66 -8.71
N ALA A 467 16.46 -13.37 -9.74
CA ALA A 467 16.43 -12.01 -10.30
C ALA A 467 15.41 -11.14 -9.60
N GLY A 468 14.59 -11.75 -8.74
CA GLY A 468 13.56 -11.00 -8.06
C GLY A 468 12.45 -10.51 -8.98
N ILE A 469 11.99 -11.38 -9.89
CA ILE A 469 10.85 -11.02 -10.76
C ILE A 469 9.77 -12.11 -10.82
N GLU A 470 8.56 -11.70 -11.16
CA GLU A 470 7.43 -12.61 -11.35
C GLU A 470 7.66 -13.56 -12.52
N CYS A 471 7.34 -14.83 -12.33
CA CYS A 471 7.32 -15.78 -13.43
C CYS A 471 5.98 -16.52 -13.43
N VAL A 472 5.25 -16.43 -14.53
CA VAL A 472 3.97 -17.14 -14.63
C VAL A 472 4.08 -18.19 -15.71
N VAL A 473 3.49 -19.35 -15.45
CA VAL A 473 3.64 -20.53 -16.28
C VAL A 473 2.29 -20.96 -16.84
N ILE A 474 2.27 -21.30 -18.11
CA ILE A 474 1.06 -21.83 -18.73
C ILE A 474 1.37 -23.24 -19.18
N ASN A 475 0.63 -24.21 -18.64
CA ASN A 475 0.84 -25.60 -19.02
C ASN A 475 -0.44 -26.45 -19.01
N GLU A 476 -0.27 -27.76 -18.90
CA GLU A 476 -1.39 -28.70 -18.95
C GLU A 476 -2.41 -28.52 -17.81
N HIS A 477 -1.98 -27.91 -16.71
CA HIS A 477 -2.86 -27.74 -15.56
C HIS A 477 -3.50 -26.36 -15.51
N THR A 478 -3.20 -25.52 -16.49
CA THR A 478 -3.61 -24.12 -16.43
C THR A 478 -5.11 -23.99 -16.65
N SER A 479 -5.77 -23.34 -15.70
CA SER A 479 -7.15 -22.89 -15.88
C SER A 479 -7.08 -21.39 -16.14
N VAL A 480 -7.76 -20.93 -17.18
CA VAL A 480 -7.69 -19.51 -17.53
C VAL A 480 -8.21 -18.58 -16.42
N SER A 481 -9.31 -18.94 -15.77
CA SER A 481 -9.84 -18.08 -14.70
C SER A 481 -8.92 -18.01 -13.49
N SER A 482 -8.35 -19.15 -13.10
CA SER A 482 -7.35 -19.19 -12.06
C SER A 482 -6.14 -18.35 -12.44
N PHE A 483 -5.66 -18.53 -13.67
CA PHE A 483 -4.51 -17.79 -14.18
C PHE A 483 -4.78 -16.30 -14.06
N LYS A 484 -5.99 -15.91 -14.44
CA LYS A 484 -6.41 -14.52 -14.35
C LYS A 484 -6.30 -14.03 -12.91
N ASN A 485 -6.72 -14.87 -11.96
CA ASN A 485 -6.62 -14.52 -10.55
C ASN A 485 -5.18 -14.38 -10.10
N GLU A 486 -4.33 -15.31 -10.52
CA GLU A 486 -2.94 -15.28 -10.09
C GLU A 486 -2.20 -14.04 -10.58
N LEU A 487 -2.51 -13.59 -11.79
CA LEU A 487 -1.96 -12.32 -12.29
C LEU A 487 -2.34 -11.16 -11.38
N LYS A 488 -3.60 -11.13 -10.96
CA LYS A 488 -4.08 -10.09 -10.03
C LYS A 488 -3.34 -10.13 -8.70
N TRP A 489 -3.36 -11.29 -8.05
CA TRP A 489 -2.76 -11.41 -6.72
C TRP A 489 -1.23 -11.22 -6.80
N ASN A 490 -0.62 -11.79 -7.82
CA ASN A 490 0.80 -11.52 -8.09
C ASN A 490 1.11 -10.04 -8.22
N GLU A 491 0.22 -9.29 -8.86
CA GLU A 491 0.41 -7.86 -9.08
C GLU A 491 0.61 -7.08 -7.77
N VAL A 492 -0.20 -7.40 -6.78
CA VAL A 492 -0.15 -6.66 -5.53
C VAL A 492 1.12 -7.02 -4.79
N PHE A 493 1.57 -8.26 -4.91
CA PHE A 493 2.80 -8.68 -4.23
C PHE A 493 4.04 -8.05 -4.85
N TRP A 494 4.13 -8.06 -6.18
CA TRP A 494 5.33 -7.61 -6.86
C TRP A 494 5.41 -6.09 -7.01
N ARG A 495 4.32 -5.40 -6.68
CA ARG A 495 4.32 -3.93 -6.70
C ARG A 495 5.31 -3.35 -5.68
N GLY A 496 6.22 -2.50 -6.16
CA GLY A 496 7.13 -1.77 -5.30
C GLY A 496 8.05 -2.63 -4.45
N LEU B 3 39.17 2.92 25.04
CA LEU B 3 38.66 1.86 24.16
C LEU B 3 38.79 2.31 22.71
N SER B 4 39.98 2.08 22.15
CA SER B 4 40.36 2.68 20.86
C SER B 4 39.91 1.87 19.65
N LEU B 5 39.87 2.54 18.50
CA LEU B 5 39.30 1.97 17.29
C LEU B 5 40.39 1.33 16.44
N ARG B 6 40.01 0.38 15.60
CA ARG B 6 40.90 -0.11 14.56
C ARG B 6 41.19 1.07 13.64
N PRO B 7 42.29 1.00 12.86
CA PRO B 7 42.52 2.16 12.00
C PRO B 7 41.44 2.19 10.92
N TYR B 8 40.95 3.38 10.60
CA TYR B 8 39.87 3.52 9.64
C TYR B 8 40.30 4.56 8.64
N GLU B 9 39.87 4.37 7.40
CA GLU B 9 40.25 5.28 6.35
C GLU B 9 39.07 5.52 5.42
N PHE B 10 39.16 6.56 4.60
CA PHE B 10 38.10 6.88 3.67
C PHE B 10 38.63 6.85 2.25
N TRP B 11 37.96 6.08 1.40
CA TRP B 11 38.37 5.92 0.02
C TRP B 11 37.80 7.03 -0.88
N PHE B 12 38.68 7.80 -1.51
CA PHE B 12 38.26 8.84 -2.45
C PHE B 12 38.26 8.27 -3.86
N VAL B 13 37.08 8.11 -4.42
CA VAL B 13 36.95 7.47 -5.73
C VAL B 13 36.49 8.52 -6.74
N THR B 14 37.26 8.67 -7.82
CA THR B 14 37.02 9.69 -8.82
C THR B 14 36.52 9.06 -10.12
N GLY B 15 35.39 9.54 -10.62
CA GLY B 15 34.86 9.01 -11.87
C GLY B 15 35.23 9.85 -13.08
N SER B 16 35.40 9.17 -14.21
CA SER B 16 35.62 9.82 -15.49
C SER B 16 35.26 8.85 -16.63
N GLN B 17 35.78 9.13 -17.82
CA GLN B 17 35.48 8.32 -19.00
C GLN B 17 36.66 8.42 -19.97
N HIS B 18 36.68 7.58 -20.99
CA HIS B 18 37.78 7.57 -21.94
C HIS B 18 37.63 8.56 -23.11
N LEU B 19 36.46 9.16 -23.22
CA LEU B 19 36.09 9.98 -24.39
C LEU B 19 37.12 11.03 -24.78
N TYR B 20 37.73 11.67 -23.78
CA TYR B 20 38.61 12.81 -24.02
C TYR B 20 40.07 12.39 -24.20
N GLY B 21 40.35 11.09 -24.08
CA GLY B 21 41.69 10.59 -24.30
C GLY B 21 42.50 10.38 -23.03
N GLU B 22 43.70 9.83 -23.18
CA GLU B 22 44.53 9.44 -22.03
C GLU B 22 45.13 10.62 -21.27
N GLU B 23 45.47 11.69 -21.98
CA GLU B 23 46.10 12.82 -21.33
C GLU B 23 45.16 13.51 -20.37
N ALA B 24 43.90 13.66 -20.75
CA ALA B 24 42.91 14.23 -19.83
C ALA B 24 42.79 13.41 -18.55
N LEU B 25 42.88 12.09 -18.68
CA LEU B 25 42.77 11.18 -17.54
C LEU B 25 43.95 11.29 -16.60
N LYS B 26 45.13 11.56 -17.16
CA LYS B 26 46.31 11.81 -16.32
C LYS B 26 46.11 13.06 -15.46
N GLN B 27 45.49 14.08 -16.05
CA GLN B 27 45.17 15.30 -15.31
C GLN B 27 44.14 15.06 -14.21
N VAL B 28 43.14 14.23 -14.49
CA VAL B 28 42.12 13.90 -13.50
C VAL B 28 42.81 13.24 -12.33
N GLU B 29 43.66 12.26 -12.62
CA GLU B 29 44.43 11.57 -11.60
C GLU B 29 45.32 12.52 -10.77
N GLU B 30 46.06 13.40 -11.43
CA GLU B 30 46.86 14.38 -10.70
C GLU B 30 46.00 15.25 -9.76
N HIS B 31 44.85 15.72 -10.23
CA HIS B 31 43.96 16.52 -9.37
C HIS B 31 43.49 15.78 -8.11
N SER B 32 43.02 14.55 -8.29
CA SER B 32 42.53 13.77 -7.17
C SER B 32 43.63 13.42 -6.17
N ARG B 33 44.83 13.10 -6.67
CA ARG B 33 45.97 12.84 -5.76
C ARG B 33 46.25 14.07 -4.92
N ILE B 34 46.30 15.22 -5.57
CA ILE B 34 46.53 16.50 -4.87
C ILE B 34 45.46 16.77 -3.82
N MET B 35 44.21 16.52 -4.17
CA MET B 35 43.13 16.74 -3.21
C MET B 35 43.29 15.86 -1.98
N VAL B 36 43.58 14.58 -2.20
CA VAL B 36 43.76 13.63 -1.12
C VAL B 36 44.95 14.02 -0.23
N ASN B 37 46.10 14.28 -0.84
CA ASN B 37 47.28 14.61 -0.05
C ASN B 37 47.09 15.91 0.73
N GLU B 38 46.49 16.91 0.10
CA GLU B 38 46.25 18.20 0.75
C GLU B 38 45.20 18.11 1.88
N TRP B 39 44.10 17.38 1.67
CA TRP B 39 43.12 17.14 2.73
C TRP B 39 43.78 16.48 3.93
N ASN B 40 44.69 15.55 3.68
CA ASN B 40 45.35 14.85 4.78
C ASN B 40 46.30 15.73 5.59
N ARG B 41 46.57 16.95 5.12
CA ARG B 41 47.42 17.89 5.85
C ARG B 41 46.57 18.76 6.77
N ASP B 42 45.25 18.66 6.62
CA ASP B 42 44.33 19.50 7.39
C ASP B 42 43.90 18.75 8.65
N SER B 43 44.12 19.36 9.80
CA SER B 43 43.84 18.69 11.05
C SER B 43 42.34 18.54 11.35
N VAL B 44 41.48 19.15 10.54
CA VAL B 44 40.04 19.01 10.75
C VAL B 44 39.55 17.56 10.59
N PHE B 45 40.24 16.77 9.77
CA PHE B 45 39.81 15.40 9.52
C PHE B 45 40.36 14.43 10.56
N PRO B 46 39.46 13.67 11.21
CA PRO B 46 39.84 12.70 12.23
C PRO B 46 40.36 11.41 11.63
N PHE B 47 40.16 11.19 10.33
CA PHE B 47 40.65 9.96 9.68
C PHE B 47 41.25 10.32 8.32
N PRO B 48 42.13 9.46 7.80
CA PRO B 48 42.80 9.78 6.53
C PRO B 48 41.97 9.44 5.27
N PHE B 49 42.17 10.24 4.22
CA PHE B 49 41.68 9.86 2.90
C PHE B 49 42.73 8.98 2.22
N VAL B 50 42.26 8.17 1.29
CA VAL B 50 43.11 7.30 0.50
C VAL B 50 42.73 7.46 -0.96
N PHE B 51 43.67 7.89 -1.77
CA PHE B 51 43.45 7.97 -3.22
C PHE B 51 43.29 6.59 -3.81
N LYS B 52 42.20 6.40 -4.56
CA LYS B 52 42.04 5.20 -5.38
C LYS B 52 42.11 5.59 -6.85
N SER B 53 42.59 4.67 -7.69
CA SER B 53 42.74 4.95 -9.11
C SER B 53 41.43 5.39 -9.73
N VAL B 54 41.50 6.47 -10.53
CA VAL B 54 40.38 6.97 -11.33
C VAL B 54 39.64 5.82 -12.05
N VAL B 55 38.32 5.82 -11.99
CA VAL B 55 37.54 4.72 -12.56
C VAL B 55 36.77 5.21 -13.79
N THR B 56 36.77 4.41 -14.85
CA THR B 56 36.27 4.83 -16.16
C THR B 56 35.47 3.75 -16.87
N THR B 57 35.43 2.53 -16.32
CA THR B 57 34.72 1.42 -16.92
C THR B 57 33.87 0.73 -15.85
N PRO B 58 32.81 0.02 -16.27
CA PRO B 58 31.97 -0.71 -15.31
C PRO B 58 32.79 -1.61 -14.42
N GLU B 59 33.77 -2.29 -15.01
CA GLU B 59 34.60 -3.25 -14.29
C GLU B 59 35.47 -2.57 -13.24
N GLU B 60 36.05 -1.43 -13.61
CA GLU B 60 36.88 -0.69 -12.65
C GLU B 60 36.03 -0.19 -11.48
N ILE B 61 34.82 0.25 -11.78
CA ILE B 61 33.95 0.79 -10.74
C ILE B 61 33.54 -0.36 -9.81
N ARG B 62 33.17 -1.49 -10.43
CA ARG B 62 32.74 -2.64 -9.67
C ARG B 62 33.85 -3.16 -8.75
N ARG B 63 35.06 -3.23 -9.29
CA ARG B 63 36.19 -3.76 -8.56
C ARG B 63 36.52 -2.90 -7.33
N VAL B 64 36.42 -1.57 -7.45
CA VAL B 64 36.74 -0.73 -6.30
C VAL B 64 35.68 -0.87 -5.19
N CYS B 65 34.42 -1.00 -5.58
CA CYS B 65 33.34 -1.18 -4.62
C CYS B 65 33.46 -2.51 -3.89
N LEU B 66 33.87 -3.55 -4.62
CA LEU B 66 34.07 -4.90 -4.09
C LEU B 66 35.18 -4.85 -3.04
N GLU B 67 36.28 -4.21 -3.40
CA GLU B 67 37.40 -4.01 -2.49
C GLU B 67 37.04 -3.18 -1.27
N ALA B 68 36.18 -2.17 -1.45
CA ALA B 68 35.74 -1.35 -0.32
C ALA B 68 35.02 -2.23 0.69
N ASN B 69 34.12 -3.07 0.19
CA ASN B 69 33.38 -4.03 1.02
C ASN B 69 34.28 -4.98 1.79
N ALA B 70 35.38 -5.40 1.19
CA ALA B 70 36.22 -6.44 1.79
C ALA B 70 37.23 -5.86 2.77
N SER B 71 37.42 -4.54 2.71
CA SER B 71 38.37 -3.90 3.60
C SER B 71 37.74 -3.45 4.93
N GLU B 72 38.14 -4.09 6.02
CA GLU B 72 37.71 -3.72 7.36
C GLU B 72 38.16 -2.30 7.76
N GLN B 73 39.27 -1.83 7.19
CA GLN B 73 39.69 -0.46 7.42
C GLN B 73 38.79 0.57 6.72
N CYS B 74 38.18 0.18 5.61
CA CYS B 74 37.39 1.15 4.86
C CYS B 74 36.07 1.43 5.56
N ALA B 75 35.92 2.64 6.09
CA ALA B 75 34.72 3.04 6.81
C ALA B 75 33.74 3.79 5.92
N GLY B 76 34.19 4.20 4.74
CA GLY B 76 33.34 5.00 3.86
C GLY B 76 33.97 5.24 2.49
N VAL B 77 33.13 5.49 1.48
CA VAL B 77 33.59 5.82 0.14
C VAL B 77 33.04 7.20 -0.23
N VAL B 78 33.94 8.09 -0.66
CA VAL B 78 33.55 9.41 -1.14
C VAL B 78 33.78 9.41 -2.63
N THR B 79 32.71 9.62 -3.40
CA THR B 79 32.76 9.59 -4.85
C THR B 79 32.57 10.99 -5.42
N TRP B 80 33.28 11.26 -6.51
CA TRP B 80 33.26 12.55 -7.20
C TRP B 80 33.45 12.30 -8.69
N MET B 81 32.55 12.83 -9.51
CA MET B 81 32.76 12.74 -10.96
C MET B 81 33.56 13.96 -11.42
N HIS B 82 34.82 13.77 -11.77
CA HIS B 82 35.66 14.87 -12.24
C HIS B 82 35.12 15.37 -13.58
N THR B 83 34.74 14.42 -14.42
CA THR B 83 34.11 14.71 -15.71
C THR B 83 32.85 13.87 -15.76
N PHE B 84 32.10 14.01 -16.85
CA PHE B 84 31.02 13.09 -17.18
C PHE B 84 31.55 11.66 -17.09
N SER B 85 30.76 10.79 -16.50
CA SER B 85 31.16 9.42 -16.24
C SER B 85 29.89 8.61 -16.33
N PRO B 86 29.50 8.24 -17.55
CA PRO B 86 28.12 7.74 -17.81
C PRO B 86 27.68 6.70 -16.77
N ALA B 87 26.56 7.01 -16.13
CA ALA B 87 26.20 6.38 -14.86
C ALA B 87 25.70 4.93 -14.92
N LYS B 88 25.38 4.42 -16.10
CA LYS B 88 25.00 3.01 -16.21
C LYS B 88 26.23 2.15 -15.85
N MET B 89 27.41 2.73 -16.04
CA MET B 89 28.67 2.07 -15.66
C MET B 89 28.74 1.88 -14.14
N TRP B 90 28.06 2.76 -13.42
CA TRP B 90 28.10 2.76 -11.95
C TRP B 90 27.09 1.81 -11.31
N ILE B 91 26.08 1.38 -12.08
CA ILE B 91 25.01 0.54 -11.52
C ILE B 91 25.56 -0.72 -10.81
N GLY B 92 26.49 -1.43 -11.45
CA GLY B 92 27.03 -2.67 -10.90
C GLY B 92 27.68 -2.43 -9.54
N GLY B 93 28.55 -1.43 -9.46
CA GLY B 93 29.27 -1.13 -8.23
C GLY B 93 28.38 -0.63 -7.11
N LEU B 94 27.42 0.22 -7.45
CA LEU B 94 26.50 0.74 -6.45
C LEU B 94 25.64 -0.36 -5.87
N LEU B 95 25.37 -1.39 -6.67
CA LEU B 95 24.60 -2.54 -6.19
C LEU B 95 25.42 -3.35 -5.20
N GLU B 96 26.70 -3.48 -5.49
CA GLU B 96 27.64 -4.25 -4.68
C GLU B 96 28.04 -3.56 -3.37
N LEU B 97 28.11 -2.24 -3.37
CA LEU B 97 28.69 -1.48 -2.27
C LEU B 97 27.83 -1.52 -1.00
N ARG B 98 28.46 -1.83 0.14
CA ARG B 98 27.75 -1.84 1.42
C ARG B 98 28.34 -0.87 2.45
N LYS B 99 29.46 -0.25 2.12
CA LYS B 99 30.04 0.81 2.94
C LYS B 99 29.27 2.10 2.68
N PRO B 100 29.15 2.96 3.72
CA PRO B 100 28.46 4.26 3.61
C PRO B 100 29.04 5.10 2.46
N LEU B 101 28.18 5.86 1.79
CA LEU B 101 28.56 6.61 0.59
C LEU B 101 28.33 8.10 0.76
N LEU B 102 29.36 8.89 0.44
CA LEU B 102 29.20 10.34 0.35
C LEU B 102 29.49 10.74 -1.07
N HIS B 103 28.59 11.53 -1.64
CA HIS B 103 28.76 12.11 -2.97
C HIS B 103 29.28 13.53 -2.84
N LEU B 104 30.55 13.73 -3.17
CA LEU B 104 31.12 15.06 -3.12
C LEU B 104 30.99 15.73 -4.48
N HIS B 105 30.30 16.86 -4.49
CA HIS B 105 30.06 17.63 -5.71
C HIS B 105 31.00 18.82 -5.64
N THR B 106 32.18 18.68 -6.22
CA THR B 106 33.23 19.67 -6.06
C THR B 106 33.89 19.94 -7.41
N GLN B 107 34.96 20.72 -7.40
CA GLN B 107 35.64 21.09 -8.62
C GLN B 107 37.08 21.43 -8.21
N PHE B 108 38.06 21.00 -9.00
CA PHE B 108 39.45 21.23 -8.61
C PHE B 108 39.78 22.71 -8.48
N ASN B 109 39.58 23.47 -9.55
CA ASN B 109 39.74 24.94 -9.51
C ASN B 109 38.53 25.60 -8.87
N ARG B 110 38.76 26.69 -8.14
CA ARG B 110 37.65 27.41 -7.51
C ARG B 110 36.93 28.30 -8.53
N ASP B 111 37.69 29.06 -9.32
CA ASP B 111 37.13 30.05 -10.23
C ASP B 111 37.27 29.67 -11.70
N ILE B 112 36.35 30.17 -12.52
CA ILE B 112 36.43 30.07 -13.98
C ILE B 112 37.59 30.97 -14.45
N PRO B 113 38.55 30.42 -15.21
CA PRO B 113 39.66 31.23 -15.74
C PRO B 113 39.23 31.95 -17.02
N TRP B 114 38.51 33.04 -16.85
CA TRP B 114 37.81 33.74 -17.94
C TRP B 114 38.65 33.93 -19.20
N ASP B 115 39.89 34.37 -19.04
CA ASP B 115 40.70 34.70 -20.21
C ASP B 115 41.23 33.49 -20.97
N SER B 116 41.17 32.30 -20.36
CA SER B 116 41.77 31.14 -21.02
C SER B 116 40.84 29.93 -21.19
N ILE B 117 39.66 29.96 -20.55
CA ILE B 117 38.73 28.85 -20.66
C ILE B 117 38.45 28.50 -22.13
N ASP B 118 38.71 27.24 -22.49
CA ASP B 118 38.50 26.76 -23.84
C ASP B 118 37.81 25.40 -23.78
N MET B 119 37.71 24.73 -24.92
CA MET B 119 36.93 23.47 -24.95
C MET B 119 37.60 22.36 -24.14
N ASP B 120 38.93 22.29 -24.18
CA ASP B 120 39.66 21.30 -23.38
C ASP B 120 39.33 21.49 -21.90
N PHE B 121 39.20 22.75 -21.48
CA PHE B 121 38.88 23.07 -20.09
C PHE B 121 37.45 22.67 -19.77
N MET B 122 36.55 22.88 -20.71
CA MET B 122 35.15 22.50 -20.57
C MET B 122 34.99 20.97 -20.47
N ASN B 123 35.76 20.23 -21.28
CA ASN B 123 35.78 18.77 -21.22
C ASN B 123 36.30 18.20 -19.88
N LEU B 124 37.31 18.87 -19.34
CA LEU B 124 38.00 18.36 -18.16
C LEU B 124 37.31 18.72 -16.84
N ASN B 125 36.94 19.98 -16.66
CA ASN B 125 36.38 20.39 -15.38
C ASN B 125 34.87 20.55 -15.43
N GLN B 126 34.18 19.43 -15.67
CA GLN B 126 32.74 19.44 -15.94
C GLN B 126 31.93 18.65 -14.91
N SER B 127 32.35 18.72 -13.64
CA SER B 127 31.60 18.11 -12.53
C SER B 127 30.18 18.65 -12.49
N ALA B 128 30.03 19.92 -12.90
CA ALA B 128 28.73 20.57 -13.03
C ALA B 128 27.70 19.65 -13.66
N HIS B 129 28.13 18.86 -14.65
CA HIS B 129 27.20 17.87 -15.18
C HIS B 129 27.51 16.41 -14.86
N GLY B 130 28.78 16.08 -14.66
CA GLY B 130 29.14 14.71 -14.29
C GLY B 130 28.44 14.26 -13.01
N ASP B 131 28.43 15.14 -12.02
CA ASP B 131 27.86 14.82 -10.73
C ASP B 131 26.34 14.76 -10.78
N ARG B 132 25.73 15.44 -11.76
CA ARG B 132 24.28 15.39 -11.91
C ARG B 132 23.81 14.06 -12.48
N GLU B 133 24.48 13.58 -13.53
CA GLU B 133 24.19 12.26 -14.11
C GLU B 133 24.36 11.16 -13.05
N TYR B 134 25.45 11.26 -12.28
CA TYR B 134 25.69 10.35 -11.17
C TYR B 134 24.61 10.49 -10.08
N GLY B 135 24.22 11.73 -9.82
CA GLY B 135 23.14 11.99 -8.90
C GLY B 135 21.86 11.29 -9.34
N PHE B 136 21.62 11.23 -10.65
CA PHE B 136 20.40 10.58 -11.14
C PHE B 136 20.37 9.11 -10.79
N ILE B 137 21.46 8.41 -11.06
CA ILE B 137 21.47 6.97 -10.85
C ILE B 137 21.32 6.67 -9.35
N GLY B 138 21.84 7.56 -8.51
CA GLY B 138 21.66 7.44 -7.07
C GLY B 138 20.19 7.55 -6.68
N ALA B 139 19.51 8.57 -7.18
CA ALA B 139 18.09 8.73 -6.94
C ALA B 139 17.31 7.55 -7.54
N ARG B 140 17.67 7.19 -8.77
CA ARG B 140 17.02 6.12 -9.50
C ARG B 140 17.14 4.77 -8.77
N MET B 141 18.28 4.53 -8.12
CA MET B 141 18.51 3.25 -7.45
C MET B 141 18.11 3.26 -6.00
N GLY B 142 17.63 4.40 -5.48
CA GLY B 142 17.29 4.50 -4.07
C GLY B 142 18.47 4.29 -3.14
N VAL B 143 19.67 4.70 -3.56
CA VAL B 143 20.88 4.55 -2.76
C VAL B 143 20.85 5.47 -1.52
N ALA B 144 21.28 4.95 -0.37
CA ALA B 144 21.51 5.78 0.80
C ALA B 144 22.77 6.61 0.57
N ARG B 145 22.69 7.92 0.77
CA ARG B 145 23.83 8.79 0.45
C ARG B 145 23.78 10.12 1.16
N LYS B 146 24.95 10.62 1.48
CA LYS B 146 25.13 11.99 1.94
C LYS B 146 25.60 12.78 0.71
N VAL B 147 25.08 13.98 0.51
CA VAL B 147 25.52 14.84 -0.59
C VAL B 147 26.15 16.14 -0.06
N VAL B 148 27.35 16.45 -0.52
CA VAL B 148 28.07 17.64 -0.08
C VAL B 148 28.48 18.46 -1.29
N VAL B 149 28.16 19.75 -1.27
CA VAL B 149 28.43 20.64 -2.39
C VAL B 149 29.37 21.81 -2.05
N GLY B 150 30.42 21.97 -2.84
CA GLY B 150 31.26 23.15 -2.74
C GLY B 150 32.69 22.86 -3.14
N HIS B 151 33.53 23.90 -3.12
CA HIS B 151 34.93 23.74 -3.51
C HIS B 151 35.72 22.99 -2.44
N TRP B 152 36.70 22.19 -2.84
CA TRP B 152 37.33 21.26 -1.90
C TRP B 152 38.23 21.92 -0.86
N GLU B 153 38.54 23.21 -1.04
CA GLU B 153 39.35 23.92 -0.06
C GLU B 153 38.48 24.84 0.80
N ASP B 154 37.18 24.85 0.54
CA ASP B 154 36.24 25.56 1.38
C ASP B 154 36.24 24.91 2.76
N PRO B 155 36.47 25.71 3.83
CA PRO B 155 36.47 25.09 5.17
C PRO B 155 35.09 24.51 5.57
N GLU B 156 34.00 25.10 5.06
CA GLU B 156 32.65 24.60 5.36
C GLU B 156 32.43 23.22 4.73
N VAL B 157 32.92 23.04 3.51
CA VAL B 157 32.90 21.75 2.82
C VAL B 157 33.67 20.71 3.63
N ARG B 158 34.85 21.09 4.10
CA ARG B 158 35.70 20.14 4.81
C ARG B 158 35.10 19.78 6.16
N GLU B 159 34.37 20.72 6.73
CA GLU B 159 33.68 20.47 8.00
C GLU B 159 32.55 19.44 7.85
N ARG B 160 31.77 19.54 6.77
CA ARG B 160 30.73 18.53 6.48
C ARG B 160 31.37 17.14 6.35
N LEU B 161 32.47 17.06 5.60
CA LEU B 161 33.16 15.79 5.36
C LEU B 161 33.69 15.17 6.65
N ALA B 162 34.30 16.00 7.49
CA ALA B 162 34.89 15.56 8.74
C ALA B 162 33.85 15.08 9.77
N LYS B 163 32.77 15.83 9.95
CA LYS B 163 31.67 15.33 10.79
C LYS B 163 31.16 13.97 10.27
N TRP B 164 31.00 13.86 8.96
CA TRP B 164 30.46 12.65 8.35
C TRP B 164 31.38 11.46 8.57
N MET B 165 32.68 11.72 8.55
CA MET B 165 33.66 10.68 8.84
C MET B 165 33.38 10.07 10.20
N ARG B 166 33.14 10.93 11.19
CA ARG B 166 32.82 10.46 12.53
C ARG B 166 31.54 9.62 12.52
N THR B 167 30.52 10.08 11.80
CA THR B 167 29.27 9.35 11.68
C THR B 167 29.48 7.98 11.06
N ALA B 168 30.25 7.93 9.98
CA ALA B 168 30.53 6.68 9.25
C ALA B 168 31.35 5.66 10.08
N VAL B 169 32.32 6.14 10.84
CA VAL B 169 33.09 5.28 11.72
C VAL B 169 32.21 4.70 12.85
N ALA B 170 31.31 5.51 13.37
CA ALA B 170 30.32 5.04 14.33
C ALA B 170 29.49 3.91 13.70
N PHE B 171 29.13 4.09 12.44
CA PHE B 171 28.34 3.10 11.72
C PHE B 171 29.10 1.79 11.56
N ALA B 172 30.40 1.88 11.27
CA ALA B 172 31.25 0.69 11.20
C ALA B 172 31.24 -0.02 12.55
N GLU B 173 31.33 0.77 13.61
CA GLU B 173 31.33 0.21 14.95
C GLU B 173 29.95 -0.36 15.29
N SER B 174 28.90 0.32 14.84
CA SER B 174 27.55 -0.18 15.01
C SER B 174 27.41 -1.56 14.39
N ARG B 175 27.88 -1.71 13.16
CA ARG B 175 27.82 -2.99 12.43
C ARG B 175 28.51 -4.16 13.12
N ASN B 176 29.59 -3.89 13.85
CA ASN B 176 30.27 -4.97 14.59
C ASN B 176 30.02 -4.94 16.11
N LEU B 177 29.04 -4.15 16.51
CA LEU B 177 28.79 -3.89 17.93
C LEU B 177 28.26 -5.16 18.65
N LYS B 178 28.90 -5.50 19.76
CA LYS B 178 28.46 -6.65 20.57
C LYS B 178 28.03 -6.18 21.97
N VAL B 179 26.79 -6.49 22.34
CA VAL B 179 26.26 -6.15 23.65
C VAL B 179 26.10 -7.41 24.50
N ALA B 180 26.54 -7.35 25.74
CA ALA B 180 26.27 -8.40 26.71
C ALA B 180 25.21 -7.91 27.69
N ARG B 181 24.16 -8.70 27.91
CA ARG B 181 23.16 -8.36 28.92
C ARG B 181 23.31 -9.27 30.14
N PHE B 182 23.46 -8.66 31.32
CA PHE B 182 23.47 -9.43 32.55
C PHE B 182 22.06 -9.35 33.14
N GLY B 183 21.24 -10.36 32.88
CA GLY B 183 19.83 -10.33 33.26
C GLY B 183 18.88 -9.77 32.21
N ASP B 184 17.58 -9.92 32.43
CA ASP B 184 16.58 -9.55 31.42
C ASP B 184 16.09 -8.12 31.64
N ASN B 185 15.19 -7.67 30.76
CA ASN B 185 14.53 -6.38 30.94
C ASN B 185 13.88 -6.28 32.30
N MET B 186 13.81 -5.08 32.83
CA MET B 186 12.97 -4.82 33.99
C MET B 186 11.56 -5.31 33.67
N ARG B 187 10.97 -6.06 34.59
CA ARG B 187 9.68 -6.68 34.34
C ARG B 187 8.57 -5.64 34.08
N GLU B 188 7.70 -5.98 33.13
CA GLU B 188 6.54 -5.16 32.73
C GLU B 188 6.89 -3.88 31.97
N VAL B 189 8.17 -3.61 31.76
CA VAL B 189 8.56 -2.41 31.01
C VAL B 189 8.42 -2.60 29.49
N ALA B 190 7.83 -1.62 28.82
CA ALA B 190 7.57 -1.71 27.38
C ALA B 190 8.69 -1.13 26.50
N VAL B 191 9.01 0.15 26.68
CA VAL B 191 9.93 0.83 25.76
C VAL B 191 11.32 0.19 25.59
N THR B 192 11.82 -0.50 26.63
CA THR B 192 13.14 -1.13 26.54
C THR B 192 13.09 -2.51 25.86
N GLU B 193 11.88 -2.98 25.60
CA GLU B 193 11.67 -4.25 24.92
C GLU B 193 11.82 -4.03 23.40
N GLY B 194 11.98 -5.10 22.63
CA GLY B 194 12.15 -4.94 21.20
C GLY B 194 12.58 -6.22 20.51
N ASP B 195 12.86 -6.12 19.22
CA ASP B 195 13.21 -7.27 18.39
C ASP B 195 14.70 -7.29 18.11
N LYS B 196 15.43 -8.17 18.80
CA LYS B 196 16.87 -8.25 18.65
C LYS B 196 17.30 -8.75 17.27
N VAL B 197 16.52 -9.65 16.67
CA VAL B 197 16.83 -10.13 15.34
C VAL B 197 16.71 -8.98 14.35
N GLY B 198 15.60 -8.24 14.44
CA GLY B 198 15.38 -7.07 13.61
C GLY B 198 16.44 -6.00 13.78
N ALA B 199 16.88 -5.78 15.02
CA ALA B 199 17.96 -4.82 15.25
C ALA B 199 19.32 -5.29 14.69
N GLN B 200 19.58 -6.60 14.77
CA GLN B 200 20.81 -7.11 14.16
C GLN B 200 20.79 -6.98 12.64
N ILE B 201 19.63 -7.23 12.03
CA ILE B 201 19.47 -7.08 10.59
C ILE B 201 19.60 -5.61 10.22
N GLN B 202 18.87 -4.74 10.93
CA GLN B 202 18.86 -3.31 10.59
C GLN B 202 20.16 -2.57 10.89
N PHE B 203 20.79 -2.86 12.02
CA PHE B 203 22.02 -2.13 12.43
C PHE B 203 23.30 -2.96 12.52
N GLY B 204 23.17 -4.28 12.67
CA GLY B 204 24.34 -5.12 12.87
C GLY B 204 24.59 -5.53 14.31
N TRP B 205 23.87 -4.92 15.25
CA TRP B 205 24.07 -5.17 16.67
C TRP B 205 23.87 -6.64 17.05
N SER B 206 24.83 -7.20 17.76
CA SER B 206 24.69 -8.54 18.32
C SER B 206 24.39 -8.43 19.82
N VAL B 207 23.21 -8.88 20.23
CA VAL B 207 22.77 -8.71 21.59
C VAL B 207 22.41 -10.08 22.17
N ASN B 208 23.14 -10.49 23.20
CA ASN B 208 22.89 -11.79 23.82
C ASN B 208 22.99 -11.76 25.36
N GLY B 209 22.28 -12.70 26.00
CA GLY B 209 22.11 -12.71 27.45
C GLY B 209 23.00 -13.69 28.19
N TYR B 210 23.50 -13.24 29.34
CA TYR B 210 24.37 -14.03 30.21
C TYR B 210 23.76 -14.00 31.59
N GLY B 211 23.85 -15.11 32.33
CA GLY B 211 23.38 -15.10 33.70
C GLY B 211 24.23 -14.14 34.52
N ILE B 212 23.62 -13.44 35.47
CA ILE B 212 24.38 -12.59 36.38
C ILE B 212 25.50 -13.39 37.08
N GLY B 213 25.26 -14.69 37.27
CA GLY B 213 26.28 -15.60 37.78
C GLY B 213 27.57 -15.68 36.96
N ASP B 214 27.52 -15.45 35.65
CA ASP B 214 28.75 -15.44 34.83
C ASP B 214 29.63 -14.24 35.20
N LEU B 215 28.99 -13.10 35.44
CA LEU B 215 29.68 -11.90 35.89
C LEU B 215 30.25 -12.10 37.30
N VAL B 216 29.41 -12.60 38.20
CA VAL B 216 29.81 -12.88 39.59
C VAL B 216 31.08 -13.72 39.67
N GLN B 217 31.21 -14.70 38.79
CA GLN B 217 32.41 -15.54 38.76
C GLN B 217 33.66 -14.77 38.36
N TYR B 218 33.54 -13.90 37.36
CA TYR B 218 34.63 -13.01 36.96
C TYR B 218 35.02 -12.08 38.11
N ILE B 219 34.02 -11.52 38.78
CA ILE B 219 34.29 -10.63 39.89
C ILE B 219 35.05 -11.38 40.98
N ARG B 220 34.61 -12.60 41.30
CA ARG B 220 35.29 -13.39 42.33
C ARG B 220 36.74 -13.72 41.96
N ASP B 221 37.05 -13.74 40.67
CA ASP B 221 38.40 -14.12 40.21
C ASP B 221 39.36 -12.94 40.13
N VAL B 222 38.85 -11.74 40.36
CA VAL B 222 39.66 -10.53 40.29
C VAL B 222 40.75 -10.52 41.36
N SER B 223 41.97 -10.17 40.96
CA SER B 223 43.11 -10.05 41.89
C SER B 223 42.96 -8.89 42.88
N GLU B 224 43.11 -9.16 44.17
CA GLU B 224 43.01 -8.11 45.20
C GLU B 224 44.03 -7.00 44.99
N GLN B 225 45.17 -7.36 44.43
CA GLN B 225 46.20 -6.39 44.11
C GLN B 225 45.73 -5.41 43.02
N LYS B 226 45.03 -5.92 42.01
CA LYS B 226 44.50 -5.06 40.95
C LYS B 226 43.42 -4.14 41.52
N VAL B 227 42.65 -4.68 42.46
CA VAL B 227 41.65 -3.89 43.16
C VAL B 227 42.29 -2.69 43.88
N ASN B 228 43.34 -2.94 44.65
CA ASN B 228 44.04 -1.87 45.34
C ASN B 228 44.59 -0.82 44.42
N GLU B 229 45.17 -1.24 43.29
CA GLU B 229 45.68 -0.28 42.30
C GLU B 229 44.56 0.60 41.76
N LEU B 230 43.41 0.01 41.47
CA LEU B 230 42.30 0.79 40.97
C LEU B 230 41.85 1.80 42.04
N LEU B 231 41.89 1.36 43.30
CA LEU B 231 41.50 2.23 44.42
C LEU B 231 42.43 3.44 44.51
N ASP B 232 43.73 3.21 44.35
CA ASP B 232 44.68 4.32 44.27
C ASP B 232 44.38 5.26 43.11
N GLU B 233 43.92 4.69 41.99
CA GLU B 233 43.58 5.55 40.87
C GLU B 233 42.36 6.39 41.18
N TYR B 234 41.36 5.80 41.85
CA TYR B 234 40.21 6.54 42.33
C TYR B 234 40.63 7.79 43.12
N GLU B 235 41.63 7.65 43.99
CA GLU B 235 42.00 8.73 44.90
C GLU B 235 42.79 9.80 44.16
N GLU B 236 43.43 9.39 43.07
CA GLU B 236 44.13 10.32 42.20
C GLU B 236 43.14 11.16 41.40
N LEU B 237 42.07 10.54 40.92
CA LEU B 237 41.16 11.21 39.98
C LEU B 237 39.99 11.93 40.64
N TYR B 238 39.56 11.45 41.80
CA TYR B 238 38.31 11.92 42.40
C TYR B 238 38.50 12.47 43.82
N ASP B 239 37.51 13.19 44.31
CA ASP B 239 37.46 13.55 45.72
C ASP B 239 36.71 12.49 46.50
N ILE B 240 37.40 11.80 47.41
CA ILE B 240 36.80 10.75 48.20
C ILE B 240 36.26 11.37 49.48
N VAL B 241 35.06 10.97 49.90
CA VAL B 241 34.58 11.38 51.22
C VAL B 241 35.57 10.92 52.31
N PRO B 242 35.67 11.71 53.40
CA PRO B 242 36.64 11.39 54.46
C PRO B 242 36.50 9.95 54.99
N ALA B 243 35.27 9.53 55.27
CA ALA B 243 35.04 8.17 55.77
C ALA B 243 35.58 7.08 54.86
N GLY B 244 35.77 7.39 53.57
CA GLY B 244 36.22 6.42 52.61
C GLY B 244 37.73 6.36 52.49
N ARG B 245 38.43 7.30 53.10
CA ARG B 245 39.88 7.44 52.95
C ARG B 245 40.68 6.53 53.88
N GLN B 246 40.06 6.10 54.97
CA GLN B 246 40.71 5.25 55.95
C GLN B 246 39.98 3.91 55.94
N GLU B 247 40.63 2.87 56.47
CA GLU B 247 40.04 1.53 56.53
C GLU B 247 38.73 1.56 57.30
N GLY B 248 37.76 0.77 56.85
CA GLY B 248 36.43 0.79 57.42
C GLY B 248 35.40 0.44 56.37
N PRO B 249 34.11 0.43 56.75
CA PRO B 249 33.04 0.02 55.83
C PRO B 249 32.84 0.91 54.60
N VAL B 250 33.06 2.20 54.70
CA VAL B 250 32.89 3.06 53.53
C VAL B 250 33.96 2.79 52.47
N ARG B 251 35.21 2.66 52.91
CA ARG B 251 36.30 2.28 52.01
C ARG B 251 36.01 0.92 51.37
N GLU B 252 35.43 0.02 52.16
CA GLU B 252 35.09 -1.32 51.70
C GLU B 252 34.04 -1.28 50.60
N SER B 253 33.03 -0.43 50.79
CA SER B 253 31.99 -0.26 49.78
C SER B 253 32.56 0.24 48.47
N ILE B 254 33.56 1.13 48.54
CA ILE B 254 34.23 1.62 47.34
C ILE B 254 35.06 0.52 46.70
N ARG B 255 35.78 -0.22 47.53
CA ARG B 255 36.62 -1.31 47.07
C ARG B 255 35.77 -2.31 46.29
N GLU B 256 34.53 -2.48 46.75
CA GLU B 256 33.62 -3.44 46.15
C GLU B 256 33.26 -3.04 44.71
N GLN B 257 33.05 -1.75 44.48
CA GLN B 257 32.80 -1.25 43.13
C GLN B 257 34.02 -1.45 42.24
N ALA B 258 35.21 -1.39 42.83
CA ALA B 258 36.43 -1.58 42.06
C ALA B 258 36.57 -3.02 41.57
N ARG B 259 36.20 -3.99 42.42
CA ARG B 259 36.14 -5.40 42.03
C ARG B 259 35.12 -5.58 40.90
N ILE B 260 33.96 -4.95 41.03
CA ILE B 260 32.91 -5.04 40.03
C ILE B 260 33.42 -4.50 38.70
N GLU B 261 34.10 -3.35 38.76
CA GLU B 261 34.69 -2.76 37.58
C GLU B 261 35.68 -3.71 36.91
N LEU B 262 36.51 -4.38 37.71
CA LEU B 262 37.54 -5.24 37.14
C LEU B 262 36.96 -6.53 36.55
N GLY B 263 35.94 -7.10 37.19
CA GLY B 263 35.26 -8.28 36.67
C GLY B 263 34.53 -7.98 35.36
N LEU B 264 33.83 -6.85 35.32
CA LEU B 264 33.11 -6.41 34.13
C LEU B 264 34.11 -6.27 32.99
N LYS B 265 35.16 -5.50 33.26
CA LYS B 265 36.16 -5.20 32.25
C LYS B 265 36.75 -6.50 31.69
N ALA B 266 37.11 -7.44 32.56
CA ALA B 266 37.60 -8.74 32.12
C ALA B 266 36.56 -9.48 31.28
N PHE B 267 35.30 -9.49 31.73
CA PHE B 267 34.24 -10.16 30.98
C PHE B 267 34.10 -9.55 29.59
N LEU B 268 33.98 -8.23 29.53
CA LEU B 268 33.74 -7.51 28.30
C LEU B 268 34.87 -7.67 27.30
N GLN B 269 36.10 -7.54 27.78
CA GLN B 269 37.28 -7.73 26.93
C GLN B 269 37.37 -9.15 26.38
N ASP B 270 37.03 -10.13 27.21
CA ASP B 270 37.10 -11.52 26.77
C ASP B 270 36.14 -11.82 25.61
N GLY B 271 35.00 -11.13 25.57
CA GLY B 271 34.03 -11.36 24.52
C GLY B 271 34.04 -10.31 23.43
N ASN B 272 34.97 -9.36 23.52
CA ASN B 272 35.01 -8.22 22.62
C ASN B 272 33.69 -7.46 22.60
N PHE B 273 33.10 -7.32 23.78
CA PHE B 273 31.89 -6.53 23.93
C PHE B 273 32.26 -5.07 24.04
N THR B 274 31.41 -4.21 23.48
CA THR B 274 31.60 -2.77 23.57
C THR B 274 30.41 -2.06 24.20
N ALA B 275 29.43 -2.83 24.67
CA ALA B 275 28.30 -2.29 25.41
C ALA B 275 27.69 -3.37 26.30
N PHE B 276 26.95 -2.96 27.33
CA PHE B 276 26.29 -3.94 28.21
C PHE B 276 25.11 -3.34 28.96
N THR B 277 24.31 -4.23 29.56
CA THR B 277 23.20 -3.83 30.43
C THR B 277 23.25 -4.62 31.72
N THR B 278 22.66 -4.04 32.77
CA THR B 278 22.37 -4.75 34.02
C THR B 278 20.91 -4.53 34.35
N THR B 279 20.42 -5.27 35.33
CA THR B 279 19.06 -5.09 35.81
C THR B 279 19.07 -5.24 37.32
N PHE B 280 18.46 -4.31 38.02
CA PHE B 280 18.46 -4.35 39.48
C PHE B 280 17.59 -5.50 40.00
N GLU B 281 16.78 -6.09 39.13
CA GLU B 281 15.87 -7.15 39.55
C GLU B 281 16.56 -8.50 39.58
N ASP B 282 17.81 -8.53 39.13
CA ASP B 282 18.57 -9.77 39.08
C ASP B 282 20.03 -9.52 39.50
N LEU B 283 20.27 -9.55 40.81
CA LEU B 283 21.57 -9.24 41.37
C LEU B 283 22.12 -10.35 42.27
N HIS B 284 21.62 -11.57 42.13
CA HIS B 284 22.10 -12.70 42.94
C HIS B 284 23.62 -12.87 42.89
N GLY B 285 24.25 -12.91 44.06
CA GLY B 285 25.70 -13.06 44.14
C GLY B 285 26.45 -11.74 44.08
N MET B 286 25.75 -10.66 43.78
CA MET B 286 26.36 -9.33 43.76
C MET B 286 26.16 -8.65 45.12
N LYS B 287 27.17 -7.94 45.60
CA LYS B 287 27.01 -7.17 46.84
C LYS B 287 26.33 -5.83 46.58
N GLN B 288 26.56 -5.26 45.40
CA GLN B 288 25.99 -3.96 45.05
C GLN B 288 25.49 -3.92 43.60
N LEU B 289 24.47 -3.12 43.34
CA LEU B 289 24.20 -2.72 41.97
C LEU B 289 25.45 -2.03 41.42
N PRO B 290 25.94 -2.47 40.26
CA PRO B 290 27.09 -1.79 39.65
C PRO B 290 26.80 -0.31 39.42
N GLY B 291 27.67 0.57 39.96
CA GLY B 291 27.43 2.00 39.94
C GLY B 291 28.68 2.75 39.50
N LEU B 292 29.57 3.03 40.45
CA LEU B 292 30.87 3.63 40.17
C LEU B 292 31.47 2.90 38.97
N ALA B 293 31.47 1.57 39.05
CA ALA B 293 32.00 0.71 38.00
C ALA B 293 31.45 1.02 36.60
N VAL B 294 30.13 1.12 36.48
CA VAL B 294 29.50 1.46 35.20
C VAL B 294 29.92 2.85 34.71
N GLN B 295 29.91 3.81 35.63
CA GLN B 295 30.28 5.18 35.32
C GLN B 295 31.66 5.24 34.71
N ARG B 296 32.59 4.52 35.31
CA ARG B 296 33.95 4.44 34.80
C ARG B 296 34.04 3.77 33.44
N LEU B 297 33.23 2.75 33.21
CA LEU B 297 33.30 2.02 31.95
C LEU B 297 32.73 2.85 30.79
N MET B 298 31.65 3.58 31.07
CA MET B 298 31.14 4.55 30.10
C MET B 298 32.22 5.57 29.70
N ALA B 299 32.99 6.04 30.67
CA ALA B 299 34.04 7.03 30.43
C ALA B 299 35.16 6.45 29.59
N GLU B 300 35.26 5.13 29.55
CA GLU B 300 36.22 4.50 28.67
C GLU B 300 35.62 4.21 27.29
N GLY B 301 34.34 4.54 27.09
CA GLY B 301 33.72 4.37 25.79
C GLY B 301 32.74 3.23 25.62
N TYR B 302 32.45 2.50 26.70
CA TYR B 302 31.43 1.44 26.64
C TYR B 302 30.02 2.01 26.62
N GLY B 303 29.16 1.43 25.78
CA GLY B 303 27.74 1.73 25.85
C GLY B 303 27.14 1.11 27.10
N PHE B 304 26.13 1.76 27.67
CA PHE B 304 25.41 1.17 28.78
C PHE B 304 23.93 1.53 28.72
N GLY B 305 23.09 0.58 29.09
CA GLY B 305 21.69 0.82 29.26
C GLY B 305 21.27 0.16 30.56
N GLY B 306 20.55 0.90 31.40
CA GLY B 306 20.08 0.35 32.65
C GLY B 306 18.86 -0.53 32.42
N GLU B 307 18.58 -1.43 33.36
CA GLU B 307 17.34 -2.21 33.36
C GLU B 307 17.18 -3.05 32.08
N GLY B 308 18.31 -3.58 31.59
CA GLY B 308 18.30 -4.48 30.45
C GLY B 308 18.16 -3.79 29.10
N ASP B 309 18.29 -2.47 29.10
CA ASP B 309 18.01 -1.67 27.92
C ASP B 309 19.12 -1.74 26.84
N TRP B 310 19.02 -2.74 25.98
CA TRP B 310 20.03 -2.93 24.93
C TRP B 310 20.01 -1.85 23.83
N LYS B 311 18.84 -1.31 23.51
CA LYS B 311 18.79 -0.32 22.45
C LYS B 311 19.59 0.92 22.82
N THR B 312 19.41 1.39 24.05
CA THR B 312 20.07 2.59 24.49
C THR B 312 21.54 2.31 24.75
N ALA B 313 21.86 1.08 25.13
CA ALA B 313 23.25 0.72 25.37
C ALA B 313 24.00 0.84 24.04
N ALA B 314 23.38 0.30 22.99
CA ALA B 314 23.93 0.41 21.64
C ALA B 314 24.04 1.86 21.19
N LEU B 315 22.98 2.63 21.42
CA LEU B 315 22.96 4.04 21.05
C LEU B 315 24.09 4.80 21.77
N VAL B 316 24.25 4.53 23.06
CA VAL B 316 25.29 5.19 23.84
C VAL B 316 26.68 4.91 23.26
N ARG B 317 26.95 3.65 22.92
CA ARG B 317 28.24 3.30 22.38
C ARG B 317 28.53 3.98 21.02
N LEU B 318 27.53 4.02 20.14
CA LEU B 318 27.74 4.60 18.82
C LEU B 318 27.83 6.13 18.86
N MET B 319 27.07 6.76 19.77
CA MET B 319 27.28 8.18 20.00
C MET B 319 28.65 8.49 20.62
N LYS B 320 29.09 7.67 21.56
CA LYS B 320 30.44 7.80 22.11
C LYS B 320 31.48 7.79 20.99
N VAL B 321 31.30 6.92 20.00
CA VAL B 321 32.17 6.90 18.83
C VAL B 321 32.05 8.19 18.02
N MET B 322 30.83 8.62 17.76
CA MET B 322 30.60 9.87 17.05
C MET B 322 31.26 11.05 17.74
N ALA B 323 31.24 11.02 19.07
CA ALA B 323 31.71 12.14 19.88
C ALA B 323 33.20 12.07 20.19
N ASP B 324 33.88 11.03 19.71
CA ASP B 324 35.26 10.72 20.08
C ASP B 324 35.42 10.67 21.60
N GLY B 325 34.43 10.06 22.26
CA GLY B 325 34.48 9.87 23.69
C GLY B 325 34.24 11.08 24.58
N LYS B 326 33.87 12.21 23.98
CA LYS B 326 33.66 13.45 24.75
C LYS B 326 32.19 13.77 25.10
N GLY B 327 31.99 14.17 26.36
CA GLY B 327 30.74 14.73 26.83
C GLY B 327 29.46 13.98 26.49
N THR B 328 29.44 12.67 26.76
CA THR B 328 28.37 11.80 26.30
C THR B 328 27.98 10.82 27.41
N SER B 329 26.68 10.63 27.64
CA SER B 329 26.26 9.74 28.73
C SER B 329 24.89 9.12 28.54
N PHE B 330 24.71 7.92 29.09
CA PHE B 330 23.39 7.35 29.35
C PHE B 330 22.69 8.36 30.26
N MET B 331 21.38 8.54 30.07
CA MET B 331 20.66 9.57 30.80
C MET B 331 19.17 9.20 30.86
N GLU B 332 18.51 9.70 31.89
CA GLU B 332 17.07 9.56 32.04
C GLU B 332 16.47 10.83 32.64
N ASP B 333 15.33 11.29 32.12
CA ASP B 333 14.64 12.46 32.71
C ASP B 333 14.02 12.09 34.05
N TYR B 334 14.39 12.80 35.12
CA TYR B 334 13.93 12.39 36.46
C TYR B 334 12.85 13.29 37.04
N THR B 335 13.00 14.61 36.91
CA THR B 335 12.03 15.52 37.46
C THR B 335 12.08 16.91 36.79
N TYR B 336 11.01 17.69 36.95
CA TYR B 336 10.88 18.98 36.27
C TYR B 336 10.89 20.17 37.23
N HIS B 337 11.36 21.29 36.73
CA HIS B 337 11.25 22.56 37.43
C HIS B 337 10.38 23.41 36.50
N PHE B 338 9.15 23.68 36.94
CA PHE B 338 8.17 24.39 36.11
C PHE B 338 8.06 25.88 36.41
N GLU B 339 9.09 26.45 37.05
CA GLU B 339 9.12 27.88 37.34
C GLU B 339 8.98 28.70 36.06
N PRO B 340 7.93 29.53 35.98
CA PRO B 340 7.65 30.34 34.78
C PRO B 340 8.86 31.16 34.34
N GLY B 341 9.28 30.97 33.09
CA GLY B 341 10.45 31.67 32.57
C GLY B 341 11.78 31.01 32.87
N ASN B 342 11.75 29.93 33.66
CA ASN B 342 12.98 29.22 34.02
C ASN B 342 12.74 27.71 34.07
N GLU B 343 11.92 27.21 33.14
CA GLU B 343 11.58 25.79 33.10
C GLU B 343 12.76 24.94 32.66
N LEU B 344 12.99 23.84 33.37
CA LEU B 344 14.08 22.94 33.01
C LEU B 344 13.84 21.49 33.42
N ILE B 345 14.70 20.61 32.94
CA ILE B 345 14.62 19.20 33.29
C ILE B 345 15.86 18.82 34.07
N LEU B 346 15.67 18.07 35.16
CA LEU B 346 16.79 17.45 35.86
C LEU B 346 16.93 16.02 35.36
N GLY B 347 18.12 15.70 34.86
CA GLY B 347 18.39 14.36 34.40
C GLY B 347 19.37 13.62 35.29
N ALA B 348 19.15 12.32 35.44
CA ALA B 348 20.07 11.46 36.20
C ALA B 348 19.76 10.00 35.90
N HIS B 349 20.34 9.11 36.70
CA HIS B 349 19.87 7.72 36.82
C HIS B 349 20.15 7.28 38.24
N MET B 350 19.62 6.14 38.67
CA MET B 350 19.77 5.76 40.07
C MET B 350 21.24 5.69 40.50
N LEU B 351 22.13 5.44 39.56
CA LEU B 351 23.57 5.49 39.85
C LEU B 351 24.40 5.91 38.63
N GLU B 352 23.99 5.45 37.44
CA GLU B 352 24.90 5.37 36.30
C GLU B 352 24.93 6.58 35.38
N VAL B 353 25.70 7.59 35.76
CA VAL B 353 25.88 8.78 34.92
C VAL B 353 27.36 8.95 34.59
N CYS B 354 27.69 9.19 33.32
CA CYS B 354 29.08 9.23 32.92
C CYS B 354 29.76 10.55 33.35
N PRO B 355 30.92 10.47 34.04
CA PRO B 355 31.63 11.65 34.58
C PRO B 355 32.17 12.54 33.47
N THR B 356 32.05 12.06 32.25
CA THR B 356 32.54 12.75 31.08
C THR B 356 31.70 14.00 30.76
N ILE B 357 30.49 14.09 31.31
CA ILE B 357 29.68 15.31 31.18
C ILE B 357 29.81 16.24 32.40
N ALA B 358 30.66 15.85 33.37
CA ALA B 358 30.81 16.58 34.64
C ALA B 358 31.47 17.93 34.45
N ALA B 359 30.92 18.94 35.14
CA ALA B 359 31.51 20.28 35.17
C ALA B 359 32.38 20.46 36.41
N THR B 360 32.25 19.55 37.35
CA THR B 360 32.97 19.63 38.62
C THR B 360 33.76 18.34 38.84
N ARG B 361 34.73 18.35 39.74
CA ARG B 361 35.51 17.16 40.00
C ARG B 361 34.60 16.15 40.67
N PRO B 362 34.50 14.94 40.09
CA PRO B 362 33.61 13.92 40.65
C PRO B 362 33.99 13.52 42.08
N ARG B 363 32.98 13.34 42.92
CA ARG B 363 33.21 12.87 44.28
C ARG B 363 32.82 11.41 44.38
N VAL B 364 33.64 10.62 45.08
CA VAL B 364 33.24 9.25 45.37
C VAL B 364 32.44 9.25 46.66
N GLU B 365 31.16 8.87 46.58
CA GLU B 365 30.28 8.86 47.74
C GLU B 365 29.56 7.51 47.87
N VAL B 366 29.05 7.23 49.07
CA VAL B 366 28.35 5.98 49.33
C VAL B 366 27.03 6.30 49.98
N HIS B 367 25.93 5.83 49.40
CA HIS B 367 24.61 6.13 49.91
C HIS B 367 23.74 4.88 49.86
N PRO B 368 22.72 4.79 50.74
CA PRO B 368 21.79 3.67 50.64
C PRO B 368 20.96 3.69 49.35
N LEU B 369 20.78 2.52 48.74
CA LEU B 369 19.88 2.40 47.58
C LEU B 369 18.93 1.23 47.80
N SER B 370 17.66 1.52 48.07
CA SER B 370 16.68 0.47 48.36
C SER B 370 16.38 -0.38 47.12
N ILE B 371 16.39 0.28 45.96
CA ILE B 371 16.07 -0.37 44.70
C ILE B 371 17.08 -1.47 44.41
N GLY B 372 16.62 -2.71 44.38
CA GLY B 372 17.50 -3.86 44.18
C GLY B 372 17.72 -4.66 45.45
N GLY B 373 17.54 -4.03 46.60
CA GLY B 373 17.68 -4.70 47.88
C GLY B 373 19.09 -5.12 48.23
N LYS B 374 20.08 -4.41 47.69
CA LYS B 374 21.48 -4.75 47.91
C LYS B 374 22.19 -3.69 48.76
N GLU B 375 23.50 -3.87 48.94
CA GLU B 375 24.28 -3.01 49.82
C GLU B 375 24.46 -1.61 49.26
N ASP B 376 24.80 -0.67 50.14
CA ASP B 376 24.96 0.74 49.78
C ASP B 376 26.00 0.91 48.67
N PRO B 377 25.57 1.36 47.49
CA PRO B 377 26.54 1.44 46.38
C PRO B 377 27.45 2.66 46.47
N ALA B 378 28.71 2.48 46.10
CA ALA B 378 29.57 3.62 45.81
C ALA B 378 29.29 4.16 44.41
N ARG B 379 29.29 5.49 44.25
CA ARG B 379 29.04 6.09 42.94
C ARG B 379 29.76 7.42 42.83
N LEU B 380 29.88 7.94 41.60
CA LEU B 380 30.44 9.26 41.39
C LEU B 380 29.32 10.29 41.38
N VAL B 381 29.55 11.39 42.08
CA VAL B 381 28.55 12.45 42.16
C VAL B 381 29.16 13.75 41.63
N PHE B 382 28.40 14.48 40.81
CA PHE B 382 28.87 15.72 40.22
C PHE B 382 27.71 16.47 39.57
N ASP B 383 27.97 17.72 39.18
CA ASP B 383 27.03 18.47 38.35
C ASP B 383 27.47 18.39 36.90
N GLY B 384 26.50 18.23 35.99
CA GLY B 384 26.79 18.20 34.57
C GLY B 384 27.14 19.61 34.09
N GLY B 385 27.85 19.71 32.97
CA GLY B 385 28.21 21.01 32.42
C GLY B 385 27.06 21.72 31.73
N GLU B 386 27.35 22.86 31.12
CA GLU B 386 26.34 23.61 30.37
C GLU B 386 26.73 23.68 28.89
N GLY B 387 25.80 24.12 28.05
CA GLY B 387 26.09 24.23 26.63
C GLY B 387 25.04 23.55 25.75
N ALA B 388 25.16 23.75 24.45
CA ALA B 388 24.23 23.12 23.51
C ALA B 388 24.46 21.62 23.55
N ALA B 389 23.37 20.84 23.49
CA ALA B 389 23.48 19.38 23.46
C ALA B 389 22.33 18.74 22.70
N VAL B 390 22.42 17.42 22.53
CA VAL B 390 21.33 16.62 22.01
C VAL B 390 20.96 15.51 22.99
N ASN B 391 19.69 15.14 23.00
CA ASN B 391 19.22 14.05 23.83
C ASN B 391 18.45 13.11 22.88
N ALA B 392 18.99 11.91 22.67
CA ALA B 392 18.46 11.03 21.64
C ALA B 392 17.99 9.69 22.20
N SER B 393 16.94 9.18 21.58
CA SER B 393 16.30 7.94 21.98
C SER B 393 16.07 7.10 20.73
N LEU B 394 16.33 5.80 20.81
CA LEU B 394 16.03 4.92 19.70
C LEU B 394 14.99 3.88 20.13
N ILE B 395 13.81 3.95 19.52
CA ILE B 395 12.71 3.07 19.93
C ILE B 395 12.32 2.06 18.86
N ASP B 396 11.62 1.02 19.30
CA ASP B 396 11.12 0.00 18.41
C ASP B 396 9.60 0.14 18.33
N LEU B 397 9.11 0.50 17.15
CA LEU B 397 7.68 0.70 16.94
C LEU B 397 6.95 -0.61 16.62
N GLY B 398 7.68 -1.71 16.58
CA GLY B 398 7.11 -3.00 16.23
C GLY B 398 7.52 -3.49 14.84
N HIS B 399 7.28 -2.67 13.83
CA HIS B 399 7.65 -3.04 12.47
C HIS B 399 8.93 -2.32 12.00
N ARG B 400 9.40 -1.35 12.78
CA ARG B 400 10.59 -0.59 12.38
C ARG B 400 11.09 0.21 13.55
N PHE B 401 12.30 0.74 13.42
CA PHE B 401 12.91 1.56 14.47
C PHE B 401 12.76 3.04 14.14
N ARG B 402 12.69 3.86 15.17
CA ARG B 402 12.61 5.31 15.01
C ARG B 402 13.66 5.97 15.91
N LEU B 403 14.47 6.85 15.32
CA LEU B 403 15.41 7.63 16.11
C LEU B 403 14.82 9.02 16.39
N ILE B 404 14.83 9.43 17.66
CA ILE B 404 14.24 10.69 18.07
C ILE B 404 15.28 11.54 18.78
N VAL B 405 15.51 12.74 18.25
CA VAL B 405 16.52 13.65 18.77
C VAL B 405 15.93 15.00 19.19
N ASN B 406 16.21 15.41 20.45
CA ASN B 406 15.83 16.73 20.92
C ASN B 406 17.09 17.55 21.17
N GLU B 407 17.13 18.75 20.57
CA GLU B 407 18.21 19.69 20.85
C GLU B 407 17.87 20.43 22.13
N VAL B 408 18.85 20.55 23.02
CA VAL B 408 18.65 21.14 24.33
C VAL B 408 19.82 22.06 24.67
N ASP B 409 19.66 22.88 25.71
CA ASP B 409 20.79 23.61 26.29
C ASP B 409 20.90 23.25 27.75
N ALA B 410 22.00 22.61 28.11
CA ALA B 410 22.25 22.30 29.50
C ALA B 410 22.63 23.63 30.18
N VAL B 411 22.18 23.79 31.42
CA VAL B 411 22.47 25.00 32.17
C VAL B 411 23.14 24.69 33.51
N LYS B 412 24.02 25.59 33.94
CA LYS B 412 24.67 25.47 35.23
C LYS B 412 23.60 25.61 36.31
N PRO B 413 23.66 24.77 37.34
CA PRO B 413 22.67 24.98 38.42
C PRO B 413 22.95 26.25 39.21
N GLU B 414 21.89 26.96 39.61
CA GLU B 414 22.03 28.16 40.46
C GLU B 414 21.99 27.83 41.95
N HIS B 415 21.50 26.65 42.30
CA HIS B 415 21.45 26.22 43.69
C HIS B 415 22.10 24.85 43.84
N ASP B 416 22.77 24.63 44.98
CA ASP B 416 23.31 23.32 45.30
C ASP B 416 22.19 22.34 45.55
N MET B 417 22.49 21.06 45.41
CA MET B 417 21.53 20.03 45.76
C MET B 417 22.19 19.03 46.71
N PRO B 418 22.40 19.47 47.97
CA PRO B 418 23.21 18.76 48.97
C PRO B 418 22.66 17.39 49.38
N LYS B 419 21.36 17.18 49.22
CA LYS B 419 20.75 15.91 49.63
C LYS B 419 20.66 14.90 48.48
N LEU B 420 21.05 15.32 47.28
CA LEU B 420 20.92 14.46 46.10
C LEU B 420 22.11 13.54 45.97
N PRO B 421 21.89 12.23 46.13
CA PRO B 421 23.01 11.28 46.19
C PRO B 421 23.48 10.80 44.82
N VAL B 422 23.01 11.42 43.74
CA VAL B 422 23.40 10.99 42.39
C VAL B 422 23.95 12.14 41.57
N ALA B 423 24.79 11.82 40.59
CA ALA B 423 25.22 12.81 39.62
C ALA B 423 24.00 13.21 38.78
N ARG B 424 23.99 14.44 38.31
CA ARG B 424 22.82 14.96 37.61
C ARG B 424 23.17 16.12 36.67
N ILE B 425 22.26 16.42 35.75
CA ILE B 425 22.44 17.52 34.84
C ILE B 425 21.10 18.21 34.62
N LEU B 426 21.15 19.53 34.44
CA LEU B 426 19.97 20.33 34.14
C LEU B 426 20.00 20.80 32.70
N TRP B 427 18.85 20.74 32.01
CA TRP B 427 18.76 21.30 30.67
C TRP B 427 17.40 21.92 30.37
N LYS B 428 17.39 22.86 29.44
CA LYS B 428 16.18 23.45 28.91
C LYS B 428 16.02 22.95 27.50
N PRO B 429 15.03 22.10 27.27
CA PRO B 429 14.92 21.52 25.93
C PRO B 429 14.33 22.53 24.95
N ARG B 430 14.76 22.49 23.69
CA ARG B 430 14.13 23.33 22.66
C ARG B 430 12.90 22.63 22.09
N PRO B 431 11.89 23.41 21.69
CA PRO B 431 11.81 24.88 21.76
C PRO B 431 11.29 25.41 23.11
N SER B 432 10.62 24.56 23.88
CA SER B 432 10.23 24.86 25.26
C SER B 432 10.02 23.53 25.95
N LEU B 433 9.96 23.52 27.27
CA LEU B 433 9.67 22.29 28.00
C LEU B 433 8.30 21.73 27.61
N ARG B 434 7.31 22.62 27.56
CA ARG B 434 5.95 22.23 27.20
C ARG B 434 5.91 21.62 25.79
N ASP B 435 6.60 22.25 24.84
CA ASP B 435 6.51 21.80 23.45
C ASP B 435 7.37 20.57 23.19
N SER B 436 8.60 20.51 23.71
CA SER B 436 9.44 19.34 23.45
C SER B 436 8.87 18.08 24.08
N ALA B 437 8.36 18.20 25.31
CA ALA B 437 7.77 17.05 26.00
C ALA B 437 6.53 16.51 25.29
N GLU B 438 5.71 17.41 24.75
CA GLU B 438 4.55 16.96 24.00
C GLU B 438 4.99 16.28 22.71
N ALA B 439 5.86 16.94 21.94
CA ALA B 439 6.43 16.32 20.75
C ALA B 439 7.04 14.94 21.04
N TRP B 440 7.83 14.85 22.11
CA TRP B 440 8.51 13.62 22.48
C TRP B 440 7.50 12.51 22.81
N ILE B 441 6.45 12.84 23.57
CA ILE B 441 5.43 11.86 23.89
C ILE B 441 4.68 11.43 22.63
N LEU B 442 4.41 12.39 21.75
CA LEU B 442 3.75 12.09 20.48
C LEU B 442 4.56 11.10 19.63
N ALA B 443 5.88 11.18 19.75
CA ALA B 443 6.76 10.27 19.02
C ALA B 443 7.02 8.97 19.77
N GLY B 444 6.47 8.84 20.99
CA GLY B 444 6.74 7.68 21.82
C GLY B 444 8.19 7.55 22.26
N GLY B 445 8.85 8.69 22.48
CA GLY B 445 10.28 8.69 22.82
C GLY B 445 10.51 8.07 24.19
N ALA B 446 11.61 7.32 24.32
CA ALA B 446 11.89 6.61 25.57
C ALA B 446 12.22 7.55 26.73
N HIS B 447 12.22 6.99 27.93
CA HIS B 447 12.67 7.73 29.11
C HIS B 447 14.20 7.67 29.19
N HIS B 448 14.76 6.58 28.67
CA HIS B 448 16.20 6.42 28.57
C HIS B 448 16.70 7.11 27.31
N THR B 449 17.84 7.78 27.42
CA THR B 449 18.43 8.43 26.26
C THR B 449 19.95 8.38 26.32
N CYS B 450 20.56 8.82 25.22
CA CYS B 450 21.96 9.19 25.24
C CYS B 450 22.04 10.71 25.11
N PHE B 451 22.64 11.34 26.13
CA PHE B 451 22.85 12.78 26.16
C PHE B 451 24.27 13.04 25.67
N SER B 452 24.44 14.01 24.78
CA SER B 452 25.78 14.32 24.31
C SER B 452 25.99 15.79 24.00
N PHE B 453 27.13 16.32 24.48
CA PHE B 453 27.54 17.70 24.15
C PHE B 453 28.22 17.70 22.78
N ALA B 454 28.70 16.54 22.35
CA ALA B 454 29.60 16.52 21.19
C ALA B 454 28.96 16.04 19.87
N VAL B 455 27.91 15.25 19.94
CA VAL B 455 27.25 14.77 18.72
C VAL B 455 26.27 15.82 18.18
N THR B 456 26.25 16.04 16.87
CA THR B 456 25.31 16.99 16.27
C THR B 456 24.07 16.31 15.69
N THR B 457 22.98 17.07 15.57
CA THR B 457 21.77 16.56 14.93
C THR B 457 22.06 16.02 13.52
N GLU B 458 22.95 16.67 12.80
CA GLU B 458 23.35 16.28 11.45
C GLU B 458 23.95 14.87 11.44
N GLN B 459 24.81 14.58 12.41
CA GLN B 459 25.42 13.25 12.46
C GLN B 459 24.38 12.16 12.73
N LEU B 460 23.43 12.45 13.61
CA LEU B 460 22.41 11.46 13.92
C LEU B 460 21.51 11.23 12.73
N GLN B 461 21.20 12.29 11.99
CA GLN B 461 20.40 12.15 10.80
C GLN B 461 21.14 11.36 9.73
N ASP B 462 22.43 11.63 9.56
CA ASP B 462 23.25 10.89 8.60
C ASP B 462 23.44 9.42 8.99
N PHE B 463 23.46 9.13 10.30
CA PHE B 463 23.53 7.75 10.78
C PHE B 463 22.25 7.03 10.40
N ALA B 464 21.11 7.66 10.64
CA ALA B 464 19.80 7.10 10.29
C ALA B 464 19.69 6.86 8.77
N GLU B 465 20.24 7.76 7.97
CA GLU B 465 20.27 7.57 6.52
C GLU B 465 21.03 6.30 6.15
N MET B 466 22.19 6.11 6.77
CA MET B 466 23.02 4.92 6.52
C MET B 466 22.32 3.64 6.93
N ALA B 467 21.59 3.70 8.04
CA ALA B 467 20.98 2.50 8.61
C ALA B 467 19.59 2.25 8.06
N GLY B 468 19.07 3.20 7.29
CA GLY B 468 17.75 3.05 6.71
C GLY B 468 16.62 3.13 7.73
N ILE B 469 16.71 4.10 8.65
CA ILE B 469 15.61 4.37 9.57
C ILE B 469 15.15 5.84 9.65
N GLU B 470 13.92 6.02 10.10
CA GLU B 470 13.41 7.34 10.37
C GLU B 470 14.14 8.03 11.52
N CYS B 471 14.51 9.29 11.29
CA CYS B 471 15.02 10.13 12.34
C CYS B 471 14.16 11.37 12.41
N VAL B 472 13.63 11.68 13.59
CA VAL B 472 12.87 12.92 13.72
C VAL B 472 13.55 13.82 14.75
N VAL B 473 13.53 15.14 14.49
CA VAL B 473 14.22 16.09 15.35
C VAL B 473 13.27 17.09 15.99
N ILE B 474 13.48 17.34 17.27
CA ILE B 474 12.72 18.34 18.01
C ILE B 474 13.69 19.44 18.40
N ASN B 475 13.51 20.64 17.83
CA ASN B 475 14.42 21.74 18.14
C ASN B 475 13.72 23.09 18.21
N GLU B 476 14.49 24.15 18.01
CA GLU B 476 13.98 25.51 18.20
C GLU B 476 12.90 25.87 17.17
N HIS B 477 12.96 25.27 15.98
CA HIS B 477 11.99 25.49 14.91
C HIS B 477 10.83 24.51 14.89
N THR B 478 10.73 23.64 15.89
CA THR B 478 9.66 22.68 15.93
C THR B 478 8.32 23.31 16.31
N SER B 479 7.33 23.08 15.48
CA SER B 479 5.94 23.37 15.79
C SER B 479 5.27 22.02 16.04
N VAL B 480 4.52 21.91 17.13
CA VAL B 480 3.97 20.62 17.53
C VAL B 480 2.99 20.03 16.50
N SER B 481 2.13 20.87 15.94
CA SER B 481 1.15 20.36 14.99
C SER B 481 1.80 19.86 13.72
N SER B 482 2.73 20.63 13.16
CA SER B 482 3.44 20.15 11.97
C SER B 482 4.26 18.88 12.30
N PHE B 483 4.81 18.82 13.51
CA PHE B 483 5.49 17.61 13.98
C PHE B 483 4.55 16.40 13.98
N LYS B 484 3.31 16.60 14.43
CA LYS B 484 2.29 15.54 14.39
C LYS B 484 2.11 15.01 12.97
N ASN B 485 1.95 15.92 12.02
CA ASN B 485 1.77 15.56 10.62
C ASN B 485 2.91 14.76 10.07
N GLU B 486 4.13 15.20 10.38
CA GLU B 486 5.33 14.58 9.84
C GLU B 486 5.45 13.15 10.32
N LEU B 487 5.05 12.90 11.57
CA LEU B 487 5.02 11.53 12.08
C LEU B 487 4.13 10.68 11.19
N LYS B 488 2.96 11.20 10.85
CA LYS B 488 2.00 10.47 10.00
C LYS B 488 2.53 10.24 8.58
N TRP B 489 3.07 11.30 7.98
CA TRP B 489 3.59 11.21 6.62
C TRP B 489 4.81 10.30 6.57
N ASN B 490 5.73 10.45 7.51
CA ASN B 490 6.89 9.56 7.59
C ASN B 490 6.46 8.12 7.73
N GLU B 491 5.45 7.89 8.57
CA GLU B 491 4.92 6.55 8.84
C GLU B 491 4.52 5.81 7.59
N VAL B 492 3.96 6.53 6.62
CA VAL B 492 3.55 5.90 5.37
C VAL B 492 4.77 5.59 4.52
N PHE B 493 5.76 6.47 4.56
CA PHE B 493 6.97 6.25 3.76
C PHE B 493 7.81 5.09 4.29
N TRP B 494 7.96 5.03 5.60
CA TRP B 494 8.85 4.05 6.22
C TRP B 494 8.28 2.63 6.31
N ARG B 495 6.98 2.49 6.07
CA ARG B 495 6.35 1.17 6.14
C ARG B 495 6.78 0.28 4.99
N GLY B 496 7.15 -0.95 5.33
CA GLY B 496 7.62 -1.92 4.34
C GLY B 496 8.91 -1.48 3.68
N ARG B 497 9.51 -0.41 4.18
CA ARG B 497 10.75 0.14 3.61
C ARG B 497 11.95 -0.04 4.53
N LEU C 3 7.19 28.08 -36.59
CA LEU C 3 6.58 26.76 -36.44
C LEU C 3 5.22 26.92 -35.77
N SER C 4 4.29 27.55 -36.50
CA SER C 4 3.05 28.05 -35.91
C SER C 4 2.06 26.97 -35.50
N LEU C 5 1.06 27.39 -34.74
CA LEU C 5 0.10 26.48 -34.15
C LEU C 5 -1.18 26.43 -34.94
N ARG C 6 -1.90 25.32 -34.82
CA ARG C 6 -3.25 25.22 -35.32
C ARG C 6 -4.12 26.14 -34.47
N PRO C 7 -5.33 26.47 -34.96
CA PRO C 7 -6.22 27.32 -34.15
C PRO C 7 -6.61 26.61 -32.85
N TYR C 8 -6.53 27.34 -31.75
CA TYR C 8 -6.97 26.80 -30.46
C TYR C 8 -7.96 27.75 -29.81
N GLU C 9 -8.86 27.18 -29.02
CA GLU C 9 -9.88 27.95 -28.35
C GLU C 9 -10.27 27.30 -27.03
N PHE C 10 -10.85 28.09 -26.14
CA PHE C 10 -11.23 27.59 -24.84
C PHE C 10 -12.74 27.73 -24.64
N TRP C 11 -13.38 26.62 -24.28
CA TRP C 11 -14.82 26.57 -24.15
C TRP C 11 -15.25 27.02 -22.76
N PHE C 12 -16.14 28.01 -22.70
CA PHE C 12 -16.66 28.47 -21.43
C PHE C 12 -18.03 27.84 -21.14
N VAL C 13 -18.08 26.93 -20.18
CA VAL C 13 -19.29 26.17 -19.87
C VAL C 13 -19.88 26.63 -18.54
N THR C 14 -21.13 27.06 -18.58
CA THR C 14 -21.78 27.57 -17.37
C THR C 14 -22.85 26.62 -16.85
N GLY C 15 -22.73 26.20 -15.61
CA GLY C 15 -23.70 25.30 -15.02
C GLY C 15 -24.83 26.02 -14.31
N SER C 16 -26.03 25.47 -14.42
CA SER C 16 -27.17 25.96 -13.63
C SER C 16 -28.18 24.83 -13.40
N GLN C 17 -29.42 25.19 -13.12
CA GLN C 17 -30.49 24.22 -12.90
C GLN C 17 -31.82 24.81 -13.32
N HIS C 18 -32.84 23.95 -13.44
CA HIS C 18 -34.17 24.38 -13.87
C HIS C 18 -35.04 24.95 -12.75
N LEU C 19 -34.63 24.73 -11.50
CA LEU C 19 -35.42 25.08 -10.32
C LEU C 19 -36.04 26.49 -10.32
N TYR C 20 -35.25 27.48 -10.76
CA TYR C 20 -35.67 28.88 -10.67
C TYR C 20 -36.44 29.37 -11.89
N GLY C 21 -36.66 28.50 -12.87
CA GLY C 21 -37.45 28.86 -14.04
C GLY C 21 -36.67 29.32 -15.26
N GLU C 22 -37.38 29.53 -16.37
CA GLU C 22 -36.73 29.87 -17.64
C GLU C 22 -36.19 31.29 -17.71
N GLU C 23 -36.82 32.20 -16.98
CA GLU C 23 -36.39 33.59 -16.99
C GLU C 23 -35.01 33.74 -16.33
N ALA C 24 -34.83 33.05 -15.21
CA ALA C 24 -33.54 33.00 -14.53
C ALA C 24 -32.46 32.43 -15.45
N LEU C 25 -32.81 31.37 -16.19
CA LEU C 25 -31.87 30.72 -17.08
C LEU C 25 -31.46 31.63 -18.23
N LYS C 26 -32.38 32.51 -18.64
CA LYS C 26 -32.10 33.49 -19.66
C LYS C 26 -31.04 34.47 -19.18
N GLN C 27 -31.09 34.83 -17.90
CA GLN C 27 -30.17 35.84 -17.37
C GLN C 27 -28.77 35.27 -17.15
N VAL C 28 -28.72 34.00 -16.76
CA VAL C 28 -27.48 33.26 -16.69
C VAL C 28 -26.77 33.28 -18.05
N GLU C 29 -27.50 32.92 -19.10
CA GLU C 29 -26.91 32.95 -20.45
C GLU C 29 -26.43 34.35 -20.83
N GLU C 30 -27.28 35.34 -20.62
CA GLU C 30 -26.91 36.74 -20.82
C GLU C 30 -25.57 37.10 -20.16
N HIS C 31 -25.41 36.72 -18.89
CA HIS C 31 -24.19 37.01 -18.15
C HIS C 31 -22.97 36.33 -18.77
N SER C 32 -23.09 35.03 -19.04
CA SER C 32 -22.00 34.27 -19.65
C SER C 32 -21.64 34.78 -21.05
N ARG C 33 -22.63 35.15 -21.84
CA ARG C 33 -22.35 35.67 -23.18
C ARG C 33 -21.62 36.99 -23.11
N ILE C 34 -21.96 37.81 -22.12
CA ILE C 34 -21.25 39.08 -21.90
C ILE C 34 -19.80 38.86 -21.46
N MET C 35 -19.61 37.93 -20.52
CA MET C 35 -18.29 37.62 -20.00
C MET C 35 -17.37 37.20 -21.11
N VAL C 36 -17.82 36.24 -21.91
CA VAL C 36 -17.05 35.76 -23.06
C VAL C 36 -16.71 36.89 -24.04
N ASN C 37 -17.70 37.69 -24.40
CA ASN C 37 -17.46 38.77 -25.35
C ASN C 37 -16.46 39.81 -24.85
N GLU C 38 -16.59 40.22 -23.59
CA GLU C 38 -15.66 41.17 -22.98
C GLU C 38 -14.25 40.59 -22.83
N TRP C 39 -14.16 39.34 -22.43
CA TRP C 39 -12.88 38.64 -22.32
C TRP C 39 -12.16 38.62 -23.67
N ASN C 40 -12.93 38.38 -24.74
CA ASN C 40 -12.36 38.36 -26.07
C ASN C 40 -11.91 39.74 -26.60
N ARG C 41 -12.29 40.81 -25.89
CA ARG C 41 -11.82 42.17 -26.20
C ARG C 41 -10.49 42.50 -25.51
N ASP C 42 -10.14 41.74 -24.48
CA ASP C 42 -8.92 41.97 -23.72
C ASP C 42 -7.74 41.25 -24.36
N SER C 43 -6.71 42.01 -24.73
CA SER C 43 -5.54 41.45 -25.43
C SER C 43 -4.63 40.57 -24.55
N VAL C 44 -4.91 40.50 -23.25
CA VAL C 44 -4.14 39.63 -22.35
C VAL C 44 -4.29 38.15 -22.71
N PHE C 45 -5.42 37.78 -23.31
CA PHE C 45 -5.67 36.40 -23.70
C PHE C 45 -5.05 36.06 -25.05
N PRO C 46 -4.18 35.04 -25.08
CA PRO C 46 -3.52 34.61 -26.30
C PRO C 46 -4.40 33.71 -27.19
N PHE C 47 -5.59 33.36 -26.69
CA PHE C 47 -6.53 32.52 -27.44
C PHE C 47 -7.95 32.90 -27.08
N PRO C 48 -8.91 32.69 -28.02
CA PRO C 48 -10.31 33.04 -27.79
C PRO C 48 -11.07 32.08 -26.87
N PHE C 49 -11.95 32.67 -26.07
CA PHE C 49 -13.00 31.92 -25.42
C PHE C 49 -14.15 31.69 -26.41
N VAL C 50 -14.88 30.60 -26.24
CA VAL C 50 -16.06 30.32 -27.05
C VAL C 50 -17.19 30.02 -26.09
N PHE C 51 -18.30 30.76 -26.21
CA PHE C 51 -19.47 30.53 -25.36
C PHE C 51 -20.16 29.22 -25.69
N LYS C 52 -20.40 28.41 -24.67
CA LYS C 52 -21.18 27.19 -24.84
C LYS C 52 -22.48 27.31 -24.08
N SER C 53 -23.56 26.83 -24.68
CA SER C 53 -24.89 26.93 -24.08
C SER C 53 -24.95 26.39 -22.66
N VAL C 54 -25.46 27.21 -21.74
CA VAL C 54 -25.68 26.85 -20.33
C VAL C 54 -26.20 25.43 -20.18
N VAL C 55 -25.57 24.66 -19.30
CA VAL C 55 -25.95 23.26 -19.11
C VAL C 55 -26.70 23.06 -17.77
N THR C 56 -27.78 22.30 -17.82
CA THR C 56 -28.70 22.19 -16.67
C THR C 56 -29.18 20.77 -16.39
N THR C 57 -28.69 19.80 -17.17
CA THR C 57 -29.12 18.40 -17.05
C THR C 57 -27.92 17.47 -17.28
N PRO C 58 -28.01 16.22 -16.83
CA PRO C 58 -26.89 15.29 -17.03
C PRO C 58 -26.49 15.12 -18.50
N GLU C 59 -27.47 15.03 -19.38
CA GLU C 59 -27.18 14.81 -20.79
C GLU C 59 -26.60 16.04 -21.50
N GLU C 60 -27.01 17.24 -21.09
CA GLU C 60 -26.40 18.45 -21.64
C GLU C 60 -24.94 18.59 -21.20
N ILE C 61 -24.69 18.25 -19.95
CA ILE C 61 -23.35 18.28 -19.43
C ILE C 61 -22.50 17.25 -20.16
N ARG C 62 -23.03 16.05 -20.29
CA ARG C 62 -22.28 14.98 -20.92
C ARG C 62 -22.00 15.30 -22.40
N ARG C 63 -23.01 15.86 -23.08
CA ARG C 63 -22.89 16.20 -24.49
C ARG C 63 -21.74 17.16 -24.75
N VAL C 64 -21.70 18.26 -23.99
CA VAL C 64 -20.66 19.26 -24.18
C VAL C 64 -19.25 18.72 -23.87
N CYS C 65 -19.14 17.82 -22.89
CA CYS C 65 -17.84 17.21 -22.60
C CYS C 65 -17.40 16.27 -23.73
N LEU C 66 -18.34 15.51 -24.27
CA LEU C 66 -18.05 14.65 -25.42
C LEU C 66 -17.55 15.45 -26.62
N GLU C 67 -18.25 16.54 -26.91
CA GLU C 67 -17.88 17.42 -28.02
C GLU C 67 -16.51 18.06 -27.80
N ALA C 68 -16.23 18.47 -26.56
CA ALA C 68 -14.95 19.08 -26.26
C ALA C 68 -13.84 18.07 -26.59
N ASN C 69 -14.04 16.81 -26.20
CA ASN C 69 -13.10 15.73 -26.50
C ASN C 69 -12.80 15.57 -27.96
N ALA C 70 -13.84 15.68 -28.77
CA ALA C 70 -13.72 15.40 -30.20
C ALA C 70 -13.18 16.60 -30.98
N SER C 71 -13.32 17.80 -30.42
CA SER C 71 -12.93 19.03 -31.09
C SER C 71 -11.42 19.27 -31.04
N GLU C 72 -10.77 19.20 -32.19
CA GLU C 72 -9.31 19.32 -32.23
C GLU C 72 -8.85 20.72 -31.84
N GLN C 73 -9.72 21.72 -31.99
CA GLN C 73 -9.34 23.09 -31.67
C GLN C 73 -9.54 23.46 -30.20
N CYS C 74 -10.36 22.68 -29.49
CA CYS C 74 -10.58 22.88 -28.05
C CYS C 74 -9.39 22.40 -27.22
N ALA C 75 -8.70 23.35 -26.61
CA ALA C 75 -7.48 23.06 -25.87
C ALA C 75 -7.74 22.99 -24.36
N GLY C 76 -8.93 23.41 -23.96
CA GLY C 76 -9.29 23.44 -22.56
C GLY C 76 -10.73 23.81 -22.34
N VAL C 77 -11.27 23.41 -21.20
CA VAL C 77 -12.66 23.72 -20.84
C VAL C 77 -12.64 24.52 -19.54
N VAL C 78 -13.26 25.69 -19.54
CA VAL C 78 -13.42 26.48 -18.31
C VAL C 78 -14.86 26.38 -17.80
N THR C 79 -15.05 25.75 -16.63
CA THR C 79 -16.40 25.57 -16.07
C THR C 79 -16.65 26.53 -14.92
N TRP C 80 -17.89 27.00 -14.81
CA TRP C 80 -18.31 27.93 -13.76
C TRP C 80 -19.78 27.66 -13.42
N MET C 81 -20.09 27.48 -12.14
CA MET C 81 -21.48 27.32 -11.74
C MET C 81 -22.06 28.70 -11.42
N HIS C 82 -22.94 29.19 -12.28
CA HIS C 82 -23.59 30.49 -12.08
C HIS C 82 -24.54 30.40 -10.89
N THR C 83 -25.35 29.35 -10.87
CA THR C 83 -26.22 29.05 -9.74
C THR C 83 -25.89 27.65 -9.25
N PHE C 84 -26.62 27.19 -8.23
CA PHE C 84 -26.54 25.80 -7.80
C PHE C 84 -26.80 24.93 -9.01
N SER C 85 -26.04 23.85 -9.12
CA SER C 85 -26.09 22.97 -10.28
C SER C 85 -25.72 21.57 -9.81
N PRO C 86 -26.68 20.85 -9.23
CA PRO C 86 -26.51 19.60 -8.48
C PRO C 86 -25.49 18.66 -9.12
N ALA C 87 -24.43 18.37 -8.36
CA ALA C 87 -23.20 17.87 -8.95
C ALA C 87 -23.24 16.42 -9.42
N LYS C 88 -24.26 15.66 -9.03
CA LYS C 88 -24.37 14.32 -9.59
C LYS C 88 -24.63 14.39 -11.09
N MET C 89 -25.21 15.49 -11.55
CA MET C 89 -25.45 15.68 -12.99
C MET C 89 -24.15 15.75 -13.78
N TRP C 90 -23.08 16.16 -13.09
CA TRP C 90 -21.81 16.41 -13.72
C TRP C 90 -20.91 15.16 -13.80
N ILE C 91 -21.31 14.12 -13.08
CA ILE C 91 -20.51 12.90 -13.02
C ILE C 91 -20.22 12.31 -14.40
N GLY C 92 -21.27 12.17 -15.22
CA GLY C 92 -21.12 11.57 -16.53
C GLY C 92 -20.18 12.35 -17.43
N GLY C 93 -20.30 13.68 -17.40
CA GLY C 93 -19.45 14.55 -18.19
C GLY C 93 -17.99 14.51 -17.75
N LEU C 94 -17.76 14.60 -16.44
CA LEU C 94 -16.39 14.62 -15.92
C LEU C 94 -15.66 13.32 -16.21
N LEU C 95 -16.42 12.22 -16.27
CA LEU C 95 -15.88 10.93 -16.64
C LEU C 95 -15.46 10.89 -18.10
N GLU C 96 -16.18 11.61 -18.96
CA GLU C 96 -15.88 11.66 -20.40
C GLU C 96 -14.74 12.61 -20.74
N LEU C 97 -14.63 13.71 -20.01
CA LEU C 97 -13.71 14.80 -20.35
C LEU C 97 -12.23 14.40 -20.26
N ARG C 98 -11.50 14.56 -21.36
CA ARG C 98 -10.06 14.34 -21.36
C ARG C 98 -9.30 15.63 -21.66
N LYS C 99 -10.03 16.69 -22.01
CA LYS C 99 -9.41 18.01 -22.16
C LYS C 99 -9.13 18.62 -20.79
N PRO C 100 -8.06 19.43 -20.67
CA PRO C 100 -7.71 20.10 -19.42
C PRO C 100 -8.84 20.99 -18.88
N LEU C 101 -9.02 20.95 -17.56
CA LEU C 101 -10.16 21.58 -16.92
C LEU C 101 -9.70 22.67 -15.97
N LEU C 102 -10.32 23.84 -16.08
CA LEU C 102 -10.11 24.92 -15.13
C LEU C 102 -11.45 25.27 -14.52
N HIS C 103 -11.53 25.25 -13.20
CA HIS C 103 -12.76 25.59 -12.52
C HIS C 103 -12.66 27.03 -12.14
N LEU C 104 -13.50 27.87 -12.75
CA LEU C 104 -13.50 29.30 -12.45
C LEU C 104 -14.57 29.57 -11.43
N HIS C 105 -14.14 30.08 -10.28
CA HIS C 105 -15.07 30.40 -9.21
C HIS C 105 -15.21 31.92 -9.19
N THR C 106 -16.23 32.41 -9.87
CA THR C 106 -16.40 33.85 -10.06
C THR C 106 -17.87 34.25 -9.84
N GLN C 107 -18.19 35.47 -10.24
CA GLN C 107 -19.51 36.04 -10.03
C GLN C 107 -19.68 37.17 -11.04
N PHE C 108 -20.88 37.33 -11.60
CA PHE C 108 -21.06 38.36 -12.63
C PHE C 108 -20.89 39.78 -12.08
N ASN C 109 -21.63 40.10 -11.02
CA ASN C 109 -21.48 41.39 -10.35
C ASN C 109 -20.29 41.39 -9.40
N ARG C 110 -19.69 42.55 -9.19
CA ARG C 110 -18.58 42.62 -8.25
C ARG C 110 -19.09 42.77 -6.82
N ASP C 111 -20.04 43.67 -6.61
CA ASP C 111 -20.52 44.00 -5.26
C ASP C 111 -21.93 43.52 -4.98
N ILE C 112 -22.24 43.34 -3.71
CA ILE C 112 -23.61 43.08 -3.30
C ILE C 112 -24.41 44.38 -3.37
N PRO C 113 -25.52 44.37 -4.14
CA PRO C 113 -26.44 45.50 -4.24
C PRO C 113 -27.30 45.60 -2.97
N TRP C 114 -26.73 46.20 -1.93
CA TRP C 114 -27.34 46.19 -0.59
C TRP C 114 -28.82 46.57 -0.57
N ASP C 115 -29.16 47.72 -1.14
CA ASP C 115 -30.53 48.23 -1.03
C ASP C 115 -31.55 47.51 -1.92
N SER C 116 -31.06 46.70 -2.87
CA SER C 116 -31.96 46.00 -3.79
C SER C 116 -31.98 44.47 -3.65
N ILE C 117 -30.97 43.90 -2.99
CA ILE C 117 -30.85 42.44 -2.92
C ILE C 117 -32.07 41.76 -2.26
N ASP C 118 -32.65 40.83 -3.01
CA ASP C 118 -33.83 40.10 -2.59
C ASP C 118 -33.61 38.61 -2.86
N MET C 119 -34.67 37.81 -2.74
CA MET C 119 -34.54 36.37 -2.96
C MET C 119 -34.23 35.99 -4.42
N ASP C 120 -34.76 36.74 -5.38
CA ASP C 120 -34.46 36.52 -6.79
C ASP C 120 -32.96 36.64 -7.05
N PHE C 121 -32.35 37.66 -6.45
CA PHE C 121 -30.92 37.87 -6.60
C PHE C 121 -30.16 36.72 -5.97
N MET C 122 -30.64 36.28 -4.80
CA MET C 122 -30.01 35.20 -4.06
C MET C 122 -30.08 33.90 -4.85
N ASN C 123 -31.20 33.67 -5.53
CA ASN C 123 -31.34 32.48 -6.37
C ASN C 123 -30.43 32.50 -7.59
N LEU C 124 -30.11 33.69 -8.07
CA LEU C 124 -29.40 33.85 -9.34
C LEU C 124 -27.87 33.89 -9.20
N ASN C 125 -27.38 34.74 -8.32
CA ASN C 125 -25.95 34.93 -8.22
C ASN C 125 -25.34 34.15 -7.04
N GLN C 126 -25.53 32.82 -7.08
CA GLN C 126 -25.17 31.97 -5.96
C GLN C 126 -24.02 31.02 -6.27
N SER C 127 -23.07 31.47 -7.08
CA SER C 127 -21.82 30.73 -7.29
C SER C 127 -21.15 30.40 -5.97
N ALA C 128 -21.30 31.31 -4.99
CA ALA C 128 -20.82 31.10 -3.63
C ALA C 128 -21.06 29.67 -3.16
N HIS C 129 -22.22 29.10 -3.47
CA HIS C 129 -22.42 27.69 -3.14
C HIS C 129 -22.42 26.71 -4.33
N GLY C 130 -22.79 27.19 -5.51
CA GLY C 130 -22.81 26.35 -6.69
C GLY C 130 -21.43 25.80 -7.01
N ASP C 131 -20.43 26.66 -6.93
CA ASP C 131 -19.05 26.24 -7.17
C ASP C 131 -18.51 25.34 -6.06
N ARG C 132 -19.10 25.39 -4.87
CA ARG C 132 -18.60 24.55 -3.78
C ARG C 132 -19.13 23.12 -3.93
N GLU C 133 -20.40 22.98 -4.29
CA GLU C 133 -20.97 21.67 -4.59
C GLU C 133 -20.26 21.02 -5.79
N TYR C 134 -19.90 21.84 -6.77
CA TYR C 134 -19.14 21.39 -7.91
C TYR C 134 -17.71 21.05 -7.50
N GLY C 135 -17.15 21.85 -6.60
CA GLY C 135 -15.86 21.56 -6.01
C GLY C 135 -15.81 20.20 -5.35
N PHE C 136 -16.86 19.82 -4.62
CA PHE C 136 -16.87 18.50 -3.98
C PHE C 136 -16.79 17.34 -4.96
N ILE C 137 -17.61 17.35 -6.02
CA ILE C 137 -17.59 16.23 -6.96
C ILE C 137 -16.21 16.10 -7.62
N GLY C 138 -15.54 17.23 -7.87
CA GLY C 138 -14.21 17.25 -8.42
C GLY C 138 -13.22 16.59 -7.46
N ALA C 139 -13.32 16.92 -6.18
CA ALA C 139 -12.49 16.29 -5.14
C ALA C 139 -12.82 14.83 -5.01
N ARG C 140 -14.11 14.53 -5.07
CA ARG C 140 -14.64 13.19 -4.86
C ARG C 140 -14.22 12.19 -5.95
N MET C 141 -14.11 12.69 -7.18
CA MET C 141 -13.71 11.89 -8.34
C MET C 141 -12.19 11.97 -8.62
N GLY C 142 -11.48 12.77 -7.83
CA GLY C 142 -10.04 12.86 -7.98
C GLY C 142 -9.63 13.41 -9.33
N VAL C 143 -10.35 14.43 -9.78
CA VAL C 143 -10.15 14.97 -11.12
C VAL C 143 -8.98 15.97 -11.18
N ALA C 144 -8.24 15.96 -12.28
CA ALA C 144 -7.19 16.93 -12.51
C ALA C 144 -7.81 18.30 -12.83
N ARG C 145 -7.47 19.32 -12.06
CA ARG C 145 -8.07 20.65 -12.26
C ARG C 145 -7.20 21.82 -11.74
N LYS C 146 -7.31 22.94 -12.45
CA LYS C 146 -6.87 24.25 -11.97
C LYS C 146 -8.12 24.92 -11.39
N VAL C 147 -7.97 25.61 -10.26
CA VAL C 147 -9.04 26.37 -9.65
C VAL C 147 -8.63 27.84 -9.56
N VAL C 148 -9.45 28.73 -10.11
CA VAL C 148 -9.17 30.17 -10.08
C VAL C 148 -10.36 30.88 -9.45
N VAL C 149 -10.07 31.73 -8.47
CA VAL C 149 -11.10 32.43 -7.70
C VAL C 149 -10.98 33.94 -7.88
N GLY C 150 -12.10 34.60 -8.16
CA GLY C 150 -12.13 36.05 -8.20
C GLY C 150 -13.15 36.59 -9.18
N HIS C 151 -13.37 37.91 -9.14
CA HIS C 151 -14.30 38.52 -10.07
C HIS C 151 -13.71 38.51 -11.48
N TRP C 152 -14.58 38.39 -12.49
CA TRP C 152 -14.12 38.13 -13.85
C TRP C 152 -13.54 39.36 -14.57
N GLU C 153 -13.60 40.52 -13.92
CA GLU C 153 -12.98 41.73 -14.46
C GLU C 153 -11.70 42.09 -13.71
N ASP C 154 -11.43 41.37 -12.63
CA ASP C 154 -10.19 41.52 -11.91
C ASP C 154 -9.05 41.13 -12.84
N PRO C 155 -8.09 42.04 -13.09
CA PRO C 155 -7.01 41.71 -14.02
C PRO C 155 -6.13 40.57 -13.54
N GLU C 156 -6.07 40.34 -12.22
CA GLU C 156 -5.28 39.25 -11.67
C GLU C 156 -5.90 37.92 -12.07
N VAL C 157 -7.23 37.85 -12.04
CA VAL C 157 -7.94 36.67 -12.49
C VAL C 157 -7.66 36.37 -13.96
N ARG C 158 -7.79 37.41 -14.80
CA ARG C 158 -7.57 37.27 -16.23
C ARG C 158 -6.16 36.81 -16.53
N GLU C 159 -5.22 37.19 -15.66
CA GLU C 159 -3.84 36.78 -15.82
C GLU C 159 -3.62 35.29 -15.52
N ARG C 160 -4.26 34.77 -14.47
CA ARG C 160 -4.18 33.33 -14.19
C ARG C 160 -4.76 32.58 -15.38
N LEU C 161 -5.88 33.08 -15.86
CA LEU C 161 -6.57 32.48 -17.01
C LEU C 161 -5.65 32.44 -18.23
N ALA C 162 -4.97 33.55 -18.51
CA ALA C 162 -4.18 33.67 -19.73
C ALA C 162 -2.90 32.81 -19.68
N LYS C 163 -2.20 32.83 -18.55
CA LYS C 163 -1.07 31.94 -18.36
C LYS C 163 -1.51 30.49 -18.54
N TRP C 164 -2.66 30.15 -17.95
CA TRP C 164 -3.17 28.79 -18.04
C TRP C 164 -3.47 28.35 -19.49
N MET C 165 -3.98 29.28 -20.30
CA MET C 165 -4.24 28.99 -21.72
C MET C 165 -2.99 28.52 -22.46
N ARG C 166 -1.86 29.18 -22.20
CA ARG C 166 -0.59 28.78 -22.78
C ARG C 166 -0.19 27.40 -22.27
N THR C 167 -0.43 27.12 -21.00
CA THR C 167 -0.13 25.80 -20.44
C THR C 167 -0.98 24.72 -21.11
N ALA C 168 -2.27 24.99 -21.23
CA ALA C 168 -3.21 24.07 -21.85
C ALA C 168 -2.84 23.83 -23.33
N VAL C 169 -2.48 24.89 -24.03
CA VAL C 169 -2.09 24.76 -25.43
C VAL C 169 -0.79 23.97 -25.56
N ALA C 170 0.14 24.21 -24.65
CA ALA C 170 1.34 23.37 -24.57
C ALA C 170 0.98 21.89 -24.33
N PHE C 171 0.01 21.65 -23.46
CA PHE C 171 -0.46 20.29 -23.21
C PHE C 171 -1.08 19.67 -24.46
N ALA C 172 -1.87 20.45 -25.19
CA ALA C 172 -2.43 19.97 -26.46
C ALA C 172 -1.31 19.61 -27.43
N GLU C 173 -0.29 20.44 -27.51
CA GLU C 173 0.84 20.16 -28.39
C GLU C 173 1.63 18.95 -27.92
N SER C 174 1.74 18.80 -26.60
CA SER C 174 2.43 17.65 -26.01
C SER C 174 1.75 16.34 -26.40
N ARG C 175 0.42 16.33 -26.34
CA ARG C 175 -0.40 15.16 -26.66
CA ARG C 175 -0.30 15.10 -26.61
C ARG C 175 -0.23 14.67 -28.09
N ASN C 176 0.11 15.59 -28.99
CA ASN C 176 0.31 15.24 -30.40
C ASN C 176 1.75 15.37 -30.87
N LEU C 177 2.66 15.47 -29.91
CA LEU C 177 4.07 15.73 -30.19
C LEU C 177 4.76 14.51 -30.82
N LYS C 178 5.47 14.72 -31.93
CA LYS C 178 6.27 13.65 -32.54
C LYS C 178 7.76 14.00 -32.47
N VAL C 179 8.54 13.08 -31.91
CA VAL C 179 9.99 13.25 -31.83
C VAL C 179 10.66 12.28 -32.80
N ALA C 180 11.61 12.79 -33.58
CA ALA C 180 12.42 11.94 -34.44
C ALA C 180 13.80 11.80 -33.82
N ARG C 181 14.30 10.57 -33.67
CA ARG C 181 15.65 10.39 -33.13
C ARG C 181 16.58 9.93 -34.24
N PHE C 182 17.66 10.65 -34.44
CA PHE C 182 18.69 10.23 -35.39
C PHE C 182 19.80 9.53 -34.60
N GLY C 183 19.68 8.23 -34.43
CA GLY C 183 20.61 7.52 -33.58
C GLY C 183 20.09 7.36 -32.16
N ASP C 184 20.78 6.51 -31.39
CA ASP C 184 20.35 6.11 -30.05
C ASP C 184 20.99 7.01 -28.98
N ASN C 185 20.66 6.77 -27.71
CA ASN C 185 21.36 7.43 -26.60
C ASN C 185 22.87 7.24 -26.68
N MET C 186 23.61 8.23 -26.20
CA MET C 186 25.03 8.07 -25.93
C MET C 186 25.21 6.81 -25.08
N ARG C 187 26.15 5.96 -25.45
CA ARG C 187 26.34 4.70 -24.74
C ARG C 187 26.71 4.89 -23.25
N GLU C 188 26.11 4.04 -22.42
CA GLU C 188 26.34 3.99 -20.97
C GLU C 188 25.68 5.11 -20.16
N VAL C 189 25.03 6.06 -20.84
CA VAL C 189 24.36 7.17 -20.14
C VAL C 189 23.02 6.73 -19.52
N ALA C 190 22.76 7.16 -18.29
CA ALA C 190 21.57 6.71 -17.56
C ALA C 190 20.38 7.68 -17.63
N VAL C 191 20.63 8.96 -17.38
CA VAL C 191 19.54 9.90 -17.18
C VAL C 191 18.69 10.15 -18.47
N THR C 192 19.29 10.01 -19.64
CA THR C 192 18.59 10.25 -20.89
C THR C 192 17.83 9.00 -21.36
N GLU C 193 17.99 7.92 -20.60
CA GLU C 193 17.35 6.66 -20.95
C GLU C 193 15.96 6.69 -20.30
N GLY C 194 15.05 5.83 -20.72
CA GLY C 194 13.73 5.79 -20.10
C GLY C 194 12.74 4.97 -20.89
N ASP C 195 11.46 5.13 -20.54
CA ASP C 195 10.41 4.28 -21.11
C ASP C 195 9.52 5.06 -22.06
N LYS C 196 9.71 4.84 -23.35
CA LYS C 196 8.97 5.56 -24.38
C LYS C 196 7.47 5.20 -24.42
N VAL C 197 7.15 3.94 -24.13
CA VAL C 197 5.76 3.53 -24.08
C VAL C 197 5.10 4.23 -22.90
N GLY C 198 5.79 4.19 -21.75
CA GLY C 198 5.34 4.89 -20.56
C GLY C 198 5.09 6.38 -20.82
N ALA C 199 6.02 7.02 -21.52
CA ALA C 199 5.89 8.45 -21.80
C ALA C 199 4.79 8.77 -22.84
N GLN C 200 4.55 7.85 -23.76
CA GLN C 200 3.46 8.05 -24.72
C GLN C 200 2.12 7.90 -24.02
N ILE C 201 2.05 6.96 -23.07
CA ILE C 201 0.85 6.80 -22.27
C ILE C 201 0.62 8.04 -21.43
N GLN C 202 1.68 8.53 -20.78
CA GLN C 202 1.54 9.60 -19.79
C GLN C 202 1.37 10.99 -20.40
N PHE C 203 2.14 11.29 -21.46
CA PHE C 203 2.19 12.62 -22.07
C PHE C 203 1.60 12.64 -23.47
N GLY C 204 1.54 11.48 -24.10
CA GLY C 204 1.15 11.41 -25.51
C GLY C 204 2.30 11.43 -26.51
N TRP C 205 3.54 11.66 -26.05
CA TRP C 205 4.68 11.82 -26.95
C TRP C 205 4.91 10.57 -27.77
N SER C 206 5.15 10.78 -29.07
CA SER C 206 5.53 9.70 -29.94
C SER C 206 7.01 9.85 -30.25
N VAL C 207 7.81 8.86 -29.89
CA VAL C 207 9.27 8.93 -30.02
C VAL C 207 9.77 7.71 -30.79
N ASN C 208 10.32 7.94 -31.97
CA ASN C 208 10.75 6.83 -32.82
C ASN C 208 12.10 7.10 -33.47
N GLY C 209 12.81 6.02 -33.78
CA GLY C 209 14.20 6.13 -34.20
C GLY C 209 14.44 5.91 -35.68
N TYR C 210 15.37 6.69 -36.23
CA TYR C 210 15.74 6.65 -37.65
C TYR C 210 17.26 6.54 -37.78
N GLY C 211 17.74 5.72 -38.71
CA GLY C 211 19.15 5.68 -38.99
C GLY C 211 19.61 7.05 -39.45
N ILE C 212 20.84 7.42 -39.06
CA ILE C 212 21.40 8.69 -39.52
C ILE C 212 21.39 8.75 -41.06
N GLY C 213 21.45 7.58 -41.69
CA GLY C 213 21.42 7.46 -43.13
C GLY C 213 20.16 8.02 -43.77
N ASP C 214 19.03 7.98 -43.06
CA ASP C 214 17.80 8.60 -43.57
C ASP C 214 17.96 10.11 -43.67
N LEU C 215 18.62 10.70 -42.68
CA LEU C 215 18.91 12.13 -42.69
C LEU C 215 19.92 12.50 -43.79
N VAL C 216 20.96 11.69 -43.91
CA VAL C 216 21.99 11.93 -44.90
C VAL C 216 21.38 12.03 -46.32
N GLN C 217 20.42 11.16 -46.62
CA GLN C 217 19.73 11.22 -47.91
C GLN C 217 18.98 12.54 -48.13
N TYR C 218 18.24 13.00 -47.12
CA TYR C 218 17.59 14.30 -47.20
C TYR C 218 18.58 15.45 -47.43
N ILE C 219 19.72 15.40 -46.75
CA ILE C 219 20.74 16.46 -46.89
C ILE C 219 21.34 16.43 -48.29
N ARG C 220 21.56 15.23 -48.79
CA ARG C 220 22.07 15.01 -50.13
C ARG C 220 21.16 15.60 -51.20
N ASP C 221 19.87 15.69 -50.92
CA ASP C 221 18.90 16.13 -51.93
C ASP C 221 18.56 17.62 -51.84
N VAL C 222 19.30 18.34 -50.99
CA VAL C 222 19.07 19.76 -50.82
C VAL C 222 19.54 20.53 -52.07
N SER C 223 18.76 21.52 -52.48
CA SER C 223 19.12 22.41 -53.57
C SER C 223 20.27 23.36 -53.19
N GLU C 224 21.32 23.38 -54.01
CA GLU C 224 22.45 24.28 -53.76
C GLU C 224 22.01 25.74 -53.80
N GLN C 225 21.01 26.00 -54.63
CA GLN C 225 20.41 27.31 -54.72
C GLN C 225 19.82 27.73 -53.39
N LYS C 226 19.12 26.79 -52.75
CA LYS C 226 18.54 27.04 -51.42
C LYS C 226 19.61 27.20 -50.36
N VAL C 227 20.72 26.47 -50.50
CA VAL C 227 21.81 26.58 -49.56
C VAL C 227 22.34 28.00 -49.59
N ASN C 228 22.55 28.51 -50.81
CA ASN C 228 23.08 29.85 -51.00
C ASN C 228 22.17 30.93 -50.48
N GLU C 229 20.88 30.75 -50.66
CA GLU C 229 19.93 31.70 -50.09
C GLU C 229 19.96 31.70 -48.56
N LEU C 230 20.02 30.51 -47.97
CA LEU C 230 20.12 30.41 -46.52
C LEU C 230 21.38 31.12 -46.02
N LEU C 231 22.50 30.96 -46.72
CA LEU C 231 23.73 31.68 -46.39
C LEU C 231 23.52 33.20 -46.34
N ASP C 232 22.85 33.73 -47.36
CA ASP C 232 22.54 35.17 -47.41
C ASP C 232 21.82 35.59 -46.15
N GLU C 233 20.90 34.74 -45.71
CA GLU C 233 20.18 34.99 -44.47
C GLU C 233 21.11 34.98 -43.27
N TYR C 234 22.07 34.04 -43.24
CA TYR C 234 23.05 34.00 -42.16
C TYR C 234 23.79 35.33 -42.07
N GLU C 235 24.21 35.84 -43.22
CA GLU C 235 24.99 37.07 -43.27
C GLU C 235 24.13 38.29 -42.94
N GLU C 236 22.82 38.17 -43.12
CA GLU C 236 21.92 39.25 -42.74
C GLU C 236 21.63 39.31 -41.23
N LEU C 237 21.51 38.16 -40.59
CA LEU C 237 21.17 38.08 -39.17
C LEU C 237 22.36 38.08 -38.20
N TYR C 238 23.50 37.57 -38.66
CA TYR C 238 24.60 37.30 -37.74
C TYR C 238 25.87 38.03 -38.21
N ASP C 239 26.82 38.19 -37.30
CA ASP C 239 28.19 38.53 -37.69
C ASP C 239 28.88 37.23 -38.10
N ILE C 240 29.68 37.28 -39.16
CA ILE C 240 30.40 36.10 -39.63
C ILE C 240 31.87 36.31 -39.37
N VAL C 241 32.57 35.31 -38.88
CA VAL C 241 34.03 35.41 -38.74
C VAL C 241 34.61 35.86 -40.09
N PRO C 242 35.54 36.82 -40.04
CA PRO C 242 36.11 37.43 -41.25
C PRO C 242 36.48 36.39 -42.32
N ALA C 243 37.18 35.33 -41.91
CA ALA C 243 37.58 34.26 -42.81
C ALA C 243 36.40 33.62 -43.54
N GLY C 244 35.22 33.63 -42.93
CA GLY C 244 34.05 33.03 -43.54
C GLY C 244 33.34 33.98 -44.49
N ARG C 245 33.78 35.24 -44.51
CA ARG C 245 33.17 36.29 -45.32
C ARG C 245 33.69 36.30 -46.75
N GLN C 246 34.60 35.39 -47.06
CA GLN C 246 35.06 35.26 -48.43
C GLN C 246 35.11 33.80 -48.84
N GLU C 247 35.09 33.58 -50.15
CA GLU C 247 35.10 32.23 -50.69
C GLU C 247 36.36 31.50 -50.24
N GLY C 248 36.19 30.27 -49.77
CA GLY C 248 37.31 29.51 -49.23
C GLY C 248 36.79 28.46 -48.27
N PRO C 249 37.70 27.70 -47.68
CA PRO C 249 37.27 26.55 -46.87
C PRO C 249 36.47 26.92 -45.59
N VAL C 250 36.64 28.11 -45.04
CA VAL C 250 35.87 28.48 -43.85
C VAL C 250 34.41 28.73 -44.19
N ARG C 251 34.17 29.51 -45.25
CA ARG C 251 32.82 29.76 -45.72
C ARG C 251 32.13 28.45 -46.12
N GLU C 252 32.91 27.51 -46.64
CA GLU C 252 32.36 26.24 -47.02
C GLU C 252 31.87 25.42 -45.79
N SER C 253 32.63 25.49 -44.69
CA SER C 253 32.23 24.84 -43.44
C SER C 253 30.86 25.33 -42.99
N ILE C 254 30.65 26.63 -43.16
CA ILE C 254 29.38 27.25 -42.85
C ILE C 254 28.30 26.76 -43.80
N ARG C 255 28.61 26.76 -45.09
CA ARG C 255 27.72 26.27 -46.12
C ARG C 255 27.23 24.85 -45.81
N GLU C 256 28.11 24.04 -45.21
CA GLU C 256 27.77 22.66 -44.93
C GLU C 256 26.72 22.54 -43.82
N GLN C 257 26.76 23.46 -42.84
CA GLN C 257 25.71 23.49 -41.82
C GLN C 257 24.38 23.95 -42.42
N ALA C 258 24.45 24.80 -43.44
CA ALA C 258 23.25 25.25 -44.13
C ALA C 258 22.59 24.06 -44.84
N ARG C 259 23.40 23.21 -45.46
CA ARG C 259 22.87 21.98 -46.06
C ARG C 259 22.19 21.12 -45.00
N ILE C 260 22.83 21.00 -43.84
CA ILE C 260 22.32 20.18 -42.74
C ILE C 260 20.98 20.72 -42.24
N GLU C 261 20.93 22.02 -42.01
CA GLU C 261 19.71 22.70 -41.63
C GLU C 261 18.55 22.44 -42.61
N LEU C 262 18.84 22.51 -43.91
CA LEU C 262 17.79 22.39 -44.92
C LEU C 262 17.29 20.93 -45.03
N GLY C 263 18.23 19.99 -44.92
CA GLY C 263 17.88 18.57 -44.92
C GLY C 263 17.11 18.15 -43.67
N LEU C 264 17.56 18.61 -42.51
CA LEU C 264 16.82 18.37 -41.26
C LEU C 264 15.42 18.92 -41.37
N LYS C 265 15.32 20.16 -41.82
CA LYS C 265 14.02 20.81 -41.88
C LYS C 265 13.07 20.06 -42.81
N ALA C 266 13.60 19.58 -43.94
CA ALA C 266 12.77 18.84 -44.88
C ALA C 266 12.33 17.49 -44.31
N PHE C 267 13.26 16.78 -43.67
CA PHE C 267 12.91 15.52 -43.00
C PHE C 267 11.80 15.74 -41.96
N LEU C 268 11.98 16.75 -41.11
CA LEU C 268 11.04 17.04 -40.02
C LEU C 268 9.63 17.44 -40.50
N GLN C 269 9.55 18.31 -41.50
CA GLN C 269 8.27 18.74 -42.08
C GLN C 269 7.55 17.56 -42.74
N ASP C 270 8.30 16.73 -43.44
CA ASP C 270 7.74 15.55 -44.08
C ASP C 270 7.01 14.66 -43.08
N GLY C 271 7.59 14.45 -41.91
CA GLY C 271 6.92 13.61 -40.92
C GLY C 271 6.11 14.33 -39.85
N ASN C 272 5.94 15.64 -39.97
CA ASN C 272 5.26 16.45 -38.95
C ASN C 272 5.91 16.34 -37.56
N PHE C 273 7.24 16.23 -37.53
CA PHE C 273 7.98 16.15 -36.29
C PHE C 273 8.17 17.56 -35.73
N THR C 274 8.05 17.73 -34.41
CA THR C 274 8.32 19.03 -33.80
C THR C 274 9.47 18.99 -32.79
N ALA C 275 10.12 17.84 -32.65
CA ALA C 275 11.33 17.74 -31.83
C ALA C 275 12.24 16.68 -32.41
N PHE C 276 13.52 16.72 -32.06
CA PHE C 276 14.44 15.73 -32.59
C PHE C 276 15.68 15.61 -31.73
N THR C 277 16.41 14.51 -31.90
CA THR C 277 17.69 14.32 -31.21
C THR C 277 18.79 13.89 -32.20
N THR C 278 20.03 14.16 -31.85
CA THR C 278 21.15 13.63 -32.58
C THR C 278 22.05 12.93 -31.56
N THR C 279 23.04 12.18 -32.05
CA THR C 279 24.09 11.63 -31.18
C THR C 279 25.44 11.69 -31.89
N PHE C 280 26.44 12.27 -31.22
CA PHE C 280 27.77 12.37 -31.81
C PHE C 280 28.41 10.99 -32.02
N GLU C 281 27.87 9.95 -31.39
CA GLU C 281 28.42 8.60 -31.58
C GLU C 281 27.99 7.93 -32.88
N ASP C 282 27.08 8.56 -33.63
CA ASP C 282 26.60 7.97 -34.89
C ASP C 282 26.42 9.06 -35.95
N LEU C 283 27.48 9.33 -36.70
CA LEU C 283 27.45 10.45 -37.64
C LEU C 283 27.91 10.00 -39.00
N HIS C 284 27.75 8.71 -39.29
CA HIS C 284 28.14 8.14 -40.58
C HIS C 284 27.50 8.88 -41.73
N GLY C 285 28.34 9.37 -42.64
CA GLY C 285 27.88 10.06 -43.83
C GLY C 285 27.65 11.54 -43.62
N MET C 286 27.82 12.01 -42.39
CA MET C 286 27.73 13.43 -42.07
C MET C 286 29.12 14.06 -42.08
N LYS C 287 29.22 15.31 -42.53
CA LYS C 287 30.51 15.99 -42.52
C LYS C 287 30.78 16.61 -41.16
N GLN C 288 29.72 17.12 -40.54
CA GLN C 288 29.84 17.78 -39.23
C GLN C 288 28.75 17.26 -38.32
N LEU C 289 29.01 17.26 -37.02
CA LEU C 289 27.94 17.22 -36.03
C LEU C 289 26.99 18.39 -36.30
N PRO C 290 25.68 18.12 -36.33
CA PRO C 290 24.80 19.28 -36.53
C PRO C 290 25.02 20.29 -35.41
N GLY C 291 25.17 21.57 -35.77
CA GLY C 291 25.49 22.63 -34.82
C GLY C 291 24.69 23.89 -35.03
N LEU C 292 25.19 24.77 -35.88
CA LEU C 292 24.47 25.97 -36.29
C LEU C 292 23.04 25.64 -36.78
N ALA C 293 22.93 24.56 -37.54
CA ALA C 293 21.64 24.05 -38.02
C ALA C 293 20.63 23.81 -36.89
N VAL C 294 21.10 23.16 -35.82
CA VAL C 294 20.25 22.84 -34.68
C VAL C 294 19.86 24.10 -33.91
N GLN C 295 20.84 24.99 -33.72
CA GLN C 295 20.59 26.25 -33.04
C GLN C 295 19.48 27.00 -33.78
N ARG C 296 19.58 27.02 -35.10
CA ARG C 296 18.56 27.65 -35.94
C ARG C 296 17.17 26.97 -35.83
N LEU C 297 17.13 25.65 -35.87
CA LEU C 297 15.84 24.95 -35.82
C LEU C 297 15.19 25.17 -34.46
N MET C 298 16.01 25.24 -33.41
CA MET C 298 15.48 25.57 -32.10
C MET C 298 14.86 26.96 -32.06
N ALA C 299 15.51 27.93 -32.73
CA ALA C 299 14.98 29.29 -32.81
C ALA C 299 13.63 29.33 -33.54
N GLU C 300 13.39 28.33 -34.39
CA GLU C 300 12.13 28.24 -35.09
C GLU C 300 11.08 27.50 -34.30
N GLY C 301 11.40 27.10 -33.08
CA GLY C 301 10.42 26.46 -32.23
C GLY C 301 10.48 24.95 -32.07
N TYR C 302 11.44 24.30 -32.73
CA TYR C 302 11.67 22.85 -32.58
C TYR C 302 12.32 22.45 -31.26
N GLY C 303 11.84 21.35 -30.68
CA GLY C 303 12.49 20.79 -29.50
C GLY C 303 13.77 20.09 -29.92
N PHE C 304 14.78 20.09 -29.05
CA PHE C 304 16.02 19.37 -29.31
C PHE C 304 16.62 18.84 -28.02
N GLY C 305 17.13 17.61 -28.09
CA GLY C 305 17.94 17.06 -27.02
C GLY C 305 19.20 16.45 -27.62
N GLY C 306 20.36 16.72 -27.04
CA GLY C 306 21.58 16.11 -27.52
C GLY C 306 21.72 14.66 -27.08
N GLU C 307 22.60 13.91 -27.73
CA GLU C 307 22.98 12.57 -27.28
C GLU C 307 21.76 11.65 -27.05
N GLY C 308 20.78 11.78 -27.94
CA GLY C 308 19.60 10.93 -27.96
C GLY C 308 18.55 11.25 -26.92
N ASP C 309 18.71 12.38 -26.23
CA ASP C 309 17.83 12.77 -25.11
C ASP C 309 16.42 13.21 -25.54
N TRP C 310 15.54 12.24 -25.77
CA TRP C 310 14.16 12.51 -26.22
C TRP C 310 13.30 13.20 -25.16
N LYS C 311 13.54 12.90 -23.89
CA LYS C 311 12.79 13.54 -22.81
C LYS C 311 13.02 15.05 -22.81
N THR C 312 14.27 15.45 -22.94
CA THR C 312 14.57 16.88 -22.96
C THR C 312 14.15 17.54 -24.28
N ALA C 313 14.23 16.82 -25.39
CA ALA C 313 13.72 17.35 -26.66
C ALA C 313 12.22 17.69 -26.58
N ALA C 314 11.43 16.75 -26.05
CA ALA C 314 10.00 16.96 -25.80
C ALA C 314 9.76 18.12 -24.84
N LEU C 315 10.51 18.16 -23.75
CA LEU C 315 10.38 19.25 -22.78
C LEU C 315 10.69 20.63 -23.39
N VAL C 316 11.77 20.71 -24.18
CA VAL C 316 12.11 21.97 -24.83
C VAL C 316 10.98 22.44 -25.75
N ARG C 317 10.46 21.52 -26.56
CA ARG C 317 9.33 21.85 -27.46
C ARG C 317 8.10 22.35 -26.70
N LEU C 318 7.69 21.67 -25.65
CA LEU C 318 6.50 22.10 -24.95
C LEU C 318 6.70 23.41 -24.17
N MET C 319 7.91 23.65 -23.73
CA MET C 319 8.22 24.92 -23.09
C MET C 319 8.29 26.05 -24.11
N LYS C 320 8.74 25.74 -25.32
CA LYS C 320 8.67 26.70 -26.43
C LYS C 320 7.22 27.17 -26.64
N VAL C 321 6.28 26.24 -26.62
CA VAL C 321 4.88 26.59 -26.77
C VAL C 321 4.35 27.41 -25.61
N MET C 322 4.73 27.06 -24.39
CA MET C 322 4.35 27.82 -23.20
C MET C 322 4.90 29.25 -23.28
N ALA C 323 6.11 29.39 -23.82
CA ALA C 323 6.82 30.67 -23.89
C ALA C 323 6.51 31.50 -25.14
N ASP C 324 5.73 30.95 -26.07
CA ASP C 324 5.45 31.61 -27.33
C ASP C 324 6.75 31.86 -28.10
N GLY C 325 7.69 30.93 -27.99
CA GLY C 325 8.91 30.96 -28.79
C GLY C 325 10.02 31.86 -28.26
N LYS C 326 9.79 32.42 -27.08
CA LYS C 326 10.67 33.44 -26.51
C LYS C 326 11.64 32.87 -25.47
N GLY C 327 12.91 33.29 -25.56
CA GLY C 327 13.90 33.10 -24.51
C GLY C 327 14.06 31.71 -23.93
N THR C 328 14.10 30.69 -24.79
CA THR C 328 14.03 29.31 -24.35
C THR C 328 15.07 28.47 -25.10
N SER C 329 15.75 27.57 -24.38
CA SER C 329 16.79 26.78 -25.01
C SER C 329 17.08 25.44 -24.32
N PHE C 330 17.50 24.46 -25.13
CA PHE C 330 18.19 23.30 -24.60
C PHE C 330 19.41 23.83 -23.83
N MET C 331 19.74 23.22 -22.69
CA MET C 331 20.83 23.73 -21.85
C MET C 331 21.51 22.60 -21.08
N GLU C 332 22.76 22.81 -20.71
CA GLU C 332 23.49 21.89 -19.83
C GLU C 332 24.47 22.68 -18.92
N ASP C 333 24.54 22.30 -17.64
CA ASP C 333 25.49 22.91 -16.68
C ASP C 333 26.89 22.45 -17.04
N TYR C 334 27.81 23.38 -17.30
CA TYR C 334 29.13 22.96 -17.78
C TYR C 334 30.24 23.05 -16.74
N THR C 335 30.38 24.22 -16.11
CA THR C 335 31.42 24.39 -15.11
C THR C 335 30.99 25.44 -14.07
N TYR C 336 31.67 25.47 -12.93
CA TYR C 336 31.25 26.32 -11.83
C TYR C 336 32.23 27.46 -11.55
N HIS C 337 31.69 28.57 -11.07
CA HIS C 337 32.49 29.65 -10.48
C HIS C 337 32.17 29.66 -8.99
N PHE C 338 33.13 29.22 -8.15
CA PHE C 338 32.91 29.09 -6.71
C PHE C 338 33.40 30.29 -5.89
N GLU C 339 33.75 31.39 -6.57
CA GLU C 339 34.17 32.62 -5.89
C GLU C 339 33.16 33.01 -4.81
N PRO C 340 33.61 33.03 -3.54
CA PRO C 340 32.73 33.37 -2.42
C PRO C 340 32.01 34.70 -2.67
N GLY C 341 30.69 34.70 -2.58
CA GLY C 341 29.90 35.90 -2.80
C GLY C 341 29.51 36.14 -4.25
N ASN C 342 30.11 35.38 -5.15
CA ASN C 342 29.84 35.55 -6.58
C ASN C 342 29.75 34.16 -7.24
N GLU C 343 29.14 33.22 -6.54
CA GLU C 343 29.00 31.85 -7.04
C GLU C 343 28.04 31.78 -8.22
N LEU C 344 28.44 31.13 -9.30
CA LEU C 344 27.53 30.99 -10.44
C LEU C 344 27.83 29.76 -11.28
N ILE C 345 26.93 29.49 -12.23
CA ILE C 345 27.05 28.36 -13.14
C ILE C 345 27.23 28.84 -14.58
N LEU C 346 28.19 28.28 -15.29
CA LEU C 346 28.29 28.49 -16.74
C LEU C 346 27.57 27.34 -17.44
N GLY C 347 26.56 27.68 -18.24
CA GLY C 347 25.81 26.70 -18.99
C GLY C 347 26.10 26.77 -20.48
N ALA C 348 26.12 25.62 -21.16
CA ALA C 348 26.34 25.54 -22.60
C ALA C 348 26.01 24.17 -23.14
N HIS C 349 26.42 23.93 -24.38
CA HIS C 349 26.53 22.58 -24.90
C HIS C 349 27.68 22.58 -25.89
N MET C 350 28.08 21.40 -26.38
CA MET C 350 29.24 21.34 -27.27
C MET C 350 29.05 22.21 -28.52
N LEU C 351 27.79 22.37 -28.94
CA LEU C 351 27.43 23.33 -30.00
C LEU C 351 26.05 23.96 -29.82
N GLU C 352 25.10 23.18 -29.33
CA GLU C 352 23.67 23.47 -29.55
C GLU C 352 22.98 24.37 -28.49
N VAL C 353 23.20 25.68 -28.56
CA VAL C 353 22.51 26.63 -27.69
C VAL C 353 21.69 27.58 -28.56
N CYS C 354 20.44 27.79 -28.18
CA CYS C 354 19.50 28.56 -29.00
C CYS C 354 19.76 30.06 -28.90
N PRO C 355 19.87 30.74 -30.05
CA PRO C 355 20.17 32.20 -30.08
C PRO C 355 19.05 33.06 -29.50
N THR C 356 17.88 32.50 -29.20
CA THR C 356 16.81 33.29 -28.60
C THR C 356 17.11 33.73 -27.15
N ILE C 357 18.14 33.16 -26.53
CA ILE C 357 18.55 33.61 -25.20
C ILE C 357 19.74 34.57 -25.26
N ALA C 358 20.15 34.93 -26.47
CA ALA C 358 21.32 35.78 -26.70
C ALA C 358 21.08 37.22 -26.28
N ALA C 359 22.08 37.84 -25.64
CA ALA C 359 22.01 39.26 -25.32
C ALA C 359 22.85 40.02 -26.32
N THR C 360 23.82 39.34 -26.92
CA THR C 360 24.68 39.92 -27.93
C THR C 360 24.33 39.35 -29.31
N ARG C 361 24.68 40.07 -30.35
CA ARG C 361 24.47 39.61 -31.72
C ARG C 361 25.29 38.36 -31.96
N PRO C 362 24.64 37.27 -32.38
CA PRO C 362 25.34 36.00 -32.59
C PRO C 362 26.42 36.07 -33.67
N ARG C 363 27.50 35.33 -33.49
CA ARG C 363 28.53 35.23 -34.50
C ARG C 363 28.69 33.81 -35.05
N VAL C 364 28.76 33.67 -36.37
CA VAL C 364 29.04 32.36 -36.94
C VAL C 364 30.54 32.12 -36.89
N GLU C 365 30.94 31.08 -36.17
CA GLU C 365 32.36 30.72 -36.05
C GLU C 365 32.57 29.26 -36.41
N VAL C 366 33.80 28.91 -36.75
CA VAL C 366 34.16 27.55 -37.06
C VAL C 366 35.36 27.20 -36.19
N HIS C 367 35.23 26.15 -35.38
CA HIS C 367 36.30 25.70 -34.50
C HIS C 367 36.34 24.18 -34.55
N PRO C 368 37.50 23.59 -34.22
CA PRO C 368 37.56 22.12 -34.16
C PRO C 368 36.66 21.55 -33.05
N LEU C 369 36.16 20.34 -33.28
CA LEU C 369 35.46 19.58 -32.24
C LEU C 369 35.92 18.13 -32.34
N SER C 370 36.70 17.69 -31.37
CA SER C 370 37.21 16.32 -31.40
C SER C 370 36.08 15.32 -31.15
N ILE C 371 35.07 15.74 -30.40
CA ILE C 371 33.96 14.86 -30.03
C ILE C 371 33.13 14.46 -31.26
N GLY C 372 33.09 13.17 -31.56
CA GLY C 372 32.39 12.72 -32.76
C GLY C 372 33.34 12.38 -33.90
N GLY C 373 34.54 12.96 -33.84
CA GLY C 373 35.54 12.73 -34.87
C GLY C 373 35.17 13.23 -36.26
N LYS C 374 34.40 14.32 -36.32
CA LYS C 374 34.05 14.90 -37.61
C LYS C 374 34.75 16.24 -37.85
N GLU C 375 34.39 16.90 -38.95
CA GLU C 375 35.07 18.11 -39.38
C GLU C 375 34.62 19.32 -38.56
N ASP C 376 35.48 20.33 -38.48
CA ASP C 376 35.25 21.50 -37.65
C ASP C 376 33.86 22.09 -37.92
N PRO C 377 32.98 22.06 -36.91
CA PRO C 377 31.62 22.55 -37.19
C PRO C 377 31.41 24.07 -37.06
N ALA C 378 30.50 24.60 -37.86
CA ALA C 378 30.07 25.98 -37.72
C ALA C 378 28.99 26.04 -36.67
N ARG C 379 29.02 27.11 -35.87
CA ARG C 379 28.03 27.30 -34.82
C ARG C 379 27.90 28.78 -34.48
N LEU C 380 26.78 29.15 -33.88
CA LEU C 380 26.57 30.51 -33.40
C LEU C 380 27.18 30.68 -32.01
N VAL C 381 27.84 31.81 -31.80
CA VAL C 381 28.49 32.08 -30.52
C VAL C 381 27.99 33.42 -30.00
N PHE C 382 27.67 33.46 -28.71
CA PHE C 382 27.08 34.64 -28.11
C PHE C 382 27.02 34.48 -26.60
N ASP C 383 26.78 35.58 -25.90
CA ASP C 383 26.52 35.55 -24.47
C ASP C 383 25.02 35.54 -24.26
N GLY C 384 24.57 34.67 -23.37
CA GLY C 384 23.18 34.67 -22.98
C GLY C 384 22.85 35.91 -22.19
N GLY C 385 21.58 36.29 -22.19
CA GLY C 385 21.12 37.45 -21.46
C GLY C 385 20.97 37.24 -19.96
N GLU C 386 20.29 38.19 -19.33
CA GLU C 386 20.18 38.21 -17.88
C GLU C 386 18.72 38.35 -17.44
N GLY C 387 18.44 38.00 -16.20
CA GLY C 387 17.07 38.12 -15.69
C GLY C 387 16.61 36.82 -15.04
N ALA C 388 15.44 36.86 -14.44
CA ALA C 388 14.86 35.69 -13.79
C ALA C 388 14.54 34.65 -14.85
N ALA C 389 14.72 33.39 -14.49
CA ALA C 389 14.45 32.30 -15.42
C ALA C 389 14.22 30.99 -14.65
N VAL C 390 13.76 29.97 -15.38
CA VAL C 390 13.66 28.63 -14.85
C VAL C 390 14.57 27.68 -15.62
N ASN C 391 15.04 26.64 -14.93
CA ASN C 391 15.81 25.58 -15.56
C ASN C 391 15.12 24.28 -15.17
N ALA C 392 14.54 23.58 -16.15
CA ALA C 392 13.71 22.42 -15.83
C ALA C 392 14.25 21.13 -16.39
N SER C 393 14.04 20.04 -15.65
CA SER C 393 14.46 18.72 -16.06
C SER C 393 13.27 17.77 -15.89
N LEU C 394 13.10 16.87 -16.84
CA LEU C 394 12.04 15.86 -16.72
C LEU C 394 12.70 14.49 -16.76
N ILE C 395 12.63 13.77 -15.65
CA ILE C 395 13.32 12.48 -15.57
C ILE C 395 12.35 11.31 -15.40
N ASP C 396 12.86 10.12 -15.70
CA ASP C 396 12.13 8.86 -15.53
C ASP C 396 12.74 8.12 -14.34
N LEU C 397 11.98 8.00 -13.27
CA LEU C 397 12.42 7.25 -12.09
C LEU C 397 12.22 5.74 -12.22
N GLY C 398 11.79 5.26 -13.38
CA GLY C 398 11.56 3.84 -13.55
C GLY C 398 10.10 3.48 -13.51
N HIS C 399 9.40 3.86 -12.45
CA HIS C 399 7.97 3.56 -12.35
C HIS C 399 7.09 4.78 -12.69
N ARG C 400 7.70 5.96 -12.76
CA ARG C 400 6.96 7.20 -13.04
C ARG C 400 7.92 8.34 -13.39
N PHE C 401 7.37 9.47 -13.84
CA PHE C 401 8.17 10.63 -14.24
C PHE C 401 8.14 11.69 -13.16
N ARG C 402 9.20 12.48 -13.09
CA ARG C 402 9.29 13.60 -12.17
C ARG C 402 9.77 14.85 -12.91
N LEU C 403 9.06 15.95 -12.73
CA LEU C 403 9.48 17.21 -13.34
C LEU C 403 10.15 18.06 -12.27
N ILE C 404 11.36 18.52 -12.55
CA ILE C 404 12.12 19.28 -11.57
C ILE C 404 12.42 20.68 -12.10
N VAL C 405 12.04 21.70 -11.32
CA VAL C 405 12.15 23.08 -11.77
C VAL C 405 13.02 23.91 -10.82
N ASN C 406 14.15 24.41 -11.30
CA ASN C 406 14.94 25.35 -10.49
C ASN C 406 14.78 26.79 -10.99
N GLU C 407 14.34 27.69 -10.10
CA GLU C 407 14.30 29.11 -10.44
C GLU C 407 15.72 29.71 -10.29
N VAL C 408 16.15 30.46 -11.29
CA VAL C 408 17.50 30.99 -11.30
C VAL C 408 17.48 32.45 -11.74
N ASP C 409 18.63 33.12 -11.59
CA ASP C 409 18.80 34.47 -12.09
C ASP C 409 20.03 34.53 -13.01
N ALA C 410 19.80 34.66 -14.30
CA ALA C 410 20.91 34.77 -15.24
C ALA C 410 21.58 36.12 -15.02
N VAL C 411 22.91 36.15 -15.14
CA VAL C 411 23.66 37.37 -14.94
C VAL C 411 24.57 37.66 -16.13
N LYS C 412 24.85 38.95 -16.34
CA LYS C 412 25.74 39.36 -17.41
C LYS C 412 27.17 39.04 -17.00
N PRO C 413 27.99 38.52 -17.94
CA PRO C 413 29.39 38.23 -17.64
C PRO C 413 30.15 39.53 -17.41
N GLU C 414 31.01 39.56 -16.40
CA GLU C 414 31.84 40.74 -16.19
C GLU C 414 33.17 40.61 -16.92
N HIS C 415 33.39 39.50 -17.61
CA HIS C 415 34.68 39.23 -18.28
C HIS C 415 34.49 38.57 -19.63
N ASP C 416 35.39 38.86 -20.56
CA ASP C 416 35.37 38.21 -21.86
C ASP C 416 35.84 36.76 -21.75
N MET C 417 35.36 35.91 -22.63
CA MET C 417 35.85 34.55 -22.68
C MET C 417 36.36 34.23 -24.08
N PRO C 418 37.49 34.85 -24.45
CA PRO C 418 37.96 34.87 -25.84
C PRO C 418 38.37 33.51 -26.40
N LYS C 419 38.78 32.59 -25.54
CA LYS C 419 39.17 31.26 -26.01
C LYS C 419 38.00 30.26 -26.04
N LEU C 420 36.79 30.72 -25.72
CA LEU C 420 35.63 29.81 -25.58
C LEU C 420 34.76 29.73 -26.85
N PRO C 421 34.83 28.59 -27.57
CA PRO C 421 34.24 28.48 -28.91
C PRO C 421 32.73 28.20 -28.93
N VAL C 422 32.06 28.23 -27.78
CA VAL C 422 30.63 27.95 -27.79
C VAL C 422 29.83 29.05 -27.13
N ALA C 423 28.58 29.21 -27.56
CA ALA C 423 27.68 30.14 -26.89
C ALA C 423 27.49 29.66 -25.45
N ARG C 424 27.20 30.58 -24.54
CA ARG C 424 27.08 30.21 -23.15
C ARG C 424 26.23 31.22 -22.38
N ILE C 425 25.83 30.85 -21.18
CA ILE C 425 25.07 31.74 -20.33
C ILE C 425 25.48 31.47 -18.88
N LEU C 426 25.48 32.53 -18.08
CA LEU C 426 25.80 32.44 -16.66
C LEU C 426 24.53 32.63 -15.83
N TRP C 427 24.35 31.81 -14.79
CA TRP C 427 23.26 32.04 -13.85
C TRP C 427 23.59 31.74 -12.38
N LYS C 428 22.86 32.40 -11.50
CA LYS C 428 22.95 32.13 -10.08
C LYS C 428 21.65 31.45 -9.68
N PRO C 429 21.72 30.15 -9.36
CA PRO C 429 20.52 29.39 -9.02
C PRO C 429 20.04 29.80 -7.63
N ARG C 430 18.73 29.74 -7.41
CA ARG C 430 18.22 30.01 -6.07
C ARG C 430 18.10 28.68 -5.35
N PRO C 431 18.21 28.69 -4.00
CA PRO C 431 18.47 29.86 -3.15
C PRO C 431 19.96 30.20 -3.04
N SER C 432 20.80 29.24 -3.40
CA SER C 432 22.24 29.45 -3.49
C SER C 432 22.74 28.35 -4.41
N LEU C 433 23.97 28.47 -4.92
CA LEU C 433 24.53 27.38 -5.73
C LEU C 433 24.65 26.10 -4.91
N ARG C 434 25.17 26.24 -3.71
CA ARG C 434 25.33 25.14 -2.77
C ARG C 434 24.02 24.39 -2.54
N ASP C 435 22.95 25.11 -2.22
CA ASP C 435 21.70 24.45 -1.85
C ASP C 435 20.91 23.93 -3.06
N SER C 436 20.87 24.69 -4.14
CA SER C 436 20.12 24.21 -5.27
C SER C 436 20.78 22.96 -5.86
N ALA C 437 22.11 22.94 -5.92
CA ALA C 437 22.80 21.78 -6.48
C ALA C 437 22.60 20.53 -5.62
N GLU C 438 22.60 20.69 -4.31
CA GLU C 438 22.34 19.55 -3.45
C GLU C 438 20.89 19.06 -3.64
N ALA C 439 19.93 19.99 -3.58
CA ALA C 439 18.53 19.64 -3.81
C ALA C 439 18.28 18.99 -5.19
N TRP C 440 18.90 19.55 -6.23
CA TRP C 440 18.83 19.00 -7.58
C TRP C 440 19.31 17.55 -7.57
N ILE C 441 20.49 17.34 -6.98
CA ILE C 441 21.08 16.00 -6.92
C ILE C 441 20.21 15.04 -6.10
N LEU C 442 19.66 15.53 -4.99
CA LEU C 442 18.75 14.70 -4.21
C LEU C 442 17.55 14.23 -5.05
N ALA C 443 17.02 15.11 -5.89
CA ALA C 443 15.89 14.80 -6.75
C ALA C 443 16.30 14.05 -8.03
N GLY C 444 17.60 13.85 -8.22
CA GLY C 444 18.09 13.13 -9.39
C GLY C 444 17.90 13.89 -10.68
N GLY C 445 17.89 15.22 -10.59
CA GLY C 445 17.72 16.05 -11.76
C GLY C 445 18.82 15.86 -12.79
N ALA C 446 18.44 15.93 -14.07
CA ALA C 446 19.38 15.69 -15.14
C ALA C 446 20.40 16.82 -15.31
N HIS C 447 21.40 16.54 -16.13
CA HIS C 447 22.37 17.55 -16.53
C HIS C 447 21.84 18.32 -17.75
N HIS C 448 21.01 17.66 -18.55
CA HIS C 448 20.32 18.35 -19.64
C HIS C 448 19.06 18.98 -19.09
N THR C 449 18.82 20.24 -19.46
CA THR C 449 17.60 20.92 -19.07
C THR C 449 17.04 21.75 -20.20
N CYS C 450 15.81 22.25 -19.99
CA CYS C 450 15.28 23.36 -20.77
C CYS C 450 15.33 24.64 -19.92
N PHE C 451 16.10 25.61 -20.39
CA PHE C 451 16.26 26.90 -19.73
C PHE C 451 15.28 27.90 -20.35
N SER C 452 14.58 28.69 -19.55
CA SER C 452 13.68 29.67 -20.17
C SER C 452 13.50 30.96 -19.38
N PHE C 453 13.55 32.09 -20.09
CA PHE C 453 13.29 33.38 -19.49
C PHE C 453 11.80 33.66 -19.40
N ALA C 454 10.99 32.89 -20.12
CA ALA C 454 9.58 33.20 -20.29
C ALA C 454 8.62 32.30 -19.47
N VAL C 455 8.83 30.99 -19.51
CA VAL C 455 7.98 30.04 -18.80
C VAL C 455 8.01 30.24 -17.28
N THR C 456 6.84 30.33 -16.65
CA THR C 456 6.82 30.47 -15.19
C THR C 456 6.67 29.13 -14.49
N THR C 457 6.99 29.10 -13.21
CA THR C 457 6.84 27.90 -12.42
C THR C 457 5.37 27.48 -12.33
N GLU C 458 4.48 28.45 -12.20
CA GLU C 458 3.05 28.13 -12.16
C GLU C 458 2.66 27.28 -13.38
N GLN C 459 3.12 27.69 -14.56
CA GLN C 459 2.82 26.97 -15.79
C GLN C 459 3.35 25.53 -15.78
N LEU C 460 4.57 25.34 -15.31
CA LEU C 460 5.13 24.00 -15.28
C LEU C 460 4.40 23.12 -14.27
N GLN C 461 4.04 23.68 -13.13
CA GLN C 461 3.21 22.98 -12.16
C GLN C 461 1.84 22.60 -12.71
N ASP C 462 1.19 23.53 -13.42
CA ASP C 462 -0.11 23.27 -14.02
C ASP C 462 0.00 22.19 -15.08
N PHE C 463 1.08 22.23 -15.86
CA PHE C 463 1.29 21.20 -16.87
C PHE C 463 1.42 19.83 -16.19
N ALA C 464 2.18 19.78 -15.09
CA ALA C 464 2.34 18.56 -14.32
C ALA C 464 0.99 18.03 -13.79
N GLU C 465 0.12 18.95 -13.37
CA GLU C 465 -1.22 18.58 -12.92
C GLU C 465 -2.01 17.94 -14.07
N MET C 466 -1.94 18.52 -15.27
CA MET C 466 -2.67 17.98 -16.41
C MET C 466 -2.13 16.60 -16.81
N ALA C 467 -0.82 16.43 -16.68
CA ALA C 467 -0.17 15.20 -17.12
C ALA C 467 -0.23 14.08 -16.06
N GLY C 468 -0.67 14.42 -14.86
CA GLY C 468 -0.67 13.44 -13.79
C GLY C 468 0.72 13.02 -13.30
N ILE C 469 1.64 13.98 -13.17
CA ILE C 469 2.96 13.67 -12.64
C ILE C 469 3.40 14.66 -11.56
N GLU C 470 4.35 14.22 -10.74
CA GLU C 470 4.96 15.06 -9.71
C GLU C 470 5.85 16.15 -10.30
N CYS C 471 5.66 17.36 -9.78
CA CYS C 471 6.55 18.49 -10.05
C CYS C 471 7.11 19.07 -8.75
N VAL C 472 8.44 19.12 -8.63
CA VAL C 472 9.06 19.73 -7.47
C VAL C 472 9.81 20.99 -7.89
N VAL C 473 9.83 21.98 -6.99
CA VAL C 473 10.40 23.27 -7.32
C VAL C 473 11.53 23.63 -6.36
N ILE C 474 12.64 24.12 -6.90
CA ILE C 474 13.72 24.66 -6.09
C ILE C 474 13.83 26.16 -6.32
N ASN C 475 13.58 26.93 -5.28
CA ASN C 475 13.66 28.39 -5.41
C ASN C 475 14.19 29.09 -4.17
N GLU C 476 13.87 30.38 -4.03
CA GLU C 476 14.44 31.16 -2.94
C GLU C 476 13.97 30.70 -1.57
N HIS C 477 12.87 29.95 -1.52
CA HIS C 477 12.28 29.53 -0.26
C HIS C 477 12.67 28.11 0.14
N THR C 478 13.48 27.45 -0.69
CA THR C 478 13.73 26.04 -0.46
C THR C 478 14.66 25.79 0.73
N SER C 479 14.20 25.00 1.68
CA SER C 479 15.09 24.46 2.68
C SER C 479 15.37 23.03 2.22
N VAL C 480 16.63 22.61 2.20
CA VAL C 480 16.97 21.34 1.62
C VAL C 480 16.36 20.17 2.40
N SER C 481 16.35 20.29 3.73
CA SER C 481 15.85 19.21 4.56
C SER C 481 14.37 19.01 4.34
N SER C 482 13.64 20.12 4.19
CA SER C 482 12.22 20.04 3.85
C SER C 482 12.04 19.41 2.48
N PHE C 483 12.89 19.81 1.55
CA PHE C 483 12.87 19.28 0.19
C PHE C 483 13.05 17.75 0.19
N LYS C 484 13.99 17.24 0.98
CA LYS C 484 14.15 15.80 1.14
C LYS C 484 12.87 15.15 1.64
N ASN C 485 12.25 15.75 2.65
CA ASN C 485 10.99 15.22 3.21
C ASN C 485 9.87 15.18 2.18
N GLU C 486 9.76 16.23 1.37
CA GLU C 486 8.72 16.26 0.36
C GLU C 486 8.92 15.22 -0.73
N LEU C 487 10.17 14.92 -1.07
CA LEU C 487 10.44 13.86 -2.04
C LEU C 487 9.87 12.54 -1.53
N LYS C 488 10.06 12.27 -0.24
CA LYS C 488 9.56 11.03 0.35
C LYS C 488 8.04 10.97 0.39
N TRP C 489 7.42 12.03 0.89
CA TRP C 489 5.96 12.07 1.01
C TRP C 489 5.31 12.03 -0.38
N ASN C 490 5.86 12.79 -1.33
CA ASN C 490 5.41 12.70 -2.71
C ASN C 490 5.56 11.31 -3.32
N GLU C 491 6.65 10.61 -2.97
CA GLU C 491 6.89 9.26 -3.52
C GLU C 491 5.77 8.29 -3.16
N VAL C 492 5.22 8.44 -1.96
CA VAL C 492 4.18 7.54 -1.52
C VAL C 492 2.85 7.89 -2.17
N PHE C 493 2.60 9.17 -2.37
CA PHE C 493 1.39 9.59 -3.08
C PHE C 493 1.34 9.15 -4.56
N TRP C 494 2.45 9.35 -5.28
CA TRP C 494 2.51 9.13 -6.74
C TRP C 494 2.77 7.69 -7.13
N ARG C 495 2.98 6.82 -6.15
CA ARG C 495 3.14 5.39 -6.42
C ARG C 495 1.81 4.82 -6.87
N GLY C 496 1.82 4.00 -7.92
CA GLY C 496 0.60 3.43 -8.45
C GLY C 496 -0.31 4.49 -9.07
N ARG C 497 0.31 5.57 -9.54
CA ARG C 497 -0.40 6.72 -10.12
C ARG C 497 0.49 7.55 -11.06
N MET D 1 -8.17 -32.04 33.21
CA MET D 1 -6.89 -31.32 33.16
C MET D 1 -6.55 -30.78 34.53
N MET D 2 -5.36 -31.15 35.04
CA MET D 2 -4.96 -30.81 36.41
C MET D 2 -4.78 -29.32 36.66
N LEU D 3 -3.93 -28.65 35.88
CA LEU D 3 -3.80 -27.19 35.96
C LEU D 3 -5.09 -26.61 35.36
N SER D 4 -6.15 -26.63 36.16
CA SER D 4 -7.53 -26.50 35.69
C SER D 4 -7.98 -25.07 35.40
N LEU D 5 -9.13 -24.96 34.75
CA LEU D 5 -9.66 -23.67 34.33
C LEU D 5 -10.67 -23.10 35.31
N ARG D 6 -10.77 -21.78 35.32
CA ARG D 6 -11.89 -21.12 35.96
C ARG D 6 -13.17 -21.53 35.23
N PRO D 7 -14.34 -21.28 35.86
CA PRO D 7 -15.59 -21.62 35.16
C PRO D 7 -15.79 -20.77 33.91
N TYR D 8 -16.22 -21.40 32.82
CA TYR D 8 -16.48 -20.67 31.59
C TYR D 8 -17.85 -21.04 31.05
N GLU D 9 -18.50 -20.08 30.41
CA GLU D 9 -19.78 -20.34 29.80
C GLU D 9 -19.87 -19.61 28.46
N PHE D 10 -20.84 -20.01 27.64
CA PHE D 10 -21.09 -19.40 26.36
C PHE D 10 -22.51 -18.81 26.29
N TRP D 11 -22.60 -17.55 25.87
CA TRP D 11 -23.86 -16.84 25.87
C TRP D 11 -24.56 -17.00 24.53
N PHE D 12 -25.81 -17.48 24.55
CA PHE D 12 -26.61 -17.61 23.33
C PHE D 12 -27.49 -16.38 23.19
N VAL D 13 -27.23 -15.60 22.15
CA VAL D 13 -27.90 -14.34 21.91
C VAL D 13 -28.74 -14.44 20.65
N THR D 14 -30.04 -14.14 20.77
CA THR D 14 -30.98 -14.27 19.66
C THR D 14 -31.53 -12.90 19.27
N GLY D 15 -31.44 -12.59 17.99
CA GLY D 15 -31.87 -11.29 17.50
C GLY D 15 -33.23 -11.34 16.83
N SER D 16 -33.95 -10.22 16.90
CA SER D 16 -35.23 -10.11 16.24
C SER D 16 -35.58 -8.63 16.13
N GLN D 17 -36.86 -8.33 15.95
CA GLN D 17 -37.34 -6.96 15.87
C GLN D 17 -38.76 -6.93 16.41
N HIS D 18 -39.27 -5.72 16.64
CA HIS D 18 -40.63 -5.56 17.14
C HIS D 18 -41.74 -5.66 16.07
N LEU D 19 -41.34 -5.60 14.80
CA LEU D 19 -42.27 -5.53 13.66
C LEU D 19 -43.47 -6.45 13.75
N TYR D 20 -43.22 -7.73 14.00
CA TYR D 20 -44.30 -8.72 13.97
C TYR D 20 -45.09 -8.76 15.28
N GLY D 21 -44.78 -7.86 16.21
CA GLY D 21 -45.51 -7.79 17.48
C GLY D 21 -44.96 -8.66 18.60
N GLU D 22 -45.60 -8.59 19.76
CA GLU D 22 -45.07 -9.19 20.98
C GLU D 22 -45.24 -10.70 21.11
N GLU D 23 -46.25 -11.26 20.47
CA GLU D 23 -46.50 -12.68 20.60
C GLU D 23 -45.46 -13.48 19.80
N ALA D 24 -45.08 -12.97 18.63
CA ALA D 24 -44.00 -13.55 17.85
C ALA D 24 -42.69 -13.55 18.65
N LEU D 25 -42.43 -12.48 19.40
CA LEU D 25 -41.24 -12.41 20.23
C LEU D 25 -41.27 -13.43 21.38
N LYS D 26 -42.45 -13.69 21.92
CA LYS D 26 -42.58 -14.72 22.95
C LYS D 26 -42.21 -16.08 22.36
N GLN D 27 -42.62 -16.32 21.12
CA GLN D 27 -42.31 -17.58 20.47
C GLN D 27 -40.83 -17.68 20.12
N VAL D 28 -40.19 -16.54 19.86
CA VAL D 28 -38.75 -16.50 19.63
C VAL D 28 -38.03 -16.93 20.91
N GLU D 29 -38.32 -16.25 22.02
CA GLU D 29 -37.75 -16.58 23.31
C GLU D 29 -37.94 -18.06 23.67
N GLU D 30 -39.16 -18.55 23.47
CA GLU D 30 -39.51 -19.96 23.69
C GLU D 30 -38.57 -20.88 22.94
N HIS D 31 -38.39 -20.59 21.66
CA HIS D 31 -37.51 -21.37 20.80
C HIS D 31 -36.06 -21.38 21.29
N SER D 32 -35.55 -20.22 21.66
CA SER D 32 -34.17 -20.14 22.10
C SER D 32 -33.96 -20.79 23.46
N ARG D 33 -34.92 -20.65 24.37
CA ARG D 33 -34.83 -21.32 25.67
C ARG D 33 -34.74 -22.83 25.52
N ILE D 34 -35.55 -23.37 24.61
CA ILE D 34 -35.55 -24.81 24.35
C ILE D 34 -34.22 -25.30 23.79
N MET D 35 -33.67 -24.53 22.85
CA MET D 35 -32.40 -24.90 22.22
C MET D 35 -31.28 -24.94 23.26
N VAL D 36 -31.22 -23.93 24.12
CA VAL D 36 -30.21 -23.87 25.18
C VAL D 36 -30.36 -25.03 26.16
N ASN D 37 -31.59 -25.30 26.59
CA ASN D 37 -31.83 -26.38 27.55
C ASN D 37 -31.49 -27.74 26.97
N GLU D 38 -31.94 -27.98 25.74
CA GLU D 38 -31.62 -29.24 25.06
C GLU D 38 -30.14 -29.40 24.73
N TRP D 39 -29.48 -28.30 24.35
CA TRP D 39 -28.05 -28.31 24.07
C TRP D 39 -27.27 -28.74 25.31
N ASN D 40 -27.60 -28.14 26.45
CA ASN D 40 -26.98 -28.43 27.74
C ASN D 40 -27.17 -29.86 28.29
N ARG D 41 -27.96 -30.68 27.58
CA ARG D 41 -28.17 -32.09 27.96
C ARG D 41 -27.32 -33.01 27.11
N ASP D 42 -26.68 -32.45 26.08
CA ASP D 42 -25.81 -33.21 25.19
C ASP D 42 -24.37 -33.14 25.72
N SER D 43 -23.82 -34.31 26.04
CA SER D 43 -22.50 -34.38 26.63
C SER D 43 -21.39 -33.96 25.66
N VAL D 44 -21.75 -33.66 24.41
CA VAL D 44 -20.74 -33.27 23.43
C VAL D 44 -20.10 -31.92 23.77
N PHE D 45 -20.86 -31.05 24.44
CA PHE D 45 -20.39 -29.72 24.80
C PHE D 45 -19.60 -29.73 26.10
N PRO D 46 -18.35 -29.25 26.06
CA PRO D 46 -17.47 -29.23 27.23
C PRO D 46 -17.75 -28.06 28.17
N PHE D 47 -18.56 -27.10 27.72
CA PHE D 47 -18.91 -25.97 28.58
C PHE D 47 -20.40 -25.67 28.36
N PRO D 48 -21.05 -25.03 29.34
CA PRO D 48 -22.50 -24.77 29.24
C PRO D 48 -22.92 -23.56 28.38
N PHE D 49 -24.05 -23.70 27.69
CA PHE D 49 -24.72 -22.54 27.09
C PHE D 49 -25.55 -21.78 28.15
N VAL D 50 -25.61 -20.46 28.04
CA VAL D 50 -26.50 -19.65 28.88
C VAL D 50 -27.47 -18.85 28.01
N PHE D 51 -28.77 -18.99 28.26
CA PHE D 51 -29.77 -18.24 27.52
C PHE D 51 -29.69 -16.77 27.86
N LYS D 52 -29.76 -15.92 26.85
CA LYS D 52 -29.87 -14.47 27.06
C LYS D 52 -31.15 -13.94 26.41
N SER D 53 -31.73 -12.91 27.02
CA SER D 53 -32.93 -12.27 26.50
C SER D 53 -32.78 -11.91 25.03
N VAL D 54 -33.79 -12.26 24.23
CA VAL D 54 -33.87 -11.89 22.83
C VAL D 54 -33.65 -10.38 22.68
N VAL D 55 -32.78 -9.99 21.76
CA VAL D 55 -32.46 -8.58 21.59
C VAL D 55 -33.11 -8.02 20.33
N THR D 56 -33.64 -6.80 20.45
CA THR D 56 -34.51 -6.25 19.41
C THR D 56 -34.30 -4.76 19.16
N THR D 57 -33.43 -4.13 19.94
CA THR D 57 -33.15 -2.70 19.75
C THR D 57 -31.65 -2.48 19.88
N PRO D 58 -31.15 -1.32 19.41
CA PRO D 58 -29.72 -1.04 19.57
C PRO D 58 -29.24 -1.11 21.02
N GLU D 59 -30.00 -0.55 21.95
CA GLU D 59 -29.60 -0.57 23.35
C GLU D 59 -29.57 -1.98 23.95
N GLU D 60 -30.53 -2.83 23.58
CA GLU D 60 -30.53 -4.21 24.06
C GLU D 60 -29.29 -4.97 23.57
N ILE D 61 -28.92 -4.75 22.32
CA ILE D 61 -27.78 -5.40 21.74
C ILE D 61 -26.50 -4.91 22.38
N ARG D 62 -26.40 -3.60 22.57
CA ARG D 62 -25.22 -3.00 23.17
C ARG D 62 -25.00 -3.48 24.61
N ARG D 63 -26.08 -3.51 25.39
CA ARG D 63 -26.01 -3.90 26.80
C ARG D 63 -25.41 -5.30 26.96
N VAL D 64 -25.97 -6.27 26.22
CA VAL D 64 -25.51 -7.64 26.33
C VAL D 64 -24.05 -7.80 25.85
N CYS D 65 -23.65 -7.03 24.84
CA CYS D 65 -22.27 -7.05 24.37
C CYS D 65 -21.34 -6.49 25.44
N LEU D 66 -21.77 -5.41 26.06
CA LEU D 66 -21.07 -4.80 27.18
C LEU D 66 -20.92 -5.78 28.35
N GLU D 67 -22.03 -6.42 28.71
CA GLU D 67 -22.04 -7.37 29.82
C GLU D 67 -21.14 -8.58 29.56
N ALA D 68 -21.13 -9.05 28.31
CA ALA D 68 -20.24 -10.14 27.91
C ALA D 68 -18.77 -9.75 28.10
N ASN D 69 -18.45 -8.49 27.82
CA ASN D 69 -17.09 -7.98 28.00
C ASN D 69 -16.63 -8.01 29.45
N ALA D 70 -17.57 -7.80 30.38
CA ALA D 70 -17.21 -7.59 31.77
C ALA D 70 -17.38 -8.87 32.58
N SER D 71 -18.05 -9.86 31.99
CA SER D 71 -18.27 -11.15 32.63
C SER D 71 -17.05 -12.03 32.39
N GLU D 72 -16.33 -12.36 33.46
CA GLU D 72 -15.09 -13.09 33.33
C GLU D 72 -15.31 -14.54 32.93
N GLN D 73 -16.49 -15.08 33.22
CA GLN D 73 -16.79 -16.46 32.86
C GLN D 73 -17.30 -16.59 31.42
N CYS D 74 -17.71 -15.47 30.81
CA CYS D 74 -18.12 -15.49 29.41
C CYS D 74 -16.91 -15.65 28.51
N ALA D 75 -16.80 -16.81 27.85
CA ALA D 75 -15.67 -17.10 26.98
C ALA D 75 -16.01 -16.89 25.51
N GLY D 76 -17.30 -16.74 25.23
CA GLY D 76 -17.75 -16.60 23.85
C GLY D 76 -19.22 -16.25 23.70
N VAL D 77 -19.54 -15.62 22.59
CA VAL D 77 -20.92 -15.27 22.29
C VAL D 77 -21.33 -15.97 21.00
N VAL D 78 -22.45 -16.68 21.07
CA VAL D 78 -23.04 -17.31 19.90
C VAL D 78 -24.27 -16.50 19.53
N THR D 79 -24.27 -15.93 18.33
CA THR D 79 -25.39 -15.09 17.87
C THR D 79 -26.16 -15.77 16.76
N TRP D 80 -27.49 -15.62 16.83
CA TRP D 80 -28.41 -16.19 15.87
C TRP D 80 -29.58 -15.24 15.65
N MET D 81 -29.87 -14.92 14.38
CA MET D 81 -31.02 -14.08 14.07
C MET D 81 -32.22 -15.00 13.81
N HIS D 82 -33.17 -15.01 14.74
CA HIS D 82 -34.33 -15.89 14.60
C HIS D 82 -35.21 -15.36 13.48
N THR D 83 -35.44 -14.05 13.52
CA THR D 83 -36.12 -13.33 12.45
C THR D 83 -35.18 -12.25 11.92
N PHE D 84 -35.64 -11.49 10.94
CA PHE D 84 -34.93 -10.30 10.46
C PHE D 84 -34.65 -9.42 11.66
N SER D 85 -33.43 -8.91 11.74
CA SER D 85 -33.04 -8.10 12.89
C SER D 85 -32.15 -6.98 12.36
N PRO D 86 -32.76 -5.89 11.88
CA PRO D 86 -32.06 -4.85 11.09
C PRO D 86 -30.65 -4.55 11.64
N ALA D 87 -29.65 -4.76 10.79
CA ALA D 87 -28.28 -4.89 11.28
C ALA D 87 -27.61 -3.60 11.71
N LYS D 88 -28.17 -2.44 11.34
CA LYS D 88 -27.61 -1.20 11.86
C LYS D 88 -27.75 -1.12 13.38
N MET D 89 -28.73 -1.85 13.92
CA MET D 89 -28.94 -1.95 15.36
C MET D 89 -27.78 -2.67 16.03
N TRP D 90 -27.09 -3.51 15.25
CA TRP D 90 -26.04 -4.37 15.78
C TRP D 90 -24.64 -3.71 15.78
N ILE D 91 -24.52 -2.58 15.12
CA ILE D 91 -23.24 -1.89 14.98
C ILE D 91 -22.59 -1.49 16.31
N GLY D 92 -23.33 -0.78 17.15
CA GLY D 92 -22.82 -0.37 18.45
C GLY D 92 -22.27 -1.55 19.24
N GLY D 93 -23.10 -2.58 19.37
CA GLY D 93 -22.76 -3.79 20.08
C GLY D 93 -21.54 -4.51 19.53
N LEU D 94 -21.49 -4.66 18.21
CA LEU D 94 -20.34 -5.31 17.57
C LEU D 94 -19.03 -4.51 17.77
N LEU D 95 -19.12 -3.18 17.83
CA LEU D 95 -17.95 -2.34 18.13
C LEU D 95 -17.44 -2.52 19.55
N GLU D 96 -18.36 -2.70 20.51
CA GLU D 96 -18.00 -2.90 21.92
C GLU D 96 -17.45 -4.29 22.20
N LEU D 97 -18.10 -5.30 21.61
CA LEU D 97 -17.80 -6.70 21.92
C LEU D 97 -16.32 -7.07 21.72
N ARG D 98 -15.71 -7.64 22.74
CA ARG D 98 -14.32 -8.07 22.65
C ARG D 98 -14.16 -9.57 22.95
N LYS D 99 -15.26 -10.25 23.26
CA LYS D 99 -15.23 -11.70 23.41
C LYS D 99 -15.42 -12.37 22.05
N PRO D 100 -14.82 -13.56 21.85
CA PRO D 100 -14.93 -14.28 20.59
C PRO D 100 -16.38 -14.49 20.15
N LEU D 101 -16.60 -14.45 18.84
CA LEU D 101 -17.94 -14.42 18.28
C LEU D 101 -18.17 -15.60 17.33
N LEU D 102 -19.29 -16.28 17.52
CA LEU D 102 -19.69 -17.32 16.59
C LEU D 102 -21.07 -16.99 16.04
N HIS D 103 -21.19 -17.06 14.73
CA HIS D 103 -22.45 -16.84 14.06
C HIS D 103 -23.06 -18.18 13.72
N LEU D 104 -24.13 -18.53 14.44
CA LEU D 104 -24.84 -19.77 14.18
C LEU D 104 -25.98 -19.46 13.23
N HIS D 105 -25.90 -20.03 12.04
CA HIS D 105 -26.92 -19.87 11.03
C HIS D 105 -27.81 -21.12 11.08
N THR D 106 -28.92 -21.01 11.79
CA THR D 106 -29.74 -22.18 12.08
C THR D 106 -31.23 -21.83 12.02
N GLN D 107 -32.07 -22.79 12.42
CA GLN D 107 -33.51 -22.67 12.30
C GLN D 107 -34.09 -23.63 13.33
N PHE D 108 -35.10 -23.19 14.09
CA PHE D 108 -35.68 -24.05 15.12
C PHE D 108 -36.19 -25.38 14.55
N ASN D 109 -37.07 -25.29 13.56
CA ASN D 109 -37.62 -26.46 12.89
C ASN D 109 -36.71 -26.97 11.80
N ARG D 110 -36.62 -28.28 11.68
CA ARG D 110 -35.79 -28.86 10.64
C ARG D 110 -36.44 -28.72 9.26
N ASP D 111 -37.71 -29.14 9.14
CA ASP D 111 -38.39 -29.20 7.86
C ASP D 111 -39.46 -28.11 7.63
N ILE D 112 -39.79 -27.88 6.37
CA ILE D 112 -40.90 -26.99 6.02
C ILE D 112 -42.23 -27.73 6.23
N PRO D 113 -43.12 -27.15 7.06
CA PRO D 113 -44.45 -27.72 7.30
C PRO D 113 -45.38 -27.39 6.12
N TRP D 114 -45.23 -28.15 5.04
CA TRP D 114 -45.84 -27.80 3.75
C TRP D 114 -47.31 -27.45 3.83
N ASP D 115 -48.10 -28.30 4.48
CA ASP D 115 -49.55 -28.14 4.41
C ASP D 115 -50.08 -27.02 5.30
N SER D 116 -49.26 -26.49 6.20
CA SER D 116 -49.74 -25.41 7.08
C SER D 116 -48.96 -24.10 7.00
N ILE D 117 -47.80 -24.11 6.32
CA ILE D 117 -46.97 -22.91 6.25
C ILE D 117 -47.75 -21.70 5.72
N ASP D 118 -47.67 -20.61 6.47
CA ASP D 118 -48.40 -19.38 6.14
C ASP D 118 -47.54 -18.16 6.43
N MET D 119 -48.10 -16.96 6.27
CA MET D 119 -47.32 -15.75 6.43
C MET D 119 -46.76 -15.56 7.84
N ASP D 120 -47.51 -16.02 8.84
CA ASP D 120 -47.03 -15.97 10.23
C ASP D 120 -45.75 -16.80 10.40
N PHE D 121 -45.77 -18.00 9.83
CA PHE D 121 -44.62 -18.88 9.87
C PHE D 121 -43.45 -18.23 9.11
N MET D 122 -43.77 -17.65 7.95
CA MET D 122 -42.77 -16.97 7.12
C MET D 122 -42.14 -15.79 7.85
N ASN D 123 -42.95 -15.09 8.63
CA ASN D 123 -42.47 -13.97 9.45
C ASN D 123 -41.58 -14.45 10.59
N LEU D 124 -41.92 -15.60 11.16
CA LEU D 124 -41.25 -16.05 12.39
C LEU D 124 -39.94 -16.78 12.12
N ASN D 125 -39.99 -17.77 11.23
CA ASN D 125 -38.86 -18.65 11.00
C ASN D 125 -38.09 -18.23 9.77
N GLN D 126 -37.54 -17.02 9.82
CA GLN D 126 -36.91 -16.42 8.65
C GLN D 126 -35.43 -16.17 8.84
N SER D 127 -34.74 -17.11 9.47
CA SER D 127 -33.28 -17.04 9.61
C SER D 127 -32.62 -17.01 8.24
N ALA D 128 -33.31 -17.57 7.25
CA ALA D 128 -32.79 -17.67 5.89
C ALA D 128 -32.37 -16.30 5.39
N HIS D 129 -33.07 -15.23 5.81
CA HIS D 129 -32.60 -13.91 5.42
C HIS D 129 -32.08 -13.09 6.58
N GLY D 130 -32.58 -13.37 7.78
CA GLY D 130 -32.10 -12.68 8.97
C GLY D 130 -30.59 -12.79 9.15
N ASP D 131 -30.07 -14.01 9.07
CA ASP D 131 -28.63 -14.23 9.25
C ASP D 131 -27.82 -13.69 8.08
N ARG D 132 -28.46 -13.53 6.92
CA ARG D 132 -27.79 -12.94 5.78
C ARG D 132 -27.58 -11.43 5.97
N GLU D 133 -28.61 -10.72 6.43
CA GLU D 133 -28.45 -9.29 6.72
C GLU D 133 -27.41 -9.05 7.83
N TYR D 134 -27.41 -9.93 8.83
CA TYR D 134 -26.43 -9.89 9.91
C TYR D 134 -25.03 -10.19 9.39
N GLY D 135 -24.92 -11.21 8.54
CA GLY D 135 -23.68 -11.53 7.88
C GLY D 135 -23.07 -10.35 7.13
N PHE D 136 -23.93 -9.51 6.54
CA PHE D 136 -23.44 -8.34 5.83
C PHE D 136 -22.74 -7.37 6.77
N ILE D 137 -23.34 -7.10 7.92
CA ILE D 137 -22.74 -6.12 8.81
C ILE D 137 -21.44 -6.68 9.38
N GLY D 138 -21.36 -8.00 9.52
CA GLY D 138 -20.13 -8.66 9.93
C GLY D 138 -19.02 -8.47 8.91
N ALA D 139 -19.34 -8.70 7.63
CA ALA D 139 -18.35 -8.52 6.57
C ALA D 139 -17.99 -7.04 6.40
N ARG D 140 -18.99 -6.19 6.51
CA ARG D 140 -18.83 -4.76 6.36
C ARG D 140 -17.89 -4.17 7.44
N MET D 141 -17.96 -4.73 8.65
CA MET D 141 -17.16 -4.23 9.78
C MET D 141 -15.84 -4.98 9.96
N GLY D 142 -15.59 -6.00 9.14
CA GLY D 142 -14.37 -6.78 9.25
C GLY D 142 -14.18 -7.47 10.58
N VAL D 143 -15.29 -7.85 11.23
CA VAL D 143 -15.20 -8.51 12.53
C VAL D 143 -14.69 -9.93 12.36
N ALA D 144 -13.94 -10.41 13.35
CA ALA D 144 -13.47 -11.79 13.31
C ALA D 144 -14.65 -12.66 13.76
N ARG D 145 -14.88 -13.75 13.04
CA ARG D 145 -16.05 -14.58 13.34
C ARG D 145 -15.90 -16.00 12.83
N LYS D 146 -16.52 -16.93 13.54
CA LYS D 146 -16.74 -18.30 13.06
C LYS D 146 -18.19 -18.33 12.58
N VAL D 147 -18.44 -19.01 11.47
CA VAL D 147 -19.80 -19.14 10.93
C VAL D 147 -20.13 -20.62 10.85
N VAL D 148 -21.24 -21.01 11.47
CA VAL D 148 -21.67 -22.41 11.48
C VAL D 148 -23.08 -22.48 10.90
N VAL D 149 -23.27 -23.35 9.90
CA VAL D 149 -24.55 -23.42 9.20
C VAL D 149 -25.18 -24.81 9.32
N GLY D 150 -26.43 -24.86 9.78
CA GLY D 150 -27.15 -26.13 9.88
C GLY D 150 -28.18 -26.17 11.00
N HIS D 151 -28.98 -27.23 11.02
CA HIS D 151 -30.05 -27.34 12.01
C HIS D 151 -29.49 -27.66 13.41
N TRP D 152 -30.05 -27.02 14.44
CA TRP D 152 -29.49 -27.07 15.79
C TRP D 152 -29.43 -28.47 16.46
N GLU D 153 -30.07 -29.47 15.85
CA GLU D 153 -30.01 -30.82 16.38
C GLU D 153 -29.15 -31.72 15.51
N ASP D 154 -28.58 -31.16 14.45
CA ASP D 154 -27.64 -31.87 13.61
C ASP D 154 -26.37 -32.11 14.44
N PRO D 155 -25.97 -33.38 14.64
CA PRO D 155 -24.78 -33.68 15.43
C PRO D 155 -23.49 -33.04 14.86
N GLU D 156 -23.43 -32.84 13.55
CA GLU D 156 -22.28 -32.20 12.91
C GLU D 156 -22.16 -30.73 13.30
N VAL D 157 -23.31 -30.04 13.32
CA VAL D 157 -23.38 -28.66 13.80
C VAL D 157 -22.96 -28.56 15.26
N ARG D 158 -23.46 -29.49 16.08
CA ARG D 158 -23.10 -29.52 17.49
C ARG D 158 -21.61 -29.76 17.67
N GLU D 159 -21.06 -30.64 16.84
CA GLU D 159 -19.63 -30.88 16.82
C GLU D 159 -18.84 -29.60 16.50
N ARG D 160 -19.25 -28.85 15.47
CA ARG D 160 -18.61 -27.57 15.16
C ARG D 160 -18.60 -26.69 16.41
N LEU D 161 -19.77 -26.52 17.04
CA LEU D 161 -19.93 -25.67 18.21
C LEU D 161 -19.09 -26.12 19.40
N ALA D 162 -19.02 -27.43 19.61
CA ALA D 162 -18.28 -27.99 20.76
C ALA D 162 -16.77 -27.78 20.61
N LYS D 163 -16.24 -28.04 19.42
CA LYS D 163 -14.84 -27.79 19.10
C LYS D 163 -14.47 -26.33 19.29
N TRP D 164 -15.33 -25.44 18.77
CA TRP D 164 -15.07 -24.00 18.87
C TRP D 164 -15.05 -23.52 20.31
N MET D 165 -15.85 -24.15 21.18
CA MET D 165 -15.86 -23.77 22.59
C MET D 165 -14.48 -23.99 23.20
N ARG D 166 -13.84 -25.09 22.84
CA ARG D 166 -12.50 -25.37 23.34
C ARG D 166 -11.50 -24.36 22.77
N THR D 167 -11.69 -23.94 21.53
CA THR D 167 -10.89 -22.87 20.94
C THR D 167 -11.03 -21.55 21.69
N ALA D 168 -12.27 -21.16 21.97
CA ALA D 168 -12.55 -19.87 22.59
C ALA D 168 -12.11 -19.84 24.07
N VAL D 169 -12.20 -20.98 24.73
CA VAL D 169 -11.70 -21.09 26.08
C VAL D 169 -10.17 -20.93 26.08
N ALA D 170 -9.51 -21.54 25.10
CA ALA D 170 -8.07 -21.33 24.93
C ALA D 170 -7.74 -19.85 24.69
N PHE D 171 -8.56 -19.17 23.90
CA PHE D 171 -8.34 -17.77 23.63
C PHE D 171 -8.49 -16.94 24.89
N ALA D 172 -9.44 -17.33 25.75
CA ALA D 172 -9.62 -16.66 27.05
C ALA D 172 -8.38 -16.82 27.92
N GLU D 173 -7.84 -18.04 27.94
CA GLU D 173 -6.64 -18.33 28.69
C GLU D 173 -5.47 -17.54 28.14
N SER D 174 -5.37 -17.49 26.82
CA SER D 174 -4.30 -16.76 26.15
C SER D 174 -4.27 -15.27 26.55
N ARG D 175 -5.41 -14.63 26.52
CA ARG D 175 -5.50 -13.23 26.94
C ARG D 175 -5.03 -12.94 28.36
N ASN D 176 -4.96 -13.96 29.21
CA ASN D 176 -4.52 -13.75 30.59
C ASN D 176 -3.28 -14.57 30.90
N LEU D 177 -2.68 -15.11 29.85
CA LEU D 177 -1.60 -16.06 30.05
C LEU D 177 -0.37 -15.35 30.64
N LYS D 178 0.25 -15.97 31.64
CA LYS D 178 1.47 -15.44 32.21
C LYS D 178 2.61 -16.44 32.07
N VAL D 179 3.70 -16.00 31.45
CA VAL D 179 4.89 -16.83 31.27
C VAL D 179 6.07 -16.32 32.10
N ALA D 180 6.74 -17.22 32.82
CA ALA D 180 7.95 -16.86 33.52
C ALA D 180 9.14 -17.44 32.78
N ARG D 181 10.13 -16.61 32.50
CA ARG D 181 11.35 -17.12 31.91
C ARG D 181 12.43 -17.12 32.97
N PHE D 182 13.05 -18.27 33.16
CA PHE D 182 14.20 -18.32 34.06
C PHE D 182 15.43 -18.30 33.18
N GLY D 183 16.00 -17.12 32.98
CA GLY D 183 17.12 -16.97 32.06
C GLY D 183 16.67 -16.57 30.67
N ASP D 184 17.61 -16.15 29.84
CA ASP D 184 17.28 -15.56 28.54
C ASP D 184 17.28 -16.61 27.41
N ASN D 185 17.03 -16.19 26.17
CA ASN D 185 17.19 -17.06 25.01
C ASN D 185 18.60 -17.68 24.95
N MET D 186 18.68 -18.91 24.45
CA MET D 186 19.98 -19.47 24.04
C MET D 186 20.69 -18.47 23.12
N ARG D 187 21.96 -18.21 23.40
CA ARG D 187 22.69 -17.18 22.67
C ARG D 187 22.80 -17.48 21.17
N GLU D 188 22.70 -16.43 20.37
CA GLU D 188 22.81 -16.50 18.91
C GLU D 188 21.60 -17.15 18.22
N VAL D 189 20.59 -17.60 18.96
CA VAL D 189 19.44 -18.26 18.33
C VAL D 189 18.42 -17.25 17.80
N ALA D 190 17.98 -17.44 16.57
CA ALA D 190 17.07 -16.49 15.94
C ALA D 190 15.56 -16.78 16.15
N VAL D 191 15.12 -18.00 15.85
CA VAL D 191 13.68 -18.25 15.79
C VAL D 191 12.93 -18.09 17.12
N THR D 192 13.60 -18.33 18.25
CA THR D 192 12.96 -18.17 19.54
C THR D 192 12.97 -16.73 20.06
N GLU D 193 13.47 -15.80 19.24
CA GLU D 193 13.47 -14.40 19.62
C GLU D 193 12.15 -13.78 19.14
N GLY D 194 11.87 -12.54 19.56
CA GLY D 194 10.66 -11.90 19.10
C GLY D 194 10.28 -10.67 19.90
N ASP D 195 9.11 -10.14 19.59
CA ASP D 195 8.62 -8.93 20.24
C ASP D 195 7.58 -9.25 21.32
N LYS D 196 7.99 -9.23 22.58
CA LYS D 196 7.10 -9.52 23.68
C LYS D 196 6.02 -8.47 23.79
N VAL D 197 6.34 -7.22 23.45
CA VAL D 197 5.33 -6.19 23.53
C VAL D 197 4.28 -6.44 22.46
N GLY D 198 4.73 -6.76 21.24
CA GLY D 198 3.81 -7.09 20.15
C GLY D 198 2.97 -8.33 20.42
N ALA D 199 3.55 -9.31 21.11
CA ALA D 199 2.82 -10.53 21.43
C ALA D 199 1.79 -10.27 22.52
N GLN D 200 2.12 -9.39 23.47
CA GLN D 200 1.15 -9.03 24.50
C GLN D 200 -0.02 -8.27 23.90
N ILE D 201 0.26 -7.32 23.02
CA ILE D 201 -0.81 -6.63 22.29
C ILE D 201 -1.68 -7.61 21.48
N GLN D 202 -1.04 -8.48 20.69
CA GLN D 202 -1.73 -9.37 19.77
C GLN D 202 -2.49 -10.53 20.43
N PHE D 203 -1.87 -11.18 21.41
CA PHE D 203 -2.42 -12.42 22.01
C PHE D 203 -2.86 -12.22 23.47
N GLY D 204 -2.27 -11.23 24.13
CA GLY D 204 -2.56 -10.97 25.52
C GLY D 204 -1.48 -11.50 26.44
N TRP D 205 -0.51 -12.23 25.90
CA TRP D 205 0.48 -12.89 26.73
C TRP D 205 1.37 -11.93 27.51
N SER D 206 1.56 -12.22 28.78
CA SER D 206 2.50 -11.49 29.59
C SER D 206 3.75 -12.37 29.78
N VAL D 207 4.89 -11.87 29.31
CA VAL D 207 6.13 -12.64 29.37
C VAL D 207 7.18 -11.78 30.08
N ASN D 208 7.71 -12.31 31.19
CA ASN D 208 8.66 -11.57 31.99
C ASN D 208 9.77 -12.47 32.54
N GLY D 209 10.95 -11.88 32.75
CA GLY D 209 12.12 -12.64 33.06
C GLY D 209 12.46 -12.60 34.53
N TYR D 210 12.85 -13.75 35.04
CA TYR D 210 13.33 -13.91 36.42
C TYR D 210 14.72 -14.53 36.40
N GLY D 211 15.60 -14.05 37.27
CA GLY D 211 16.89 -14.68 37.43
C GLY D 211 16.70 -16.10 37.92
N ILE D 212 17.53 -17.00 37.43
CA ILE D 212 17.51 -18.38 37.89
C ILE D 212 17.65 -18.46 39.43
N GLY D 213 18.39 -17.50 40.02
CA GLY D 213 18.55 -17.42 41.46
C GLY D 213 17.22 -17.32 42.22
N ASP D 214 16.23 -16.67 41.61
CA ASP D 214 14.88 -16.59 42.18
C ASP D 214 14.26 -17.98 42.32
N LEU D 215 14.48 -18.83 41.33
CA LEU D 215 13.94 -20.19 41.35
C LEU D 215 14.74 -21.07 42.32
N VAL D 216 16.05 -20.86 42.34
CA VAL D 216 16.93 -21.56 43.28
C VAL D 216 16.49 -21.32 44.73
N GLN D 217 16.06 -20.10 45.06
CA GLN D 217 15.55 -19.81 46.40
C GLN D 217 14.32 -20.65 46.72
N TYR D 218 13.39 -20.75 45.78
CA TYR D 218 12.20 -21.58 45.96
C TYR D 218 12.58 -23.05 46.17
N ILE D 219 13.53 -23.52 45.38
CA ILE D 219 13.94 -24.93 45.46
C ILE D 219 14.50 -25.26 46.85
N ARG D 220 15.23 -24.32 47.44
CA ARG D 220 15.87 -24.54 48.73
C ARG D 220 14.88 -24.48 49.89
N ASP D 221 13.76 -23.78 49.70
CA ASP D 221 12.75 -23.69 50.74
C ASP D 221 11.71 -24.81 50.65
N VAL D 222 12.01 -25.84 49.86
CA VAL D 222 11.13 -26.98 49.68
C VAL D 222 11.21 -27.92 50.89
N SER D 223 10.06 -28.36 51.40
CA SER D 223 10.03 -29.34 52.49
C SER D 223 10.50 -30.73 52.04
N GLU D 224 11.42 -31.32 52.80
CA GLU D 224 12.00 -32.63 52.47
C GLU D 224 10.95 -33.74 52.58
N GLN D 225 9.98 -33.54 53.45
CA GLN D 225 8.88 -34.48 53.59
C GLN D 225 8.09 -34.50 52.29
N LYS D 226 7.80 -33.32 51.75
CA LYS D 226 7.12 -33.20 50.45
C LYS D 226 7.94 -33.84 49.32
N VAL D 227 9.26 -33.74 49.42
CA VAL D 227 10.13 -34.37 48.43
C VAL D 227 9.94 -35.90 48.46
N ASN D 228 9.88 -36.46 49.66
CA ASN D 228 9.67 -37.91 49.82
C ASN D 228 8.28 -38.36 49.40
N GLU D 229 7.27 -37.53 49.65
CA GLU D 229 5.92 -37.85 49.18
C GLU D 229 5.91 -37.88 47.64
N LEU D 230 6.57 -36.90 47.03
CA LEU D 230 6.65 -36.86 45.57
C LEU D 230 7.43 -38.06 45.02
N LEU D 231 8.51 -38.40 45.68
CA LEU D 231 9.29 -39.55 45.28
C LEU D 231 8.46 -40.84 45.36
N ASP D 232 7.63 -40.94 46.39
CA ASP D 232 6.73 -42.09 46.52
C ASP D 232 5.77 -42.13 45.35
N GLU D 233 5.29 -40.95 44.95
CA GLU D 233 4.36 -40.85 43.83
C GLU D 233 5.02 -41.29 42.53
N TYR D 234 6.29 -40.93 42.33
CA TYR D 234 7.06 -41.38 41.17
C TYR D 234 7.05 -42.90 41.15
N GLU D 235 7.19 -43.49 42.32
CA GLU D 235 7.26 -44.93 42.45
C GLU D 235 5.94 -45.58 42.04
N GLU D 236 4.83 -44.93 42.36
CA GLU D 236 3.53 -45.46 42.03
C GLU D 236 3.16 -45.30 40.54
N LEU D 237 3.69 -44.28 39.88
CA LEU D 237 3.28 -44.00 38.50
C LEU D 237 4.21 -44.60 37.44
N TYR D 238 5.50 -44.70 37.72
CA TYR D 238 6.46 -45.04 36.67
C TYR D 238 7.34 -46.22 37.07
N ASP D 239 8.02 -46.81 36.10
CA ASP D 239 9.10 -47.75 36.40
C ASP D 239 10.36 -46.98 36.75
N ILE D 240 11.03 -47.36 37.82
CA ILE D 240 12.31 -46.73 38.18
C ILE D 240 13.44 -47.68 37.81
N VAL D 241 14.52 -47.16 37.22
CA VAL D 241 15.73 -47.98 37.07
C VAL D 241 16.07 -48.60 38.41
N PRO D 242 16.50 -49.88 38.40
CA PRO D 242 16.86 -50.60 39.63
C PRO D 242 17.73 -49.74 40.54
N ALA D 243 18.86 -49.28 40.00
CA ALA D 243 19.80 -48.40 40.70
C ALA D 243 19.14 -47.23 41.45
N GLY D 244 17.93 -46.86 41.04
CA GLY D 244 17.23 -45.75 41.66
C GLY D 244 16.26 -46.16 42.75
N ARG D 245 16.10 -47.47 42.94
CA ARG D 245 15.15 -47.94 43.94
C ARG D 245 15.79 -48.06 45.33
N GLN D 246 17.12 -48.19 45.35
CA GLN D 246 17.88 -48.24 46.59
C GLN D 246 18.50 -46.87 46.91
N GLU D 247 18.64 -46.55 48.20
CA GLU D 247 19.29 -45.31 48.57
C GLU D 247 20.68 -45.32 47.97
N GLY D 248 21.14 -44.16 47.52
CA GLY D 248 22.37 -44.08 46.76
C GLY D 248 22.32 -42.89 45.81
N PRO D 249 23.35 -42.73 44.98
CA PRO D 249 23.46 -41.58 44.07
C PRO D 249 22.33 -41.48 43.04
N VAL D 250 21.97 -42.59 42.39
CA VAL D 250 20.94 -42.56 41.37
C VAL D 250 19.61 -42.10 41.97
N ARG D 251 19.26 -42.65 43.12
CA ARG D 251 18.05 -42.22 43.82
C ARG D 251 18.16 -40.75 44.23
N GLU D 252 19.36 -40.33 44.62
CA GLU D 252 19.57 -38.95 45.01
C GLU D 252 19.38 -37.98 43.82
N SER D 253 19.80 -38.41 42.64
CA SER D 253 19.58 -37.63 41.43
C SER D 253 18.09 -37.44 41.13
N ILE D 254 17.30 -38.50 41.35
CA ILE D 254 15.85 -38.44 41.17
C ILE D 254 15.23 -37.54 42.22
N ARG D 255 15.70 -37.64 43.46
CA ARG D 255 15.23 -36.77 44.54
C ARG D 255 15.44 -35.29 44.18
N GLU D 256 16.58 -34.98 43.56
CA GLU D 256 16.86 -33.61 43.16
C GLU D 256 15.86 -33.04 42.14
N GLN D 257 15.43 -33.86 41.19
CA GLN D 257 14.40 -33.43 40.24
C GLN D 257 13.08 -33.20 40.97
N ALA D 258 12.84 -33.97 42.03
CA ALA D 258 11.63 -33.78 42.84
C ALA D 258 11.66 -32.41 43.53
N ARG D 259 12.83 -32.01 44.03
CA ARG D 259 12.98 -30.69 44.66
C ARG D 259 12.71 -29.61 43.62
N ILE D 260 13.31 -29.76 42.44
CA ILE D 260 13.07 -28.81 41.35
C ILE D 260 11.58 -28.73 41.00
N GLU D 261 10.91 -29.88 40.90
CA GLU D 261 9.49 -29.87 40.57
C GLU D 261 8.68 -29.09 41.58
N LEU D 262 8.92 -29.33 42.86
CA LEU D 262 8.17 -28.63 43.91
C LEU D 262 8.56 -27.16 43.97
N GLY D 263 9.83 -26.88 43.76
CA GLY D 263 10.31 -25.51 43.71
C GLY D 263 9.67 -24.76 42.56
N LEU D 264 9.70 -25.36 41.38
CA LEU D 264 9.05 -24.80 40.20
C LEU D 264 7.56 -24.54 40.49
N LYS D 265 6.88 -25.56 41.03
CA LYS D 265 5.43 -25.47 41.22
C LYS D 265 5.06 -24.35 42.19
N ALA D 266 5.84 -24.21 43.26
CA ALA D 266 5.63 -23.12 44.23
C ALA D 266 5.82 -21.75 43.61
N PHE D 267 6.89 -21.56 42.84
CA PHE D 267 7.13 -20.28 42.17
C PHE D 267 5.98 -19.96 41.21
N LEU D 268 5.64 -20.93 40.37
CA LEU D 268 4.65 -20.73 39.32
C LEU D 268 3.26 -20.40 39.89
N GLN D 269 2.88 -21.12 40.95
CA GLN D 269 1.60 -20.89 41.62
C GLN D 269 1.54 -19.51 42.31
N ASP D 270 2.63 -19.11 42.95
CA ASP D 270 2.67 -17.80 43.64
C ASP D 270 2.34 -16.64 42.71
N GLY D 271 2.80 -16.70 41.46
CA GLY D 271 2.55 -15.63 40.52
C GLY D 271 1.50 -15.91 39.47
N ASN D 272 0.81 -17.06 39.59
CA ASN D 272 -0.22 -17.45 38.64
C ASN D 272 0.29 -17.67 37.21
N PHE D 273 1.49 -18.22 37.11
CA PHE D 273 2.06 -18.58 35.81
C PHE D 273 1.52 -19.92 35.31
N THR D 274 1.22 -19.99 34.03
CA THR D 274 0.72 -21.24 33.45
C THR D 274 1.64 -21.74 32.34
N ALA D 275 2.77 -21.05 32.16
CA ALA D 275 3.81 -21.51 31.25
C ALA D 275 5.15 -20.94 31.67
N PHE D 276 6.23 -21.59 31.26
CA PHE D 276 7.57 -21.15 31.66
C PHE D 276 8.66 -21.64 30.71
N THR D 277 9.85 -21.06 30.85
CA THR D 277 10.97 -21.45 30.01
C THR D 277 12.22 -21.58 30.86
N THR D 278 13.22 -22.22 30.28
CA THR D 278 14.40 -22.60 30.99
C THR D 278 15.54 -22.44 29.98
N THR D 279 16.75 -22.20 30.43
CA THR D 279 17.86 -22.19 29.47
C THR D 279 19.09 -22.86 30.04
N PHE D 280 19.66 -23.80 29.29
CA PHE D 280 20.77 -24.61 29.80
C PHE D 280 22.03 -23.76 29.97
N GLU D 281 22.06 -22.61 29.29
CA GLU D 281 23.19 -21.70 29.38
C GLU D 281 23.21 -20.89 30.67
N ASP D 282 22.18 -21.04 31.51
CA ASP D 282 22.10 -20.27 32.75
C ASP D 282 21.51 -21.09 33.90
N LEU D 283 22.38 -21.81 34.60
CA LEU D 283 21.96 -22.80 35.60
C LEU D 283 22.67 -22.63 36.94
N HIS D 284 23.14 -21.42 37.24
CA HIS D 284 23.88 -21.17 38.46
C HIS D 284 23.04 -21.47 39.68
N GLY D 285 23.60 -22.27 40.58
CA GLY D 285 22.88 -22.63 41.78
C GLY D 285 21.96 -23.84 41.58
N MET D 286 21.86 -24.35 40.36
CA MET D 286 21.04 -25.53 40.08
C MET D 286 21.95 -26.74 40.06
N LYS D 287 21.48 -27.87 40.59
CA LYS D 287 22.27 -29.09 40.50
C LYS D 287 22.14 -29.74 39.13
N GLN D 288 20.95 -29.63 38.53
CA GLN D 288 20.67 -30.27 37.24
C GLN D 288 19.82 -29.35 36.35
N LEU D 289 19.91 -29.53 35.05
CA LEU D 289 18.90 -28.96 34.17
C LEU D 289 17.56 -29.59 34.54
N PRO D 290 16.52 -28.77 34.72
CA PRO D 290 15.20 -29.36 34.97
C PRO D 290 14.78 -30.29 33.82
N GLY D 291 14.36 -31.51 34.17
CA GLY D 291 14.13 -32.59 33.22
C GLY D 291 12.85 -33.33 33.54
N LEU D 292 12.96 -34.36 34.38
CA LEU D 292 11.79 -35.04 34.92
C LEU D 292 10.81 -34.01 35.47
N ALA D 293 11.33 -32.99 36.14
CA ALA D 293 10.50 -31.94 36.73
C ALA D 293 9.65 -31.22 35.67
N VAL D 294 10.26 -30.96 34.52
CA VAL D 294 9.55 -30.28 33.44
C VAL D 294 8.51 -31.18 32.79
N GLN D 295 8.89 -32.43 32.56
CA GLN D 295 8.01 -33.43 31.98
C GLN D 295 6.76 -33.53 32.83
N ARG D 296 6.96 -33.60 34.13
CA ARG D 296 5.87 -33.63 35.10
C ARG D 296 4.97 -32.41 35.07
N LEU D 297 5.55 -31.20 35.05
CA LEU D 297 4.72 -29.99 35.03
C LEU D 297 3.93 -29.91 33.73
N MET D 298 4.52 -30.38 32.63
CA MET D 298 3.81 -30.43 31.36
C MET D 298 2.62 -31.38 31.43
N ALA D 299 2.79 -32.53 32.08
CA ALA D 299 1.70 -33.51 32.21
C ALA D 299 0.50 -32.94 32.93
N GLU D 300 0.74 -31.95 33.79
CA GLU D 300 -0.34 -31.30 34.50
C GLU D 300 -1.01 -30.21 33.66
N GLY D 301 -0.35 -29.85 32.55
CA GLY D 301 -0.90 -28.85 31.63
C GLY D 301 -0.21 -27.50 31.58
N TYR D 302 0.98 -27.40 32.17
CA TYR D 302 1.82 -26.20 32.04
C TYR D 302 2.39 -26.10 30.62
N GLY D 303 2.45 -24.89 30.09
CA GLY D 303 3.20 -24.66 28.85
C GLY D 303 4.68 -24.63 29.15
N PHE D 304 5.49 -25.14 28.23
CA PHE D 304 6.93 -25.08 28.41
C PHE D 304 7.66 -24.86 27.09
N GLY D 305 8.76 -24.13 27.13
CA GLY D 305 9.64 -24.03 25.98
C GLY D 305 11.10 -24.08 26.45
N GLY D 306 11.89 -24.94 25.81
CA GLY D 306 13.32 -24.96 26.11
C GLY D 306 14.07 -23.75 25.58
N GLU D 307 15.22 -23.47 26.20
CA GLU D 307 16.14 -22.46 25.70
C GLU D 307 15.54 -21.05 25.57
N GLY D 308 14.73 -20.66 26.54
CA GLY D 308 14.16 -19.32 26.58
C GLY D 308 12.96 -19.10 25.66
N ASP D 309 12.46 -20.18 25.05
CA ASP D 309 11.47 -20.08 23.96
C ASP D 309 10.07 -19.82 24.50
N TRP D 310 9.73 -18.55 24.69
CA TRP D 310 8.45 -18.19 25.25
C TRP D 310 7.29 -18.33 24.26
N LYS D 311 7.57 -18.19 22.97
CA LYS D 311 6.48 -18.34 22.00
C LYS D 311 5.90 -19.74 22.04
N THR D 312 6.80 -20.72 22.08
CA THR D 312 6.37 -22.11 22.06
C THR D 312 5.76 -22.49 23.41
N ALA D 313 6.24 -21.89 24.50
CA ALA D 313 5.69 -22.19 25.83
C ALA D 313 4.24 -21.71 25.93
N ALA D 314 3.98 -20.52 25.42
CA ALA D 314 2.60 -20.02 25.32
C ALA D 314 1.74 -20.92 24.43
N LEU D 315 2.30 -21.35 23.28
CA LEU D 315 1.58 -22.20 22.35
C LEU D 315 1.23 -23.54 23.00
N VAL D 316 2.19 -24.09 23.72
CA VAL D 316 2.00 -25.38 24.36
C VAL D 316 0.85 -25.29 25.36
N ARG D 317 0.85 -24.24 26.18
CA ARG D 317 -0.20 -24.07 27.19
C ARG D 317 -1.58 -23.92 26.56
N LEU D 318 -1.69 -23.14 25.50
CA LEU D 318 -3.00 -22.91 24.94
C LEU D 318 -3.50 -24.12 24.17
N MET D 319 -2.58 -24.89 23.60
CA MET D 319 -2.97 -26.13 22.96
C MET D 319 -3.38 -27.17 24.01
N LYS D 320 -2.73 -27.14 25.17
CA LYS D 320 -3.14 -27.96 26.31
C LYS D 320 -4.57 -27.63 26.71
N VAL D 321 -4.91 -26.34 26.71
CA VAL D 321 -6.26 -25.93 27.02
C VAL D 321 -7.22 -26.42 25.96
N MET D 322 -6.82 -26.29 24.69
CA MET D 322 -7.65 -26.77 23.58
C MET D 322 -7.87 -28.27 23.68
N ALA D 323 -6.88 -28.97 24.23
CA ALA D 323 -6.88 -30.43 24.26
C ALA D 323 -7.38 -31.02 25.58
N ASP D 324 -7.79 -30.15 26.50
CA ASP D 324 -8.06 -30.56 27.88
C ASP D 324 -6.93 -31.43 28.44
N GLY D 325 -5.70 -31.04 28.14
CA GLY D 325 -4.53 -31.69 28.73
C GLY D 325 -4.13 -33.03 28.16
N LYS D 326 -4.75 -33.48 27.08
CA LYS D 326 -4.44 -34.79 26.52
C LYS D 326 -3.48 -34.77 25.33
N GLY D 327 -2.59 -35.77 25.27
CA GLY D 327 -1.80 -36.07 24.09
C GLY D 327 -1.00 -34.93 23.49
N THR D 328 -0.47 -34.05 24.33
CA THR D 328 0.09 -32.78 23.86
C THR D 328 1.46 -32.50 24.49
N SER D 329 2.40 -31.99 23.69
CA SER D 329 3.77 -31.82 24.17
C SER D 329 4.63 -30.81 23.42
N PHE D 330 5.57 -30.21 24.17
CA PHE D 330 6.71 -29.51 23.57
C PHE D 330 7.48 -30.56 22.77
N MET D 331 8.01 -30.16 21.62
CA MET D 331 8.65 -31.12 20.74
C MET D 331 9.74 -30.45 19.87
N GLU D 332 10.69 -31.25 19.41
CA GLU D 332 11.68 -30.79 18.45
C GLU D 332 12.03 -31.90 17.48
N ASP D 333 12.02 -31.60 16.17
CA ASP D 333 12.51 -32.54 15.16
C ASP D 333 13.99 -32.83 15.43
N TYR D 334 14.33 -34.09 15.66
CA TYR D 334 15.73 -34.39 16.00
C TYR D 334 16.56 -34.97 14.87
N THR D 335 16.08 -36.02 14.22
CA THR D 335 16.84 -36.67 13.14
C THR D 335 15.89 -37.43 12.20
N TYR D 336 16.35 -37.71 10.99
CA TYR D 336 15.50 -38.28 9.93
C TYR D 336 15.82 -39.73 9.59
N HIS D 337 14.78 -40.45 9.19
CA HIS D 337 14.91 -41.77 8.57
C HIS D 337 14.49 -41.65 7.11
N PHE D 338 15.46 -41.72 6.19
CA PHE D 338 15.20 -41.45 4.77
C PHE D 338 14.98 -42.72 3.96
N GLU D 339 14.74 -43.83 4.64
CA GLU D 339 14.51 -45.11 3.97
C GLU D 339 13.37 -44.96 2.98
N PRO D 340 13.62 -45.28 1.70
CA PRO D 340 12.61 -45.17 0.63
C PRO D 340 11.34 -45.93 0.98
N GLY D 341 10.20 -45.24 0.94
CA GLY D 341 8.93 -45.86 1.26
C GLY D 341 8.62 -45.99 2.76
N ASN D 342 9.50 -45.47 3.61
CA ASN D 342 9.29 -45.51 5.05
C ASN D 342 9.95 -44.28 5.71
N GLU D 343 9.82 -43.12 5.06
CA GLU D 343 10.49 -41.91 5.53
C GLU D 343 9.77 -41.40 6.79
N LEU D 344 10.55 -40.99 7.78
CA LEU D 344 9.96 -40.48 9.00
C LEU D 344 10.90 -39.57 9.78
N ILE D 345 10.32 -38.91 10.77
CA ILE D 345 11.02 -38.01 11.66
C ILE D 345 10.98 -38.54 13.09
N LEU D 346 12.15 -38.59 13.72
CA LEU D 346 12.25 -38.83 15.17
C LEU D 346 12.30 -37.48 15.87
N GLY D 347 11.36 -37.23 16.76
CA GLY D 347 11.32 -35.99 17.49
C GLY D 347 11.60 -36.28 18.96
N ALA D 348 12.14 -35.28 19.66
CA ALA D 348 12.50 -35.42 21.07
C ALA D 348 12.93 -34.07 21.58
N HIS D 349 13.52 -34.07 22.77
CA HIS D 349 14.29 -32.93 23.24
C HIS D 349 15.37 -33.45 24.18
N MET D 350 16.30 -32.61 24.59
CA MET D 350 17.42 -33.08 25.41
C MET D 350 16.94 -33.75 26.70
N LEU D 351 15.78 -33.32 27.21
CA LEU D 351 15.16 -33.97 28.34
C LEU D 351 13.63 -33.89 28.29
N GLU D 352 13.12 -32.73 27.88
CA GLU D 352 11.77 -32.32 28.19
C GLU D 352 10.67 -32.74 27.21
N VAL D 353 10.27 -34.01 27.24
CA VAL D 353 9.14 -34.52 26.46
C VAL D 353 8.00 -34.98 27.39
N CYS D 354 6.80 -34.47 27.17
CA CYS D 354 5.67 -34.75 28.06
C CYS D 354 5.19 -36.20 27.95
N PRO D 355 4.97 -36.85 29.11
CA PRO D 355 4.54 -38.25 29.13
C PRO D 355 3.09 -38.50 28.67
N THR D 356 2.31 -37.44 28.47
CA THR D 356 0.95 -37.64 27.99
C THR D 356 0.87 -38.15 26.55
N ILE D 357 2.00 -38.20 25.84
CA ILE D 357 2.01 -38.76 24.49
C ILE D 357 2.61 -40.15 24.47
N ALA D 358 2.96 -40.66 25.66
CA ALA D 358 3.58 -41.97 25.81
C ALA D 358 2.65 -43.14 25.42
N ALA D 359 3.21 -44.16 24.79
CA ALA D 359 2.47 -45.40 24.53
C ALA D 359 2.92 -46.50 25.49
N THR D 360 4.13 -46.37 26.01
CA THR D 360 4.68 -47.31 26.97
C THR D 360 4.68 -46.65 28.37
N ARG D 361 4.80 -47.45 29.43
CA ARG D 361 4.84 -46.87 30.77
C ARG D 361 6.19 -46.17 30.92
N PRO D 362 6.17 -44.89 31.31
CA PRO D 362 7.44 -44.16 31.43
C PRO D 362 8.43 -44.78 32.44
N ARG D 363 9.71 -44.79 32.10
CA ARG D 363 10.74 -45.23 33.05
C ARG D 363 11.55 -44.02 33.53
N VAL D 364 11.81 -43.96 34.83
CA VAL D 364 12.68 -42.94 35.36
C VAL D 364 14.13 -43.40 35.26
N GLU D 365 14.92 -42.61 34.53
CA GLU D 365 16.31 -42.93 34.29
C GLU D 365 17.20 -41.72 34.54
N VAL D 366 18.46 -42.01 34.84
CA VAL D 366 19.45 -41.01 35.09
C VAL D 366 20.60 -41.28 34.14
N HIS D 367 21.00 -40.25 33.38
CA HIS D 367 22.06 -40.36 32.39
C HIS D 367 22.87 -39.08 32.39
N PRO D 368 24.14 -39.15 31.98
CA PRO D 368 24.89 -37.90 31.90
C PRO D 368 24.35 -36.96 30.80
N LEU D 369 24.55 -35.66 31.01
CA LEU D 369 24.20 -34.66 30.01
C LEU D 369 25.27 -33.57 30.08
N SER D 370 26.09 -33.47 29.03
CA SER D 370 27.20 -32.54 29.05
C SER D 370 26.70 -31.13 28.80
N ILE D 371 25.58 -31.03 28.07
CA ILE D 371 25.04 -29.73 27.70
C ILE D 371 24.57 -28.99 28.97
N GLY D 372 25.16 -27.82 29.22
CA GLY D 372 24.84 -27.06 30.42
C GLY D 372 25.83 -27.29 31.54
N GLY D 373 26.62 -28.35 31.46
CA GLY D 373 27.71 -28.57 32.41
C GLY D 373 27.29 -28.98 33.82
N LYS D 374 26.06 -29.46 33.97
CA LYS D 374 25.56 -29.82 35.30
C LYS D 374 25.45 -31.33 35.53
N GLU D 375 24.89 -31.70 36.67
CA GLU D 375 24.88 -33.11 37.11
C GLU D 375 23.88 -33.98 36.37
N ASP D 376 24.09 -35.29 36.40
CA ASP D 376 23.27 -36.22 35.63
C ASP D 376 21.78 -36.04 35.94
N PRO D 377 21.02 -35.56 34.96
CA PRO D 377 19.59 -35.34 35.19
C PRO D 377 18.76 -36.61 35.08
N ALA D 378 17.76 -36.69 35.96
CA ALA D 378 16.75 -37.72 35.88
C ALA D 378 15.67 -37.25 34.92
N ARG D 379 15.13 -38.17 34.12
CA ARG D 379 14.12 -37.85 33.13
C ARG D 379 13.22 -39.06 32.90
N LEU D 380 12.03 -38.79 32.36
CA LEU D 380 11.13 -39.86 31.92
C LEU D 380 11.51 -40.29 30.52
N VAL D 381 11.63 -41.61 30.34
CA VAL D 381 11.96 -42.21 29.05
C VAL D 381 10.83 -43.12 28.59
N PHE D 382 10.46 -43.01 27.31
CA PHE D 382 9.31 -43.74 26.79
C PHE D 382 9.22 -43.55 25.30
N ASP D 383 8.42 -44.40 24.66
CA ASP D 383 8.11 -44.29 23.25
C ASP D 383 6.78 -43.59 23.09
N GLY D 384 6.73 -42.60 22.22
CA GLY D 384 5.49 -41.90 21.93
C GLY D 384 4.51 -42.81 21.22
N GLY D 385 3.22 -42.46 21.31
CA GLY D 385 2.16 -43.25 20.71
C GLY D 385 1.99 -43.02 19.21
N GLU D 386 0.94 -43.60 18.65
CA GLU D 386 0.71 -43.47 17.22
C GLU D 386 -0.66 -42.85 16.97
N GLY D 387 -0.89 -42.39 15.74
CA GLY D 387 -2.15 -41.75 15.38
C GLY D 387 -1.94 -40.42 14.71
N ALA D 388 -3.04 -39.85 14.21
CA ALA D 388 -3.01 -38.57 13.53
C ALA D 388 -2.72 -37.48 14.54
N ALA D 389 -1.90 -36.51 14.15
CA ALA D 389 -1.60 -35.39 15.03
C ALA D 389 -1.30 -34.15 14.23
N VAL D 390 -1.17 -33.04 14.95
CA VAL D 390 -0.67 -31.81 14.38
C VAL D 390 0.66 -31.45 15.05
N ASN D 391 1.50 -30.73 14.29
CA ASN D 391 2.74 -30.23 14.85
C ASN D 391 2.72 -28.75 14.50
N ALA D 392 2.65 -27.88 15.51
CA ALA D 392 2.46 -26.46 15.26
C ALA D 392 3.60 -25.56 15.76
N SER D 393 3.81 -24.47 15.02
CA SER D 393 4.87 -23.52 15.33
C SER D 393 4.33 -22.12 15.20
N LEU D 394 4.66 -21.28 16.16
CA LEU D 394 4.28 -19.89 16.09
C LEU D 394 5.55 -19.05 16.06
N ILE D 395 5.82 -18.41 14.93
CA ILE D 395 7.03 -17.64 14.73
C ILE D 395 6.73 -16.14 14.64
N ASP D 396 7.76 -15.32 14.87
CA ASP D 396 7.65 -13.86 14.69
C ASP D 396 8.40 -13.48 13.43
N LEU D 397 7.71 -12.91 12.45
CA LEU D 397 8.33 -12.48 11.19
C LEU D 397 8.91 -11.07 11.30
N GLY D 398 8.79 -10.44 12.46
CA GLY D 398 9.30 -9.09 12.63
C GLY D 398 8.19 -8.06 12.69
N HIS D 399 7.31 -8.07 11.69
CA HIS D 399 6.20 -7.13 11.68
C HIS D 399 4.88 -7.77 12.11
N ARG D 400 4.83 -9.11 12.08
CA ARG D 400 3.63 -9.83 12.49
C ARG D 400 3.97 -11.28 12.86
N PHE D 401 3.00 -11.99 13.45
CA PHE D 401 3.17 -13.41 13.81
C PHE D 401 2.56 -14.35 12.80
N ARG D 402 3.11 -15.57 12.73
CA ARG D 402 2.60 -16.58 11.80
C ARG D 402 2.52 -17.92 12.51
N LEU D 403 1.34 -18.55 12.42
CA LEU D 403 1.13 -19.86 12.97
C LEU D 403 1.20 -20.88 11.83
N ILE D 404 2.09 -21.85 11.98
CA ILE D 404 2.31 -22.87 10.96
C ILE D 404 1.94 -24.25 11.51
N VAL D 405 1.09 -24.97 10.79
CA VAL D 405 0.56 -26.23 11.28
C VAL D 405 0.83 -27.37 10.29
N ASN D 406 1.49 -28.44 10.76
CA ASN D 406 1.68 -29.62 9.91
C ASN D 406 0.87 -30.79 10.43
N GLU D 407 -0.01 -31.33 9.60
CA GLU D 407 -0.75 -32.52 9.97
C GLU D 407 0.19 -33.68 9.72
N VAL D 408 0.32 -34.56 10.73
CA VAL D 408 1.26 -35.67 10.64
C VAL D 408 0.63 -36.97 11.15
N ASP D 409 1.29 -38.09 10.92
CA ASP D 409 0.86 -39.37 11.48
C ASP D 409 1.99 -40.03 12.29
N ALA D 410 1.82 -40.06 13.60
CA ALA D 410 2.79 -40.70 14.47
C ALA D 410 2.69 -42.20 14.28
N VAL D 411 3.83 -42.89 14.36
CA VAL D 411 3.88 -44.31 14.10
C VAL D 411 4.66 -45.06 15.17
N LYS D 412 4.19 -46.26 15.48
CA LYS D 412 4.87 -47.13 16.42
C LYS D 412 6.25 -47.52 15.89
N PRO D 413 7.27 -47.44 16.74
CA PRO D 413 8.60 -47.88 16.29
C PRO D 413 8.63 -49.38 16.05
N GLU D 414 9.22 -49.79 14.94
CA GLU D 414 9.40 -51.20 14.64
C GLU D 414 10.63 -51.74 15.34
N HIS D 415 11.52 -50.85 15.79
CA HIS D 415 12.76 -51.27 16.46
C HIS D 415 12.99 -50.61 17.81
N ASP D 416 13.63 -51.35 18.71
CA ASP D 416 14.06 -50.80 19.97
C ASP D 416 15.20 -49.80 19.77
N MET D 417 15.28 -48.84 20.67
CA MET D 417 16.38 -47.87 20.68
C MET D 417 17.03 -47.88 22.06
N PRO D 418 17.83 -48.94 22.34
CA PRO D 418 18.35 -49.25 23.68
C PRO D 418 19.38 -48.23 24.15
N LYS D 419 20.04 -47.54 23.22
CA LYS D 419 21.10 -46.63 23.60
C LYS D 419 20.64 -45.17 23.68
N LEU D 420 19.35 -44.94 23.45
CA LEU D 420 18.81 -43.58 23.41
C LEU D 420 18.25 -43.22 24.77
N PRO D 421 18.85 -42.20 25.43
CA PRO D 421 18.53 -41.85 26.82
C PRO D 421 17.36 -40.87 27.00
N VAL D 422 16.65 -40.52 25.94
CA VAL D 422 15.53 -39.60 26.05
C VAL D 422 14.27 -40.22 25.47
N ALA D 423 13.12 -39.77 25.95
CA ALA D 423 11.85 -40.11 25.36
C ALA D 423 11.82 -39.55 23.94
N ARG D 424 11.09 -40.21 23.06
CA ARG D 424 11.04 -39.80 21.65
C ARG D 424 9.75 -40.27 21.00
N ILE D 425 9.41 -39.67 19.87
CA ILE D 425 8.24 -40.09 19.11
C ILE D 425 8.59 -40.07 17.61
N LEU D 426 8.02 -41.01 16.85
CA LEU D 426 8.23 -41.06 15.41
C LEU D 426 6.98 -40.60 14.66
N TRP D 427 7.16 -39.80 13.62
CA TRP D 427 6.01 -39.44 12.78
C TRP D 427 6.35 -39.29 11.31
N LYS D 428 5.33 -39.43 10.48
CA LYS D 428 5.43 -39.29 9.05
C LYS D 428 4.60 -38.07 8.69
N PRO D 429 5.26 -36.96 8.34
CA PRO D 429 4.50 -35.72 8.10
C PRO D 429 3.80 -35.81 6.74
N ARG D 430 2.61 -35.23 6.63
CA ARG D 430 1.88 -35.17 5.37
C ARG D 430 2.31 -33.92 4.59
N PRO D 431 2.33 -33.98 3.25
CA PRO D 431 2.01 -35.13 2.40
C PRO D 431 3.19 -36.08 2.28
N SER D 432 4.39 -35.59 2.56
CA SER D 432 5.59 -36.42 2.54
C SER D 432 6.67 -35.72 3.35
N LEU D 433 7.71 -36.45 3.76
CA LEU D 433 8.82 -35.82 4.49
C LEU D 433 9.44 -34.71 3.63
N ARG D 434 9.72 -35.06 2.39
CA ARG D 434 10.32 -34.14 1.42
C ARG D 434 9.50 -32.86 1.18
N ASP D 435 8.18 -32.97 1.02
CA ASP D 435 7.37 -31.80 0.70
C ASP D 435 7.02 -30.99 1.94
N SER D 436 6.74 -31.68 3.05
CA SER D 436 6.45 -30.99 4.28
C SER D 436 7.66 -30.21 4.79
N ALA D 437 8.84 -30.83 4.77
CA ALA D 437 10.04 -30.11 5.23
C ALA D 437 10.35 -28.88 4.36
N GLU D 438 10.14 -29.00 3.06
CA GLU D 438 10.33 -27.87 2.17
C GLU D 438 9.34 -26.75 2.45
N ALA D 439 8.06 -27.10 2.59
CA ALA D 439 7.04 -26.09 2.87
C ALA D 439 7.31 -25.41 4.20
N TRP D 440 7.69 -26.21 5.20
CA TRP D 440 7.99 -25.70 6.54
C TRP D 440 9.11 -24.67 6.50
N ILE D 441 10.16 -24.99 5.77
CA ILE D 441 11.31 -24.09 5.61
C ILE D 441 10.93 -22.83 4.83
N LEU D 442 10.13 -23.00 3.78
CA LEU D 442 9.63 -21.85 3.03
C LEU D 442 8.84 -20.89 3.93
N ALA D 443 8.03 -21.46 4.85
CA ALA D 443 7.27 -20.68 5.82
C ALA D 443 8.11 -20.20 7.00
N GLY D 444 9.36 -20.63 7.06
CA GLY D 444 10.23 -20.29 8.17
C GLY D 444 9.80 -20.89 9.50
N GLY D 445 9.21 -22.08 9.46
CA GLY D 445 8.73 -22.70 10.68
C GLY D 445 9.90 -23.04 11.60
N ALA D 446 9.65 -23.00 12.90
CA ALA D 446 10.68 -23.23 13.89
C ALA D 446 11.04 -24.71 14.06
N HIS D 447 12.17 -24.95 14.72
CA HIS D 447 12.53 -26.31 15.15
C HIS D 447 11.78 -26.75 16.43
N HIS D 448 11.31 -25.78 17.23
CA HIS D 448 10.48 -26.08 18.38
C HIS D 448 9.01 -25.98 18.00
N THR D 449 8.23 -26.97 18.42
CA THR D 449 6.83 -27.01 18.09
C THR D 449 6.05 -27.48 19.29
N CYS D 450 4.72 -27.39 19.16
CA CYS D 450 3.80 -28.14 20.01
C CYS D 450 3.22 -29.29 19.18
N PHE D 451 3.38 -30.51 19.70
CA PHE D 451 2.86 -31.71 19.04
C PHE D 451 1.60 -32.09 19.81
N SER D 452 0.51 -32.37 19.09
CA SER D 452 -0.73 -32.80 19.76
C SER D 452 -1.54 -33.86 19.00
N PHE D 453 -1.89 -34.94 19.70
CA PHE D 453 -2.83 -35.94 19.18
C PHE D 453 -4.26 -35.44 19.28
N ALA D 454 -4.48 -34.37 20.04
CA ALA D 454 -5.84 -33.96 20.38
C ALA D 454 -6.36 -32.72 19.65
N VAL D 455 -5.54 -31.68 19.56
CA VAL D 455 -5.92 -30.45 18.86
C VAL D 455 -6.12 -30.68 17.35
N THR D 456 -7.16 -30.08 16.78
CA THR D 456 -7.39 -30.17 15.34
C THR D 456 -6.94 -28.90 14.63
N THR D 457 -6.62 -29.06 13.33
CA THR D 457 -6.25 -27.93 12.48
C THR D 457 -7.31 -26.84 12.51
N GLU D 458 -8.58 -27.25 12.49
CA GLU D 458 -9.70 -26.32 12.50
C GLU D 458 -9.64 -25.43 13.73
N GLN D 459 -9.29 -26.01 14.87
CA GLN D 459 -9.23 -25.24 16.12
C GLN D 459 -8.12 -24.21 16.08
N LEU D 460 -6.97 -24.59 15.52
CA LEU D 460 -5.85 -23.68 15.41
C LEU D 460 -6.18 -22.55 14.44
N GLN D 461 -6.77 -22.91 13.29
CA GLN D 461 -7.25 -21.91 12.36
C GLN D 461 -8.23 -20.94 13.03
N ASP D 462 -9.11 -21.47 13.88
CA ASP D 462 -10.08 -20.62 14.56
C ASP D 462 -9.44 -19.72 15.62
N PHE D 463 -8.40 -20.23 16.29
CA PHE D 463 -7.66 -19.41 17.26
C PHE D 463 -7.03 -18.22 16.55
N ALA D 464 -6.33 -18.52 15.45
CA ALA D 464 -5.63 -17.52 14.65
C ALA D 464 -6.63 -16.50 14.13
N GLU D 465 -7.85 -16.94 13.84
CA GLU D 465 -8.88 -16.01 13.37
C GLU D 465 -9.23 -15.03 14.49
N MET D 466 -9.39 -15.56 15.71
CA MET D 466 -9.69 -14.72 16.87
C MET D 466 -8.55 -13.76 17.18
N ALA D 467 -7.32 -14.25 17.01
CA ALA D 467 -6.13 -13.49 17.37
C ALA D 467 -5.68 -12.52 16.28
N GLY D 468 -6.24 -12.69 15.08
CA GLY D 468 -5.92 -11.78 13.99
C GLY D 468 -4.55 -12.03 13.39
N ILE D 469 -4.20 -13.30 13.23
CA ILE D 469 -2.92 -13.63 12.62
C ILE D 469 -3.08 -14.67 11.52
N GLU D 470 -2.12 -14.69 10.60
CA GLU D 470 -2.03 -15.73 9.57
C GLU D 470 -1.85 -17.13 10.17
N CYS D 471 -2.55 -18.10 9.60
CA CYS D 471 -2.33 -19.51 9.90
C CYS D 471 -2.21 -20.25 8.58
N VAL D 472 -1.08 -20.92 8.37
CA VAL D 472 -0.89 -21.73 7.19
C VAL D 472 -0.78 -23.19 7.59
N VAL D 473 -1.35 -24.08 6.77
CA VAL D 473 -1.44 -25.49 7.07
C VAL D 473 -0.74 -26.32 6.01
N ILE D 474 -0.01 -27.33 6.46
CA ILE D 474 0.62 -28.27 5.56
C ILE D 474 -0.02 -29.62 5.84
N ASN D 475 -0.68 -30.20 4.83
CA ASN D 475 -1.31 -31.52 5.00
C ASN D 475 -1.34 -32.34 3.72
N GLU D 476 -2.24 -33.33 3.65
CA GLU D 476 -2.34 -34.23 2.49
C GLU D 476 -2.53 -33.52 1.16
N HIS D 477 -3.20 -32.38 1.18
CA HIS D 477 -3.55 -31.71 -0.07
C HIS D 477 -2.55 -30.63 -0.45
N THR D 478 -1.50 -30.48 0.34
CA THR D 478 -0.54 -29.40 0.10
C THR D 478 0.29 -29.62 -1.15
N SER D 479 0.21 -28.66 -2.07
CA SER D 479 1.16 -28.57 -3.16
C SER D 479 2.16 -27.46 -2.80
N VAL D 480 3.45 -27.76 -2.88
CA VAL D 480 4.49 -26.82 -2.46
C VAL D 480 4.47 -25.51 -3.25
N SER D 481 4.32 -25.58 -4.57
CA SER D 481 4.26 -24.38 -5.39
C SER D 481 3.03 -23.52 -5.08
N SER D 482 1.90 -24.16 -4.85
CA SER D 482 0.71 -23.45 -4.42
C SER D 482 0.91 -22.82 -3.05
N PHE D 483 1.52 -23.59 -2.15
CA PHE D 483 1.83 -23.14 -0.80
C PHE D 483 2.75 -21.93 -0.88
N LYS D 484 3.72 -21.98 -1.77
CA LYS D 484 4.64 -20.88 -1.99
C LYS D 484 3.89 -19.60 -2.42
N ASN D 485 2.99 -19.72 -3.39
CA ASN D 485 2.13 -18.60 -3.78
C ASN D 485 1.31 -18.01 -2.66
N GLU D 486 0.72 -18.90 -1.86
CA GLU D 486 -0.16 -18.49 -0.79
C GLU D 486 0.54 -17.69 0.31
N LEU D 487 1.79 -18.07 0.62
CA LEU D 487 2.60 -17.27 1.54
C LEU D 487 2.69 -15.84 1.02
N LYS D 488 3.07 -15.71 -0.25
CA LYS D 488 3.15 -14.41 -0.93
C LYS D 488 1.86 -13.62 -0.86
N TRP D 489 0.74 -14.22 -1.23
CA TRP D 489 -0.52 -13.48 -1.25
C TRP D 489 -0.99 -13.16 0.17
N ASN D 490 -0.86 -14.10 1.09
CA ASN D 490 -1.13 -13.83 2.51
C ASN D 490 -0.32 -12.65 3.03
N GLU D 491 0.96 -12.60 2.64
CA GLU D 491 1.85 -11.55 3.09
C GLU D 491 1.28 -10.15 2.79
N VAL D 492 0.66 -9.97 1.63
CA VAL D 492 0.11 -8.67 1.28
C VAL D 492 -1.14 -8.34 2.07
N PHE D 493 -2.03 -9.31 2.26
CA PHE D 493 -3.21 -9.10 3.11
C PHE D 493 -2.82 -8.80 4.57
N TRP D 494 -1.92 -9.57 5.13
CA TRP D 494 -1.61 -9.42 6.56
C TRP D 494 -0.74 -8.22 6.98
N ARG D 495 -0.09 -7.55 6.02
CA ARG D 495 0.75 -6.40 6.37
C ARG D 495 -0.09 -5.21 6.89
N GLY D 496 0.45 -4.51 7.89
CA GLY D 496 -0.17 -3.28 8.37
C GLY D 496 -1.53 -3.47 9.01
N MET E 2 -41.21 -6.41 -22.56
CA MET E 2 -42.11 -5.40 -23.11
C MET E 2 -41.42 -4.04 -23.22
N LEU E 3 -40.91 -3.54 -22.10
CA LEU E 3 -40.09 -2.33 -22.06
C LEU E 3 -38.88 -2.55 -22.97
N SER E 4 -38.94 -1.95 -24.16
CA SER E 4 -38.06 -2.31 -25.27
C SER E 4 -36.75 -1.52 -25.36
N LEU E 5 -35.74 -2.16 -25.96
CA LEU E 5 -34.40 -1.58 -26.09
C LEU E 5 -34.24 -0.70 -27.31
N ARG E 6 -33.51 0.40 -27.15
CA ARG E 6 -33.06 1.18 -28.29
C ARG E 6 -32.15 0.30 -29.17
N PRO E 7 -31.92 0.71 -30.43
CA PRO E 7 -31.06 -0.14 -31.28
C PRO E 7 -29.61 -0.15 -30.79
N TYR E 8 -29.00 -1.33 -30.79
CA TYR E 8 -27.58 -1.44 -30.46
C TYR E 8 -26.82 -2.19 -31.56
N GLU E 9 -25.54 -1.92 -31.68
CA GLU E 9 -24.72 -2.63 -32.65
C GLU E 9 -23.30 -2.76 -32.12
N PHE E 10 -22.49 -3.55 -32.81
CA PHE E 10 -21.12 -3.82 -32.38
C PHE E 10 -20.11 -3.54 -33.49
N TRP E 11 -19.12 -2.73 -33.19
CA TRP E 11 -18.19 -2.28 -34.22
C TRP E 11 -17.06 -3.28 -34.35
N PHE E 12 -16.76 -3.66 -35.59
CA PHE E 12 -15.64 -4.55 -35.84
C PHE E 12 -14.47 -3.73 -36.39
N VAL E 13 -13.43 -3.58 -35.57
CA VAL E 13 -12.28 -2.77 -35.90
C VAL E 13 -11.08 -3.67 -36.19
N THR E 14 -10.54 -3.56 -37.40
CA THR E 14 -9.44 -4.42 -37.83
C THR E 14 -8.14 -3.61 -37.91
N GLY E 15 -7.09 -4.11 -37.24
CA GLY E 15 -5.80 -3.46 -37.25
C GLY E 15 -4.81 -4.02 -38.27
N SER E 16 -4.08 -3.13 -38.94
CA SER E 16 -2.97 -3.53 -39.79
C SER E 16 -1.88 -2.43 -39.85
N GLN E 17 -1.06 -2.45 -40.88
CA GLN E 17 0.01 -1.47 -41.01
C GLN E 17 0.32 -1.30 -42.50
N HIS E 18 0.97 -0.20 -42.85
CA HIS E 18 1.30 0.09 -44.25
C HIS E 18 2.47 -0.70 -44.81
N LEU E 19 3.19 -1.38 -43.93
CA LEU E 19 4.44 -2.04 -44.27
C LEU E 19 4.40 -2.94 -45.51
N TYR E 20 3.34 -3.73 -45.66
CA TYR E 20 3.30 -4.73 -46.73
C TYR E 20 2.74 -4.23 -48.07
N GLY E 21 2.25 -2.98 -48.11
CA GLY E 21 1.71 -2.39 -49.33
C GLY E 21 0.19 -2.20 -49.34
N GLU E 22 -0.31 -1.54 -50.39
CA GLU E 22 -1.74 -1.23 -50.50
C GLU E 22 -2.59 -2.42 -50.90
N GLU E 23 -2.02 -3.30 -51.71
CA GLU E 23 -2.71 -4.51 -52.13
C GLU E 23 -3.02 -5.43 -50.94
N ALA E 24 -2.06 -5.54 -50.02
CA ALA E 24 -2.25 -6.35 -48.82
C ALA E 24 -3.36 -5.75 -47.97
N LEU E 25 -3.35 -4.42 -47.85
CA LEU E 25 -4.38 -3.73 -47.08
C LEU E 25 -5.76 -3.97 -47.68
N LYS E 26 -5.81 -4.07 -49.00
CA LYS E 26 -7.04 -4.36 -49.72
C LYS E 26 -7.55 -5.75 -49.35
N GLN E 27 -6.64 -6.72 -49.27
CA GLN E 27 -7.02 -8.07 -48.91
C GLN E 27 -7.51 -8.14 -47.48
N VAL E 28 -6.90 -7.31 -46.61
CA VAL E 28 -7.33 -7.22 -45.22
C VAL E 28 -8.77 -6.71 -45.10
N GLU E 29 -9.06 -5.64 -45.82
CA GLU E 29 -10.40 -5.05 -45.79
C GLU E 29 -11.44 -6.04 -46.31
N GLU E 30 -11.09 -6.77 -47.37
CA GLU E 30 -11.98 -7.77 -47.94
C GLU E 30 -12.33 -8.87 -46.94
N HIS E 31 -11.31 -9.39 -46.25
CA HIS E 31 -11.53 -10.39 -45.20
C HIS E 31 -12.49 -9.86 -44.12
N SER E 32 -12.23 -8.65 -43.64
CA SER E 32 -13.05 -8.07 -42.58
C SER E 32 -14.49 -7.81 -43.00
N ARG E 33 -14.68 -7.30 -44.22
CA ARG E 33 -16.03 -7.11 -44.75
C ARG E 33 -16.78 -8.45 -44.85
N ILE E 34 -16.08 -9.48 -45.32
CA ILE E 34 -16.67 -10.81 -45.40
C ILE E 34 -17.06 -11.36 -44.03
N MET E 35 -16.19 -11.14 -43.03
CA MET E 35 -16.45 -11.63 -41.67
C MET E 35 -17.68 -10.94 -41.12
N VAL E 36 -17.76 -9.63 -41.28
CA VAL E 36 -18.94 -8.91 -40.80
C VAL E 36 -20.21 -9.36 -41.54
N ASN E 37 -20.11 -9.51 -42.86
CA ASN E 37 -21.25 -9.93 -43.68
C ASN E 37 -21.80 -11.29 -43.25
N GLU E 38 -20.89 -12.24 -43.04
CA GLU E 38 -21.28 -13.59 -42.66
C GLU E 38 -21.78 -13.69 -41.23
N TRP E 39 -21.14 -12.96 -40.32
CA TRP E 39 -21.60 -12.93 -38.94
C TRP E 39 -23.04 -12.43 -38.90
N ASN E 40 -23.31 -11.41 -39.72
CA ASN E 40 -24.65 -10.83 -39.78
C ASN E 40 -25.69 -11.76 -40.43
N ARG E 41 -25.20 -12.87 -41.01
CA ARG E 41 -26.07 -13.90 -41.57
C ARG E 41 -26.16 -15.13 -40.66
N ASP E 42 -25.78 -14.96 -39.39
CA ASP E 42 -25.83 -16.02 -38.40
C ASP E 42 -26.72 -15.59 -37.25
N SER E 43 -27.84 -16.29 -37.07
CA SER E 43 -28.87 -15.86 -36.14
C SER E 43 -28.50 -15.99 -34.66
N VAL E 44 -27.33 -16.59 -34.37
CA VAL E 44 -26.86 -16.71 -32.98
C VAL E 44 -26.61 -15.35 -32.33
N PHE E 45 -26.34 -14.33 -33.15
CA PHE E 45 -26.04 -13.00 -32.62
C PHE E 45 -27.31 -12.22 -32.31
N PRO E 46 -27.42 -11.71 -31.08
CA PRO E 46 -28.63 -10.94 -30.76
C PRO E 46 -28.56 -9.50 -31.24
N PHE E 47 -27.38 -9.05 -31.68
CA PHE E 47 -27.24 -7.72 -32.26
C PHE E 47 -26.26 -7.80 -33.44
N PRO E 48 -26.39 -6.85 -34.40
CA PRO E 48 -25.56 -6.90 -35.62
C PRO E 48 -24.16 -6.32 -35.43
N PHE E 49 -23.23 -6.71 -36.29
CA PHE E 49 -21.89 -6.12 -36.35
C PHE E 49 -21.87 -5.03 -37.42
N VAL E 50 -21.01 -4.03 -37.22
CA VAL E 50 -20.78 -3.02 -38.26
C VAL E 50 -19.32 -3.05 -38.69
N PHE E 51 -19.08 -3.09 -40.00
CA PHE E 51 -17.71 -3.02 -40.50
C PHE E 51 -17.19 -1.61 -40.38
N LYS E 52 -15.97 -1.49 -39.85
CA LYS E 52 -15.28 -0.21 -39.76
C LYS E 52 -13.99 -0.27 -40.58
N SER E 53 -13.66 0.84 -41.23
CA SER E 53 -12.46 0.95 -42.05
C SER E 53 -11.21 0.48 -41.32
N VAL E 54 -10.45 -0.42 -41.95
CA VAL E 54 -9.18 -0.91 -41.42
C VAL E 54 -8.31 0.27 -40.96
N VAL E 55 -7.83 0.18 -39.72
CA VAL E 55 -7.00 1.23 -39.13
C VAL E 55 -5.51 0.87 -39.16
N THR E 56 -4.68 1.85 -39.53
CA THR E 56 -3.27 1.63 -39.80
C THR E 56 -2.33 2.71 -39.24
N THR E 57 -2.87 3.70 -38.56
CA THR E 57 -2.09 4.85 -38.13
C THR E 57 -2.71 5.26 -36.81
N PRO E 58 -1.96 6.03 -35.99
CA PRO E 58 -2.48 6.51 -34.71
C PRO E 58 -3.76 7.30 -34.90
N GLU E 59 -3.79 8.14 -35.93
CA GLU E 59 -4.93 9.00 -36.18
C GLU E 59 -6.20 8.21 -36.55
N GLU E 60 -6.05 7.18 -37.39
CA GLU E 60 -7.20 6.34 -37.77
C GLU E 60 -7.77 5.60 -36.56
N ILE E 61 -6.88 5.15 -35.68
CA ILE E 61 -7.28 4.43 -34.48
C ILE E 61 -8.03 5.35 -33.52
N ARG E 62 -7.46 6.51 -33.28
CA ARG E 62 -8.06 7.43 -32.33
C ARG E 62 -9.43 7.89 -32.84
N ARG E 63 -9.51 8.16 -34.13
CA ARG E 63 -10.76 8.60 -34.73
C ARG E 63 -11.90 7.59 -34.48
N VAL E 64 -11.63 6.31 -34.74
CA VAL E 64 -12.71 5.32 -34.60
C VAL E 64 -13.13 5.15 -33.12
N CYS E 65 -12.17 5.24 -32.20
CA CYS E 65 -12.46 5.20 -30.79
C CYS E 65 -13.29 6.41 -30.31
N LEU E 66 -12.98 7.59 -30.84
CA LEU E 66 -13.75 8.80 -30.52
C LEU E 66 -15.17 8.67 -31.04
N GLU E 67 -15.31 8.16 -32.27
CA GLU E 67 -16.63 7.90 -32.87
C GLU E 67 -17.44 6.85 -32.10
N ALA E 68 -16.80 5.76 -31.69
CA ALA E 68 -17.45 4.77 -30.84
C ALA E 68 -18.03 5.39 -29.56
N ASN E 69 -17.24 6.25 -28.93
CA ASN E 69 -17.65 6.94 -27.73
C ASN E 69 -18.90 7.79 -27.90
N ALA E 70 -18.97 8.48 -29.04
CA ALA E 70 -20.04 9.45 -29.27
C ALA E 70 -21.32 8.79 -29.81
N SER E 71 -21.20 7.53 -30.24
CA SER E 71 -22.31 6.81 -30.86
C SER E 71 -23.16 6.08 -29.83
N GLU E 72 -24.39 6.54 -29.63
CA GLU E 72 -25.29 5.94 -28.65
C GLU E 72 -25.64 4.48 -28.93
N GLN E 73 -25.62 4.09 -30.20
CA GLN E 73 -26.02 2.73 -30.52
C GLN E 73 -24.85 1.75 -30.50
N CYS E 74 -23.64 2.28 -30.41
CA CYS E 74 -22.48 1.41 -30.30
C CYS E 74 -22.35 0.93 -28.85
N ALA E 75 -22.53 -0.38 -28.64
CA ALA E 75 -22.54 -0.92 -27.29
C ALA E 75 -21.24 -1.63 -26.98
N GLY E 76 -20.41 -1.83 -27.99
CA GLY E 76 -19.14 -2.50 -27.79
C GLY E 76 -18.26 -2.46 -29.04
N VAL E 77 -16.96 -2.57 -28.83
CA VAL E 77 -16.02 -2.61 -29.93
C VAL E 77 -15.26 -3.94 -29.91
N VAL E 78 -15.24 -4.62 -31.05
CA VAL E 78 -14.47 -5.86 -31.21
C VAL E 78 -13.22 -5.56 -32.04
N THR E 79 -12.03 -5.76 -31.46
CA THR E 79 -10.79 -5.44 -32.17
C THR E 79 -10.04 -6.70 -32.52
N TRP E 80 -9.46 -6.71 -33.71
CA TRP E 80 -8.69 -7.84 -34.20
C TRP E 80 -7.52 -7.35 -35.04
N MET E 81 -6.32 -7.84 -34.76
CA MET E 81 -5.18 -7.47 -35.58
C MET E 81 -5.03 -8.51 -36.69
N HIS E 82 -5.41 -8.14 -37.90
CA HIS E 82 -5.26 -9.01 -39.07
C HIS E 82 -3.77 -9.24 -39.35
N THR E 83 -2.97 -8.17 -39.28
CA THR E 83 -1.52 -8.27 -39.41
C THR E 83 -0.89 -7.64 -38.18
N PHE E 84 0.45 -7.64 -38.13
CA PHE E 84 1.16 -6.83 -37.16
C PHE E 84 0.64 -5.39 -37.29
N SER E 85 0.29 -4.78 -36.17
CA SER E 85 -0.22 -3.43 -36.15
C SER E 85 0.38 -2.74 -34.94
N PRO E 86 1.61 -2.20 -35.09
CA PRO E 86 2.46 -1.71 -34.00
C PRO E 86 1.69 -0.97 -32.91
N ALA E 87 1.72 -1.52 -31.69
CA ALA E 87 0.75 -1.18 -30.66
C ALA E 87 0.88 0.20 -30.03
N LYS E 88 2.04 0.85 -30.18
CA LYS E 88 2.14 2.25 -29.73
C LYS E 88 1.13 3.13 -30.48
N MET E 89 0.77 2.72 -31.70
CA MET E 89 -0.26 3.42 -32.48
C MET E 89 -1.63 3.36 -31.80
N TRP E 90 -1.85 2.35 -30.95
CA TRP E 90 -3.15 2.13 -30.31
C TRP E 90 -3.33 2.85 -28.98
N ILE E 91 -2.24 3.37 -28.43
CA ILE E 91 -2.28 4.05 -27.13
C ILE E 91 -3.31 5.20 -27.07
N GLY E 92 -3.23 6.14 -28.02
CA GLY E 92 -4.14 7.27 -28.05
C GLY E 92 -5.61 6.83 -28.09
N GLY E 93 -5.93 5.86 -28.93
CA GLY E 93 -7.28 5.32 -28.99
C GLY E 93 -7.73 4.59 -27.72
N LEU E 94 -6.85 3.76 -27.16
CA LEU E 94 -7.20 2.99 -25.96
C LEU E 94 -7.38 3.89 -24.73
N LEU E 95 -6.64 4.98 -24.67
CA LEU E 95 -6.87 5.99 -23.63
C LEU E 95 -8.25 6.66 -23.77
N GLU E 96 -8.71 6.81 -25.01
CA GLU E 96 -9.94 7.53 -25.30
C GLU E 96 -11.21 6.68 -25.15
N LEU E 97 -11.12 5.40 -25.50
CA LEU E 97 -12.28 4.50 -25.58
C LEU E 97 -12.97 4.24 -24.23
N ARG E 98 -14.27 4.57 -24.16
CA ARG E 98 -15.09 4.27 -23.00
C ARG E 98 -16.25 3.32 -23.32
N LYS E 99 -16.22 2.66 -24.47
CA LYS E 99 -17.18 1.57 -24.74
C LYS E 99 -16.49 0.25 -24.43
N PRO E 100 -17.26 -0.76 -23.98
CA PRO E 100 -16.68 -2.08 -23.69
C PRO E 100 -15.88 -2.67 -24.85
N LEU E 101 -14.77 -3.31 -24.52
CA LEU E 101 -13.83 -3.81 -25.52
C LEU E 101 -13.73 -5.32 -25.45
N LEU E 102 -13.78 -5.96 -26.61
CA LEU E 102 -13.52 -7.39 -26.70
C LEU E 102 -12.42 -7.55 -27.71
N HIS E 103 -11.34 -8.20 -27.32
CA HIS E 103 -10.25 -8.51 -28.24
C HIS E 103 -10.49 -9.91 -28.83
N LEU E 104 -10.78 -9.97 -30.12
CA LEU E 104 -11.00 -11.23 -30.81
C LEU E 104 -9.70 -11.67 -31.48
N HIS E 105 -9.15 -12.78 -31.02
CA HIS E 105 -7.90 -13.30 -31.53
C HIS E 105 -8.25 -14.39 -32.53
N THR E 106 -8.34 -14.02 -33.80
CA THR E 106 -8.83 -14.96 -34.81
C THR E 106 -7.92 -14.95 -36.02
N GLN E 107 -8.34 -15.63 -37.08
CA GLN E 107 -7.58 -15.71 -38.34
C GLN E 107 -8.58 -15.93 -39.46
N PHE E 108 -8.37 -15.33 -40.63
CA PHE E 108 -9.38 -15.47 -41.68
C PHE E 108 -9.57 -16.91 -42.18
N ASN E 109 -8.49 -17.50 -42.68
CA ASN E 109 -8.49 -18.90 -43.09
C ASN E 109 -8.45 -19.78 -41.84
N ARG E 110 -9.01 -20.97 -41.92
CA ARG E 110 -8.96 -21.88 -40.80
C ARG E 110 -7.63 -22.65 -40.77
N ASP E 111 -7.23 -23.18 -41.92
CA ASP E 111 -6.11 -24.10 -41.99
C ASP E 111 -4.93 -23.53 -42.75
N ILE E 112 -3.72 -23.91 -42.35
CA ILE E 112 -2.52 -23.60 -43.12
C ILE E 112 -2.59 -24.31 -44.47
N PRO E 113 -2.46 -23.56 -45.57
CA PRO E 113 -2.43 -24.14 -46.92
C PRO E 113 -1.02 -24.66 -47.25
N TRP E 114 -0.75 -25.89 -46.82
CA TRP E 114 0.62 -26.40 -46.79
C TRP E 114 1.38 -26.29 -48.10
N ASP E 115 0.71 -26.59 -49.21
CA ASP E 115 1.40 -26.68 -50.49
C ASP E 115 1.67 -25.32 -51.11
N SER E 116 1.02 -24.28 -50.61
CA SER E 116 1.17 -22.98 -51.24
C SER E 116 1.56 -21.84 -50.28
N ILE E 117 1.69 -22.12 -48.99
CA ILE E 117 2.04 -21.07 -48.03
C ILE E 117 3.41 -20.46 -48.35
N ASP E 118 3.44 -19.15 -48.46
CA ASP E 118 4.68 -18.45 -48.77
C ASP E 118 4.75 -17.13 -47.99
N MET E 119 5.78 -16.34 -48.27
CA MET E 119 6.03 -15.12 -47.51
C MET E 119 4.87 -14.12 -47.56
N ASP E 120 4.26 -13.95 -48.74
CA ASP E 120 3.06 -13.12 -48.87
C ASP E 120 1.97 -13.52 -47.88
N PHE E 121 1.67 -14.81 -47.83
CA PHE E 121 0.74 -15.38 -46.88
C PHE E 121 1.16 -15.12 -45.42
N MET E 122 2.41 -15.38 -45.11
CA MET E 122 2.98 -15.13 -43.78
C MET E 122 2.85 -13.67 -43.37
N ASN E 123 3.08 -12.77 -44.31
CA ASN E 123 2.90 -11.34 -44.05
C ASN E 123 1.44 -11.00 -43.78
N LEU E 124 0.52 -11.64 -44.48
CA LEU E 124 -0.89 -11.27 -44.45
C LEU E 124 -1.64 -11.84 -43.24
N ASN E 125 -1.50 -13.14 -43.03
CA ASN E 125 -2.30 -13.84 -42.03
C ASN E 125 -1.54 -14.12 -40.74
N GLN E 126 -1.11 -13.02 -40.11
CA GLN E 126 -0.16 -13.09 -39.02
C GLN E 126 -0.73 -12.55 -37.70
N SER E 127 -2.03 -12.78 -37.49
CA SER E 127 -2.67 -12.45 -36.21
C SER E 127 -1.95 -13.12 -35.05
N ALA E 128 -1.36 -14.27 -35.34
CA ALA E 128 -0.68 -15.08 -34.34
C ALA E 128 0.31 -14.21 -33.56
N HIS E 129 0.97 -13.28 -34.24
CA HIS E 129 1.80 -12.30 -33.55
C HIS E 129 1.22 -10.88 -33.47
N GLY E 130 0.40 -10.49 -34.45
CA GLY E 130 -0.30 -9.21 -34.38
C GLY E 130 -1.11 -9.01 -33.11
N ASP E 131 -1.86 -10.06 -32.72
CA ASP E 131 -2.72 -9.96 -31.55
C ASP E 131 -1.94 -10.05 -30.23
N ARG E 132 -0.75 -10.61 -30.29
CA ARG E 132 0.08 -10.70 -29.08
C ARG E 132 0.65 -9.33 -28.72
N GLU E 133 1.24 -8.65 -29.70
CA GLU E 133 1.71 -7.27 -29.52
C GLU E 133 0.56 -6.38 -29.03
N TYR E 134 -0.62 -6.56 -29.62
CA TYR E 134 -1.81 -5.83 -29.15
C TYR E 134 -2.20 -6.24 -27.74
N GLY E 135 -2.19 -7.55 -27.47
CA GLY E 135 -2.40 -8.05 -26.12
C GLY E 135 -1.46 -7.37 -25.12
N PHE E 136 -0.19 -7.21 -25.50
CA PHE E 136 0.77 -6.54 -24.62
C PHE E 136 0.30 -5.14 -24.23
N ILE E 137 -0.08 -4.33 -25.22
CA ILE E 137 -0.39 -2.93 -24.90
C ILE E 137 -1.59 -2.86 -23.97
N GLY E 138 -2.53 -3.79 -24.13
CA GLY E 138 -3.69 -3.86 -23.27
C GLY E 138 -3.35 -4.21 -21.83
N ALA E 139 -2.43 -5.15 -21.65
CA ALA E 139 -1.94 -5.51 -20.32
C ALA E 139 -1.15 -4.35 -19.73
N ARG E 140 -0.37 -3.69 -20.59
CA ARG E 140 0.51 -2.60 -20.20
C ARG E 140 -0.28 -1.42 -19.68
N MET E 141 -1.40 -1.13 -20.35
CA MET E 141 -2.24 0.00 -19.98
C MET E 141 -3.32 -0.39 -18.99
N GLY E 142 -3.38 -1.68 -18.65
CA GLY E 142 -4.39 -2.19 -17.74
C GLY E 142 -5.85 -1.98 -18.14
N VAL E 143 -6.16 -2.07 -19.43
CA VAL E 143 -7.54 -1.83 -19.86
C VAL E 143 -8.48 -2.99 -19.52
N ALA E 144 -9.75 -2.67 -19.29
CA ALA E 144 -10.78 -3.68 -19.12
C ALA E 144 -11.05 -4.36 -20.47
N ARG E 145 -10.97 -5.68 -20.52
CA ARG E 145 -11.12 -6.38 -21.80
C ARG E 145 -11.59 -7.83 -21.66
N LYS E 146 -12.25 -8.31 -22.71
CA LYS E 146 -12.61 -9.70 -22.84
C LYS E 146 -11.74 -10.20 -23.97
N VAL E 147 -11.16 -11.39 -23.82
CA VAL E 147 -10.37 -11.97 -24.89
C VAL E 147 -11.03 -13.25 -25.37
N VAL E 148 -11.16 -13.38 -26.69
CA VAL E 148 -11.76 -14.57 -27.27
C VAL E 148 -10.84 -15.10 -28.36
N VAL E 149 -10.54 -16.38 -28.29
CA VAL E 149 -9.58 -16.99 -29.22
C VAL E 149 -10.25 -18.07 -30.04
N GLY E 150 -9.94 -18.10 -31.34
CA GLY E 150 -10.33 -19.19 -32.21
C GLY E 150 -10.76 -18.71 -33.58
N HIS E 151 -11.05 -19.63 -34.48
CA HIS E 151 -11.42 -19.26 -35.85
C HIS E 151 -12.79 -18.61 -35.90
N TRP E 152 -12.99 -17.66 -36.80
CA TRP E 152 -14.22 -16.87 -36.79
C TRP E 152 -15.47 -17.62 -37.25
N GLU E 153 -15.29 -18.84 -37.79
CA GLU E 153 -16.42 -19.68 -38.19
C GLU E 153 -16.68 -20.82 -37.21
N ASP E 154 -15.94 -20.85 -36.12
CA ASP E 154 -16.15 -21.81 -35.05
C ASP E 154 -17.39 -21.39 -34.25
N PRO E 155 -18.38 -22.28 -34.14
CA PRO E 155 -19.61 -21.88 -33.43
C PRO E 155 -19.38 -21.57 -31.95
N GLU E 156 -18.35 -22.15 -31.33
CA GLU E 156 -18.04 -21.83 -29.95
C GLU E 156 -17.53 -20.38 -29.82
N VAL E 157 -16.70 -19.95 -30.77
CA VAL E 157 -16.24 -18.55 -30.80
C VAL E 157 -17.42 -17.61 -30.93
N ARG E 158 -18.31 -17.91 -31.87
CA ARG E 158 -19.49 -17.09 -32.09
C ARG E 158 -20.37 -17.05 -30.85
N GLU E 159 -20.46 -18.17 -30.15
CA GLU E 159 -21.23 -18.23 -28.90
C GLU E 159 -20.67 -17.29 -27.80
N ARG E 160 -19.34 -17.27 -27.62
CA ARG E 160 -18.73 -16.35 -26.67
C ARG E 160 -19.08 -14.92 -27.05
N LEU E 161 -18.92 -14.62 -28.34
CA LEU E 161 -19.21 -13.29 -28.87
C LEU E 161 -20.66 -12.90 -28.59
N ALA E 162 -21.58 -13.82 -28.88
CA ALA E 162 -23.02 -13.58 -28.74
C ALA E 162 -23.42 -13.30 -27.29
N LYS E 163 -22.96 -14.16 -26.38
CA LYS E 163 -23.19 -13.94 -24.94
C LYS E 163 -22.65 -12.59 -24.44
N TRP E 164 -21.45 -12.24 -24.90
CA TRP E 164 -20.82 -10.98 -24.50
C TRP E 164 -21.60 -9.77 -25.01
N MET E 165 -22.18 -9.89 -26.19
CA MET E 165 -23.07 -8.85 -26.72
C MET E 165 -24.20 -8.53 -25.74
N ARG E 166 -24.82 -9.58 -25.18
CA ARG E 166 -25.88 -9.39 -24.17
C ARG E 166 -25.35 -8.70 -22.91
N THR E 167 -24.18 -9.13 -22.44
CA THR E 167 -23.52 -8.48 -21.31
C THR E 167 -23.26 -7.01 -21.61
N ALA E 168 -22.67 -6.74 -22.77
CA ALA E 168 -22.30 -5.38 -23.15
C ALA E 168 -23.52 -4.45 -23.27
N VAL E 169 -24.60 -4.96 -23.86
CA VAL E 169 -25.86 -4.22 -23.95
C VAL E 169 -26.44 -3.93 -22.56
N ALA E 170 -26.36 -4.91 -21.67
CA ALA E 170 -26.72 -4.68 -20.27
C ALA E 170 -25.88 -3.55 -19.68
N PHE E 171 -24.61 -3.47 -20.07
CA PHE E 171 -23.72 -2.44 -19.55
C PHE E 171 -24.10 -1.03 -20.02
N ALA E 172 -24.45 -0.91 -21.30
CA ALA E 172 -24.94 0.35 -21.86
C ALA E 172 -26.24 0.77 -21.16
N GLU E 173 -27.14 -0.20 -20.94
CA GLU E 173 -28.35 0.06 -20.18
C GLU E 173 -28.04 0.52 -18.75
N SER E 174 -27.14 -0.22 -18.09
CA SER E 174 -26.70 0.15 -16.75
C SER E 174 -26.12 1.56 -16.72
N ARG E 175 -25.33 1.89 -17.73
CA ARG E 175 -24.70 3.21 -17.76
C ARG E 175 -25.71 4.35 -17.73
N ASN E 176 -26.90 4.10 -18.28
CA ASN E 176 -27.93 5.13 -18.38
C ASN E 176 -29.17 4.83 -17.53
N LEU E 177 -29.02 3.92 -16.58
CA LEU E 177 -30.13 3.50 -15.71
C LEU E 177 -30.59 4.61 -14.75
N LYS E 178 -31.90 4.87 -14.72
CA LYS E 178 -32.47 5.81 -13.75
C LYS E 178 -33.38 5.08 -12.77
N VAL E 179 -33.08 5.20 -11.47
CA VAL E 179 -33.91 4.58 -10.42
C VAL E 179 -34.80 5.62 -9.73
N ALA E 180 -36.07 5.29 -9.55
CA ALA E 180 -36.96 6.11 -8.72
C ALA E 180 -37.20 5.41 -7.39
N ARG E 181 -37.02 6.13 -6.30
CA ARG E 181 -37.31 5.58 -4.98
C ARG E 181 -38.47 6.34 -4.37
N PHE E 182 -39.56 5.64 -4.11
CA PHE E 182 -40.69 6.20 -3.37
C PHE E 182 -40.50 5.93 -1.88
N GLY E 183 -39.85 6.85 -1.18
CA GLY E 183 -39.54 6.63 0.22
C GLY E 183 -38.15 6.06 0.42
N ASP E 184 -37.71 6.07 1.66
CA ASP E 184 -36.34 5.74 2.00
C ASP E 184 -36.15 4.26 2.35
N ASN E 185 -34.93 3.89 2.73
CA ASN E 185 -34.63 2.54 3.16
C ASN E 185 -35.48 2.17 4.34
N MET E 186 -35.79 0.88 4.48
CA MET E 186 -36.41 0.38 5.70
C MET E 186 -35.48 0.74 6.85
N ARG E 187 -36.03 1.38 7.87
CA ARG E 187 -35.24 1.88 8.98
C ARG E 187 -34.37 0.79 9.63
N GLU E 188 -33.13 1.17 9.96
CA GLU E 188 -32.19 0.32 10.69
C GLU E 188 -31.58 -0.82 9.86
N VAL E 189 -31.94 -0.92 8.59
CA VAL E 189 -31.39 -1.98 7.74
C VAL E 189 -30.02 -1.58 7.14
N ALA E 190 -29.07 -2.51 7.14
CA ALA E 190 -27.71 -2.18 6.73
C ALA E 190 -27.37 -2.49 5.27
N VAL E 191 -27.71 -3.69 4.82
CA VAL E 191 -27.26 -4.13 3.50
C VAL E 191 -27.85 -3.33 2.32
N THR E 192 -29.00 -2.70 2.51
CA THR E 192 -29.64 -2.01 1.39
C THR E 192 -29.22 -0.54 1.36
N GLU E 193 -28.40 -0.17 2.33
CA GLU E 193 -27.88 1.18 2.40
C GLU E 193 -26.61 1.22 1.54
N GLY E 194 -26.18 2.41 1.14
CA GLY E 194 -24.95 2.50 0.39
C GLY E 194 -24.65 3.89 -0.13
N ASP E 195 -23.65 3.96 -1.02
CA ASP E 195 -23.17 5.25 -1.53
C ASP E 195 -23.65 5.45 -2.95
N LYS E 196 -24.69 6.28 -3.10
CA LYS E 196 -25.27 6.56 -4.42
C LYS E 196 -24.28 7.27 -5.35
N VAL E 197 -23.47 8.18 -4.81
CA VAL E 197 -22.48 8.89 -5.63
C VAL E 197 -21.45 7.92 -6.17
N GLY E 198 -20.88 7.10 -5.29
CA GLY E 198 -19.97 6.07 -5.72
C GLY E 198 -20.55 5.12 -6.75
N ALA E 199 -21.81 4.74 -6.55
CA ALA E 199 -22.52 3.89 -7.51
C ALA E 199 -22.73 4.57 -8.89
N GLN E 200 -23.02 5.85 -8.89
CA GLN E 200 -23.15 6.57 -10.16
C GLN E 200 -21.78 6.70 -10.83
N ILE E 201 -20.74 6.99 -10.06
CA ILE E 201 -19.38 6.99 -10.60
C ILE E 201 -19.01 5.61 -11.15
N GLN E 202 -19.30 4.56 -10.39
CA GLN E 202 -18.86 3.22 -10.78
C GLN E 202 -19.69 2.60 -11.88
N PHE E 203 -21.00 2.70 -11.80
CA PHE E 203 -21.87 2.00 -12.74
C PHE E 203 -22.60 2.95 -13.67
N GLY E 204 -22.76 4.21 -13.24
CA GLY E 204 -23.52 5.17 -14.01
C GLY E 204 -24.95 5.35 -13.50
N TRP E 205 -25.38 4.49 -12.58
CA TRP E 205 -26.76 4.53 -12.07
C TRP E 205 -27.15 5.90 -11.53
N SER E 206 -28.26 6.42 -12.00
CA SER E 206 -28.84 7.61 -11.41
C SER E 206 -29.89 7.19 -10.39
N VAL E 207 -29.71 7.57 -9.13
CA VAL E 207 -30.63 7.15 -8.09
C VAL E 207 -31.17 8.32 -7.28
N ASN E 208 -32.47 8.55 -7.38
CA ASN E 208 -33.07 9.70 -6.71
C ASN E 208 -34.42 9.41 -6.06
N GLY E 209 -34.71 10.17 -4.99
CA GLY E 209 -35.86 9.89 -4.16
C GLY E 209 -37.04 10.82 -4.37
N TYR E 210 -38.22 10.23 -4.27
CA TYR E 210 -39.48 10.95 -4.46
C TYR E 210 -40.42 10.64 -3.31
N GLY E 211 -41.15 11.63 -2.84
CA GLY E 211 -42.20 11.37 -1.87
C GLY E 211 -43.25 10.41 -2.43
N ILE E 212 -43.75 9.51 -1.58
CA ILE E 212 -44.85 8.62 -1.97
C ILE E 212 -46.06 9.45 -2.49
N GLY E 213 -46.22 10.65 -1.96
CA GLY E 213 -47.23 11.58 -2.43
C GLY E 213 -47.16 11.87 -3.92
N ASP E 214 -45.95 11.90 -4.47
CA ASP E 214 -45.77 12.08 -5.92
C ASP E 214 -46.39 10.93 -6.69
N LEU E 215 -46.23 9.72 -6.16
CA LEU E 215 -46.81 8.54 -6.78
C LEU E 215 -48.34 8.54 -6.63
N VAL E 216 -48.80 8.88 -5.43
CA VAL E 216 -50.23 8.91 -5.12
C VAL E 216 -50.98 9.84 -6.08
N GLN E 217 -50.38 11.00 -6.34
CA GLN E 217 -50.92 11.97 -7.30
C GLN E 217 -51.12 11.37 -8.69
N TYR E 218 -50.14 10.61 -9.17
CA TYR E 218 -50.26 9.95 -10.45
C TYR E 218 -51.37 8.90 -10.41
N ILE E 219 -51.46 8.18 -9.29
CA ILE E 219 -52.47 7.13 -9.14
C ILE E 219 -53.88 7.71 -9.25
N ARG E 220 -54.08 8.89 -8.68
CA ARG E 220 -55.36 9.59 -8.72
C ARG E 220 -55.76 10.09 -10.11
N ASP E 221 -54.77 10.25 -10.99
CA ASP E 221 -55.01 10.74 -12.35
C ASP E 221 -55.17 9.62 -13.37
N VAL E 222 -55.17 8.38 -12.89
CA VAL E 222 -55.38 7.24 -13.75
C VAL E 222 -56.82 7.24 -14.25
N SER E 223 -57.02 6.91 -15.52
CA SER E 223 -58.37 6.88 -16.08
C SER E 223 -59.06 5.58 -15.72
N GLU E 224 -60.25 5.69 -15.11
CA GLU E 224 -61.02 4.52 -14.71
C GLU E 224 -61.37 3.62 -15.89
N GLN E 225 -61.41 4.19 -17.08
CA GLN E 225 -61.60 3.42 -18.30
C GLN E 225 -60.46 2.42 -18.44
N LYS E 226 -59.23 2.94 -18.41
CA LYS E 226 -58.04 2.10 -18.56
C LYS E 226 -57.83 1.12 -17.42
N VAL E 227 -58.31 1.47 -16.23
CA VAL E 227 -58.33 0.53 -15.12
C VAL E 227 -59.12 -0.71 -15.51
N ASN E 228 -60.32 -0.48 -16.05
CA ASN E 228 -61.19 -1.58 -16.47
C ASN E 228 -60.58 -2.42 -17.58
N GLU E 229 -59.89 -1.77 -18.51
CA GLU E 229 -59.22 -2.50 -19.58
C GLU E 229 -58.07 -3.37 -19.03
N LEU E 230 -57.40 -2.86 -18.01
CA LEU E 230 -56.33 -3.61 -17.36
C LEU E 230 -56.91 -4.79 -16.59
N LEU E 231 -58.06 -4.58 -15.96
CA LEU E 231 -58.75 -5.64 -15.25
C LEU E 231 -59.17 -6.75 -16.20
N ASP E 232 -59.63 -6.35 -17.38
CA ASP E 232 -59.95 -7.28 -18.45
C ASP E 232 -58.74 -8.15 -18.77
N GLU E 233 -57.57 -7.52 -18.86
CA GLU E 233 -56.34 -8.21 -19.21
C GLU E 233 -55.84 -9.17 -18.12
N TYR E 234 -56.10 -8.81 -16.85
CA TYR E 234 -55.84 -9.73 -15.75
C TYR E 234 -56.64 -11.02 -15.98
N GLU E 235 -57.94 -10.86 -16.25
CA GLU E 235 -58.83 -12.00 -16.49
C GLU E 235 -58.29 -12.89 -17.59
N GLU E 236 -57.82 -12.26 -18.66
CA GLU E 236 -57.26 -12.98 -19.79
C GLU E 236 -56.02 -13.80 -19.40
N LEU E 237 -55.12 -13.19 -18.62
CA LEU E 237 -53.81 -13.79 -18.36
C LEU E 237 -53.75 -14.74 -17.16
N TYR E 238 -54.54 -14.47 -16.13
CA TYR E 238 -54.44 -15.21 -14.88
C TYR E 238 -55.76 -15.86 -14.46
N ASP E 239 -55.67 -16.84 -13.56
CA ASP E 239 -56.84 -17.36 -12.89
C ASP E 239 -57.16 -16.46 -11.73
N ILE E 240 -58.20 -15.66 -11.87
CA ILE E 240 -58.65 -14.80 -10.78
C ILE E 240 -59.44 -15.63 -9.76
N VAL E 241 -59.29 -15.30 -8.48
CA VAL E 241 -60.04 -15.97 -7.43
C VAL E 241 -61.53 -15.68 -7.62
N PRO E 242 -62.37 -16.73 -7.48
CA PRO E 242 -63.84 -16.68 -7.60
C PRO E 242 -64.47 -15.38 -7.09
N ALA E 243 -64.22 -15.03 -5.83
CA ALA E 243 -64.83 -13.85 -5.21
C ALA E 243 -64.45 -12.54 -5.89
N GLY E 244 -63.41 -12.56 -6.71
CA GLY E 244 -62.99 -11.38 -7.44
C GLY E 244 -63.49 -11.36 -8.88
N ARG E 245 -64.25 -12.39 -9.24
CA ARG E 245 -64.78 -12.52 -10.60
C ARG E 245 -65.96 -11.57 -10.88
N GLN E 246 -66.82 -11.35 -9.89
CA GLN E 246 -67.95 -10.44 -10.03
C GLN E 246 -67.75 -9.22 -9.14
N GLU E 247 -68.57 -8.21 -9.32
CA GLU E 247 -68.44 -6.97 -8.56
C GLU E 247 -68.55 -7.22 -7.08
N GLY E 248 -67.66 -6.58 -6.32
CA GLY E 248 -67.59 -6.80 -4.89
C GLY E 248 -66.26 -6.34 -4.32
N PRO E 249 -66.04 -6.55 -3.01
CA PRO E 249 -64.84 -6.11 -2.30
C PRO E 249 -63.54 -6.72 -2.83
N VAL E 250 -63.55 -8.00 -3.16
CA VAL E 250 -62.35 -8.67 -3.67
C VAL E 250 -61.92 -8.12 -5.03
N ARG E 251 -62.90 -7.92 -5.92
CA ARG E 251 -62.60 -7.37 -7.23
C ARG E 251 -62.15 -5.91 -7.14
N GLU E 252 -62.68 -5.20 -6.14
CA GLU E 252 -62.29 -3.81 -5.91
C GLU E 252 -60.81 -3.75 -5.50
N SER E 253 -60.39 -4.74 -4.71
CA SER E 253 -59.00 -4.87 -4.31
C SER E 253 -58.11 -5.05 -5.52
N ILE E 254 -58.52 -5.91 -6.45
CA ILE E 254 -57.75 -6.16 -7.65
C ILE E 254 -57.75 -4.92 -8.53
N ARG E 255 -58.85 -4.20 -8.50
CA ARG E 255 -58.97 -2.96 -9.25
C ARG E 255 -57.99 -1.91 -8.72
N GLU E 256 -57.78 -1.92 -7.41
CA GLU E 256 -56.88 -0.95 -6.79
C GLU E 256 -55.41 -1.15 -7.20
N GLN E 257 -54.98 -2.41 -7.24
CA GLN E 257 -53.65 -2.74 -7.75
C GLN E 257 -53.50 -2.30 -9.20
N ALA E 258 -54.57 -2.45 -9.98
CA ALA E 258 -54.54 -2.00 -11.37
C ALA E 258 -54.33 -0.48 -11.48
N ARG E 259 -54.93 0.28 -10.56
CA ARG E 259 -54.71 1.74 -10.51
C ARG E 259 -53.26 2.05 -10.17
N ILE E 260 -52.74 1.35 -9.17
CA ILE E 260 -51.35 1.50 -8.76
C ILE E 260 -50.45 1.21 -9.95
N GLU E 261 -50.77 0.13 -10.66
CA GLU E 261 -49.98 -0.26 -11.83
C GLU E 261 -49.87 0.84 -12.86
N LEU E 262 -51.00 1.46 -13.19
CA LEU E 262 -51.04 2.51 -14.21
C LEU E 262 -50.36 3.79 -13.75
N GLY E 263 -50.60 4.20 -12.51
CA GLY E 263 -49.95 5.39 -11.99
C GLY E 263 -48.44 5.20 -11.98
N LEU E 264 -48.01 4.05 -11.47
CA LEU E 264 -46.59 3.68 -11.39
C LEU E 264 -45.96 3.78 -12.78
N LYS E 265 -46.58 3.13 -13.77
CA LYS E 265 -46.08 3.17 -15.15
C LYS E 265 -46.06 4.58 -15.75
N ALA E 266 -47.09 5.36 -15.46
CA ALA E 266 -47.15 6.74 -15.94
C ALA E 266 -45.96 7.53 -15.38
N PHE E 267 -45.76 7.44 -14.06
CA PHE E 267 -44.66 8.13 -13.39
C PHE E 267 -43.30 7.72 -13.98
N LEU E 268 -43.09 6.40 -14.06
CA LEU E 268 -41.83 5.84 -14.54
C LEU E 268 -41.50 6.27 -15.97
N GLN E 269 -42.47 6.13 -16.87
CA GLN E 269 -42.30 6.56 -18.26
C GLN E 269 -41.97 8.05 -18.38
N ASP E 270 -42.65 8.86 -17.58
CA ASP E 270 -42.42 10.31 -17.62
C ASP E 270 -40.97 10.71 -17.30
N GLY E 271 -40.30 9.93 -16.47
CA GLY E 271 -38.90 10.24 -16.14
C GLY E 271 -37.89 9.28 -16.76
N ASN E 272 -38.35 8.46 -17.70
CA ASN E 272 -37.55 7.36 -18.26
C ASN E 272 -36.82 6.52 -17.18
N PHE E 273 -37.56 6.17 -16.14
CA PHE E 273 -37.04 5.32 -15.08
C PHE E 273 -37.18 3.87 -15.53
N THR E 274 -36.14 3.07 -15.34
CA THR E 274 -36.22 1.67 -15.74
C THR E 274 -36.17 0.73 -14.52
N ALA E 275 -36.11 1.35 -13.33
CA ALA E 275 -36.14 0.62 -12.07
C ALA E 275 -36.72 1.48 -10.97
N PHE E 276 -37.22 0.85 -9.91
CA PHE E 276 -37.81 1.61 -8.81
C PHE E 276 -37.87 0.85 -7.48
N THR E 277 -38.06 1.57 -6.38
CA THR E 277 -38.23 0.94 -5.07
C THR E 277 -39.45 1.49 -4.34
N THR E 278 -40.00 0.67 -3.44
CA THR E 278 -41.00 1.13 -2.47
C THR E 278 -40.54 0.76 -1.06
N THR E 279 -41.29 1.22 -0.06
CA THR E 279 -41.01 0.87 1.32
C THR E 279 -42.32 0.82 2.08
N PHE E 280 -42.59 -0.32 2.71
CA PHE E 280 -43.85 -0.51 3.42
C PHE E 280 -43.99 0.46 4.58
N GLU E 281 -42.87 1.05 4.99
CA GLU E 281 -42.88 2.00 6.10
C GLU E 281 -43.38 3.40 5.70
N ASP E 282 -43.60 3.62 4.40
CA ASP E 282 -44.10 4.92 3.93
C ASP E 282 -45.11 4.71 2.82
N LEU E 283 -46.37 4.61 3.21
CA LEU E 283 -47.45 4.32 2.26
C LEU E 283 -48.58 5.33 2.43
N HIS E 284 -48.24 6.52 2.91
CA HIS E 284 -49.24 7.55 3.12
C HIS E 284 -49.99 7.89 1.84
N GLY E 285 -51.31 7.77 1.88
CA GLY E 285 -52.16 8.06 0.73
C GLY E 285 -52.36 6.89 -0.22
N MET E 286 -51.76 5.75 0.12
CA MET E 286 -51.92 4.54 -0.66
C MET E 286 -52.90 3.61 0.06
N LYS E 287 -53.71 2.87 -0.70
CA LYS E 287 -54.67 1.95 -0.08
C LYS E 287 -54.01 0.62 0.21
N GLN E 288 -53.10 0.22 -0.68
CA GLN E 288 -52.38 -1.02 -0.51
C GLN E 288 -50.89 -0.82 -0.75
N LEU E 289 -50.09 -1.76 -0.27
CA LEU E 289 -48.70 -1.86 -0.65
C LEU E 289 -48.74 -2.35 -2.10
N PRO E 290 -47.94 -1.72 -2.98
CA PRO E 290 -47.88 -2.24 -4.35
C PRO E 290 -47.45 -3.70 -4.40
N GLY E 291 -48.25 -4.52 -5.07
CA GLY E 291 -48.02 -5.95 -5.10
C GLY E 291 -48.14 -6.48 -6.51
N LEU E 292 -49.36 -6.90 -6.86
CA LEU E 292 -49.69 -7.27 -8.23
C LEU E 292 -49.12 -6.27 -9.25
N ALA E 293 -49.23 -4.98 -8.95
CA ALA E 293 -48.67 -3.94 -9.83
C ALA E 293 -47.16 -4.12 -10.05
N VAL E 294 -46.42 -4.30 -8.95
CA VAL E 294 -44.98 -4.52 -9.04
C VAL E 294 -44.63 -5.78 -9.84
N GLN E 295 -45.34 -6.87 -9.55
CA GLN E 295 -45.10 -8.15 -10.23
C GLN E 295 -45.22 -8.00 -11.73
N ARG E 296 -46.18 -7.17 -12.15
CA ARG E 296 -46.40 -6.91 -13.58
C ARG E 296 -45.37 -5.97 -14.19
N LEU E 297 -44.92 -4.98 -13.43
CA LEU E 297 -43.89 -4.09 -13.93
C LEU E 297 -42.58 -4.85 -14.15
N MET E 298 -42.24 -5.73 -13.22
CA MET E 298 -41.06 -6.57 -13.35
C MET E 298 -41.18 -7.46 -14.58
N ALA E 299 -42.38 -7.99 -14.79
CA ALA E 299 -42.66 -8.83 -15.94
C ALA E 299 -42.42 -8.06 -17.25
N GLU E 300 -42.60 -6.74 -17.20
CA GLU E 300 -42.31 -5.90 -18.37
C GLU E 300 -40.84 -5.53 -18.51
N GLY E 301 -40.03 -5.91 -17.51
CA GLY E 301 -38.61 -5.62 -17.56
C GLY E 301 -38.15 -4.49 -16.65
N TYR E 302 -39.01 -4.06 -15.73
CA TYR E 302 -38.59 -3.04 -14.76
C TYR E 302 -37.80 -3.69 -13.66
N GLY E 303 -36.80 -2.97 -13.18
CA GLY E 303 -36.03 -3.40 -12.02
C GLY E 303 -36.81 -3.02 -10.78
N PHE E 304 -36.80 -3.90 -9.78
CA PHE E 304 -37.46 -3.63 -8.52
C PHE E 304 -36.68 -4.12 -7.31
N GLY E 305 -36.65 -3.29 -6.28
CA GLY E 305 -36.13 -3.69 -4.99
C GLY E 305 -37.09 -3.26 -3.89
N GLY E 306 -37.39 -4.19 -3.00
CA GLY E 306 -38.21 -3.89 -1.85
C GLY E 306 -37.48 -3.02 -0.85
N GLU E 307 -38.24 -2.33 -0.01
CA GLU E 307 -37.70 -1.70 1.20
C GLU E 307 -36.58 -0.70 0.90
N GLY E 308 -36.72 0.02 -0.21
CA GLY E 308 -35.81 1.09 -0.58
C GLY E 308 -34.53 0.63 -1.26
N ASP E 309 -34.48 -0.65 -1.64
CA ASP E 309 -33.23 -1.28 -2.08
C ASP E 309 -32.88 -0.99 -3.53
N TRP E 310 -32.27 0.17 -3.76
CA TRP E 310 -31.86 0.61 -5.10
C TRP E 310 -30.75 -0.24 -5.73
N LYS E 311 -29.85 -0.80 -4.93
CA LYS E 311 -28.82 -1.67 -5.51
C LYS E 311 -29.40 -2.93 -6.16
N THR E 312 -30.39 -3.54 -5.52
CA THR E 312 -30.97 -4.74 -6.12
C THR E 312 -31.88 -4.35 -7.29
N ALA E 313 -32.58 -3.22 -7.16
CA ALA E 313 -33.42 -2.72 -8.25
C ALA E 313 -32.61 -2.55 -9.55
N ALA E 314 -31.46 -1.90 -9.47
CA ALA E 314 -30.60 -1.75 -10.63
C ALA E 314 -30.08 -3.11 -11.15
N LEU E 315 -29.72 -3.99 -10.22
CA LEU E 315 -29.24 -5.32 -10.57
C LEU E 315 -30.32 -6.11 -11.30
N VAL E 316 -31.54 -6.07 -10.76
CA VAL E 316 -32.69 -6.73 -11.39
C VAL E 316 -32.88 -6.26 -12.84
N ARG E 317 -32.96 -4.94 -13.03
CA ARG E 317 -33.06 -4.35 -14.36
C ARG E 317 -31.94 -4.79 -15.31
N LEU E 318 -30.69 -4.67 -14.88
CA LEU E 318 -29.59 -5.04 -15.78
C LEU E 318 -29.52 -6.56 -16.08
N MET E 319 -29.88 -7.40 -15.12
CA MET E 319 -29.96 -8.83 -15.40
C MET E 319 -31.14 -9.17 -16.33
N LYS E 320 -32.23 -8.41 -16.22
CA LYS E 320 -33.35 -8.54 -17.18
C LYS E 320 -32.81 -8.33 -18.57
N VAL E 321 -32.02 -7.26 -18.74
CA VAL E 321 -31.46 -6.94 -20.04
C VAL E 321 -30.55 -8.06 -20.53
N MET E 322 -29.71 -8.59 -19.65
CA MET E 322 -28.82 -9.71 -19.96
C MET E 322 -29.60 -10.94 -20.38
N ALA E 323 -30.78 -11.11 -19.78
CA ALA E 323 -31.63 -12.28 -19.97
C ALA E 323 -32.67 -12.12 -21.08
N ASP E 324 -32.72 -10.94 -21.69
CA ASP E 324 -33.74 -10.61 -22.69
C ASP E 324 -35.14 -10.82 -22.07
N GLY E 325 -35.29 -10.44 -20.81
CA GLY E 325 -36.56 -10.51 -20.10
C GLY E 325 -37.03 -11.88 -19.66
N LYS E 326 -36.22 -12.91 -19.91
CA LYS E 326 -36.66 -14.26 -19.59
C LYS E 326 -36.33 -14.66 -18.14
N GLY E 327 -37.28 -15.30 -17.48
CA GLY E 327 -37.07 -15.98 -16.21
C GLY E 327 -36.21 -15.32 -15.16
N THR E 328 -36.48 -14.05 -14.90
CA THR E 328 -35.67 -13.28 -13.98
C THR E 328 -36.57 -12.60 -12.94
N SER E 329 -36.12 -12.54 -11.69
CA SER E 329 -36.95 -11.94 -10.64
C SER E 329 -36.16 -11.39 -9.45
N PHE E 330 -36.70 -10.32 -8.86
CA PHE E 330 -36.37 -9.94 -7.50
C PHE E 330 -36.63 -11.18 -6.62
N MET E 331 -35.82 -11.37 -5.57
CA MET E 331 -35.93 -12.58 -4.75
C MET E 331 -35.32 -12.40 -3.37
N GLU E 332 -35.85 -13.14 -2.39
CA GLU E 332 -35.30 -13.13 -1.04
C GLU E 332 -35.42 -14.52 -0.44
N ASP E 333 -34.35 -14.98 0.21
CA ASP E 333 -34.37 -16.29 0.88
C ASP E 333 -35.34 -16.15 2.03
N TYR E 334 -36.29 -17.07 2.17
CA TYR E 334 -37.31 -16.91 3.22
C TYR E 334 -37.21 -17.93 4.34
N THR E 335 -37.23 -19.21 4.01
CA THR E 335 -37.09 -20.23 5.03
C THR E 335 -36.40 -21.46 4.44
N TYR E 336 -35.89 -22.34 5.30
CA TYR E 336 -35.10 -23.48 4.84
C TYR E 336 -35.80 -24.81 5.08
N HIS E 337 -35.44 -25.80 4.28
CA HIS E 337 -35.85 -27.17 4.49
C HIS E 337 -34.57 -27.99 4.71
N PHE E 338 -34.32 -28.38 5.95
CA PHE E 338 -33.06 -29.02 6.32
C PHE E 338 -33.09 -30.54 6.23
N GLU E 339 -34.15 -31.09 5.64
CA GLU E 339 -34.27 -32.55 5.53
C GLU E 339 -33.02 -33.17 4.90
N PRO E 340 -32.34 -34.04 5.65
CA PRO E 340 -31.08 -34.68 5.22
C PRO E 340 -31.18 -35.30 3.84
N GLY E 341 -30.29 -34.88 2.93
CA GLY E 341 -30.30 -35.39 1.57
C GLY E 341 -31.32 -34.72 0.64
N ASN E 342 -32.08 -33.79 1.19
CA ASN E 342 -33.07 -33.06 0.40
C ASN E 342 -33.15 -31.61 0.90
N GLU E 343 -31.99 -31.02 1.15
CA GLU E 343 -31.91 -29.67 1.69
C GLU E 343 -32.23 -28.65 0.61
N LEU E 344 -33.07 -27.67 0.96
CA LEU E 344 -33.43 -26.67 -0.02
C LEU E 344 -33.84 -25.35 0.63
N ILE E 345 -33.96 -24.32 -0.19
CA ILE E 345 -34.31 -22.99 0.26
C ILE E 345 -35.62 -22.59 -0.41
N LEU E 346 -36.51 -21.99 0.35
CA LEU E 346 -37.72 -21.39 -0.20
C LEU E 346 -37.51 -19.89 -0.30
N GLY E 347 -37.65 -19.36 -1.51
CA GLY E 347 -37.52 -17.94 -1.73
C GLY E 347 -38.86 -17.32 -2.07
N ALA E 348 -39.07 -16.09 -1.61
CA ALA E 348 -40.26 -15.32 -1.95
C ALA E 348 -40.00 -13.86 -1.63
N HIS E 349 -41.05 -13.05 -1.70
CA HIS E 349 -41.09 -11.78 -0.99
C HIS E 349 -42.49 -11.63 -0.42
N MET E 350 -42.72 -10.59 0.37
CA MET E 350 -44.04 -10.41 0.98
C MET E 350 -45.16 -10.32 -0.07
N LEU E 351 -44.83 -9.84 -1.27
CA LEU E 351 -45.78 -9.81 -2.39
C LEU E 351 -45.08 -9.95 -3.73
N GLU E 352 -43.91 -9.35 -3.85
CA GLU E 352 -43.36 -9.00 -5.15
C GLU E 352 -42.43 -10.06 -5.76
N VAL E 353 -43.01 -11.12 -6.31
CA VAL E 353 -42.25 -12.10 -7.08
C VAL E 353 -42.71 -12.09 -8.54
N CYS E 354 -41.75 -12.01 -9.46
CA CYS E 354 -42.06 -11.84 -10.88
C CYS E 354 -42.57 -13.13 -11.54
N PRO E 355 -43.72 -13.04 -12.22
CA PRO E 355 -44.38 -14.19 -12.88
C PRO E 355 -43.57 -14.85 -13.99
N THR E 356 -42.50 -14.22 -14.48
CA THR E 356 -41.70 -14.87 -15.53
C THR E 356 -40.97 -16.13 -15.04
N ILE E 357 -40.86 -16.31 -13.74
CA ILE E 357 -40.26 -17.55 -13.22
C ILE E 357 -41.32 -18.62 -12.90
N ALA E 358 -42.59 -18.30 -13.18
CA ALA E 358 -43.71 -19.20 -12.87
C ALA E 358 -43.73 -20.48 -13.71
N ALA E 359 -44.03 -21.61 -13.07
CA ALA E 359 -44.15 -22.88 -13.78
C ALA E 359 -45.63 -23.26 -13.91
N THR E 360 -46.44 -22.70 -13.03
CA THR E 360 -47.88 -22.86 -13.08
C THR E 360 -48.49 -21.54 -13.54
N ARG E 361 -49.77 -21.57 -13.90
CA ARG E 361 -50.48 -20.34 -14.24
C ARG E 361 -50.71 -19.53 -12.98
N PRO E 362 -50.27 -18.27 -13.00
CA PRO E 362 -50.46 -17.38 -11.84
C PRO E 362 -51.93 -17.19 -11.49
N ARG E 363 -52.21 -17.18 -10.18
CA ARG E 363 -53.53 -16.89 -9.67
C ARG E 363 -53.52 -15.52 -9.03
N VAL E 364 -54.52 -14.71 -9.34
CA VAL E 364 -54.68 -13.46 -8.63
C VAL E 364 -55.42 -13.76 -7.33
N GLU E 365 -54.84 -13.36 -6.21
CA GLU E 365 -55.47 -13.62 -4.91
C GLU E 365 -55.39 -12.37 -4.05
N VAL E 366 -56.24 -12.32 -3.03
CA VAL E 366 -56.23 -11.23 -2.08
C VAL E 366 -56.20 -11.81 -0.67
N HIS E 367 -55.15 -11.49 0.07
CA HIS E 367 -55.04 -11.95 1.44
C HIS E 367 -54.61 -10.76 2.27
N PRO E 368 -54.85 -10.83 3.59
CA PRO E 368 -54.38 -9.69 4.39
C PRO E 368 -52.86 -9.67 4.55
N LEU E 369 -52.35 -8.47 4.85
CA LEU E 369 -50.93 -8.28 5.09
C LEU E 369 -50.75 -7.22 6.16
N SER E 370 -50.38 -7.64 7.37
CA SER E 370 -50.15 -6.72 8.47
C SER E 370 -49.01 -5.73 8.20
N ILE E 371 -47.95 -6.23 7.55
CA ILE E 371 -46.74 -5.43 7.28
C ILE E 371 -47.07 -4.19 6.46
N GLY E 372 -46.98 -3.03 7.09
CA GLY E 372 -47.27 -1.78 6.40
C GLY E 372 -48.56 -1.14 6.87
N GLY E 373 -49.45 -1.97 7.42
CA GLY E 373 -50.71 -1.52 7.97
C GLY E 373 -51.74 -1.04 6.97
N LYS E 374 -51.73 -1.60 5.76
CA LYS E 374 -52.68 -1.20 4.73
C LYS E 374 -53.68 -2.31 4.43
N GLU E 375 -54.62 -2.01 3.54
CA GLU E 375 -55.68 -2.95 3.19
C GLU E 375 -55.09 -4.17 2.51
N ASP E 376 -55.82 -5.28 2.56
CA ASP E 376 -55.40 -6.54 1.95
C ASP E 376 -55.02 -6.35 0.49
N PRO E 377 -53.74 -6.60 0.15
CA PRO E 377 -53.27 -6.39 -1.22
C PRO E 377 -53.54 -7.58 -2.13
N ALA E 378 -53.78 -7.29 -3.41
CA ALA E 378 -53.92 -8.34 -4.41
C ALA E 378 -52.53 -8.65 -4.93
N ARG E 379 -52.33 -9.89 -5.39
CA ARG E 379 -51.01 -10.34 -5.82
C ARG E 379 -51.10 -11.62 -6.66
N LEU E 380 -50.09 -11.85 -7.49
CA LEU E 380 -50.00 -13.10 -8.24
C LEU E 380 -49.38 -14.20 -7.39
N VAL E 381 -50.03 -15.35 -7.36
CA VAL E 381 -49.54 -16.50 -6.60
C VAL E 381 -49.22 -17.64 -7.56
N PHE E 382 -48.07 -18.28 -7.36
CA PHE E 382 -47.60 -19.34 -8.26
C PHE E 382 -46.39 -20.09 -7.70
N ASP E 383 -46.06 -21.21 -8.34
CA ASP E 383 -44.84 -21.97 -8.06
C ASP E 383 -43.80 -21.64 -9.12
N GLY E 384 -42.55 -21.45 -8.69
CA GLY E 384 -41.46 -21.17 -9.61
C GLY E 384 -41.01 -22.43 -10.35
N GLY E 385 -40.33 -22.24 -11.48
CA GLY E 385 -39.88 -23.34 -12.31
C GLY E 385 -38.70 -24.09 -11.73
N GLU E 386 -38.21 -25.07 -12.48
CA GLU E 386 -37.06 -25.84 -12.04
C GLU E 386 -35.91 -25.62 -13.01
N GLY E 387 -34.70 -26.00 -12.60
CA GLY E 387 -33.56 -25.94 -13.51
C GLY E 387 -32.41 -25.09 -12.99
N ALA E 388 -31.32 -25.07 -13.75
CA ALA E 388 -30.13 -24.27 -13.43
C ALA E 388 -30.45 -22.77 -13.35
N ALA E 389 -29.92 -22.12 -12.33
CA ALA E 389 -30.10 -20.68 -12.18
C ALA E 389 -28.93 -20.01 -11.49
N VAL E 390 -28.95 -18.69 -11.49
CA VAL E 390 -28.03 -17.91 -10.68
C VAL E 390 -28.84 -17.04 -9.74
N ASN E 391 -28.28 -16.84 -8.55
CA ASN E 391 -28.83 -15.95 -7.57
C ASN E 391 -27.69 -15.01 -7.22
N ALA E 392 -27.87 -13.73 -7.49
CA ALA E 392 -26.78 -12.76 -7.40
C ALA E 392 -27.16 -11.57 -6.51
N SER E 393 -26.18 -11.09 -5.75
CA SER E 393 -26.35 -9.94 -4.90
C SER E 393 -25.22 -8.96 -5.18
N LEU E 394 -25.53 -7.67 -5.18
CA LEU E 394 -24.51 -6.63 -5.32
C LEU E 394 -24.47 -5.80 -4.03
N ILE E 395 -23.35 -5.86 -3.31
CA ILE E 395 -23.26 -5.16 -2.02
C ILE E 395 -22.24 -4.03 -2.03
N ASP E 396 -22.39 -3.11 -1.07
CA ASP E 396 -21.46 -2.00 -0.87
C ASP E 396 -20.61 -2.30 0.38
N LEU E 397 -19.31 -2.53 0.18
CA LEU E 397 -18.42 -2.79 1.32
C LEU E 397 -17.96 -1.50 1.99
N GLY E 398 -18.48 -0.36 1.52
CA GLY E 398 -18.10 0.93 2.08
C GLY E 398 -17.14 1.68 1.19
N HIS E 399 -16.06 1.01 0.78
CA HIS E 399 -15.04 1.64 -0.08
C HIS E 399 -15.11 1.15 -1.52
N ARG E 400 -15.90 0.10 -1.76
CA ARG E 400 -16.08 -0.44 -3.11
C ARG E 400 -17.28 -1.37 -3.14
N PHE E 401 -17.70 -1.78 -4.34
CA PHE E 401 -18.83 -2.69 -4.51
C PHE E 401 -18.33 -4.12 -4.76
N ARG E 402 -19.14 -5.11 -4.38
CA ARG E 402 -18.81 -6.51 -4.62
C ARG E 402 -20.04 -7.24 -5.17
N LEU E 403 -19.83 -7.99 -6.25
CA LEU E 403 -20.89 -8.78 -6.84
C LEU E 403 -20.70 -10.25 -6.45
N ILE E 404 -21.76 -10.85 -5.93
CA ILE E 404 -21.68 -12.19 -5.40
C ILE E 404 -22.74 -13.04 -6.08
N VAL E 405 -22.32 -14.09 -6.76
CA VAL E 405 -23.30 -14.96 -7.43
C VAL E 405 -23.17 -16.45 -7.07
N ASN E 406 -24.28 -17.03 -6.66
CA ASN E 406 -24.37 -18.45 -6.35
C ASN E 406 -25.09 -19.17 -7.50
N GLU E 407 -24.49 -20.23 -8.04
CA GLU E 407 -25.16 -21.09 -9.01
C GLU E 407 -26.05 -22.06 -8.21
N VAL E 408 -27.32 -22.17 -8.61
CA VAL E 408 -28.28 -23.02 -7.90
C VAL E 408 -29.13 -23.87 -8.85
N ASP E 409 -29.79 -24.88 -8.32
CA ASP E 409 -30.78 -25.65 -9.08
C ASP E 409 -32.18 -25.51 -8.46
N ALA E 410 -33.05 -24.79 -9.16
CA ALA E 410 -34.44 -24.67 -8.78
C ALA E 410 -35.10 -26.05 -8.91
N VAL E 411 -35.95 -26.41 -7.94
CA VAL E 411 -36.63 -27.70 -7.98
C VAL E 411 -38.15 -27.56 -7.87
N LYS E 412 -38.87 -28.54 -8.41
CA LYS E 412 -40.33 -28.55 -8.36
C LYS E 412 -40.77 -29.05 -6.99
N PRO E 413 -41.71 -28.33 -6.35
CA PRO E 413 -42.21 -28.77 -5.05
C PRO E 413 -42.93 -30.12 -5.15
N GLU E 414 -42.68 -31.01 -4.20
CA GLU E 414 -43.37 -32.30 -4.20
C GLU E 414 -44.66 -32.21 -3.38
N HIS E 415 -44.87 -31.06 -2.72
CA HIS E 415 -46.05 -30.87 -1.89
C HIS E 415 -46.67 -29.52 -2.15
N ASP E 416 -47.98 -29.44 -1.94
CA ASP E 416 -48.71 -28.18 -2.06
C ASP E 416 -48.52 -27.33 -0.83
N MET E 417 -48.76 -26.03 -0.98
CA MET E 417 -48.67 -25.09 0.12
C MET E 417 -49.94 -24.24 0.17
N PRO E 418 -51.05 -24.86 0.58
CA PRO E 418 -52.41 -24.30 0.54
C PRO E 418 -52.60 -23.05 1.39
N LYS E 419 -51.83 -22.92 2.47
CA LYS E 419 -51.97 -21.78 3.36
C LYS E 419 -51.00 -20.63 3.04
N LEU E 420 -50.12 -20.83 2.05
CA LEU E 420 -49.08 -19.85 1.72
C LEU E 420 -49.56 -18.82 0.70
N PRO E 421 -49.71 -17.56 1.14
CA PRO E 421 -50.40 -16.53 0.36
C PRO E 421 -49.50 -15.74 -0.58
N VAL E 422 -48.27 -16.21 -0.81
CA VAL E 422 -47.35 -15.54 -1.73
C VAL E 422 -46.77 -16.51 -2.76
N ALA E 423 -46.40 -15.98 -3.92
CA ALA E 423 -45.66 -16.76 -4.90
C ALA E 423 -44.31 -17.17 -4.31
N ARG E 424 -43.77 -18.29 -4.78
CA ARG E 424 -42.52 -18.79 -4.21
C ARG E 424 -41.81 -19.74 -5.17
N ILE E 425 -40.56 -20.03 -4.85
CA ILE E 425 -39.73 -20.95 -5.62
C ILE E 425 -38.81 -21.72 -4.68
N LEU E 426 -38.47 -22.95 -5.05
CA LEU E 426 -37.58 -23.78 -4.25
C LEU E 426 -36.26 -23.96 -5.00
N TRP E 427 -35.13 -23.84 -4.31
CA TRP E 427 -33.87 -24.16 -4.98
C TRP E 427 -32.84 -24.86 -4.08
N LYS E 428 -31.95 -25.60 -4.72
CA LYS E 428 -30.86 -26.27 -4.03
C LYS E 428 -29.55 -25.60 -4.44
N PRO E 429 -28.97 -24.81 -3.52
CA PRO E 429 -27.75 -24.07 -3.87
C PRO E 429 -26.54 -24.99 -3.99
N ARG E 430 -25.69 -24.71 -4.97
CA ARG E 430 -24.45 -25.44 -5.12
C ARG E 430 -23.40 -24.79 -4.22
N PRO E 431 -22.47 -25.59 -3.68
CA PRO E 431 -22.38 -27.04 -3.82
C PRO E 431 -23.26 -27.75 -2.79
N SER E 432 -23.79 -26.98 -1.85
CA SER E 432 -24.69 -27.53 -0.83
C SER E 432 -25.31 -26.35 -0.06
N LEU E 433 -26.37 -26.61 0.67
CA LEU E 433 -26.98 -25.57 1.49
C LEU E 433 -25.99 -25.11 2.55
N ARG E 434 -25.33 -26.07 3.18
CA ARG E 434 -24.40 -25.80 4.28
C ARG E 434 -23.27 -24.92 3.80
N ASP E 435 -22.67 -25.29 2.67
CA ASP E 435 -21.49 -24.63 2.17
C ASP E 435 -21.79 -23.33 1.42
N SER E 436 -22.82 -23.31 0.58
CA SER E 436 -23.18 -22.07 -0.10
C SER E 436 -23.60 -20.97 0.87
N ALA E 437 -24.38 -21.32 1.90
CA ALA E 437 -24.82 -20.32 2.85
C ALA E 437 -23.66 -19.78 3.66
N GLU E 438 -22.71 -20.66 4.01
CA GLU E 438 -21.55 -20.19 4.77
C GLU E 438 -20.70 -19.24 3.93
N ALA E 439 -20.45 -19.61 2.68
CA ALA E 439 -19.68 -18.77 1.75
C ALA E 439 -20.35 -17.41 1.54
N TRP E 440 -21.66 -17.46 1.36
CA TRP E 440 -22.47 -16.25 1.16
C TRP E 440 -22.34 -15.31 2.36
N ILE E 441 -22.44 -15.87 3.56
CA ILE E 441 -22.32 -15.06 4.78
C ILE E 441 -20.91 -14.49 4.95
N LEU E 442 -19.89 -15.30 4.66
CA LEU E 442 -18.51 -14.82 4.68
C LEU E 442 -18.28 -13.66 3.68
N ALA E 443 -19.00 -13.68 2.56
CA ALA E 443 -18.91 -12.62 1.56
C ALA E 443 -19.85 -11.46 1.87
N GLY E 444 -20.65 -11.59 2.93
CA GLY E 444 -21.60 -10.56 3.29
C GLY E 444 -22.72 -10.37 2.27
N GLY E 445 -23.01 -11.42 1.50
CA GLY E 445 -24.09 -11.36 0.53
C GLY E 445 -25.41 -10.90 1.14
N ALA E 446 -26.19 -10.11 0.39
CA ALA E 446 -27.48 -9.64 0.89
C ALA E 446 -28.51 -10.74 0.98
N HIS E 447 -29.60 -10.43 1.68
CA HIS E 447 -30.80 -11.26 1.70
C HIS E 447 -31.66 -10.99 0.44
N HIS E 448 -31.52 -9.80 -0.15
CA HIS E 448 -32.17 -9.49 -1.43
C HIS E 448 -31.27 -9.90 -2.57
N THR E 449 -31.85 -10.56 -3.57
CA THR E 449 -31.08 -11.00 -4.72
C THR E 449 -31.86 -10.77 -5.99
N CYS E 450 -31.18 -10.92 -7.11
CA CYS E 450 -31.83 -11.14 -8.38
C CYS E 450 -31.58 -12.58 -8.81
N PHE E 451 -32.67 -13.30 -8.99
CA PHE E 451 -32.69 -14.70 -9.39
C PHE E 451 -32.95 -14.77 -10.90
N SER E 452 -32.22 -15.64 -11.60
CA SER E 452 -32.42 -15.74 -13.05
C SER E 452 -32.13 -17.11 -13.60
N PHE E 453 -33.04 -17.60 -14.44
CA PHE E 453 -32.86 -18.84 -15.18
C PHE E 453 -32.01 -18.63 -16.45
N ALA E 454 -31.89 -17.38 -16.89
CA ALA E 454 -31.26 -17.10 -18.18
C ALA E 454 -29.84 -16.54 -18.09
N VAL E 455 -29.56 -15.72 -17.08
CA VAL E 455 -28.23 -15.12 -16.94
C VAL E 455 -27.15 -16.13 -16.53
N THR E 456 -26.04 -16.15 -17.27
CA THR E 456 -24.93 -17.02 -16.93
C THR E 456 -23.89 -16.33 -16.04
N THR E 457 -23.11 -17.13 -15.33
CA THR E 457 -22.03 -16.64 -14.48
C THR E 457 -21.00 -15.89 -15.32
N GLU E 458 -20.74 -16.39 -16.52
CA GLU E 458 -19.76 -15.75 -17.40
C GLU E 458 -20.17 -14.31 -17.68
N GLN E 459 -21.47 -14.08 -17.86
CA GLN E 459 -21.98 -12.73 -18.15
C GLN E 459 -21.90 -11.80 -16.95
N LEU E 460 -22.18 -12.31 -15.75
CA LEU E 460 -22.06 -11.47 -14.57
C LEU E 460 -20.60 -11.09 -14.37
N GLN E 461 -19.70 -12.06 -14.55
CA GLN E 461 -18.26 -11.81 -14.47
C GLN E 461 -17.80 -10.81 -15.53
N ASP E 462 -18.29 -10.96 -16.76
CA ASP E 462 -17.93 -10.02 -17.81
C ASP E 462 -18.47 -8.63 -17.51
N PHE E 463 -19.66 -8.53 -16.91
CA PHE E 463 -20.19 -7.23 -16.52
C PHE E 463 -19.30 -6.57 -15.46
N ALA E 464 -18.83 -7.36 -14.51
CA ALA E 464 -18.00 -6.85 -13.41
C ALA E 464 -16.66 -6.35 -13.93
N GLU E 465 -16.09 -7.09 -14.89
CA GLU E 465 -14.90 -6.66 -15.61
C GLU E 465 -15.09 -5.27 -16.21
N MET E 466 -16.22 -5.08 -16.91
CA MET E 466 -16.51 -3.81 -17.56
C MET E 466 -16.62 -2.69 -16.53
N ALA E 467 -17.27 -2.98 -15.41
CA ALA E 467 -17.54 -1.96 -14.39
C ALA E 467 -16.38 -1.77 -13.40
N GLY E 468 -15.36 -2.64 -13.48
CA GLY E 468 -14.21 -2.53 -12.59
C GLY E 468 -14.56 -2.86 -11.14
N ILE E 469 -15.31 -3.93 -10.94
CA ILE E 469 -15.62 -4.40 -9.59
C ILE E 469 -15.39 -5.89 -9.48
N GLU E 470 -15.12 -6.31 -8.25
CA GLU E 470 -15.00 -7.71 -7.86
C GLU E 470 -16.28 -8.51 -8.07
N CYS E 471 -16.12 -9.70 -8.63
CA CYS E 471 -17.21 -10.65 -8.72
C CYS E 471 -16.74 -11.97 -8.15
N VAL E 472 -17.45 -12.46 -7.12
CA VAL E 472 -17.15 -13.75 -6.56
C VAL E 472 -18.29 -14.72 -6.86
N VAL E 473 -17.91 -15.96 -7.12
CA VAL E 473 -18.86 -16.98 -7.52
C VAL E 473 -18.79 -18.13 -6.52
N ILE E 474 -19.98 -18.59 -6.12
CA ILE E 474 -20.12 -19.79 -5.34
C ILE E 474 -20.85 -20.83 -6.19
N ASN E 475 -20.22 -21.98 -6.40
CA ASN E 475 -20.81 -23.03 -7.22
C ASN E 475 -20.35 -24.44 -6.82
N GLU E 476 -20.53 -25.40 -7.73
CA GLU E 476 -20.25 -26.80 -7.42
C GLU E 476 -18.77 -27.10 -7.12
N HIS E 477 -17.87 -26.25 -7.59
CA HIS E 477 -16.45 -26.46 -7.34
C HIS E 477 -15.96 -25.68 -6.13
N THR E 478 -16.86 -24.98 -5.45
CA THR E 478 -16.43 -24.12 -4.37
C THR E 478 -16.03 -24.88 -3.12
N SER E 479 -14.84 -24.55 -2.63
CA SER E 479 -14.39 -24.95 -1.31
C SER E 479 -14.45 -23.70 -0.44
N VAL E 480 -15.08 -23.81 0.72
CA VAL E 480 -15.27 -22.66 1.58
C VAL E 480 -13.95 -22.05 2.05
N SER E 481 -12.97 -22.91 2.34
CA SER E 481 -11.67 -22.43 2.80
C SER E 481 -10.93 -21.67 1.70
N SER E 482 -10.93 -22.21 0.48
CA SER E 482 -10.35 -21.52 -0.67
C SER E 482 -11.06 -20.19 -0.95
N PHE E 483 -12.39 -20.24 -0.93
CA PHE E 483 -13.22 -19.07 -1.15
C PHE E 483 -12.87 -17.96 -0.15
N LYS E 484 -12.63 -18.37 1.09
CA LYS E 484 -12.27 -17.45 2.17
C LYS E 484 -10.94 -16.74 1.88
N ASN E 485 -9.96 -17.50 1.41
CA ASN E 485 -8.68 -16.93 1.00
C ASN E 485 -8.82 -15.93 -0.13
N GLU E 486 -9.63 -16.28 -1.13
CA GLU E 486 -9.83 -15.43 -2.28
C GLU E 486 -10.47 -14.09 -1.91
N LEU E 487 -11.38 -14.10 -0.94
CA LEU E 487 -11.92 -12.82 -0.46
C LEU E 487 -10.80 -11.93 0.05
N LYS E 488 -9.83 -12.54 0.75
CA LYS E 488 -8.73 -11.80 1.35
C LYS E 488 -7.82 -11.23 0.28
N TRP E 489 -7.38 -12.11 -0.61
CA TRP E 489 -6.45 -11.73 -1.68
C TRP E 489 -7.08 -10.72 -2.63
N ASN E 490 -8.32 -10.97 -3.04
CA ASN E 490 -9.06 -10.04 -3.88
C ASN E 490 -9.17 -8.65 -3.27
N GLU E 491 -9.49 -8.59 -1.98
CA GLU E 491 -9.78 -7.30 -1.34
C GLU E 491 -8.51 -6.46 -1.33
N VAL E 492 -7.36 -7.12 -1.38
CA VAL E 492 -6.11 -6.38 -1.44
C VAL E 492 -5.88 -5.85 -2.86
N PHE E 493 -6.34 -6.60 -3.85
CA PHE E 493 -6.26 -6.14 -5.23
C PHE E 493 -7.21 -4.97 -5.51
N TRP E 494 -8.45 -5.07 -5.07
CA TRP E 494 -9.49 -4.09 -5.40
C TRP E 494 -9.43 -2.81 -4.56
N ARG E 495 -8.64 -2.86 -3.48
CA ARG E 495 -8.51 -1.71 -2.57
C ARG E 495 -7.81 -0.54 -3.25
N GLY E 496 -8.45 0.62 -3.20
CA GLY E 496 -7.90 1.83 -3.77
C GLY E 496 -7.86 1.78 -5.28
N ARG E 497 -8.66 0.88 -5.84
CA ARG E 497 -8.70 0.67 -7.29
C ARG E 497 -10.09 0.91 -7.87
N MET F 2 -33.07 25.15 26.43
CA MET F 2 -32.06 24.35 25.75
C MET F 2 -32.30 22.86 26.00
N LEU F 3 -31.82 22.05 25.06
CA LEU F 3 -31.88 20.60 25.13
C LEU F 3 -30.80 20.06 26.08
N SER F 4 -31.14 19.94 27.36
CA SER F 4 -30.16 19.67 28.42
C SER F 4 -29.52 18.28 28.39
N LEU F 5 -28.27 18.22 28.85
CA LEU F 5 -27.46 17.00 28.85
C LEU F 5 -27.58 16.17 30.12
N ARG F 6 -27.37 14.87 30.00
CA ARG F 6 -27.23 14.01 31.15
C ARG F 6 -25.96 14.41 31.92
N PRO F 7 -25.84 13.99 33.19
CA PRO F 7 -24.63 14.36 33.92
C PRO F 7 -23.40 13.69 33.30
N TYR F 8 -22.37 14.49 33.04
CA TYR F 8 -21.10 13.94 32.58
C TYR F 8 -20.01 14.24 33.60
N GLU F 9 -18.94 13.46 33.54
CA GLU F 9 -17.88 13.62 34.50
C GLU F 9 -16.62 13.03 33.89
N PHE F 10 -15.47 13.39 34.42
CA PHE F 10 -14.21 12.93 33.87
C PHE F 10 -13.38 12.18 34.92
N TRP F 11 -12.95 10.98 34.58
CA TRP F 11 -12.20 10.17 35.52
C TRP F 11 -10.71 10.51 35.49
N PHE F 12 -10.17 10.75 36.67
CA PHE F 12 -8.74 10.99 36.80
C PHE F 12 -8.03 9.72 37.28
N VAL F 13 -7.28 9.09 36.38
CA VAL F 13 -6.60 7.83 36.71
C VAL F 13 -5.11 8.08 36.85
N THR F 14 -4.56 7.68 37.99
CA THR F 14 -3.15 7.92 38.29
C THR F 14 -2.37 6.63 38.28
N GLY F 15 -1.32 6.58 37.47
CA GLY F 15 -0.49 5.39 37.38
C GLY F 15 0.70 5.46 38.32
N SER F 16 1.07 4.31 38.86
CA SER F 16 2.29 4.16 39.65
C SER F 16 2.67 2.66 39.67
N GLN F 17 3.46 2.25 40.67
CA GLN F 17 3.95 0.87 40.78
C GLN F 17 4.27 0.55 42.24
N HIS F 18 4.58 -0.71 42.53
CA HIS F 18 4.80 -1.14 43.91
C HIS F 18 6.24 -1.00 44.42
N LEU F 19 7.16 -0.85 43.47
CA LEU F 19 8.60 -0.82 43.73
C LEU F 19 9.03 -0.01 44.96
N TYR F 20 8.42 1.16 45.17
CA TYR F 20 8.88 2.06 46.22
C TYR F 20 8.18 1.86 47.57
N GLY F 21 7.25 0.91 47.65
CA GLY F 21 6.58 0.61 48.90
C GLY F 21 5.23 1.30 49.10
N GLU F 22 4.53 0.87 50.15
CA GLU F 22 3.17 1.35 50.42
C GLU F 22 3.08 2.81 50.83
N GLU F 23 4.07 3.30 51.56
CA GLU F 23 4.05 4.69 52.01
C GLU F 23 4.16 5.65 50.81
N ALA F 24 4.95 5.29 49.81
CA ALA F 24 5.06 6.12 48.61
C ALA F 24 3.71 6.17 47.86
N LEU F 25 3.07 5.01 47.73
CA LEU F 25 1.74 4.93 47.11
C LEU F 25 0.69 5.77 47.85
N LYS F 26 0.76 5.80 49.17
CA LYS F 26 -0.12 6.66 49.96
C LYS F 26 0.07 8.13 49.59
N GLN F 27 1.31 8.55 49.44
CA GLN F 27 1.60 9.92 49.05
C GLN F 27 1.11 10.26 47.63
N VAL F 28 1.19 9.27 46.73
CA VAL F 28 0.68 9.45 45.37
C VAL F 28 -0.82 9.73 45.42
N GLU F 29 -1.57 8.89 46.14
CA GLU F 29 -3.01 9.07 46.33
C GLU F 29 -3.38 10.44 46.90
N GLU F 30 -2.59 10.91 47.87
CA GLU F 30 -2.85 12.19 48.50
C GLU F 30 -2.74 13.33 47.48
N HIS F 31 -1.70 13.27 46.66
CA HIS F 31 -1.51 14.27 45.62
C HIS F 31 -2.68 14.26 44.65
N SER F 32 -3.04 13.08 44.16
CA SER F 32 -4.12 12.95 43.20
C SER F 32 -5.45 13.44 43.75
N ARG F 33 -5.75 13.06 44.99
CA ARG F 33 -6.96 13.54 45.65
C ARG F 33 -6.97 15.06 45.76
N ILE F 34 -5.83 15.63 46.14
CA ILE F 34 -5.70 17.09 46.23
C ILE F 34 -5.95 17.77 44.89
N MET F 35 -5.36 17.22 43.81
CA MET F 35 -5.51 17.79 42.47
C MET F 35 -6.97 17.78 42.00
N VAL F 36 -7.64 16.65 42.19
CA VAL F 36 -9.05 16.55 41.84
C VAL F 36 -9.91 17.57 42.60
N ASN F 37 -9.72 17.66 43.92
CA ASN F 37 -10.54 18.54 44.75
C ASN F 37 -10.32 20.02 44.44
N GLU F 38 -9.07 20.40 44.29
CA GLU F 38 -8.72 21.74 43.86
C GLU F 38 -9.24 22.07 42.45
N TRP F 39 -9.14 21.10 41.54
CA TRP F 39 -9.61 21.30 40.18
C TRP F 39 -11.10 21.61 40.18
N ASN F 40 -11.88 20.81 40.91
CA ASN F 40 -13.33 20.98 40.98
C ASN F 40 -13.77 22.28 41.67
N ARG F 41 -12.86 22.96 42.35
CA ARG F 41 -13.15 24.28 42.91
C ARG F 41 -12.98 25.37 41.87
N ASP F 42 -12.43 25.02 40.71
CA ASP F 42 -12.19 25.99 39.65
C ASP F 42 -13.37 25.98 38.67
N SER F 43 -13.93 27.15 38.44
CA SER F 43 -15.14 27.28 37.63
C SER F 43 -14.81 27.21 36.13
N VAL F 44 -13.53 27.15 35.78
CA VAL F 44 -13.16 27.00 34.38
C VAL F 44 -13.59 25.64 33.84
N PHE F 45 -13.73 24.65 34.71
CA PHE F 45 -14.15 23.31 34.28
C PHE F 45 -15.67 23.17 34.23
N PRO F 46 -16.20 22.86 33.04
CA PRO F 46 -17.64 22.67 32.81
C PRO F 46 -18.20 21.36 33.36
N PHE F 47 -17.33 20.42 33.73
CA PHE F 47 -17.78 19.14 34.28
C PHE F 47 -16.84 18.71 35.40
N PRO F 48 -17.32 17.92 36.37
CA PRO F 48 -16.47 17.54 37.50
C PRO F 48 -15.42 16.48 37.16
N PHE F 49 -14.29 16.53 37.84
CA PHE F 49 -13.35 15.42 37.85
C PHE F 49 -13.78 14.43 38.93
N VAL F 50 -13.44 13.17 38.73
CA VAL F 50 -13.70 12.13 39.71
C VAL F 50 -12.40 11.38 40.02
N PHE F 51 -12.01 11.38 41.29
CA PHE F 51 -10.79 10.66 41.68
C PHE F 51 -10.98 9.15 41.54
N LYS F 52 -10.05 8.50 40.85
CA LYS F 52 -10.06 7.05 40.80
C LYS F 52 -8.87 6.53 41.57
N SER F 53 -8.99 5.35 42.15
CA SER F 53 -7.91 4.82 42.99
C SER F 53 -6.67 4.54 42.16
N VAL F 54 -5.51 4.98 42.66
CA VAL F 54 -4.21 4.78 42.02
C VAL F 54 -4.06 3.34 41.51
N VAL F 55 -3.59 3.20 40.26
CA VAL F 55 -3.48 1.88 39.66
C VAL F 55 -2.01 1.48 39.49
N THR F 56 -1.70 0.23 39.82
CA THR F 56 -0.33 -0.23 39.93
C THR F 56 -0.13 -1.63 39.36
N THR F 57 -1.21 -2.26 38.90
CA THR F 57 -1.13 -3.61 38.38
C THR F 57 -1.92 -3.71 37.07
N PRO F 58 -1.60 -4.71 36.23
CA PRO F 58 -2.39 -4.90 35.00
C PRO F 58 -3.90 -5.05 35.28
N GLU F 59 -4.25 -5.75 36.35
CA GLU F 59 -5.67 -5.98 36.63
C GLU F 59 -6.36 -4.70 37.13
N GLU F 60 -5.67 -3.90 37.94
CA GLU F 60 -6.26 -2.65 38.41
C GLU F 60 -6.49 -1.68 37.24
N ILE F 61 -5.58 -1.69 36.27
CA ILE F 61 -5.68 -0.80 35.12
C ILE F 61 -6.81 -1.26 34.20
N ARG F 62 -6.87 -2.55 33.94
CA ARG F 62 -7.92 -3.09 33.10
C ARG F 62 -9.29 -2.88 33.75
N ARG F 63 -9.39 -3.12 35.06
CA ARG F 63 -10.64 -2.93 35.78
C ARG F 63 -11.21 -1.52 35.63
N VAL F 64 -10.37 -0.50 35.81
CA VAL F 64 -10.87 0.87 35.75
C VAL F 64 -11.28 1.27 34.34
N CYS F 65 -10.60 0.71 33.34
CA CYS F 65 -10.98 0.94 31.94
C CYS F 65 -12.32 0.29 31.58
N LEU F 66 -12.52 -0.96 31.98
CA LEU F 66 -13.81 -1.63 31.81
C LEU F 66 -14.95 -0.85 32.46
N GLU F 67 -14.77 -0.49 33.71
CA GLU F 67 -15.76 0.30 34.42
C GLU F 67 -16.04 1.63 33.72
N ALA F 68 -15.02 2.26 33.14
CA ALA F 68 -15.20 3.50 32.38
C ALA F 68 -16.06 3.29 31.14
N ASN F 69 -15.89 2.15 30.48
CA ASN F 69 -16.73 1.79 29.35
C ASN F 69 -18.19 1.59 29.77
N ALA F 70 -18.37 0.96 30.93
CA ALA F 70 -19.71 0.66 31.45
C ALA F 70 -20.42 1.91 31.98
N SER F 71 -19.67 2.94 32.33
CA SER F 71 -20.26 4.12 32.94
C SER F 71 -20.78 5.13 31.92
N GLU F 72 -22.11 5.26 31.89
CA GLU F 72 -22.77 6.18 30.97
C GLU F 72 -22.42 7.64 31.24
N GLN F 73 -22.11 7.96 32.50
CA GLN F 73 -21.72 9.32 32.86
C GLN F 73 -20.24 9.65 32.54
N CYS F 74 -19.42 8.62 32.40
CA CYS F 74 -18.01 8.84 32.06
C CYS F 74 -17.83 9.30 30.62
N ALA F 75 -17.51 10.58 30.44
CA ALA F 75 -17.30 11.17 29.11
C ALA F 75 -15.85 11.10 28.61
N GLY F 76 -14.91 10.87 29.53
CA GLY F 76 -13.51 10.76 29.18
C GLY F 76 -12.66 10.28 30.34
N VAL F 77 -11.41 9.93 30.06
CA VAL F 77 -10.48 9.51 31.09
C VAL F 77 -9.18 10.30 30.93
N VAL F 78 -8.75 10.95 32.00
CA VAL F 78 -7.49 11.68 32.05
C VAL F 78 -6.48 10.81 32.81
N THR F 79 -5.40 10.42 32.14
CA THR F 79 -4.38 9.56 32.76
C THR F 79 -3.06 10.29 33.00
N TRP F 80 -2.51 10.07 34.19
CA TRP F 80 -1.27 10.70 34.60
C TRP F 80 -0.40 9.67 35.33
N MET F 81 0.87 9.56 34.91
CA MET F 81 1.80 8.66 35.60
C MET F 81 2.53 9.44 36.68
N HIS F 82 2.16 9.22 37.93
CA HIS F 82 2.81 9.93 39.01
C HIS F 82 4.25 9.43 39.14
N THR F 83 4.41 8.12 39.09
CA THR F 83 5.74 7.54 39.06
C THR F 83 5.87 6.69 37.81
N PHE F 84 7.05 6.09 37.65
CA PHE F 84 7.19 5.01 36.70
C PHE F 84 6.08 3.98 36.92
N SER F 85 5.46 3.58 35.82
CA SER F 85 4.35 2.63 35.86
C SER F 85 4.49 1.81 34.60
N PRO F 86 5.30 0.73 34.66
CA PRO F 86 5.68 -0.08 33.50
C PRO F 86 4.50 -0.33 32.56
N ALA F 87 4.65 0.17 31.33
CA ALA F 87 3.56 0.32 30.39
C ALA F 87 2.99 -1.00 29.84
N LYS F 88 3.75 -2.09 29.91
CA LYS F 88 3.15 -3.38 29.53
C LYS F 88 1.90 -3.70 30.39
N MET F 89 1.88 -3.21 31.62
CA MET F 89 0.72 -3.37 32.50
C MET F 89 -0.47 -2.62 31.93
N TRP F 90 -0.22 -1.61 31.10
CA TRP F 90 -1.27 -0.76 30.55
C TRP F 90 -1.87 -1.29 29.26
N ILE F 91 -1.21 -2.29 28.66
CA ILE F 91 -1.65 -2.84 27.38
C ILE F 91 -3.09 -3.36 27.39
N GLY F 92 -3.43 -4.18 28.39
CA GLY F 92 -4.79 -4.72 28.50
C GLY F 92 -5.89 -3.68 28.65
N GLY F 93 -5.65 -2.68 29.49
CA GLY F 93 -6.62 -1.64 29.73
C GLY F 93 -6.78 -0.77 28.50
N LEU F 94 -5.66 -0.46 27.84
CA LEU F 94 -5.72 0.42 26.66
C LEU F 94 -6.41 -0.26 25.48
N LEU F 95 -6.36 -1.60 25.44
CA LEU F 95 -7.08 -2.31 24.40
C LEU F 95 -8.58 -2.26 24.65
N GLU F 96 -8.98 -2.30 25.91
CA GLU F 96 -10.39 -2.29 26.31
C GLU F 96 -11.05 -0.92 26.20
N LEU F 97 -10.28 0.12 26.46
CA LEU F 97 -10.86 1.44 26.70
C LEU F 97 -11.50 2.01 25.44
N ARG F 98 -12.76 2.43 25.56
CA ARG F 98 -13.44 3.05 24.43
C ARG F 98 -13.84 4.50 24.71
N LYS F 99 -13.60 4.98 25.92
CA LYS F 99 -13.86 6.40 26.21
C LYS F 99 -12.65 7.23 25.78
N PRO F 100 -12.90 8.48 25.34
CA PRO F 100 -11.79 9.32 24.88
C PRO F 100 -10.74 9.46 25.98
N LEU F 101 -9.47 9.49 25.58
CA LEU F 101 -8.37 9.51 26.53
C LEU F 101 -7.57 10.80 26.42
N LEU F 102 -7.22 11.37 27.56
CA LEU F 102 -6.29 12.49 27.63
C LEU F 102 -5.11 12.08 28.50
N HIS F 103 -3.90 12.14 27.95
CA HIS F 103 -2.70 11.95 28.71
C HIS F 103 -2.26 13.29 29.27
N LEU F 104 -2.38 13.44 30.60
CA LEU F 104 -1.89 14.66 31.24
C LEU F 104 -0.49 14.40 31.77
N HIS F 105 0.47 15.13 31.22
CA HIS F 105 1.86 15.03 31.65
C HIS F 105 2.08 16.20 32.59
N THR F 106 1.96 15.95 33.89
CA THR F 106 2.09 17.01 34.89
C THR F 106 2.99 16.58 36.06
N GLN F 107 2.96 17.35 37.14
CA GLN F 107 3.79 17.10 38.31
C GLN F 107 3.12 17.80 39.49
N PHE F 108 3.14 17.18 40.68
CA PHE F 108 2.43 17.79 41.80
C PHE F 108 3.03 19.13 42.20
N ASN F 109 4.32 19.10 42.51
CA ASN F 109 5.04 20.32 42.85
C ASN F 109 5.39 21.10 41.59
N ARG F 110 5.40 22.42 41.68
CA ARG F 110 5.84 23.22 40.56
C ARG F 110 7.36 23.23 40.42
N ASP F 111 8.06 23.48 41.52
CA ASP F 111 9.50 23.70 41.47
C ASP F 111 10.29 22.61 42.16
N ILE F 112 11.56 22.48 41.80
CA ILE F 112 12.46 21.55 42.45
C ILE F 112 12.90 22.12 43.80
N PRO F 113 12.66 21.37 44.90
CA PRO F 113 13.13 21.82 46.22
C PRO F 113 14.65 21.60 46.34
N TRP F 114 15.42 22.54 45.81
CA TRP F 114 16.85 22.36 45.63
C TRP F 114 17.60 21.86 46.87
N ASP F 115 17.37 22.51 48.01
CA ASP F 115 18.18 22.13 49.16
C ASP F 115 17.67 20.89 49.94
N SER F 116 16.56 20.29 49.51
CA SER F 116 16.06 19.09 50.16
C SER F 116 15.83 17.88 49.22
N ILE F 117 15.87 18.10 47.91
CA ILE F 117 15.62 16.99 47.00
C ILE F 117 16.58 15.82 47.24
N ASP F 118 16.01 14.64 47.48
CA ASP F 118 16.80 13.45 47.76
C ASP F 118 16.27 12.26 46.95
N MET F 119 16.78 11.06 47.19
CA MET F 119 16.34 9.90 46.41
C MET F 119 14.83 9.57 46.58
N ASP F 120 14.27 9.79 47.77
CA ASP F 120 12.84 9.57 47.99
C ASP F 120 11.96 10.47 47.11
N PHE F 121 12.37 11.74 46.98
CA PHE F 121 11.71 12.70 46.11
C PHE F 121 11.85 12.27 44.64
N MET F 122 13.06 11.86 44.27
CA MET F 122 13.33 11.40 42.91
C MET F 122 12.49 10.17 42.56
N ASN F 123 12.25 9.30 43.54
CA ASN F 123 11.43 8.11 43.34
C ASN F 123 9.96 8.44 43.18
N LEU F 124 9.52 9.50 43.84
CA LEU F 124 8.11 9.83 43.93
C LEU F 124 7.65 10.73 42.79
N ASN F 125 8.32 11.86 42.61
CA ASN F 125 7.88 12.82 41.62
C ASN F 125 8.66 12.67 40.31
N GLN F 126 8.45 11.52 39.66
CA GLN F 126 9.21 11.16 38.48
C GLN F 126 8.32 10.96 37.24
N SER F 127 7.28 11.79 37.14
CA SER F 127 6.48 11.88 35.92
C SER F 127 7.36 12.08 34.71
N ALA F 128 8.44 12.82 34.91
CA ALA F 128 9.39 13.13 33.85
C ALA F 128 9.76 11.91 33.03
N HIS F 129 9.88 10.74 33.67
CA HIS F 129 10.02 9.52 32.90
C HIS F 129 8.79 8.59 32.88
N GLY F 130 7.99 8.59 33.94
CA GLY F 130 6.78 7.77 33.96
C GLY F 130 5.86 8.03 32.77
N ASP F 131 5.66 9.31 32.45
CA ASP F 131 4.81 9.71 31.34
C ASP F 131 5.41 9.41 29.96
N ARG F 132 6.73 9.30 29.89
CA ARG F 132 7.43 9.00 28.66
C ARG F 132 7.31 7.52 28.30
N GLU F 133 7.44 6.66 29.32
CA GLU F 133 7.24 5.22 29.13
C GLU F 133 5.79 4.97 28.73
N TYR F 134 4.88 5.71 29.35
CA TYR F 134 3.47 5.63 29.00
C TYR F 134 3.24 6.19 27.60
N GLY F 135 3.94 7.30 27.30
CA GLY F 135 3.85 7.93 26.00
C GLY F 135 4.19 6.92 24.93
N PHE F 136 5.20 6.09 25.19
CA PHE F 136 5.62 5.09 24.21
C PHE F 136 4.53 4.07 23.90
N ILE F 137 3.90 3.51 24.94
CA ILE F 137 2.95 2.42 24.70
C ILE F 137 1.76 2.94 23.90
N GLY F 138 1.41 4.21 24.11
CA GLY F 138 0.37 4.85 23.31
C GLY F 138 0.73 5.05 21.83
N ALA F 139 1.95 5.52 21.57
CA ALA F 139 2.48 5.56 20.20
C ALA F 139 2.57 4.15 19.62
N ARG F 140 3.05 3.20 20.41
CA ARG F 140 3.24 1.83 19.94
C ARG F 140 1.93 1.14 19.57
N MET F 141 0.87 1.38 20.33
CA MET F 141 -0.43 0.78 20.02
C MET F 141 -1.26 1.65 19.07
N GLY F 142 -0.73 2.78 18.65
CA GLY F 142 -1.47 3.70 17.79
C GLY F 142 -2.78 4.18 18.39
N VAL F 143 -2.79 4.43 19.70
CA VAL F 143 -3.98 4.84 20.43
C VAL F 143 -4.35 6.30 20.13
N ALA F 144 -5.65 6.57 20.02
CA ALA F 144 -6.16 7.94 19.87
C ALA F 144 -6.02 8.63 21.22
N ARG F 145 -5.46 9.84 21.20
CA ARG F 145 -5.14 10.51 22.45
C ARG F 145 -4.81 11.96 22.25
N LYS F 146 -5.05 12.70 23.31
CA LYS F 146 -4.71 14.11 23.41
C LYS F 146 -3.62 14.15 24.48
N VAL F 147 -2.58 14.94 24.23
CA VAL F 147 -1.50 15.07 25.19
C VAL F 147 -1.41 16.52 25.68
N VAL F 148 -1.39 16.70 27.00
CA VAL F 148 -1.30 18.04 27.59
C VAL F 148 -0.15 18.09 28.61
N VAL F 149 0.73 19.08 28.47
CA VAL F 149 1.93 19.16 29.28
C VAL F 149 1.93 20.45 30.11
N GLY F 150 2.31 20.32 31.39
CA GLY F 150 2.44 21.50 32.25
C GLY F 150 1.93 21.31 33.67
N HIS F 151 2.19 22.29 34.53
CA HIS F 151 1.82 22.16 35.94
C HIS F 151 0.31 22.24 36.12
N TRP F 152 -0.21 21.48 37.07
CA TRP F 152 -1.66 21.33 37.22
C TRP F 152 -2.34 22.58 37.76
N GLU F 153 -1.57 23.54 38.24
CA GLU F 153 -2.15 24.81 38.69
C GLU F 153 -1.93 25.91 37.68
N ASP F 154 -1.30 25.56 36.56
CA ASP F 154 -1.13 26.45 35.43
C ASP F 154 -2.50 26.66 34.78
N PRO F 155 -2.93 27.93 34.64
CA PRO F 155 -4.23 28.24 34.03
C PRO F 155 -4.30 27.81 32.56
N GLU F 156 -3.17 27.85 31.86
CA GLU F 156 -3.14 27.42 30.47
C GLU F 156 -3.40 25.93 30.37
N VAL F 157 -2.89 25.17 31.34
CA VAL F 157 -3.11 23.74 31.37
C VAL F 157 -4.58 23.43 31.63
N ARG F 158 -5.18 24.16 32.56
CA ARG F 158 -6.58 23.94 32.93
C ARG F 158 -7.49 24.33 31.78
N GLU F 159 -7.14 25.41 31.09
CA GLU F 159 -7.83 25.80 29.88
C GLU F 159 -7.88 24.68 28.81
N ARG F 160 -6.72 24.11 28.47
CA ARG F 160 -6.66 22.95 27.56
C ARG F 160 -7.58 21.84 28.04
N LEU F 161 -7.48 21.50 29.33
CA LEU F 161 -8.33 20.46 29.93
C LEU F 161 -9.83 20.80 29.83
N ALA F 162 -10.19 22.04 30.12
CA ALA F 162 -11.60 22.42 30.13
C ALA F 162 -12.22 22.41 28.73
N LYS F 163 -11.46 22.91 27.76
CA LYS F 163 -11.87 22.85 26.36
C LYS F 163 -12.08 21.42 25.89
N TRP F 164 -11.18 20.54 26.30
CA TRP F 164 -11.26 19.13 25.89
C TRP F 164 -12.47 18.44 26.50
N MET F 165 -12.85 18.85 27.71
CA MET F 165 -14.06 18.33 28.33
C MET F 165 -15.29 18.53 27.44
N ARG F 166 -15.42 19.72 26.86
CA ARG F 166 -16.54 19.99 25.97
C ARG F 166 -16.47 19.13 24.71
N THR F 167 -15.29 19.01 24.14
CA THR F 167 -15.08 18.15 22.98
C THR F 167 -15.47 16.71 23.27
N ALA F 168 -15.05 16.21 24.43
CA ALA F 168 -15.35 14.83 24.80
C ALA F 168 -16.84 14.62 25.06
N VAL F 169 -17.48 15.60 25.69
CA VAL F 169 -18.92 15.52 25.89
C VAL F 169 -19.64 15.51 24.52
N ALA F 170 -19.20 16.37 23.60
CA ALA F 170 -19.72 16.36 22.24
C ALA F 170 -19.53 15.00 21.58
N PHE F 171 -18.40 14.36 21.86
CA PHE F 171 -18.15 13.04 21.29
C PHE F 171 -19.12 12.01 21.87
N ALA F 172 -19.43 12.16 23.16
CA ALA F 172 -20.38 11.26 23.83
C ALA F 172 -21.78 11.44 23.23
N GLU F 173 -22.16 12.69 23.03
CA GLU F 173 -23.43 12.99 22.35
C GLU F 173 -23.44 12.47 20.92
N SER F 174 -22.31 12.58 20.22
CA SER F 174 -22.19 12.08 18.84
C SER F 174 -22.40 10.57 18.77
N ARG F 175 -21.81 9.83 19.70
CA ARG F 175 -21.97 8.38 19.73
C ARG F 175 -23.40 7.88 19.92
N ASN F 176 -24.26 8.71 20.51
CA ASN F 176 -25.66 8.33 20.73
C ASN F 176 -26.64 9.19 19.92
N LEU F 177 -26.11 9.96 18.98
CA LEU F 177 -26.90 10.89 18.18
C LEU F 177 -27.91 10.15 17.30
N LYS F 178 -29.15 10.61 17.31
CA LYS F 178 -30.16 10.08 16.40
C LYS F 178 -30.68 11.19 15.50
N VAL F 179 -30.60 10.98 14.19
CA VAL F 179 -31.12 11.93 13.23
C VAL F 179 -32.41 11.39 12.63
N ALA F 180 -33.43 12.24 12.54
CA ALA F 180 -34.64 11.92 11.79
C ALA F 180 -34.70 12.71 10.48
N ARG F 181 -34.82 12.00 9.36
CA ARG F 181 -35.00 12.66 8.08
C ARG F 181 -36.44 12.59 7.62
N PHE F 182 -37.05 13.74 7.38
CA PHE F 182 -38.35 13.79 6.74
C PHE F 182 -38.11 14.02 5.25
N GLY F 183 -38.02 12.92 4.50
CA GLY F 183 -37.74 13.00 3.08
C GLY F 183 -36.27 12.79 2.76
N ASP F 184 -36.01 12.51 1.48
CA ASP F 184 -34.70 12.11 1.02
C ASP F 184 -33.89 13.35 0.63
N ASN F 185 -32.64 13.12 0.25
CA ASN F 185 -31.81 14.18 -0.31
C ASN F 185 -32.50 14.93 -1.45
N MET F 186 -32.19 16.23 -1.56
CA MET F 186 -32.53 16.98 -2.76
C MET F 186 -31.96 16.22 -3.95
N ARG F 187 -32.80 15.92 -4.92
CA ARG F 187 -32.40 15.14 -6.09
C ARG F 187 -31.20 15.72 -6.86
N GLU F 188 -30.31 14.81 -7.29
CA GLU F 188 -29.11 15.12 -8.08
C GLU F 188 -27.94 15.76 -7.30
N VAL F 189 -28.16 16.08 -6.04
CA VAL F 189 -27.11 16.74 -5.25
C VAL F 189 -26.10 15.70 -4.74
N ALA F 190 -24.81 16.06 -4.75
CA ALA F 190 -23.75 15.09 -4.44
C ALA F 190 -23.18 15.15 -3.03
N VAL F 191 -22.85 16.35 -2.56
CA VAL F 191 -22.10 16.49 -1.31
C VAL F 191 -22.93 16.10 -0.08
N THR F 192 -24.25 16.15 -0.20
CA THR F 192 -25.10 15.79 0.93
C THR F 192 -25.39 14.30 0.96
N GLU F 193 -24.96 13.59 -0.08
CA GLU F 193 -25.12 12.17 -0.14
C GLU F 193 -23.98 11.54 0.68
N GLY F 194 -24.09 10.25 1.00
CA GLY F 194 -23.05 9.58 1.75
C GLY F 194 -23.46 8.23 2.33
N ASP F 195 -22.54 7.59 3.03
CA ASP F 195 -22.73 6.24 3.56
C ASP F 195 -23.17 6.29 5.03
N LYS F 196 -24.47 6.12 5.28
CA LYS F 196 -25.00 6.14 6.64
C LYS F 196 -24.45 5.00 7.52
N VAL F 197 -24.26 3.83 6.93
CA VAL F 197 -23.66 2.72 7.65
C VAL F 197 -22.23 3.07 8.09
N GLY F 198 -21.44 3.56 7.15
CA GLY F 198 -20.09 4.04 7.48
C GLY F 198 -20.12 5.12 8.55
N ALA F 199 -21.07 6.03 8.48
CA ALA F 199 -21.13 7.13 9.44
C ALA F 199 -21.49 6.59 10.83
N GLN F 200 -22.40 5.63 10.89
CA GLN F 200 -22.73 4.98 12.16
C GLN F 200 -21.52 4.22 12.73
N ILE F 201 -20.81 3.47 11.90
CA ILE F 201 -19.58 2.84 12.34
C ILE F 201 -18.55 3.84 12.88
N GLN F 202 -18.30 4.90 12.12
CA GLN F 202 -17.24 5.87 12.42
C GLN F 202 -17.55 6.82 13.59
N PHE F 203 -18.79 7.28 13.65
CA PHE F 203 -19.18 8.31 14.60
C PHE F 203 -20.22 7.80 15.59
N GLY F 204 -20.96 6.76 15.20
CA GLY F 204 -22.05 6.28 16.04
C GLY F 204 -23.42 6.83 15.67
N TRP F 205 -23.44 7.83 14.77
CA TRP F 205 -24.68 8.47 14.30
C TRP F 205 -25.72 7.48 13.81
N SER F 206 -26.94 7.61 14.32
CA SER F 206 -28.06 6.82 13.83
C SER F 206 -28.94 7.72 12.95
N VAL F 207 -29.02 7.39 11.67
CA VAL F 207 -29.71 8.26 10.70
C VAL F 207 -30.75 7.43 9.97
N ASN F 208 -32.03 7.74 10.17
CA ASN F 208 -33.08 6.98 9.52
C ASN F 208 -34.18 7.86 8.94
N GLY F 209 -34.88 7.33 7.95
CA GLY F 209 -35.83 8.12 7.19
C GLY F 209 -37.28 7.88 7.53
N TYR F 210 -38.04 8.97 7.56
CA TYR F 210 -39.47 8.96 7.83
C TYR F 210 -40.20 9.69 6.70
N GLY F 211 -41.39 9.21 6.38
CA GLY F 211 -42.22 9.87 5.37
C GLY F 211 -42.67 11.21 5.93
N ILE F 212 -42.83 12.19 5.07
CA ILE F 212 -43.29 13.51 5.52
C ILE F 212 -44.66 13.39 6.21
N GLY F 213 -45.45 12.43 5.75
CA GLY F 213 -46.75 12.14 6.34
C GLY F 213 -46.71 11.81 7.83
N ASP F 214 -45.63 11.18 8.28
CA ASP F 214 -45.46 10.89 9.70
C ASP F 214 -45.42 12.19 10.49
N LEU F 215 -44.76 13.19 9.94
CA LEU F 215 -44.69 14.49 10.59
C LEU F 215 -46.02 15.21 10.55
N VAL F 216 -46.70 15.12 9.41
CA VAL F 216 -47.99 15.78 9.20
C VAL F 216 -49.02 15.32 10.24
N GLN F 217 -49.01 14.03 10.54
CA GLN F 217 -49.93 13.47 11.53
C GLN F 217 -49.70 14.08 12.91
N TYR F 218 -48.43 14.31 13.26
CA TYR F 218 -48.10 14.96 14.53
C TYR F 218 -48.54 16.43 14.55
N ILE F 219 -48.38 17.11 13.43
CA ILE F 219 -48.80 18.51 13.31
C ILE F 219 -50.32 18.63 13.43
N ARG F 220 -51.04 17.65 12.88
CA ARG F 220 -52.48 17.57 13.00
C ARG F 220 -52.92 17.39 14.45
N ASP F 221 -52.14 16.66 15.23
CA ASP F 221 -52.50 16.37 16.62
C ASP F 221 -52.09 17.42 17.63
N VAL F 222 -51.53 18.53 17.16
CA VAL F 222 -51.13 19.60 18.07
C VAL F 222 -52.39 20.25 18.64
N SER F 223 -52.40 20.51 19.94
CA SER F 223 -53.54 21.16 20.58
C SER F 223 -53.51 22.65 20.29
N GLU F 224 -54.66 23.19 19.92
CA GLU F 224 -54.76 24.60 19.54
C GLU F 224 -54.47 25.54 20.71
N GLN F 225 -54.65 25.06 21.94
CA GLN F 225 -54.30 25.85 23.10
C GLN F 225 -52.79 26.08 23.17
N LYS F 226 -52.03 25.01 23.00
CA LYS F 226 -50.57 25.09 23.05
C LYS F 226 -50.00 25.97 21.92
N VAL F 227 -50.71 26.02 20.80
CA VAL F 227 -50.31 26.88 19.69
C VAL F 227 -50.41 28.34 20.10
N ASN F 228 -51.53 28.69 20.72
CA ASN F 228 -51.78 30.06 21.16
C ASN F 228 -50.72 30.55 22.14
N GLU F 229 -50.35 29.67 23.07
CA GLU F 229 -49.35 30.00 24.06
C GLU F 229 -48.01 30.26 23.37
N LEU F 230 -47.71 29.46 22.34
CA LEU F 230 -46.46 29.62 21.59
C LEU F 230 -46.41 30.97 20.86
N LEU F 231 -47.54 31.44 20.37
CA LEU F 231 -47.59 32.76 19.74
C LEU F 231 -47.36 33.87 20.75
N ASP F 232 -47.79 33.64 21.99
CA ASP F 232 -47.57 34.62 23.04
C ASP F 232 -46.08 34.75 23.30
N GLU F 233 -45.37 33.63 23.26
CA GLU F 233 -43.92 33.65 23.44
C GLU F 233 -43.20 34.31 22.27
N TYR F 234 -43.69 34.08 21.05
CA TYR F 234 -43.13 34.75 19.86
C TYR F 234 -43.22 36.24 20.07
N GLU F 235 -44.41 36.67 20.50
CA GLU F 235 -44.71 38.08 20.75
C GLU F 235 -43.74 38.66 21.78
N GLU F 236 -43.58 37.94 22.89
CA GLU F 236 -42.67 38.35 23.95
C GLU F 236 -41.23 38.46 23.44
N LEU F 237 -40.79 37.45 22.69
CA LEU F 237 -39.39 37.31 22.32
C LEU F 237 -38.95 38.12 21.10
N TYR F 238 -39.85 38.29 20.13
CA TYR F 238 -39.47 38.93 18.87
C TYR F 238 -40.34 40.13 18.50
N ASP F 239 -39.86 40.90 17.54
CA ASP F 239 -40.68 41.92 16.90
C ASP F 239 -41.53 41.25 15.82
N ILE F 240 -42.82 41.11 16.08
CA ILE F 240 -43.74 40.61 15.06
C ILE F 240 -44.06 41.74 14.08
N VAL F 241 -44.11 41.43 12.79
CA VAL F 241 -44.58 42.36 11.77
C VAL F 241 -45.95 42.87 12.20
N PRO F 242 -46.15 44.20 12.16
CA PRO F 242 -47.42 44.84 12.53
C PRO F 242 -48.65 44.11 11.97
N ALA F 243 -48.59 43.69 10.72
CA ALA F 243 -49.68 42.96 10.07
C ALA F 243 -50.07 41.68 10.83
N GLY F 244 -49.08 40.98 11.37
CA GLY F 244 -49.34 39.73 12.08
C GLY F 244 -49.67 39.94 13.54
N ARG F 245 -49.52 41.16 14.02
CA ARG F 245 -49.84 41.49 15.41
C ARG F 245 -51.35 41.51 15.68
N GLN F 246 -52.14 41.51 14.60
CA GLN F 246 -53.59 41.42 14.72
C GLN F 246 -54.13 40.26 13.87
N GLU F 247 -55.34 39.81 14.19
CA GLU F 247 -55.96 38.70 13.46
C GLU F 247 -56.07 38.95 11.98
N GLY F 248 -55.97 37.89 11.20
CA GLY F 248 -55.94 37.99 9.75
C GLY F 248 -54.84 37.10 9.20
N PRO F 249 -54.83 36.90 7.86
CA PRO F 249 -53.93 36.04 7.08
C PRO F 249 -52.48 35.95 7.58
N VAL F 250 -51.82 37.09 7.74
CA VAL F 250 -50.42 37.12 8.19
C VAL F 250 -50.18 36.45 9.55
N ARG F 251 -51.06 36.69 10.50
CA ARG F 251 -50.95 36.06 11.82
C ARG F 251 -51.20 34.55 11.70
N GLU F 252 -52.08 34.18 10.79
CA GLU F 252 -52.39 32.77 10.57
C GLU F 252 -51.21 32.09 9.88
N SER F 253 -50.40 32.85 9.16
CA SER F 253 -49.17 32.35 8.56
C SER F 253 -48.12 32.03 9.64
N ILE F 254 -48.09 32.84 10.69
CA ILE F 254 -47.20 32.62 11.83
C ILE F 254 -47.71 31.48 12.71
N ARG F 255 -49.01 31.46 12.96
CA ARG F 255 -49.64 30.40 13.75
C ARG F 255 -49.39 29.01 13.16
N GLU F 256 -49.19 28.95 11.85
CA GLU F 256 -48.91 27.70 11.16
C GLU F 256 -47.51 27.15 11.47
N GLN F 257 -46.54 28.05 11.61
CA GLN F 257 -45.17 27.65 11.96
C GLN F 257 -45.11 27.12 13.39
N ALA F 258 -45.83 27.77 14.30
CA ALA F 258 -45.98 27.28 15.66
C ALA F 258 -46.60 25.88 15.69
N ARG F 259 -47.55 25.62 14.80
CA ARG F 259 -48.13 24.28 14.69
C ARG F 259 -47.06 23.30 14.22
N ILE F 260 -46.28 23.72 13.22
CA ILE F 260 -45.17 22.91 12.72
C ILE F 260 -44.13 22.70 13.83
N GLU F 261 -43.84 23.78 14.56
CA GLU F 261 -42.86 23.70 15.65
C GLU F 261 -43.29 22.70 16.70
N LEU F 262 -44.55 22.74 17.10
CA LEU F 262 -45.03 21.86 18.16
C LEU F 262 -45.15 20.41 17.70
N GLY F 263 -45.46 20.22 16.42
CA GLY F 263 -45.56 18.87 15.87
C GLY F 263 -44.19 18.22 15.75
N LEU F 264 -43.23 19.01 15.28
CA LEU F 264 -41.84 18.61 15.18
C LEU F 264 -41.29 18.20 16.55
N LYS F 265 -41.46 19.08 17.52
CA LYS F 265 -40.95 18.86 18.87
C LYS F 265 -41.50 17.58 19.49
N ALA F 266 -42.79 17.33 19.30
CA ALA F 266 -43.39 16.10 19.78
C ALA F 266 -42.83 14.87 19.08
N PHE F 267 -42.62 14.97 17.77
CA PHE F 267 -42.05 13.85 17.02
C PHE F 267 -40.66 13.52 17.55
N LEU F 268 -39.81 14.54 17.63
CA LEU F 268 -38.41 14.37 18.02
C LEU F 268 -38.27 13.83 19.44
N GLN F 269 -38.99 14.43 20.38
CA GLN F 269 -38.95 13.97 21.77
C GLN F 269 -39.39 12.52 21.95
N ASP F 270 -40.38 12.10 21.17
CA ASP F 270 -40.88 10.72 21.22
C ASP F 270 -39.84 9.70 20.77
N GLY F 271 -39.04 10.07 19.77
CA GLY F 271 -38.01 9.19 19.26
C GLY F 271 -36.63 9.43 19.83
N ASN F 272 -36.51 10.39 20.76
CA ASN F 272 -35.22 10.79 21.34
C ASN F 272 -34.24 11.33 20.29
N PHE F 273 -34.76 11.92 19.23
CA PHE F 273 -33.93 12.53 18.20
C PHE F 273 -33.33 13.84 18.68
N THR F 274 -32.12 14.14 18.25
CA THR F 274 -31.48 15.41 18.60
C THR F 274 -31.05 16.20 17.36
N ALA F 275 -31.40 15.67 16.19
CA ALA F 275 -31.15 16.37 14.93
C ALA F 275 -32.08 15.85 13.85
N PHE F 276 -32.35 16.68 12.86
CA PHE F 276 -33.30 16.29 11.82
C PHE F 276 -33.00 17.01 10.51
N THR F 277 -33.58 16.47 9.44
CA THR F 277 -33.52 17.13 8.14
C THR F 277 -34.92 17.25 7.53
N THR F 278 -35.06 18.20 6.62
CA THR F 278 -36.26 18.30 5.82
C THR F 278 -35.83 18.51 4.36
N THR F 279 -36.77 18.35 3.44
CA THR F 279 -36.49 18.62 2.03
C THR F 279 -37.64 19.35 1.36
N PHE F 280 -37.33 20.43 0.64
CA PHE F 280 -38.38 21.22 0.00
C PHE F 280 -39.09 20.47 -1.14
N GLU F 281 -38.52 19.34 -1.55
CA GLU F 281 -39.08 18.58 -2.66
C GLU F 281 -40.08 17.52 -2.20
N ASP F 282 -40.25 17.40 -0.89
CA ASP F 282 -41.22 16.48 -0.31
C ASP F 282 -41.98 17.14 0.85
N LEU F 283 -42.99 17.93 0.50
CA LEU F 283 -43.74 18.69 1.49
C LEU F 283 -45.25 18.38 1.41
N HIS F 284 -45.58 17.17 0.98
CA HIS F 284 -46.97 16.75 0.90
C HIS F 284 -47.67 16.80 2.26
N GLY F 285 -48.76 17.55 2.33
CA GLY F 285 -49.55 17.60 3.55
C GLY F 285 -49.18 18.77 4.44
N MET F 286 -48.12 19.47 4.05
CA MET F 286 -47.62 20.63 4.78
C MET F 286 -48.16 21.90 4.14
N LYS F 287 -48.48 22.91 4.94
CA LYS F 287 -48.88 24.20 4.41
C LYS F 287 -47.68 25.04 4.00
N GLN F 288 -46.61 24.96 4.78
CA GLN F 288 -45.39 25.73 4.56
C GLN F 288 -44.15 24.86 4.76
N LEU F 289 -43.08 25.23 4.07
CA LEU F 289 -41.76 24.72 4.41
C LEU F 289 -41.45 25.12 5.86
N PRO F 290 -41.06 24.15 6.72
CA PRO F 290 -40.69 24.51 8.09
C PRO F 290 -39.59 25.58 8.07
N GLY F 291 -39.77 26.65 8.84
CA GLY F 291 -38.90 27.82 8.74
C GLY F 291 -38.64 28.44 10.10
N LEU F 292 -39.58 29.25 10.57
CA LEU F 292 -39.52 29.79 11.93
C LEU F 292 -39.33 28.61 12.89
N ALA F 293 -40.13 27.57 12.68
CA ALA F 293 -40.14 26.36 13.47
C ALA F 293 -38.75 25.73 13.66
N VAL F 294 -38.00 25.67 12.57
CA VAL F 294 -36.67 25.08 12.57
C VAL F 294 -35.68 26.00 13.25
N GLN F 295 -35.82 27.28 12.95
CA GLN F 295 -34.98 28.30 13.57
C GLN F 295 -35.05 28.23 15.09
N ARG F 296 -36.26 28.03 15.62
CA ARG F 296 -36.46 27.93 17.07
C ARG F 296 -35.90 26.63 17.61
N LEU F 297 -36.08 25.55 16.86
CA LEU F 297 -35.58 24.25 17.28
C LEU F 297 -34.05 24.21 17.34
N MET F 298 -33.39 24.83 16.35
CA MET F 298 -31.95 24.97 16.38
C MET F 298 -31.50 25.73 17.64
N ALA F 299 -32.24 26.78 17.99
CA ALA F 299 -31.89 27.59 19.16
C ALA F 299 -32.03 26.82 20.47
N GLU F 300 -32.81 25.75 20.44
CA GLU F 300 -32.93 24.87 21.60
C GLU F 300 -31.86 23.78 21.58
N GLY F 301 -31.07 23.73 20.52
CA GLY F 301 -29.95 22.81 20.46
C GLY F 301 -30.11 21.59 19.57
N TYR F 302 -31.16 21.56 18.77
CA TYR F 302 -31.34 20.52 17.76
C TYR F 302 -30.43 20.75 16.57
N GLY F 303 -29.75 19.70 16.13
CA GLY F 303 -29.03 19.79 14.87
C GLY F 303 -30.04 19.83 13.72
N PHE F 304 -29.67 20.51 12.65
CA PHE F 304 -30.52 20.56 11.45
C PHE F 304 -29.70 20.59 10.17
N GLY F 305 -30.17 19.90 9.15
CA GLY F 305 -29.58 20.04 7.82
C GLY F 305 -30.67 20.16 6.77
N GLY F 306 -30.56 21.17 5.92
CA GLY F 306 -31.53 21.38 4.86
C GLY F 306 -31.35 20.38 3.72
N GLU F 307 -32.42 20.18 2.94
CA GLU F 307 -32.36 19.35 1.74
C GLU F 307 -31.84 17.94 2.01
N GLY F 308 -32.28 17.35 3.12
CA GLY F 308 -31.92 15.99 3.48
C GLY F 308 -30.52 15.77 4.05
N ASP F 309 -29.79 16.86 4.30
CA ASP F 309 -28.37 16.83 4.67
C ASP F 309 -28.13 16.35 6.12
N TRP F 310 -28.04 15.04 6.31
CA TRP F 310 -27.87 14.48 7.64
C TRP F 310 -26.47 14.67 8.26
N LYS F 311 -25.43 14.72 7.43
CA LYS F 311 -24.08 14.98 7.92
C LYS F 311 -23.96 16.37 8.54
N THR F 312 -24.54 17.37 7.90
CA THR F 312 -24.46 18.71 8.48
C THR F 312 -25.37 18.82 9.71
N ALA F 313 -26.49 18.11 9.70
CA ALA F 313 -27.40 18.07 10.85
C ALA F 313 -26.68 17.55 12.10
N ALA F 314 -25.94 16.45 11.93
CA ALA F 314 -25.18 15.83 13.01
C ALA F 314 -24.04 16.73 13.44
N LEU F 315 -23.39 17.36 12.46
CA LEU F 315 -22.34 18.31 12.76
C LEU F 315 -22.84 19.49 13.60
N VAL F 316 -24.03 20.00 13.27
CA VAL F 316 -24.62 21.12 13.99
C VAL F 316 -24.96 20.76 15.45
N ARG F 317 -25.54 19.59 15.68
CA ARG F 317 -25.86 19.17 17.03
C ARG F 317 -24.59 19.02 17.86
N LEU F 318 -23.62 18.37 17.24
CA LEU F 318 -22.28 18.13 17.78
C LEU F 318 -21.63 19.44 18.24
N MET F 319 -21.53 20.39 17.33
CA MET F 319 -20.90 21.66 17.61
C MET F 319 -21.68 22.50 18.62
N LYS F 320 -23.00 22.32 18.64
CA LYS F 320 -23.83 22.97 19.66
C LYS F 320 -23.47 22.48 21.05
N VAL F 321 -23.20 21.18 21.16
CA VAL F 321 -22.78 20.62 22.42
C VAL F 321 -21.42 21.21 22.81
N MET F 322 -20.48 21.22 21.88
CA MET F 322 -19.18 21.87 22.08
C MET F 322 -19.33 23.32 22.55
N ALA F 323 -20.27 24.04 21.94
CA ALA F 323 -20.47 25.46 22.19
C ALA F 323 -21.35 25.74 23.41
N ASP F 324 -21.84 24.68 24.05
CA ASP F 324 -22.86 24.83 25.09
C ASP F 324 -24.03 25.68 24.57
N GLY F 325 -24.49 25.36 23.36
CA GLY F 325 -25.67 25.99 22.79
C GLY F 325 -25.49 27.45 22.41
N LYS F 326 -24.27 27.97 22.49
CA LYS F 326 -24.03 29.37 22.14
C LYS F 326 -23.58 29.60 20.69
N GLY F 327 -24.11 30.65 20.06
CA GLY F 327 -23.56 31.24 18.85
C GLY F 327 -23.26 30.35 17.66
N THR F 328 -24.15 29.39 17.42
CA THR F 328 -23.87 28.30 16.49
C THR F 328 -25.07 28.06 15.58
N SER F 329 -24.81 27.89 14.28
CA SER F 329 -25.92 27.73 13.33
C SER F 329 -25.62 26.87 12.08
N PHE F 330 -26.65 26.25 11.55
CA PHE F 330 -26.63 25.75 10.18
C PHE F 330 -26.46 26.99 9.30
N MET F 331 -25.66 26.87 8.24
CA MET F 331 -25.26 28.01 7.42
C MET F 331 -24.94 27.59 5.97
N GLU F 332 -25.02 28.54 5.05
CA GLU F 332 -24.62 28.30 3.66
C GLU F 332 -24.17 29.60 2.98
N ASP F 333 -23.02 29.55 2.30
CA ASP F 333 -22.50 30.71 1.58
C ASP F 333 -23.47 31.04 0.46
N TYR F 334 -23.99 32.26 0.43
CA TYR F 334 -24.98 32.59 -0.59
C TYR F 334 -24.46 33.48 -1.72
N THR F 335 -23.85 34.61 -1.36
CA THR F 335 -23.32 35.52 -2.37
C THR F 335 -22.07 36.26 -1.86
N TYR F 336 -21.25 36.74 -2.80
CA TYR F 336 -19.96 37.34 -2.48
C TYR F 336 -19.98 38.85 -2.67
N HIS F 337 -19.09 39.53 -1.95
CA HIS F 337 -18.86 40.96 -2.13
C HIS F 337 -17.37 41.13 -2.45
N PHE F 338 -17.06 41.38 -3.72
CA PHE F 338 -15.67 41.41 -4.19
C PHE F 338 -15.04 42.80 -4.20
N GLU F 339 -15.67 43.78 -3.57
CA GLU F 339 -15.10 45.12 -3.45
C GLU F 339 -13.67 45.04 -2.90
N PRO F 340 -12.66 45.46 -3.70
CA PRO F 340 -11.25 45.40 -3.30
C PRO F 340 -10.99 46.01 -1.93
N GLY F 341 -10.32 45.26 -1.07
CA GLY F 341 -10.03 45.72 0.27
C GLY F 341 -11.19 45.51 1.25
N ASN F 342 -12.28 44.92 0.76
CA ASN F 342 -13.46 44.71 1.58
C ASN F 342 -14.23 43.47 1.12
N GLU F 343 -13.50 42.42 0.80
CA GLU F 343 -14.12 41.18 0.34
C GLU F 343 -14.81 40.45 1.48
N LEU F 344 -16.05 40.04 1.26
CA LEU F 344 -16.77 39.30 2.29
C LEU F 344 -17.81 38.35 1.70
N ILE F 345 -18.33 37.49 2.56
CA ILE F 345 -19.32 36.51 2.14
C ILE F 345 -20.60 36.75 2.93
N LEU F 346 -21.72 36.72 2.23
CA LEU F 346 -23.03 36.76 2.87
C LEU F 346 -23.49 35.33 2.98
N GLY F 347 -23.80 34.90 4.19
CA GLY F 347 -24.31 33.56 4.43
C GLY F 347 -25.75 33.61 4.91
N ALA F 348 -26.52 32.62 4.51
CA ALA F 348 -27.93 32.52 4.87
C ALA F 348 -28.45 31.15 4.48
N HIS F 349 -29.75 30.97 4.57
CA HIS F 349 -30.44 29.86 3.93
C HIS F 349 -31.82 30.38 3.56
N MET F 350 -32.56 29.63 2.76
CA MET F 350 -33.85 30.10 2.26
C MET F 350 -34.84 30.43 3.38
N LEU F 351 -34.62 29.82 4.55
CA LEU F 351 -35.39 30.14 5.76
C LEU F 351 -34.58 29.90 7.04
N GLU F 352 -33.88 28.77 7.10
CA GLU F 352 -33.40 28.19 8.36
C GLU F 352 -32.04 28.68 8.85
N VAL F 353 -32.01 29.81 9.54
CA VAL F 353 -30.80 30.35 10.16
C VAL F 353 -31.08 30.61 11.63
N CYS F 354 -30.24 30.07 12.50
CA CYS F 354 -30.48 30.10 13.93
C CYS F 354 -30.25 31.49 14.55
N PRO F 355 -31.19 31.95 15.39
CA PRO F 355 -31.18 33.24 16.09
C PRO F 355 -30.06 33.41 17.13
N THR F 356 -29.43 32.32 17.56
CA THR F 356 -28.33 32.39 18.50
C THR F 356 -27.12 33.16 17.96
N ILE F 357 -27.11 33.46 16.66
CA ILE F 357 -26.03 34.25 16.06
C ILE F 357 -26.47 35.70 15.79
N ALA F 358 -27.70 36.02 16.17
CA ALA F 358 -28.28 37.34 15.88
C ALA F 358 -27.65 38.48 16.69
N ALA F 359 -27.40 39.60 16.03
CA ALA F 359 -26.89 40.81 16.69
C ALA F 359 -28.05 41.76 17.02
N THR F 360 -29.11 41.66 16.25
CA THR F 360 -30.29 42.51 16.43
C THR F 360 -31.45 41.64 16.91
N ARG F 361 -32.46 42.26 17.52
CA ARG F 361 -33.64 41.51 17.92
C ARG F 361 -34.32 40.97 16.67
N PRO F 362 -34.51 39.65 16.61
CA PRO F 362 -35.12 39.03 15.43
C PRO F 362 -36.58 39.46 15.22
N ARG F 363 -36.95 39.70 13.97
CA ARG F 363 -38.32 39.99 13.57
C ARG F 363 -38.98 38.77 12.95
N VAL F 364 -40.23 38.48 13.34
CA VAL F 364 -41.03 37.48 12.64
C VAL F 364 -41.60 38.09 11.36
N GLU F 365 -41.32 37.47 10.21
CA GLU F 365 -41.77 38.01 8.93
C GLU F 365 -42.35 36.92 8.03
N VAL F 366 -43.23 37.33 7.12
CA VAL F 366 -43.79 36.40 6.15
C VAL F 366 -43.54 36.96 4.75
N HIS F 367 -43.05 36.09 3.86
CA HIS F 367 -42.75 36.48 2.48
C HIS F 367 -42.98 35.29 1.58
N PRO F 368 -43.16 35.51 0.27
CA PRO F 368 -43.32 34.35 -0.61
C PRO F 368 -42.02 33.57 -0.72
N LEU F 369 -42.14 32.25 -0.89
CA LEU F 369 -41.01 31.41 -1.23
C LEU F 369 -41.47 30.45 -2.30
N SER F 370 -41.02 30.68 -3.53
CA SER F 370 -41.41 29.83 -4.65
C SER F 370 -40.86 28.42 -4.47
N ILE F 371 -39.65 28.32 -3.95
CA ILE F 371 -38.99 27.04 -3.73
C ILE F 371 -39.85 26.16 -2.83
N GLY F 372 -40.24 25.00 -3.35
CA GLY F 372 -41.09 24.10 -2.58
C GLY F 372 -42.55 24.17 -2.98
N GLY F 373 -42.94 25.30 -3.57
CA GLY F 373 -44.30 25.47 -4.07
C GLY F 373 -45.40 25.43 -3.02
N LYS F 374 -45.11 25.94 -1.82
CA LYS F 374 -46.08 25.98 -0.73
C LYS F 374 -46.32 27.41 -0.27
N GLU F 375 -47.21 27.59 0.72
CA GLU F 375 -47.62 28.92 1.16
C GLU F 375 -46.50 29.77 1.78
N ASP F 376 -46.65 31.10 1.67
CA ASP F 376 -45.68 32.05 2.21
C ASP F 376 -45.32 31.71 3.66
N PRO F 377 -44.07 31.28 3.90
CA PRO F 377 -43.68 30.88 5.25
C PRO F 377 -43.23 32.03 6.16
N ALA F 378 -43.48 31.85 7.44
CA ALA F 378 -43.00 32.78 8.46
C ALA F 378 -41.59 32.40 8.90
N ARG F 379 -40.75 33.41 9.12
CA ARG F 379 -39.37 33.18 9.51
C ARG F 379 -38.86 34.31 10.42
N LEU F 380 -37.77 34.05 11.11
CA LEU F 380 -37.06 35.10 11.83
C LEU F 380 -36.07 35.78 10.90
N VAL F 381 -36.03 37.11 10.95
CA VAL F 381 -35.08 37.88 10.17
C VAL F 381 -34.22 38.74 11.10
N PHE F 382 -32.91 38.73 10.84
CA PHE F 382 -31.96 39.45 11.69
C PHE F 382 -30.59 39.50 11.01
N ASP F 383 -29.73 40.39 11.51
CA ASP F 383 -28.33 40.41 11.08
C ASP F 383 -27.50 39.58 12.05
N GLY F 384 -26.54 38.82 11.51
CA GLY F 384 -25.63 38.06 12.34
C GLY F 384 -24.67 39.00 13.06
N GLY F 385 -24.14 38.57 14.19
CA GLY F 385 -23.21 39.37 14.95
C GLY F 385 -21.80 39.36 14.36
N GLU F 386 -20.85 39.97 15.05
CA GLU F 386 -19.47 40.03 14.56
C GLU F 386 -18.47 39.32 15.46
N GLY F 387 -17.26 39.11 14.93
CA GLY F 387 -16.19 38.49 15.71
C GLY F 387 -15.67 37.19 15.12
N ALA F 388 -14.62 36.67 15.74
CA ALA F 388 -13.98 35.43 15.31
C ALA F 388 -14.93 34.23 15.34
N ALA F 389 -14.87 33.41 14.31
CA ALA F 389 -15.75 32.25 14.22
C ALA F 389 -15.11 31.13 13.41
N VAL F 390 -15.71 29.95 13.48
CA VAL F 390 -15.32 28.86 12.60
C VAL F 390 -16.50 28.46 11.74
N ASN F 391 -16.18 28.05 10.52
CA ASN F 391 -17.16 27.52 9.60
C ASN F 391 -16.69 26.15 9.14
N ALA F 392 -17.46 25.13 9.48
CA ALA F 392 -17.01 23.76 9.33
C ALA F 392 -17.99 22.91 8.54
N SER F 393 -17.44 22.07 7.66
CA SER F 393 -18.25 21.10 6.95
C SER F 393 -17.62 19.71 7.05
N LEU F 394 -18.45 18.69 7.06
CA LEU F 394 -17.95 17.33 7.11
C LEU F 394 -18.44 16.60 5.87
N ILE F 395 -17.52 16.21 5.01
CA ILE F 395 -17.88 15.56 3.78
C ILE F 395 -17.54 14.07 3.81
N ASP F 396 -18.13 13.32 2.88
CA ASP F 396 -17.82 11.91 2.66
C ASP F 396 -17.07 11.86 1.34
N LEU F 397 -15.84 11.34 1.39
CA LEU F 397 -15.01 11.18 0.19
C LEU F 397 -15.25 9.82 -0.48
N GLY F 398 -16.13 9.01 0.10
CA GLY F 398 -16.42 7.71 -0.47
C GLY F 398 -15.85 6.57 0.34
N HIS F 399 -14.57 6.64 0.67
CA HIS F 399 -13.92 5.60 1.47
C HIS F 399 -13.65 6.09 2.88
N ARG F 400 -13.84 7.38 3.11
CA ARG F 400 -13.65 7.97 4.42
C ARG F 400 -14.30 9.37 4.48
N PHE F 401 -14.37 9.93 5.68
CA PHE F 401 -14.92 11.26 5.91
C PHE F 401 -13.79 12.28 6.13
N ARG F 402 -14.10 13.55 5.89
CA ARG F 402 -13.14 14.62 6.09
C ARG F 402 -13.81 15.83 6.71
N LEU F 403 -13.22 16.33 7.79
CA LEU F 403 -13.70 17.56 8.42
C LEU F 403 -12.85 18.73 7.95
N ILE F 404 -13.50 19.72 7.36
CA ILE F 404 -12.84 20.92 6.89
C ILE F 404 -13.31 22.10 7.72
N VAL F 405 -12.35 22.89 8.19
CA VAL F 405 -12.63 24.01 9.09
C VAL F 405 -11.99 25.28 8.56
N ASN F 406 -12.82 26.32 8.37
CA ASN F 406 -12.31 27.64 8.03
C ASN F 406 -12.50 28.60 9.20
N GLU F 407 -11.43 29.25 9.62
CA GLU F 407 -11.53 30.31 10.62
C GLU F 407 -11.86 31.61 9.90
N VAL F 408 -12.92 32.28 10.34
CA VAL F 408 -13.39 33.47 9.68
C VAL F 408 -13.55 34.62 10.68
N ASP F 409 -13.75 35.82 10.17
CA ASP F 409 -14.12 36.96 11.00
C ASP F 409 -15.46 37.52 10.53
N ALA F 410 -16.50 37.26 11.31
CA ALA F 410 -17.82 37.82 11.05
C ALA F 410 -17.77 39.32 11.22
N VAL F 411 -18.38 40.05 10.30
CA VAL F 411 -18.36 41.51 10.36
C VAL F 411 -19.78 42.11 10.37
N LYS F 412 -19.92 43.20 11.12
CA LYS F 412 -21.16 43.96 11.21
C LYS F 412 -21.45 44.61 9.87
N PRO F 413 -22.68 44.44 9.36
CA PRO F 413 -23.03 45.08 8.08
C PRO F 413 -22.97 46.61 8.16
N GLU F 414 -22.60 47.24 7.05
CA GLU F 414 -22.52 48.71 6.96
C GLU F 414 -23.77 49.32 6.33
N HIS F 415 -24.60 48.48 5.72
CA HIS F 415 -25.78 48.95 5.00
C HIS F 415 -26.99 48.09 5.32
N ASP F 416 -28.17 48.64 5.15
CA ASP F 416 -29.39 47.86 5.34
C ASP F 416 -29.63 47.00 4.11
N MET F 417 -30.40 45.94 4.27
CA MET F 417 -30.81 45.13 3.14
C MET F 417 -32.33 44.98 3.19
N PRO F 418 -33.04 46.07 2.85
CA PRO F 418 -34.50 46.18 3.04
C PRO F 418 -35.29 45.14 2.26
N LYS F 419 -34.73 44.63 1.18
CA LYS F 419 -35.43 43.68 0.32
C LYS F 419 -35.10 42.21 0.64
N LEU F 420 -34.13 42.00 1.53
CA LEU F 420 -33.70 40.64 1.85
C LEU F 420 -34.60 40.04 2.92
N PRO F 421 -35.36 39.00 2.55
CA PRO F 421 -36.39 38.42 3.43
C PRO F 421 -35.88 37.31 4.34
N VAL F 422 -34.57 37.11 4.39
CA VAL F 422 -34.00 36.05 5.22
C VAL F 422 -32.96 36.58 6.18
N ALA F 423 -32.82 35.92 7.32
CA ALA F 423 -31.73 36.20 8.24
C ALA F 423 -30.41 35.95 7.52
N ARG F 424 -29.38 36.72 7.85
CA ARG F 424 -28.10 36.55 7.19
C ARG F 424 -26.93 37.07 8.03
N ILE F 425 -25.72 36.67 7.64
CA ILE F 425 -24.51 37.08 8.35
C ILE F 425 -23.40 37.30 7.33
N LEU F 426 -22.53 38.27 7.61
CA LEU F 426 -21.43 38.63 6.72
C LEU F 426 -20.11 38.24 7.35
N TRP F 427 -19.22 37.60 6.60
CA TRP F 427 -17.93 37.28 7.18
C TRP F 427 -16.78 37.39 6.20
N LYS F 428 -15.59 37.58 6.78
CA LYS F 428 -14.36 37.64 6.02
C LYS F 428 -13.53 36.40 6.36
N PRO F 429 -13.44 35.44 5.42
CA PRO F 429 -12.67 34.22 5.66
C PRO F 429 -11.16 34.44 5.60
N ARG F 430 -10.44 33.73 6.48
CA ARG F 430 -8.98 33.82 6.51
C ARG F 430 -8.38 32.78 5.57
N PRO F 431 -7.23 33.09 4.95
CA PRO F 431 -6.48 34.35 5.07
C PRO F 431 -7.01 35.42 4.11
N SER F 432 -7.86 35.02 3.19
CA SER F 432 -8.51 35.93 2.26
C SER F 432 -9.64 35.18 1.56
N LEU F 433 -10.56 35.91 0.94
CA LEU F 433 -11.66 35.29 0.21
C LEU F 433 -11.12 34.39 -0.91
N ARG F 434 -10.24 34.96 -1.73
CA ARG F 434 -9.62 34.25 -2.84
C ARG F 434 -8.93 32.95 -2.40
N ASP F 435 -8.12 33.01 -1.35
CA ASP F 435 -7.34 31.86 -0.90
C ASP F 435 -8.15 30.82 -0.15
N SER F 436 -9.03 31.25 0.74
CA SER F 436 -9.79 30.29 1.51
C SER F 436 -10.77 29.53 0.61
N ALA F 437 -11.35 30.22 -0.36
CA ALA F 437 -12.30 29.57 -1.29
C ALA F 437 -11.59 28.58 -2.21
N GLU F 438 -10.40 28.94 -2.68
CA GLU F 438 -9.61 27.99 -3.47
C GLU F 438 -9.26 26.75 -2.65
N ALA F 439 -8.78 26.96 -1.41
CA ALA F 439 -8.46 25.83 -0.54
C ALA F 439 -9.71 24.99 -0.22
N TRP F 440 -10.82 25.67 0.06
CA TRP F 440 -12.07 24.99 0.37
C TRP F 440 -12.53 24.09 -0.80
N ILE F 441 -12.50 24.65 -2.00
CA ILE F 441 -12.87 23.91 -3.20
C ILE F 441 -11.91 22.75 -3.42
N LEU F 442 -10.62 23.00 -3.20
CA LEU F 442 -9.62 21.93 -3.35
C LEU F 442 -9.85 20.79 -2.36
N ALA F 443 -10.26 21.15 -1.13
CA ALA F 443 -10.61 20.16 -0.12
C ALA F 443 -11.96 19.52 -0.41
N GLY F 444 -12.71 20.10 -1.34
CA GLY F 444 -14.04 19.61 -1.67
C GLY F 444 -15.06 19.91 -0.58
N GLY F 445 -14.82 20.96 0.20
CA GLY F 445 -15.74 21.32 1.26
C GLY F 445 -17.14 21.65 0.78
N ALA F 446 -18.12 21.34 1.64
CA ALA F 446 -19.53 21.54 1.28
C ALA F 446 -19.96 22.99 1.18
N HIS F 447 -21.09 23.21 0.50
CA HIS F 447 -21.77 24.51 0.50
C HIS F 447 -22.49 24.72 1.84
N HIS F 448 -22.93 23.61 2.44
CA HIS F 448 -23.54 23.61 3.76
C HIS F 448 -22.51 23.44 4.87
N THR F 449 -22.58 24.30 5.89
CA THR F 449 -21.65 24.21 7.01
C THR F 449 -22.38 24.37 8.34
N CYS F 450 -21.62 24.19 9.41
CA CYS F 450 -22.03 24.70 10.71
C CYS F 450 -21.14 25.87 11.08
N PHE F 451 -21.75 27.03 11.32
CA PHE F 451 -21.05 28.26 11.66
C PHE F 451 -21.15 28.46 13.16
N SER F 452 -20.04 28.81 13.81
CA SER F 452 -20.04 28.94 15.27
C SER F 452 -19.05 29.95 15.81
N PHE F 453 -19.53 30.77 16.74
CA PHE F 453 -18.73 31.81 17.38
C PHE F 453 -18.03 31.24 18.60
N ALA F 454 -18.46 30.05 19.03
CA ALA F 454 -18.02 29.48 20.29
C ALA F 454 -17.00 28.34 20.15
N VAL F 455 -17.19 27.48 19.16
CA VAL F 455 -16.31 26.33 18.96
C VAL F 455 -14.92 26.74 18.45
N THR F 456 -13.86 26.15 19.00
CA THR F 456 -12.53 26.45 18.48
C THR F 456 -12.02 25.38 17.51
N THR F 457 -10.98 25.73 16.77
CA THR F 457 -10.32 24.81 15.85
C THR F 457 -9.71 23.60 16.61
N GLU F 458 -9.06 23.89 17.74
CA GLU F 458 -8.54 22.83 18.59
C GLU F 458 -9.60 21.78 18.96
N GLN F 459 -10.79 22.24 19.32
CA GLN F 459 -11.85 21.30 19.67
C GLN F 459 -12.23 20.42 18.50
N LEU F 460 -12.46 21.03 17.34
CA LEU F 460 -12.81 20.28 16.14
C LEU F 460 -11.72 19.26 15.81
N GLN F 461 -10.46 19.68 15.91
CA GLN F 461 -9.33 18.78 15.67
C GLN F 461 -9.30 17.62 16.65
N ASP F 462 -9.54 17.91 17.92
CA ASP F 462 -9.56 16.88 18.95
C ASP F 462 -10.72 15.93 18.76
N PHE F 463 -11.84 16.46 18.26
CA PHE F 463 -12.98 15.62 17.89
C PHE F 463 -12.56 14.62 16.80
N ALA F 464 -11.87 15.13 15.79
CA ALA F 464 -11.49 14.30 14.66
C ALA F 464 -10.53 13.19 15.14
N GLU F 465 -9.62 13.56 16.02
CA GLU F 465 -8.71 12.58 16.63
C GLU F 465 -9.49 11.47 17.34
N MET F 466 -10.51 11.83 18.12
CA MET F 466 -11.35 10.85 18.81
C MET F 466 -12.11 9.97 17.83
N ALA F 467 -12.58 10.55 16.75
CA ALA F 467 -13.43 9.83 15.80
C ALA F 467 -12.62 9.12 14.73
N GLY F 468 -11.30 9.36 14.72
CA GLY F 468 -10.42 8.75 13.74
C GLY F 468 -10.65 9.20 12.32
N ILE F 469 -10.80 10.51 12.12
CA ILE F 469 -10.90 11.06 10.77
C ILE F 469 -9.96 12.24 10.58
N GLU F 470 -9.63 12.48 9.31
CA GLU F 470 -8.85 13.64 8.90
C GLU F 470 -9.59 14.95 9.18
N CYS F 471 -8.87 15.91 9.76
CA CYS F 471 -9.39 17.26 9.92
C CYS F 471 -8.39 18.20 9.30
N VAL F 472 -8.89 19.08 8.44
CA VAL F 472 -8.04 19.99 7.70
C VAL F 472 -8.50 21.42 8.00
N VAL F 473 -7.54 22.31 8.25
CA VAL F 473 -7.85 23.65 8.73
C VAL F 473 -7.37 24.72 7.75
N ILE F 474 -8.24 25.69 7.46
CA ILE F 474 -7.86 26.85 6.66
C ILE F 474 -7.90 28.09 7.55
N ASN F 475 -6.74 28.67 7.82
CA ASN F 475 -6.69 29.87 8.65
C ASN F 475 -5.75 30.96 8.12
N GLU F 476 -5.35 31.88 8.99
CA GLU F 476 -4.51 33.01 8.57
C GLU F 476 -3.12 32.57 8.13
N HIS F 477 -2.70 31.38 8.56
CA HIS F 477 -1.36 30.90 8.23
C HIS F 477 -1.33 30.03 6.97
N THR F 478 -2.50 29.75 6.42
CA THR F 478 -2.59 28.82 5.30
C THR F 478 -1.97 29.36 4.03
N SER F 479 -1.09 28.57 3.41
CA SER F 479 -0.74 28.81 2.01
C SER F 479 -1.37 27.71 1.15
N VAL F 480 -2.02 28.11 0.06
CA VAL F 480 -2.79 27.18 -0.76
C VAL F 480 -1.94 26.05 -1.35
N SER F 481 -0.71 26.37 -1.76
CA SER F 481 0.19 25.36 -2.32
C SER F 481 0.62 24.33 -1.26
N SER F 482 0.90 24.78 -0.04
CA SER F 482 1.18 23.83 1.01
C SER F 482 -0.08 23.03 1.39
N PHE F 483 -1.23 23.70 1.43
CA PHE F 483 -2.51 23.06 1.74
C PHE F 483 -2.75 21.91 0.78
N LYS F 484 -2.48 22.17 -0.48
CA LYS F 484 -2.64 21.21 -1.56
C LYS F 484 -1.78 19.95 -1.33
N ASN F 485 -0.51 20.14 -0.99
CA ASN F 485 0.38 19.02 -0.66
C ASN F 485 -0.11 18.18 0.50
N GLU F 486 -0.60 18.86 1.53
CA GLU F 486 -1.01 18.18 2.75
C GLU F 486 -2.21 17.30 2.51
N LEU F 487 -3.09 17.72 1.60
CA LEU F 487 -4.23 16.91 1.20
C LEU F 487 -3.75 15.60 0.59
N LYS F 488 -2.75 15.71 -0.29
CA LYS F 488 -2.16 14.52 -0.91
C LYS F 488 -1.56 13.59 0.15
N TRP F 489 -0.70 14.15 1.00
CA TRP F 489 0.02 13.33 1.99
C TRP F 489 -0.94 12.73 3.01
N ASN F 490 -1.87 13.52 3.52
CA ASN F 490 -2.94 13.03 4.39
C ASN F 490 -3.71 11.87 3.77
N GLU F 491 -4.03 12.00 2.48
CA GLU F 491 -4.84 10.99 1.81
C GLU F 491 -4.16 9.62 1.83
N VAL F 492 -2.84 9.62 1.85
CA VAL F 492 -2.10 8.36 1.85
C VAL F 492 -2.05 7.75 3.25
N PHE F 493 -1.96 8.61 4.27
CA PHE F 493 -2.07 8.16 5.66
C PHE F 493 -3.47 7.60 6.00
N TRP F 494 -4.50 8.34 5.64
CA TRP F 494 -5.86 8.02 6.03
C TRP F 494 -6.53 6.94 5.18
N ARG F 495 -5.88 6.58 4.07
CA ARG F 495 -6.35 5.51 3.21
C ARG F 495 -6.43 4.17 3.95
N GLY F 496 -7.64 3.65 4.11
CA GLY F 496 -7.84 2.37 4.77
C GLY F 496 -7.77 2.45 6.28
#